data_9UEB
#
_entry.id   9UEB
#
_cell.length_a   1.00
_cell.length_b   1.00
_cell.length_c   1.00
_cell.angle_alpha   90.00
_cell.angle_beta   90.00
_cell.angle_gamma   90.00
#
_symmetry.space_group_name_H-M   'P 1'
#
loop_
_entity.id
_entity.type
_entity.pdbx_description
1 polymer 'Spike glycoprotein'
2 branched 2-acetamido-2-deoxy-beta-D-glucopyranose-(1-4)-2-acetamido-2-deoxy-beta-D-glucopyranose
3 non-polymer 2-acetamido-2-deoxy-beta-D-glucopyranose
#
_entity_poly.entity_id   1
_entity_poly.type   'polypeptide(L)'
_entity_poly.pdbx_seq_one_letter_code
;MRLSVCLLMFLLTPIKGDVDSGPPSSATSCKEADMRNSSSEFFNKQWPMPINASKADGIIYPTGKSYSNISLTLQGLFPK
HGDLGEQYIYSVGHSDSNYDYLGKLFVSDYATKVVPFNNGFVVRIGAAANATGSVIISTVQKTIKKIYPAFMLGSSVGNF
SNGVSGRYFNHTLLLLPDGCGTRLWALYCVIEPRNGSYCPGNSNYNTFAVFDTPHTDCTSAGYNTNATLNSFKEYFDLQN
CSFIYSFNITEDENAEWFGITQNTQGVHLYSSRKGDLYGSNMFLFATLPVYDGIKYYTVIPRSIRSKYSERQAWAAFYIY
SLHKLTYLLDFSVDGYIRRAVDCGHDDLSQLYCSYESFDVGSGVYSVSSFEVHSRGQFIEQPNSVECDFTKLLSGTPPQV
YNFNRLVFTNCNYNLTKLLSLFMVNEFSCDGISPDAIARGCYSSLTVDYFAYPLSMKSYMQPGSAGVISQYNYKQSFANP
TCRIFATAPANLTITKPSSYSFISKCSRLTGDNSHIETPIVINPGEYSICKNFAPNGFSQDGDYFTRQLSQLEGGGILVG
VGSVTPMTDTLQMGFIISVQYGTDTNSVCPMMDLGNSTTITDKLGVCVEYNLYGVSGRGVFINCTAVGVKQQRFVYDGFD
NLIGYYSDDGNYYCVRPCVSVPLSVVYDKTTNSHATIFGSVACEHITTMLHQFSRTTQASLRMRDVSNSGPLQTAVGCVI
GLVNSSMVVDNCQLPLGQSLCAVPSTTRSSSQLQLATINYTQPQLLSPLNSSGFVVQVPTNFSFGITQEYIQTTIQKVTV
DCKQYVCNGFQKCEQLLREYGQFCAKINQALHGANLMQDESVANLFSDIKTHKSQPLNAGLNGDFNLTLLQVPQVSTSQY
SHRSAIEDLLFNKVTIADPGYMQGYDDCMKQGPPSARDLICAQYVAGYKVLPPLYDPNMEGAYTSSLLGSIAGAGWTAGL
SSFAAIPFAQSIFYRMNGIGITQQVLSENQKLIANKFNQALGAMQTGFTTTNLAFSKVQDAVNANAQALSKLASELSNTF
GAISSSISDILKRLDAVEQEAQIDRLINGRLTSLNAFVAQQLVRSETAARSAQLASDKVNECVKSQSKRNGFCGSGTHIV
SFVINAPNGFYFFHVGYVPTNHVNVTAAYGLCNTDTPPRCIAPIDGYFVLNNTTTRDVVDQWYYTGSSFFNPEPITMANA
RYVSQDVKFENLTNQLPPPLLNNQTDLDFKEELEEFFKNVSSQGPNFQEISKINTTLLDLSTEMKVLNEVVKQLNESYID
LKELGNYS
;
_entity_poly.pdbx_strand_id   A,B,C
#
loop_
_chem_comp.id
_chem_comp.type
_chem_comp.name
_chem_comp.formula
NAG D-saccharide, beta linking 2-acetamido-2-deoxy-beta-D-glucopyranose 'C8 H15 N O6'
#
# COMPACT_ATOMS: atom_id res chain seq x y z
N ASP A 18 35.76 -29.43 -38.21
CA ASP A 18 36.26 -30.80 -38.07
C ASP A 18 37.79 -30.81 -37.94
N VAL A 19 38.26 -30.91 -36.70
CA VAL A 19 39.70 -30.96 -36.44
C VAL A 19 40.20 -32.39 -36.66
N ASP A 20 41.52 -32.56 -36.73
CA ASP A 20 42.12 -33.84 -37.02
C ASP A 20 42.30 -34.63 -35.73
N SER A 21 41.76 -35.86 -35.71
CA SER A 21 41.86 -36.71 -34.53
C SER A 21 43.17 -37.51 -34.49
N GLY A 22 44.01 -37.40 -35.51
CA GLY A 22 45.25 -38.13 -35.54
C GLY A 22 45.18 -39.35 -36.45
N PRO A 23 46.08 -40.30 -36.23
CA PRO A 23 46.12 -41.50 -37.08
C PRO A 23 45.17 -42.56 -36.57
N PRO A 24 44.48 -43.28 -37.46
CA PRO A 24 43.57 -44.34 -37.02
C PRO A 24 44.30 -45.51 -36.36
N SER A 25 43.54 -46.48 -35.87
CA SER A 25 44.11 -47.63 -35.17
C SER A 25 44.42 -48.72 -36.18
N SER A 26 45.71 -48.94 -36.44
CA SER A 26 46.13 -49.95 -37.41
C SER A 26 45.81 -51.36 -36.91
N ALA A 27 46.03 -51.62 -35.62
CA ALA A 27 45.83 -52.96 -35.09
C ALA A 27 44.35 -53.31 -35.03
N THR A 28 44.00 -54.50 -35.51
CA THR A 28 42.65 -55.02 -35.49
C THR A 28 42.50 -56.03 -34.34
N SER A 29 41.36 -56.71 -34.30
CA SER A 29 41.11 -57.76 -33.31
C SER A 29 41.24 -57.22 -31.88
N CYS A 30 40.30 -56.35 -31.49
CA CYS A 30 40.43 -55.46 -30.34
C CYS A 30 41.03 -56.13 -29.10
N LYS A 31 40.30 -57.06 -28.49
CA LYS A 31 40.77 -57.75 -27.29
C LYS A 31 39.75 -58.81 -26.88
N GLU A 32 40.06 -59.51 -25.79
CA GLU A 32 39.16 -60.55 -25.29
C GLU A 32 38.32 -60.02 -24.14
N ALA A 33 38.08 -58.71 -24.09
CA ALA A 33 37.14 -58.06 -23.19
C ALA A 33 37.58 -58.07 -21.74
N ASP A 34 38.71 -58.73 -21.45
CA ASP A 34 39.29 -58.79 -20.11
C ASP A 34 38.32 -59.32 -19.06
N MET A 35 37.70 -60.48 -19.30
CA MET A 35 36.89 -61.18 -18.30
C MET A 35 35.74 -60.34 -17.77
N ARG A 36 34.76 -60.00 -18.63
CA ARG A 36 33.60 -59.20 -18.24
C ARG A 36 32.61 -60.09 -17.47
N ASN A 37 32.57 -59.90 -16.15
CA ASN A 37 31.59 -60.53 -15.25
C ASN A 37 31.27 -59.54 -14.13
N SER A 38 30.06 -58.98 -14.16
CA SER A 38 29.61 -58.08 -13.10
C SER A 38 28.14 -58.29 -12.73
N SER A 39 27.49 -59.32 -13.29
CA SER A 39 26.09 -59.55 -12.96
C SER A 39 25.95 -60.25 -11.61
N SER A 40 27.04 -60.78 -11.08
CA SER A 40 27.02 -61.59 -9.87
C SER A 40 27.84 -60.95 -8.76
N GLU A 41 28.10 -61.72 -7.69
CA GLU A 41 28.88 -61.28 -6.54
C GLU A 41 30.24 -60.70 -6.92
N PHE A 42 30.66 -60.89 -8.18
CA PHE A 42 31.95 -60.40 -8.62
C PHE A 42 32.07 -58.88 -8.47
N PHE A 43 30.95 -58.17 -8.40
CA PHE A 43 30.97 -56.73 -8.18
C PHE A 43 29.86 -56.32 -7.20
N ASN A 44 29.73 -57.07 -6.12
CA ASN A 44 28.71 -56.81 -5.10
C ASN A 44 29.27 -56.01 -3.92
N LYS A 45 30.47 -55.46 -4.04
CA LYS A 45 31.03 -54.66 -2.96
C LYS A 45 30.19 -53.40 -2.73
N GLN A 46 30.08 -53.00 -1.47
CA GLN A 46 29.24 -51.87 -1.10
C GLN A 46 29.89 -51.11 0.05
N TRP A 47 30.33 -49.89 -0.22
CA TRP A 47 30.82 -48.96 0.81
C TRP A 47 30.02 -47.67 0.65
N PRO A 48 28.83 -47.59 1.26
CA PRO A 48 27.94 -46.46 1.01
C PRO A 48 28.57 -45.13 1.42
N MET A 49 28.38 -44.12 0.58
CA MET A 49 28.82 -42.75 0.84
C MET A 49 27.66 -41.82 0.51
N PRO A 50 26.70 -41.67 1.42
CA PRO A 50 25.57 -40.79 1.15
C PRO A 50 25.99 -39.32 1.09
N ILE A 51 25.10 -38.50 0.53
CA ILE A 51 25.33 -37.07 0.46
C ILE A 51 24.94 -36.43 1.79
N ASN A 52 25.87 -35.66 2.36
CA ASN A 52 25.63 -34.93 3.62
C ASN A 52 25.62 -33.43 3.33
N ALA A 53 24.46 -32.80 3.48
CA ALA A 53 24.36 -31.37 3.26
C ALA A 53 25.10 -30.57 4.32
N SER A 54 25.29 -31.14 5.51
CA SER A 54 26.03 -30.45 6.55
C SER A 54 27.52 -30.36 6.26
N LYS A 55 28.03 -31.14 5.30
CA LYS A 55 29.38 -31.00 4.81
C LYS A 55 29.45 -30.29 3.46
N ALA A 56 28.31 -29.84 2.93
CA ALA A 56 28.21 -29.26 1.60
C ALA A 56 28.76 -30.22 0.55
N ASP A 57 28.15 -31.41 0.50
CA ASP A 57 28.61 -32.47 -0.39
C ASP A 57 28.13 -32.20 -1.81
N GLY A 58 29.07 -32.01 -2.73
CA GLY A 58 28.75 -31.86 -4.13
C GLY A 58 28.00 -30.59 -4.49
N ILE A 59 28.37 -29.47 -3.90
CA ILE A 59 27.75 -28.20 -4.21
C ILE A 59 28.58 -27.48 -5.27
N ILE A 60 27.92 -26.99 -6.31
CA ILE A 60 28.57 -26.23 -7.38
C ILE A 60 28.66 -24.79 -6.94
N TYR A 61 29.88 -24.25 -6.95
CA TYR A 61 30.09 -22.88 -6.51
C TYR A 61 29.48 -21.90 -7.50
N PRO A 62 28.95 -20.78 -7.03
CA PRO A 62 28.47 -19.74 -7.94
C PRO A 62 29.60 -19.24 -8.85
N THR A 63 29.25 -18.95 -10.09
CA THR A 63 30.21 -18.51 -11.09
C THR A 63 30.23 -16.99 -11.16
N GLY A 64 31.42 -16.44 -11.34
CA GLY A 64 31.60 -15.01 -11.53
C GLY A 64 31.54 -14.16 -10.29
N LYS A 65 31.45 -14.76 -9.11
CA LYS A 65 31.29 -13.99 -7.87
C LYS A 65 31.62 -14.90 -6.69
N SER A 66 31.72 -14.28 -5.52
CA SER A 66 32.00 -14.99 -4.28
C SER A 66 31.37 -14.22 -3.13
N TYR A 67 31.24 -14.91 -1.99
CA TYR A 67 30.66 -14.34 -0.78
C TYR A 67 31.57 -14.65 0.40
N SER A 68 31.49 -13.82 1.44
CA SER A 68 32.35 -13.99 2.61
C SER A 68 31.53 -13.84 3.89
N ASN A 69 31.60 -14.86 4.74
CA ASN A 69 31.12 -14.78 6.13
C ASN A 69 29.63 -14.46 6.21
N ILE A 70 28.84 -15.03 5.30
CA ILE A 70 27.39 -14.87 5.31
C ILE A 70 26.72 -16.17 4.91
N SER A 71 25.46 -16.32 5.31
CA SER A 71 24.61 -17.41 4.86
C SER A 71 23.47 -16.85 4.02
N LEU A 72 23.06 -17.64 3.02
CA LEU A 72 21.93 -17.27 2.17
C LEU A 72 21.38 -18.51 1.49
N THR A 73 20.09 -18.49 1.23
CA THR A 73 19.47 -19.49 0.37
C THR A 73 19.78 -19.19 -1.09
N LEU A 74 19.81 -20.25 -1.90
CA LEU A 74 20.14 -20.11 -3.31
C LEU A 74 19.62 -21.32 -4.06
N GLN A 75 18.93 -21.10 -5.16
CA GLN A 75 18.44 -22.21 -5.97
C GLN A 75 19.44 -22.55 -7.07
N GLY A 76 19.20 -23.67 -7.73
CA GLY A 76 20.10 -24.17 -8.74
C GLY A 76 19.94 -25.68 -8.86
N LEU A 77 21.06 -26.36 -9.12
CA LEU A 77 21.08 -27.80 -9.31
C LEU A 77 21.96 -28.41 -8.23
N PHE A 78 21.35 -29.14 -7.31
CA PHE A 78 22.04 -29.70 -6.16
C PHE A 78 21.65 -31.15 -5.97
N PRO A 79 22.48 -31.94 -5.29
CA PRO A 79 22.08 -33.30 -4.94
C PRO A 79 21.12 -33.31 -3.76
N LYS A 80 20.50 -34.47 -3.55
CA LYS A 80 19.55 -34.66 -2.46
C LYS A 80 20.30 -35.16 -1.22
N HIS A 81 20.01 -34.57 -0.07
CA HIS A 81 20.62 -35.01 1.17
C HIS A 81 20.25 -36.46 1.46
N GLY A 82 21.25 -37.27 1.81
CA GLY A 82 21.02 -38.66 2.11
C GLY A 82 20.96 -39.57 0.91
N ASP A 83 21.16 -39.04 -0.31
CA ASP A 83 21.20 -39.88 -1.49
C ASP A 83 22.47 -40.71 -1.49
N LEU A 84 22.35 -41.97 -1.93
CA LEU A 84 23.49 -42.88 -1.97
C LEU A 84 24.14 -42.97 -3.35
N GLY A 85 23.37 -42.76 -4.41
CA GLY A 85 23.92 -42.81 -5.75
C GLY A 85 24.20 -44.22 -6.20
N GLU A 86 24.77 -44.32 -7.40
CA GLU A 86 25.28 -45.57 -7.93
C GLU A 86 26.79 -45.59 -7.78
N GLN A 87 27.32 -46.75 -7.41
CA GLN A 87 28.75 -46.91 -7.18
C GLN A 87 29.35 -47.78 -8.27
N TYR A 88 30.50 -47.35 -8.80
CA TYR A 88 31.17 -48.06 -9.87
C TYR A 88 32.62 -48.31 -9.46
N ILE A 89 33.15 -49.46 -9.85
CA ILE A 89 34.47 -49.91 -9.43
C ILE A 89 35.32 -50.19 -10.67
N TYR A 90 36.49 -49.60 -10.72
CA TYR A 90 37.43 -49.83 -11.82
C TYR A 90 38.54 -50.81 -11.38
N VAL A 107 37.47 -54.08 -15.70
CA VAL A 107 36.29 -54.52 -14.95
C VAL A 107 35.20 -55.01 -15.90
N SER A 108 33.93 -54.72 -15.59
CA SER A 108 32.86 -55.41 -16.29
C SER A 108 31.59 -54.57 -16.28
N ASP A 109 30.82 -54.70 -17.38
CA ASP A 109 29.40 -54.46 -17.52
C ASP A 109 28.99 -52.99 -17.52
N TYR A 110 29.90 -52.05 -17.23
CA TYR A 110 29.50 -50.66 -17.14
C TYR A 110 29.11 -50.09 -18.50
N ALA A 111 29.88 -50.42 -19.55
CA ALA A 111 29.63 -49.87 -20.87
C ALA A 111 28.32 -50.31 -21.49
N THR A 112 27.63 -51.29 -20.90
CA THR A 112 26.39 -51.81 -21.47
C THR A 112 25.17 -51.08 -20.92
N LYS A 113 25.32 -50.24 -19.91
CA LYS A 113 24.19 -49.64 -19.21
C LYS A 113 24.12 -48.15 -19.54
N VAL A 114 22.95 -47.72 -20.00
CA VAL A 114 22.73 -46.35 -20.46
C VAL A 114 21.92 -45.62 -19.40
N VAL A 115 22.43 -44.49 -18.92
CA VAL A 115 21.81 -43.75 -17.83
C VAL A 115 21.30 -42.40 -18.34
N PRO A 116 20.08 -41.99 -17.97
CA PRO A 116 19.62 -40.64 -18.33
C PRO A 116 20.45 -39.57 -17.65
N PHE A 117 20.55 -38.40 -18.30
CA PHE A 117 21.47 -37.37 -17.86
C PHE A 117 20.76 -36.22 -17.14
N ASN A 118 19.46 -36.37 -16.89
CA ASN A 118 18.47 -35.29 -17.00
C ASN A 118 19.05 -33.93 -16.66
N ASN A 119 19.55 -33.69 -15.45
CA ASN A 119 20.11 -32.38 -15.11
C ASN A 119 21.62 -32.41 -14.94
N GLY A 120 22.26 -33.54 -15.18
CA GLY A 120 23.66 -33.71 -14.87
C GLY A 120 23.87 -34.54 -13.63
N PHE A 121 25.13 -34.62 -13.21
CA PHE A 121 25.46 -35.41 -12.04
C PHE A 121 26.78 -34.91 -11.45
N VAL A 122 27.02 -35.31 -10.21
CA VAL A 122 28.25 -34.99 -9.50
C VAL A 122 28.95 -36.27 -9.11
N VAL A 123 30.27 -36.31 -9.30
CA VAL A 123 31.07 -37.50 -9.06
C VAL A 123 31.98 -37.25 -7.87
N ARG A 124 32.06 -38.23 -6.97
CA ARG A 124 33.00 -38.21 -5.86
C ARG A 124 34.14 -39.15 -6.20
N ILE A 125 35.36 -38.61 -6.22
CA ILE A 125 36.53 -39.32 -6.73
C ILE A 125 37.54 -39.48 -5.61
N GLY A 126 37.96 -40.73 -5.37
CA GLY A 126 39.06 -41.00 -4.46
C GLY A 126 38.70 -40.99 -2.99
N ALA A 127 37.54 -41.57 -2.64
CA ALA A 127 37.13 -41.63 -1.25
C ALA A 127 37.87 -42.72 -0.49
N ALA A 128 38.28 -43.79 -1.17
CA ALA A 128 38.95 -44.93 -0.55
C ALA A 128 40.46 -44.87 -0.68
N ALA A 129 41.02 -43.76 -1.15
CA ALA A 129 42.46 -43.66 -1.31
C ALA A 129 43.17 -43.73 0.04
N ASN A 130 44.43 -44.17 0.00
CA ASN A 130 45.24 -44.39 1.20
C ASN A 130 44.56 -45.35 2.16
N ALA A 131 44.13 -46.49 1.65
CA ALA A 131 43.45 -47.50 2.47
C ALA A 131 43.86 -48.88 1.99
N THR A 132 43.26 -49.90 2.59
CA THR A 132 43.55 -51.30 2.27
C THR A 132 42.34 -51.92 1.58
N GLY A 133 42.57 -52.50 0.42
CA GLY A 133 41.49 -53.13 -0.31
C GLY A 133 42.02 -53.92 -1.49
N SER A 134 41.09 -54.35 -2.34
CA SER A 134 41.42 -55.08 -3.55
C SER A 134 40.26 -54.95 -4.52
N VAL A 135 40.53 -55.28 -5.79
CA VAL A 135 39.47 -55.26 -6.78
C VAL A 135 38.46 -56.37 -6.45
N ILE A 136 37.26 -56.23 -7.02
CA ILE A 136 36.16 -57.09 -6.63
C ILE A 136 35.98 -58.29 -7.55
N ILE A 137 36.45 -58.21 -8.79
CA ILE A 137 36.33 -59.31 -9.74
C ILE A 137 36.99 -60.58 -9.20
N GLN A 141 45.22 -56.23 0.69
CA GLN A 141 46.16 -56.82 -0.25
C GLN A 141 47.01 -55.76 -0.93
N LYS A 142 46.43 -54.57 -1.11
CA LYS A 142 47.11 -53.49 -1.80
C LYS A 142 46.59 -52.16 -1.26
N THR A 143 47.22 -51.08 -1.71
CA THR A 143 46.83 -49.72 -1.34
C THR A 143 45.97 -49.12 -2.44
N ILE A 144 44.88 -48.46 -2.04
CA ILE A 144 43.86 -48.00 -2.98
C ILE A 144 44.26 -46.65 -3.57
N LYS A 145 43.78 -46.37 -4.79
CA LYS A 145 44.11 -45.14 -5.50
C LYS A 145 42.91 -44.68 -6.32
N LYS A 146 42.91 -43.40 -6.69
CA LYS A 146 41.82 -42.78 -7.43
C LYS A 146 41.98 -43.01 -8.92
N ILE A 147 40.85 -43.24 -9.61
CA ILE A 147 40.88 -43.77 -10.96
C ILE A 147 39.99 -43.01 -11.95
N TYR A 148 39.60 -41.75 -11.67
CA TYR A 148 39.13 -40.83 -12.72
C TYR A 148 38.16 -41.42 -13.75
N PRO A 149 36.86 -41.50 -13.44
CA PRO A 149 35.93 -42.20 -14.33
C PRO A 149 35.89 -41.69 -15.76
N ALA A 150 35.61 -42.58 -16.70
CA ALA A 150 35.52 -42.25 -18.12
C ALA A 150 34.07 -42.29 -18.56
N PHE A 151 33.67 -41.29 -19.35
CA PHE A 151 32.26 -41.08 -19.67
C PHE A 151 32.04 -41.02 -21.16
N MET A 152 30.78 -41.19 -21.56
CA MET A 152 30.36 -41.26 -22.96
C MET A 152 28.98 -40.62 -23.05
N LEU A 153 28.93 -39.39 -23.55
CA LEU A 153 27.73 -38.55 -23.51
C LEU A 153 27.23 -38.29 -24.93
N GLY A 154 25.95 -38.57 -25.17
CA GLY A 154 25.40 -38.35 -26.51
C GLY A 154 23.90 -38.48 -26.51
N SER A 155 23.30 -37.97 -27.59
CA SER A 155 21.85 -37.74 -27.65
C SER A 155 21.08 -39.00 -27.99
N SER A 156 21.49 -39.73 -29.02
CA SER A 156 20.74 -40.87 -29.52
C SER A 156 21.45 -42.16 -29.15
N VAL A 157 20.68 -43.15 -28.73
CA VAL A 157 21.23 -44.42 -28.24
C VAL A 157 20.43 -45.57 -28.81
N GLY A 158 21.10 -46.71 -28.99
CA GLY A 158 20.45 -47.89 -29.52
C GLY A 158 21.34 -49.11 -29.41
N ASN A 159 20.84 -50.22 -29.96
CA ASN A 159 21.54 -51.49 -29.89
C ASN A 159 22.66 -51.56 -30.94
N PHE A 160 23.62 -52.43 -30.70
CA PHE A 160 24.66 -52.73 -31.67
C PHE A 160 24.13 -53.74 -32.69
N SER A 161 25.03 -54.26 -33.53
CA SER A 161 24.62 -55.23 -34.56
C SER A 161 24.11 -56.52 -33.94
N ASN A 162 24.89 -57.11 -33.02
CA ASN A 162 24.45 -58.36 -32.40
C ASN A 162 23.22 -58.16 -31.53
N GLY A 163 23.15 -57.03 -30.82
CA GLY A 163 21.99 -56.74 -30.01
C GLY A 163 22.32 -56.15 -28.65
N VAL A 164 23.60 -56.07 -28.32
CA VAL A 164 24.01 -55.52 -27.04
C VAL A 164 23.78 -54.00 -27.03
N SER A 165 23.24 -53.50 -25.93
CA SER A 165 22.89 -52.10 -25.83
C SER A 165 24.12 -51.24 -25.61
N GLY A 166 23.97 -49.95 -25.87
CA GLY A 166 24.99 -48.97 -25.58
C GLY A 166 25.70 -48.33 -26.77
N ARG A 167 25.04 -48.22 -27.93
CA ARG A 167 25.63 -47.56 -29.08
C ARG A 167 25.10 -46.14 -29.19
N TYR A 168 26.01 -45.20 -29.43
CA TYR A 168 25.67 -43.80 -29.68
C TYR A 168 25.83 -43.51 -31.18
N PHE A 169 24.79 -42.98 -31.80
CA PHE A 169 24.69 -42.95 -33.26
C PHE A 169 25.16 -41.65 -33.89
N ASN A 170 25.64 -40.68 -33.11
CA ASN A 170 25.97 -39.40 -33.73
C ASN A 170 27.14 -38.81 -32.94
N HIS A 171 27.35 -37.50 -33.11
CA HIS A 171 28.35 -36.79 -32.29
C HIS A 171 28.17 -37.13 -30.82
N THR A 172 29.22 -37.71 -30.24
CA THR A 172 29.20 -38.19 -28.87
C THR A 172 30.34 -37.53 -28.10
N LEU A 173 30.03 -37.11 -26.87
CA LEU A 173 31.03 -36.47 -26.02
C LEU A 173 31.76 -37.55 -25.23
N LEU A 174 33.10 -37.51 -25.30
CA LEU A 174 33.94 -38.49 -24.63
C LEU A 174 34.83 -37.76 -23.65
N LEU A 175 34.74 -38.12 -22.38
CA LEU A 175 35.54 -37.51 -21.32
C LEU A 175 36.50 -38.58 -20.81
N LEU A 176 37.64 -38.70 -21.48
CA LEU A 176 38.61 -39.76 -21.20
C LEU A 176 39.84 -39.18 -20.52
N PRO A 177 40.10 -39.52 -19.25
CA PRO A 177 41.37 -39.12 -18.64
C PRO A 177 42.51 -39.91 -19.24
N ASP A 178 43.68 -39.29 -19.30
CA ASP A 178 44.82 -39.86 -20.01
C ASP A 178 46.11 -39.34 -19.40
N GLY A 179 47.20 -40.02 -19.73
CA GLY A 179 48.50 -39.65 -19.20
C GLY A 179 48.77 -40.19 -17.82
N CYS A 180 48.28 -41.39 -17.51
CA CYS A 180 48.33 -41.96 -16.17
C CYS A 180 47.69 -41.00 -15.17
N GLY A 181 46.48 -40.56 -15.48
CA GLY A 181 45.76 -39.64 -14.63
C GLY A 181 46.40 -38.26 -14.53
N THR A 182 46.92 -37.75 -15.65
CA THR A 182 47.51 -36.42 -15.66
C THR A 182 46.89 -35.49 -16.70
N ARG A 183 45.90 -35.95 -17.46
CA ARG A 183 45.34 -35.10 -18.51
C ARG A 183 44.00 -35.66 -18.94
N LEU A 184 43.09 -34.76 -19.32
CA LEU A 184 41.71 -35.10 -19.63
C LEU A 184 41.40 -34.75 -21.07
N TRP A 185 40.73 -35.67 -21.77
CA TRP A 185 40.29 -35.45 -23.14
C TRP A 185 38.82 -35.02 -23.17
N ALA A 186 38.53 -34.05 -24.02
CA ALA A 186 37.16 -33.71 -24.39
C ALA A 186 37.03 -33.90 -25.89
N LEU A 187 36.23 -34.90 -26.28
CA LEU A 187 36.05 -35.28 -27.67
C LEU A 187 34.58 -35.25 -28.00
N TYR A 188 34.23 -34.61 -29.11
CA TYR A 188 32.85 -34.50 -29.58
C TYR A 188 32.82 -34.94 -31.04
N CYS A 189 32.56 -36.23 -31.29
CA CYS A 189 32.51 -36.69 -32.67
C CYS A 189 31.89 -38.07 -32.81
N VAL A 190 31.69 -38.44 -34.07
CA VAL A 190 30.90 -39.61 -34.44
C VAL A 190 31.68 -40.86 -34.09
N ILE A 191 31.00 -41.80 -33.46
CA ILE A 191 31.58 -43.07 -33.03
C ILE A 191 31.15 -44.15 -34.01
N GLU A 192 32.14 -44.74 -34.68
CA GLU A 192 31.90 -45.74 -35.73
C GLU A 192 32.42 -47.09 -35.26
N PRO A 193 31.56 -48.09 -35.09
CA PRO A 193 32.02 -49.41 -34.65
C PRO A 193 32.92 -50.07 -35.70
N ARG A 194 34.18 -50.29 -35.35
CA ARG A 194 35.09 -50.98 -36.23
C ARG A 194 34.68 -52.45 -36.40
N ASN A 195 34.92 -52.97 -37.60
CA ASN A 195 34.48 -54.31 -37.96
C ASN A 195 35.47 -55.40 -37.56
N GLY A 196 36.55 -55.05 -36.88
CA GLY A 196 37.56 -56.03 -36.51
C GLY A 196 37.04 -57.02 -35.48
N SER A 197 37.85 -58.05 -35.26
CA SER A 197 37.46 -59.13 -34.35
C SER A 197 37.29 -58.62 -32.93
N TYR A 198 36.19 -59.04 -32.30
CA TYR A 198 35.82 -58.66 -30.94
C TYR A 198 35.69 -57.15 -30.75
N CYS A 199 35.65 -56.40 -31.84
CA CYS A 199 35.41 -54.98 -31.80
C CYS A 199 33.91 -54.71 -31.89
N PRO A 200 33.47 -53.50 -31.54
CA PRO A 200 32.02 -53.25 -31.43
C PRO A 200 31.22 -53.53 -32.69
N GLY A 201 31.86 -53.51 -33.87
CA GLY A 201 31.13 -53.86 -35.08
C GLY A 201 30.97 -55.35 -35.27
N ASN A 202 31.90 -56.15 -34.75
CA ASN A 202 31.90 -57.59 -35.00
C ASN A 202 30.75 -58.27 -34.28
N SER A 203 30.36 -59.43 -34.81
CA SER A 203 29.31 -60.23 -34.17
C SER A 203 29.75 -60.73 -32.81
N ASN A 204 31.01 -61.17 -32.69
CA ASN A 204 31.54 -61.68 -31.42
C ASN A 204 32.09 -60.53 -30.59
N TYR A 205 31.17 -59.65 -30.19
CA TYR A 205 31.48 -58.46 -29.43
C TYR A 205 30.85 -58.57 -28.05
N ASN A 206 31.66 -58.44 -27.00
CA ASN A 206 31.11 -58.48 -25.65
C ASN A 206 30.85 -57.07 -25.13
N THR A 207 31.93 -56.30 -24.91
CA THR A 207 31.89 -54.88 -24.56
C THR A 207 33.23 -54.26 -24.92
N PHE A 208 33.24 -52.93 -25.02
CA PHE A 208 34.44 -52.15 -25.20
C PHE A 208 34.92 -51.61 -23.85
N ALA A 209 36.18 -51.19 -23.82
CA ALA A 209 36.76 -50.66 -22.60
C ALA A 209 38.09 -50.00 -22.93
N VAL A 210 38.40 -48.93 -22.20
CA VAL A 210 39.71 -48.32 -22.29
C VAL A 210 40.64 -49.01 -21.30
N PHE A 211 41.94 -48.93 -21.56
CA PHE A 211 42.91 -49.64 -20.74
C PHE A 211 44.24 -48.89 -20.81
N ASP A 212 45.23 -49.46 -20.13
CA ASP A 212 46.58 -48.92 -20.10
C ASP A 212 47.57 -50.08 -20.15
N THR A 213 48.84 -49.76 -20.38
CA THR A 213 49.93 -50.73 -20.32
C THR A 213 51.00 -50.13 -19.43
N PRO A 214 50.86 -50.29 -18.11
CA PRO A 214 51.72 -49.54 -17.18
C PRO A 214 53.21 -49.75 -17.38
N HIS A 215 53.62 -50.93 -17.85
CA HIS A 215 55.04 -51.16 -18.11
C HIS A 215 55.56 -50.23 -19.21
N THR A 216 54.76 -50.00 -20.25
CA THR A 216 55.15 -49.13 -21.35
C THR A 216 54.52 -47.74 -21.26
N ASP A 217 53.33 -47.62 -20.68
CA ASP A 217 52.61 -46.35 -20.67
C ASP A 217 53.01 -45.46 -19.51
N CYS A 218 52.94 -45.98 -18.28
CA CYS A 218 53.31 -45.22 -17.09
C CYS A 218 54.77 -45.46 -16.69
N THR A 219 55.63 -45.70 -17.68
CA THR A 219 57.04 -45.90 -17.42
C THR A 219 57.66 -44.62 -16.86
N SER A 220 58.66 -44.78 -15.99
CA SER A 220 59.33 -43.63 -15.41
C SER A 220 60.03 -42.80 -16.48
N ALA A 221 60.48 -43.43 -17.57
CA ALA A 221 61.19 -42.70 -18.62
C ALA A 221 60.29 -41.67 -19.28
N GLY A 222 59.04 -42.03 -19.57
CA GLY A 222 58.12 -41.12 -20.21
C GLY A 222 56.68 -41.54 -19.97
N TYR A 223 55.80 -40.54 -19.92
CA TYR A 223 54.37 -40.77 -19.70
C TYR A 223 53.64 -40.60 -21.03
N ASN A 224 53.11 -41.71 -21.55
CA ASN A 224 52.33 -41.66 -22.77
C ASN A 224 51.03 -40.90 -22.54
N THR A 225 50.70 -39.99 -23.46
CA THR A 225 49.51 -39.17 -23.34
C THR A 225 48.43 -39.54 -24.35
N ASN A 226 48.56 -40.70 -25.00
CA ASN A 226 47.56 -41.17 -25.96
C ASN A 226 47.19 -42.63 -25.69
N ALA A 227 47.43 -43.10 -24.46
CA ALA A 227 47.28 -44.52 -24.17
C ALA A 227 45.81 -44.93 -24.15
N THR A 228 45.02 -44.31 -23.27
CA THR A 228 43.60 -44.60 -23.23
C THR A 228 42.91 -44.18 -24.52
N LEU A 229 43.39 -43.10 -25.15
CA LEU A 229 42.79 -42.67 -26.41
C LEU A 229 43.05 -43.69 -27.51
N ASN A 230 44.28 -44.23 -27.59
CA ASN A 230 44.56 -45.28 -28.56
C ASN A 230 43.76 -46.55 -28.25
N SER A 231 43.61 -46.88 -26.97
CA SER A 231 42.80 -48.04 -26.59
C SER A 231 41.36 -47.88 -27.03
N PHE A 232 40.81 -46.67 -26.86
CA PHE A 232 39.46 -46.40 -27.35
C PHE A 232 39.39 -46.48 -28.87
N LYS A 233 40.36 -45.86 -29.55
CA LYS A 233 40.40 -45.89 -31.02
C LYS A 233 40.52 -47.30 -31.56
N GLU A 234 41.05 -48.23 -30.76
CA GLU A 234 41.06 -49.63 -31.18
C GLU A 234 39.63 -50.14 -31.42
N TYR A 235 38.67 -49.66 -30.64
CA TYR A 235 37.30 -50.13 -30.75
C TYR A 235 36.44 -49.28 -31.68
N PHE A 236 36.73 -47.99 -31.80
CA PHE A 236 35.85 -47.08 -32.53
C PHE A 236 36.67 -46.16 -33.43
N ASP A 237 36.01 -45.65 -34.46
CA ASP A 237 36.59 -44.71 -35.41
C ASP A 237 36.10 -43.30 -35.11
N LEU A 238 37.03 -42.35 -35.03
CA LEU A 238 36.72 -40.95 -34.69
C LEU A 238 36.53 -40.15 -35.98
N GLN A 239 35.29 -39.76 -36.26
CA GLN A 239 34.96 -39.08 -37.51
C GLN A 239 34.34 -37.71 -37.24
N ASN A 240 34.87 -36.70 -37.94
CA ASN A 240 34.35 -35.34 -38.08
C ASN A 240 34.55 -34.45 -36.85
N CYS A 241 34.82 -35.06 -35.71
CA CYS A 241 35.54 -34.51 -34.56
C CYS A 241 35.48 -33.00 -34.44
N SER A 242 34.26 -32.48 -34.23
CA SER A 242 34.01 -31.04 -34.08
C SER A 242 35.10 -30.32 -33.31
N PHE A 243 35.45 -30.83 -32.13
CA PHE A 243 36.54 -30.23 -31.36
C PHE A 243 37.23 -31.30 -30.53
N ILE A 244 38.47 -30.99 -30.14
CA ILE A 244 39.24 -31.83 -29.23
C ILE A 244 39.98 -30.93 -28.26
N TYR A 245 39.50 -30.84 -27.02
CA TYR A 245 40.19 -30.11 -25.97
C TYR A 245 41.01 -31.07 -25.12
N SER A 246 41.86 -30.49 -24.29
CA SER A 246 42.73 -31.27 -23.42
C SER A 246 43.07 -30.43 -22.19
N PHE A 247 42.94 -31.03 -21.01
CA PHE A 247 43.10 -30.32 -19.75
C PHE A 247 44.10 -31.07 -18.88
N ASN A 248 45.11 -30.36 -18.41
CA ASN A 248 46.16 -30.97 -17.60
C ASN A 248 45.66 -31.27 -16.19
N ILE A 249 46.19 -32.36 -15.62
CA ILE A 249 45.82 -32.80 -14.29
C ILE A 249 47.09 -33.12 -13.52
N THR A 250 47.13 -32.71 -12.25
CA THR A 250 48.25 -33.02 -11.37
C THR A 250 48.04 -34.39 -10.73
N GLU A 251 49.15 -35.05 -10.40
CA GLU A 251 49.11 -36.39 -9.85
C GLU A 251 49.11 -36.33 -8.32
N ASP A 252 48.11 -36.94 -7.70
CA ASP A 252 47.99 -37.01 -6.25
C ASP A 252 47.02 -38.13 -5.90
N GLU A 253 46.64 -38.21 -4.63
CA GLU A 253 45.73 -39.23 -4.14
C GLU A 253 44.66 -38.61 -3.26
N ASN A 254 44.18 -37.43 -3.63
CA ASN A 254 43.22 -36.69 -2.83
C ASN A 254 41.78 -37.14 -3.14
N ALA A 255 40.85 -36.63 -2.35
CA ALA A 255 39.42 -36.85 -2.58
C ALA A 255 38.87 -35.68 -3.39
N GLU A 256 38.30 -35.98 -4.54
CA GLU A 256 37.98 -34.97 -5.54
C GLU A 256 36.52 -35.08 -5.96
N TRP A 257 35.96 -33.95 -6.38
CA TRP A 257 34.59 -33.86 -6.88
C TRP A 257 34.59 -33.40 -8.33
N PHE A 258 33.71 -34.00 -9.13
CA PHE A 258 33.53 -33.63 -10.53
C PHE A 258 32.04 -33.52 -10.84
N GLY A 259 31.65 -32.41 -11.47
CA GLY A 259 30.28 -32.21 -11.86
C GLY A 259 30.17 -31.78 -13.32
N ILE A 260 28.98 -31.97 -13.87
CA ILE A 260 28.71 -31.64 -15.26
C ILE A 260 27.26 -31.22 -15.40
N THR A 261 27.03 -30.13 -16.14
CA THR A 261 25.68 -29.67 -16.45
C THR A 261 25.64 -29.21 -17.90
N GLN A 262 24.43 -29.01 -18.41
CA GLN A 262 24.22 -28.48 -19.75
C GLN A 262 23.10 -27.45 -19.74
N ASN A 263 23.31 -26.34 -20.43
CA ASN A 263 22.28 -25.33 -20.62
C ASN A 263 22.44 -24.73 -22.01
N THR A 264 21.77 -23.59 -22.25
CA THR A 264 21.80 -22.95 -23.56
C THR A 264 23.23 -22.60 -23.99
N GLN A 265 24.09 -22.28 -23.04
CA GLN A 265 25.45 -21.85 -23.34
C GLN A 265 26.41 -23.02 -23.54
N GLY A 266 25.94 -24.25 -23.42
CA GLY A 266 26.78 -25.40 -23.71
C GLY A 266 26.90 -26.40 -22.58
N VAL A 267 27.96 -27.18 -22.58
CA VAL A 267 28.23 -28.17 -21.54
C VAL A 267 29.26 -27.60 -20.58
N HIS A 268 28.95 -27.68 -19.29
CA HIS A 268 29.78 -27.06 -18.25
C HIS A 268 30.38 -28.15 -17.38
N LEU A 269 31.68 -28.04 -17.12
CA LEU A 269 32.42 -29.02 -16.33
C LEU A 269 32.93 -28.34 -15.06
N TYR A 270 32.71 -29.00 -13.93
CA TYR A 270 33.15 -28.50 -12.64
C TYR A 270 34.04 -29.54 -11.97
N SER A 271 35.09 -29.05 -11.31
CA SER A 271 35.97 -29.88 -10.49
C SER A 271 36.45 -29.04 -9.33
N SER A 272 36.76 -29.72 -8.22
CA SER A 272 37.25 -29.00 -7.05
C SER A 272 38.69 -28.52 -7.22
N ARG A 273 39.45 -29.13 -8.14
CA ARG A 273 40.87 -28.80 -8.28
C ARG A 273 41.08 -27.33 -8.66
N LYS A 274 40.14 -26.72 -9.38
CA LYS A 274 40.31 -25.33 -9.80
C LYS A 274 39.75 -24.39 -8.72
N GLY A 275 40.43 -24.37 -7.59
CA GLY A 275 40.12 -23.41 -6.55
C GLY A 275 40.07 -23.99 -5.15
N ASP A 276 39.62 -25.23 -5.02
CA ASP A 276 39.57 -25.92 -3.72
C ASP A 276 40.21 -27.30 -3.89
N LEU A 277 41.54 -27.34 -3.84
CA LEU A 277 42.24 -28.60 -4.06
C LEU A 277 42.14 -29.51 -2.83
N TYR A 278 42.20 -28.91 -1.64
CA TYR A 278 42.07 -29.64 -0.39
C TYR A 278 40.68 -29.51 0.21
N GLY A 279 39.70 -29.09 -0.59
CA GLY A 279 38.32 -29.00 -0.16
C GLY A 279 37.39 -29.75 -1.09
N SER A 280 36.11 -29.37 -1.08
CA SER A 280 35.12 -30.12 -1.86
C SER A 280 34.13 -29.21 -2.56
N ASN A 281 34.56 -28.01 -2.97
CA ASN A 281 33.71 -27.09 -3.72
C ASN A 281 34.13 -27.10 -5.19
N MET A 282 33.16 -27.27 -6.07
CA MET A 282 33.41 -27.44 -7.50
C MET A 282 33.31 -26.11 -8.22
N PHE A 283 34.34 -25.78 -8.99
CA PHE A 283 34.41 -24.56 -9.77
C PHE A 283 34.44 -24.91 -11.25
N LEU A 284 33.75 -24.10 -12.05
CA LEU A 284 33.75 -24.29 -13.50
C LEU A 284 35.15 -24.16 -14.06
N PHE A 285 35.54 -25.11 -14.92
CA PHE A 285 36.86 -25.02 -15.54
C PHE A 285 36.76 -25.14 -17.06
N ALA A 286 35.72 -25.79 -17.57
CA ALA A 286 35.55 -25.96 -19.00
C ALA A 286 34.11 -25.69 -19.40
N THR A 287 33.94 -25.10 -20.58
CA THR A 287 32.65 -24.95 -21.22
C THR A 287 32.75 -25.46 -22.65
N LEU A 288 31.88 -26.38 -23.00
CA LEU A 288 32.00 -27.01 -24.30
C LEU A 288 30.88 -26.58 -25.23
N PRO A 289 31.17 -26.38 -26.52
CA PRO A 289 30.12 -26.03 -27.50
C PRO A 289 29.28 -27.24 -27.91
N VAL A 290 28.51 -27.75 -26.96
CA VAL A 290 27.63 -28.89 -27.18
C VAL A 290 26.21 -28.39 -26.94
N TYR A 291 25.48 -28.11 -28.01
CA TYR A 291 24.17 -27.50 -27.93
C TYR A 291 23.04 -28.48 -28.17
N ASP A 292 23.33 -29.63 -28.75
CA ASP A 292 22.38 -30.73 -28.73
C ASP A 292 22.23 -31.23 -27.30
N GLY A 293 21.01 -31.65 -26.95
CA GLY A 293 20.78 -32.20 -25.63
C GLY A 293 21.54 -33.51 -25.45
N ILE A 294 21.93 -33.78 -24.21
CA ILE A 294 22.75 -34.94 -23.92
C ILE A 294 21.86 -36.17 -23.74
N LYS A 295 20.99 -36.13 -22.75
CA LYS A 295 19.89 -37.09 -22.59
C LYS A 295 20.35 -38.49 -22.17
N TYR A 296 21.65 -38.77 -22.20
CA TYR A 296 22.15 -40.12 -21.95
C TYR A 296 23.63 -40.04 -21.59
N TYR A 297 24.06 -40.96 -20.73
CA TYR A 297 25.48 -41.12 -20.47
C TYR A 297 25.76 -42.55 -20.05
N THR A 298 27.01 -42.98 -20.28
CA THR A 298 27.45 -44.32 -19.96
C THR A 298 28.82 -44.24 -19.30
N VAL A 299 28.98 -44.96 -18.20
CA VAL A 299 30.28 -45.04 -17.53
C VAL A 299 31.14 -46.05 -18.28
N ILE A 300 32.33 -45.63 -18.71
CA ILE A 300 33.21 -46.44 -19.52
C ILE A 300 34.13 -47.23 -18.58
N PRO A 301 34.14 -48.56 -18.67
CA PRO A 301 34.96 -49.37 -17.74
C PRO A 301 36.44 -49.20 -18.04
N ARG A 302 37.19 -48.78 -17.03
CA ARG A 302 38.64 -48.75 -17.11
C ARG A 302 39.21 -50.04 -16.55
N SER A 303 40.28 -50.53 -17.18
CA SER A 303 40.89 -51.81 -16.79
C SER A 303 42.41 -51.66 -16.88
N ILE A 304 43.04 -51.37 -15.74
CA ILE A 304 44.49 -51.36 -15.68
C ILE A 304 44.99 -52.78 -15.94
N ARG A 305 46.09 -52.88 -16.70
CA ARG A 305 46.56 -54.16 -17.22
C ARG A 305 47.33 -54.98 -16.19
N SER A 306 47.20 -54.67 -14.90
CA SER A 306 47.88 -55.45 -13.88
C SER A 306 47.31 -56.87 -13.82
N LYS A 307 48.20 -57.83 -13.60
CA LYS A 307 47.80 -59.23 -13.51
C LYS A 307 47.01 -59.46 -12.22
N TYR A 308 46.39 -60.64 -12.13
CA TYR A 308 45.69 -61.00 -10.89
C TYR A 308 46.64 -61.02 -9.71
N SER A 309 47.86 -61.53 -9.91
CA SER A 309 48.88 -61.45 -8.88
C SER A 309 49.46 -60.05 -8.75
N GLU A 310 49.30 -59.21 -9.78
CA GLU A 310 49.74 -57.82 -9.75
C GLU A 310 48.59 -56.86 -9.46
N ARG A 311 47.42 -57.38 -9.10
CA ARG A 311 46.22 -56.57 -8.95
C ARG A 311 46.34 -55.52 -7.86
N GLN A 312 46.40 -54.25 -8.27
CA GLN A 312 46.42 -53.12 -7.36
C GLN A 312 45.00 -52.79 -6.93
N ALA A 313 44.87 -52.19 -5.75
CA ALA A 313 43.57 -51.76 -5.26
C ALA A 313 43.18 -50.43 -5.91
N TRP A 314 41.94 -50.37 -6.42
CA TRP A 314 41.43 -49.18 -7.10
C TRP A 314 40.16 -48.70 -6.42
N ALA A 315 40.04 -47.39 -6.27
CA ALA A 315 38.93 -46.80 -5.53
C ALA A 315 37.66 -46.78 -6.36
N ALA A 316 36.54 -47.04 -5.70
CA ALA A 316 35.24 -46.86 -6.31
C ALA A 316 34.85 -45.40 -6.32
N PHE A 317 33.94 -45.04 -7.22
CA PHE A 317 33.41 -43.69 -7.28
C PHE A 317 31.89 -43.75 -7.29
N TYR A 318 31.28 -42.64 -6.91
CA TYR A 318 29.84 -42.53 -6.75
C TYR A 318 29.33 -41.37 -7.60
N ILE A 319 28.15 -41.57 -8.20
CA ILE A 319 27.56 -40.59 -9.11
C ILE A 319 26.17 -40.24 -8.59
N TYR A 320 25.99 -38.97 -8.22
CA TYR A 320 24.73 -38.48 -7.70
C TYR A 320 24.09 -37.53 -8.69
N SER A 321 22.81 -37.74 -8.98
CA SER A 321 22.09 -36.85 -9.87
C SER A 321 21.90 -35.48 -9.25
N LEU A 322 21.82 -34.46 -10.11
CA LEU A 322 21.47 -33.11 -9.70
C LEU A 322 19.98 -32.89 -9.92
N HIS A 323 19.36 -32.21 -8.97
CA HIS A 323 17.92 -31.97 -8.99
C HIS A 323 17.66 -30.48 -8.87
N LYS A 324 16.42 -30.09 -9.15
CA LYS A 324 16.01 -28.69 -9.06
C LYS A 324 15.50 -28.46 -7.65
N LEU A 325 16.38 -28.00 -6.77
CA LEU A 325 16.12 -27.97 -5.34
C LEU A 325 16.48 -26.62 -4.75
N THR A 326 15.83 -26.28 -3.64
CA THR A 326 16.18 -25.11 -2.84
C THR A 326 17.20 -25.52 -1.79
N TYR A 327 18.29 -24.75 -1.68
CA TYR A 327 19.30 -24.96 -0.68
C TYR A 327 19.56 -23.68 0.10
N LEU A 328 20.30 -23.83 1.19
CA LEU A 328 20.79 -22.72 2.00
C LEU A 328 22.26 -22.96 2.26
N LEU A 329 23.11 -21.99 1.93
CA LEU A 329 24.56 -22.18 1.96
C LEU A 329 25.19 -21.30 3.02
N ASP A 330 26.44 -21.62 3.36
CA ASP A 330 27.18 -20.94 4.42
C ASP A 330 28.64 -20.79 3.98
N PHE A 331 28.95 -19.63 3.38
CA PHE A 331 30.32 -19.33 3.00
C PHE A 331 31.12 -18.90 4.21
N SER A 332 32.36 -19.41 4.31
CA SER A 332 33.27 -18.99 5.36
C SER A 332 33.81 -17.60 5.06
N VAL A 333 34.74 -17.14 5.90
CA VAL A 333 35.37 -15.85 5.66
C VAL A 333 36.20 -15.89 4.39
N ASP A 334 36.84 -17.02 4.10
CA ASP A 334 37.64 -17.18 2.91
C ASP A 334 36.83 -17.62 1.69
N GLY A 335 35.50 -17.61 1.80
CA GLY A 335 34.62 -17.75 0.67
C GLY A 335 34.12 -19.15 0.38
N TYR A 336 34.65 -20.17 1.05
CA TYR A 336 34.31 -21.54 0.72
C TYR A 336 33.09 -22.00 1.53
N ILE A 337 32.28 -22.85 0.90
CA ILE A 337 31.07 -23.39 1.52
C ILE A 337 31.43 -24.70 2.22
N ARG A 338 31.08 -24.80 3.50
CA ARG A 338 31.41 -25.98 4.28
C ARG A 338 30.20 -26.64 4.93
N ARG A 339 29.01 -26.03 4.85
CA ARG A 339 27.81 -26.64 5.42
C ARG A 339 26.58 -26.03 4.78
N ALA A 340 25.56 -26.84 4.58
CA ALA A 340 24.36 -26.43 3.87
C ALA A 340 23.14 -27.15 4.42
N VAL A 341 21.96 -26.76 3.93
CA VAL A 341 20.69 -27.35 4.32
C VAL A 341 19.89 -27.63 3.04
N ASP A 342 19.32 -28.82 2.95
CA ASP A 342 18.43 -29.21 1.86
C ASP A 342 16.99 -28.98 2.33
N CYS A 343 16.35 -27.95 1.78
CA CYS A 343 15.07 -27.49 2.31
C CYS A 343 13.97 -28.53 2.25
N GLY A 344 14.01 -29.44 1.28
CA GLY A 344 12.98 -30.44 1.14
C GLY A 344 13.21 -31.72 1.90
N HIS A 345 14.36 -31.87 2.55
CA HIS A 345 14.71 -33.14 3.18
C HIS A 345 13.72 -33.50 4.30
N ASP A 346 13.45 -32.57 5.21
CA ASP A 346 12.62 -32.87 6.36
C ASP A 346 11.99 -31.58 6.88
N ASP A 347 11.34 -31.68 8.05
CA ASP A 347 10.59 -30.56 8.62
C ASP A 347 11.49 -29.54 9.28
N LEU A 348 12.59 -29.95 9.92
CA LEU A 348 13.52 -28.98 10.47
C LEU A 348 14.19 -28.17 9.37
N SER A 349 14.44 -28.79 8.21
CA SER A 349 14.92 -28.04 7.06
C SER A 349 13.85 -27.07 6.56
N GLN A 350 12.59 -27.48 6.58
CA GLN A 350 11.51 -26.56 6.25
C GLN A 350 11.43 -25.41 7.23
N LEU A 351 11.82 -25.64 8.49
CA LEU A 351 11.91 -24.53 9.44
C LEU A 351 13.07 -23.60 9.09
N TYR A 352 14.26 -24.17 8.86
CA TYR A 352 15.41 -23.36 8.48
C TYR A 352 15.22 -22.64 7.14
N CYS A 353 14.24 -23.05 6.33
CA CYS A 353 14.03 -22.45 5.02
C CYS A 353 12.76 -21.59 4.93
N SER A 354 11.78 -21.81 5.78
CA SER A 354 10.70 -20.84 5.97
C SER A 354 11.21 -19.60 6.67
N TYR A 355 12.49 -19.61 7.00
CA TYR A 355 13.25 -18.50 7.58
C TYR A 355 14.64 -18.63 6.97
N GLU A 356 15.65 -17.99 7.55
CA GLU A 356 17.02 -18.15 7.07
C GLU A 356 17.87 -18.48 8.28
N SER A 357 19.20 -18.37 8.13
CA SER A 357 20.05 -18.31 9.31
C SER A 357 20.07 -19.59 10.15
N PHE A 358 20.96 -20.53 9.82
CA PHE A 358 21.11 -21.83 10.48
C PHE A 358 20.72 -21.83 11.96
N ASP A 359 20.83 -20.70 12.65
CA ASP A 359 20.58 -20.60 14.08
C ASP A 359 19.21 -19.94 14.30
N VAL A 360 18.23 -20.75 14.69
CA VAL A 360 16.93 -20.24 15.16
C VAL A 360 16.77 -20.69 16.61
N GLY A 361 15.92 -19.97 17.34
CA GLY A 361 15.68 -20.30 18.73
C GLY A 361 14.60 -21.35 18.89
N SER A 362 14.48 -21.85 20.12
CA SER A 362 13.42 -22.79 20.43
C SER A 362 12.06 -22.11 20.25
N GLY A 363 11.09 -22.87 19.77
CA GLY A 363 9.77 -22.35 19.57
C GLY A 363 8.92 -23.29 18.77
N VAL A 364 7.66 -22.89 18.58
CA VAL A 364 6.72 -23.60 17.72
C VAL A 364 6.44 -22.69 16.54
N TYR A 365 6.79 -23.14 15.34
CA TYR A 365 6.71 -22.33 14.14
C TYR A 365 5.80 -23.00 13.12
N SER A 366 5.16 -22.17 12.30
CA SER A 366 4.45 -22.66 11.12
C SER A 366 5.40 -22.64 9.94
N VAL A 367 5.37 -23.72 9.16
CA VAL A 367 6.26 -23.84 8.01
C VAL A 367 5.44 -24.06 6.74
N SER A 368 6.13 -24.14 5.60
CA SER A 368 5.49 -24.13 4.28
C SER A 368 5.37 -25.55 3.74
N SER A 369 4.15 -25.95 3.41
CA SER A 369 3.90 -27.21 2.72
C SER A 369 4.13 -27.03 1.23
N PHE A 370 5.00 -27.85 0.64
CA PHE A 370 5.48 -27.57 -0.71
C PHE A 370 4.47 -27.97 -1.80
N GLU A 371 4.17 -29.26 -1.92
CA GLU A 371 3.57 -29.78 -3.14
C GLU A 371 2.16 -30.31 -2.90
N VAL A 372 1.34 -30.21 -3.95
CA VAL A 372 0.01 -30.83 -4.01
C VAL A 372 -0.05 -31.69 -5.27
N HIS A 373 -0.53 -32.92 -5.13
CA HIS A 373 -0.39 -33.93 -6.17
C HIS A 373 -1.74 -34.56 -6.47
N SER A 374 -2.10 -34.62 -7.75
CA SER A 374 -3.37 -35.16 -8.20
C SER A 374 -3.20 -36.60 -8.64
N ARG A 375 -4.15 -37.46 -8.27
CA ARG A 375 -4.07 -38.89 -8.59
C ARG A 375 -4.54 -39.15 -10.01
N GLY A 376 -5.81 -38.87 -10.27
CA GLY A 376 -6.41 -39.06 -11.58
C GLY A 376 -7.11 -37.81 -12.06
N GLN A 377 -7.94 -37.93 -13.09
CA GLN A 377 -8.62 -36.78 -13.66
C GLN A 377 -10.06 -37.15 -14.01
N PHE A 378 -10.93 -36.14 -14.01
CA PHE A 378 -12.36 -36.30 -14.27
C PHE A 378 -12.71 -35.49 -15.51
N ILE A 379 -12.99 -36.16 -16.61
CA ILE A 379 -13.28 -35.50 -17.88
C ILE A 379 -14.61 -36.01 -18.42
N GLU A 380 -15.52 -35.08 -18.70
CA GLU A 380 -16.81 -35.37 -19.32
C GLU A 380 -16.91 -34.51 -20.57
N GLN A 381 -16.68 -35.12 -21.73
CA GLN A 381 -16.73 -34.42 -23.00
C GLN A 381 -17.85 -34.97 -23.87
N PRO A 382 -18.76 -34.13 -24.34
CA PRO A 382 -19.83 -34.63 -25.22
C PRO A 382 -19.29 -34.93 -26.62
N ASN A 383 -20.09 -35.67 -27.38
CA ASN A 383 -19.76 -35.97 -28.77
C ASN A 383 -20.26 -34.82 -29.63
N SER A 384 -19.45 -33.76 -29.68
CA SER A 384 -19.82 -32.56 -30.40
C SER A 384 -19.66 -32.75 -31.90
N VAL A 385 -20.50 -32.06 -32.65
CA VAL A 385 -20.37 -32.00 -34.10
C VAL A 385 -19.16 -31.14 -34.43
N GLU A 386 -18.70 -31.17 -35.67
CA GLU A 386 -17.59 -30.34 -36.10
C GLU A 386 -18.09 -28.95 -36.47
N CYS A 387 -17.28 -27.94 -36.14
CA CYS A 387 -17.66 -26.57 -36.46
C CYS A 387 -17.61 -26.36 -37.97
N ASP A 388 -18.44 -25.44 -38.46
CA ASP A 388 -18.72 -25.31 -39.89
C ASP A 388 -17.92 -24.17 -40.50
N PHE A 389 -16.70 -24.48 -40.91
CA PHE A 389 -15.88 -23.55 -41.69
C PHE A 389 -16.04 -23.81 -43.19
N THR A 390 -17.29 -23.73 -43.66
CA THR A 390 -17.59 -23.99 -45.06
C THR A 390 -18.02 -22.76 -45.83
N LYS A 391 -18.80 -21.87 -45.21
CA LYS A 391 -19.16 -20.63 -45.90
C LYS A 391 -17.97 -19.68 -45.96
N LEU A 392 -16.98 -19.87 -45.09
CA LEU A 392 -15.71 -19.18 -45.20
C LEU A 392 -14.83 -19.79 -46.30
N LEU A 393 -14.65 -21.11 -46.27
CA LEU A 393 -13.71 -21.80 -47.16
C LEU A 393 -14.22 -21.94 -48.59
N SER A 394 -15.30 -21.25 -48.95
CA SER A 394 -15.88 -21.40 -50.27
C SER A 394 -16.60 -20.12 -50.65
N GLY A 395 -16.46 -19.72 -51.90
CA GLY A 395 -17.10 -18.51 -52.40
C GLY A 395 -16.19 -17.30 -52.32
N THR A 396 -16.75 -16.17 -52.67
CA THR A 396 -16.00 -14.92 -52.67
C THR A 396 -16.20 -14.20 -51.35
N PRO A 397 -15.12 -13.84 -50.64
CA PRO A 397 -15.28 -13.11 -49.40
C PRO A 397 -15.83 -11.72 -49.66
N PRO A 398 -16.55 -11.14 -48.71
CA PRO A 398 -17.11 -9.80 -48.89
C PRO A 398 -16.04 -8.73 -48.62
N GLN A 399 -16.48 -7.48 -48.69
CA GLN A 399 -15.60 -6.35 -48.39
C GLN A 399 -15.57 -6.11 -46.89
N VAL A 400 -14.83 -5.08 -46.48
CA VAL A 400 -14.62 -4.85 -45.05
C VAL A 400 -15.88 -4.34 -44.38
N TYR A 401 -16.64 -3.46 -45.04
CA TYR A 401 -17.84 -2.88 -44.46
C TYR A 401 -19.02 -3.83 -44.52
N ASN A 402 -18.92 -4.92 -45.27
CA ASN A 402 -19.98 -5.92 -45.35
C ASN A 402 -19.45 -7.25 -44.87
N PHE A 403 -18.74 -7.24 -43.74
CA PHE A 403 -18.08 -8.45 -43.25
C PHE A 403 -19.11 -9.52 -42.89
N ASN A 404 -18.68 -10.77 -42.97
CA ASN A 404 -19.49 -11.91 -42.60
C ASN A 404 -19.11 -12.38 -41.21
N ARG A 405 -20.11 -12.56 -40.36
CA ARG A 405 -19.89 -12.97 -38.97
C ARG A 405 -20.24 -14.44 -38.79
N LEU A 406 -19.33 -15.19 -38.17
CA LEU A 406 -19.55 -16.57 -37.80
C LEU A 406 -19.47 -16.69 -36.28
N VAL A 407 -20.49 -17.27 -35.67
CA VAL A 407 -20.52 -17.55 -34.24
C VAL A 407 -20.56 -19.05 -34.06
N PHE A 408 -19.63 -19.59 -33.29
CA PHE A 408 -19.50 -21.03 -33.08
C PHE A 408 -19.80 -21.37 -31.64
N THR A 409 -20.69 -22.34 -31.43
CA THR A 409 -21.05 -22.84 -30.11
C THR A 409 -21.29 -24.34 -30.20
N ASN A 410 -20.86 -25.07 -29.18
CA ASN A 410 -21.17 -26.49 -29.02
C ASN A 410 -20.65 -27.32 -30.19
N CYS A 411 -19.35 -27.22 -30.45
CA CYS A 411 -18.73 -27.97 -31.53
C CYS A 411 -17.24 -28.07 -31.27
N ASN A 412 -16.59 -28.96 -32.01
CA ASN A 412 -15.14 -29.10 -32.00
C ASN A 412 -14.56 -28.58 -33.31
N TYR A 413 -13.45 -27.88 -33.22
CA TYR A 413 -12.80 -27.29 -34.39
C TYR A 413 -11.51 -28.03 -34.70
N ASN A 414 -11.17 -28.20 -35.98
CA ASN A 414 -9.82 -28.73 -36.38
C ASN A 414 -9.06 -27.49 -36.86
N LEU A 415 -8.56 -26.65 -35.95
CA LEU A 415 -7.97 -25.34 -36.24
C LEU A 415 -6.74 -25.47 -37.13
N THR A 416 -5.89 -26.47 -36.87
CA THR A 416 -4.68 -26.63 -37.66
C THR A 416 -5.01 -26.82 -39.14
N LYS A 417 -6.02 -27.65 -39.44
CA LYS A 417 -6.45 -27.79 -40.82
C LYS A 417 -6.88 -26.46 -41.41
N LEU A 418 -7.40 -25.56 -40.57
CA LEU A 418 -7.77 -24.22 -41.03
C LEU A 418 -6.56 -23.29 -41.02
N LEU A 419 -5.68 -23.42 -40.02
CA LEU A 419 -4.49 -22.57 -39.96
C LEU A 419 -3.55 -22.85 -41.13
N SER A 420 -3.39 -24.12 -41.51
CA SER A 420 -2.46 -24.51 -42.56
C SER A 420 -2.92 -24.09 -43.95
N LEU A 421 -4.15 -23.63 -44.10
CA LEU A 421 -4.65 -23.23 -45.40
C LEU A 421 -4.28 -21.79 -45.74
N PHE A 422 -4.30 -20.89 -44.75
CA PHE A 422 -4.00 -19.49 -44.96
C PHE A 422 -2.53 -19.19 -44.65
N MET A 423 -2.13 -18.00 -45.06
CA MET A 423 -0.74 -17.55 -45.04
C MET A 423 -0.68 -16.26 -44.23
N VAL A 424 -0.37 -16.38 -42.94
CA VAL A 424 -0.51 -15.26 -42.01
C VAL A 424 0.61 -14.26 -42.22
N ASN A 425 0.29 -12.99 -42.05
CA ASN A 425 1.22 -11.88 -42.22
C ASN A 425 1.35 -11.01 -41.00
N GLU A 426 0.26 -10.79 -40.27
CA GLU A 426 0.26 -9.97 -39.07
C GLU A 426 -0.85 -10.45 -38.15
N PHE A 427 -0.55 -10.58 -36.87
CA PHE A 427 -1.58 -10.82 -35.87
C PHE A 427 -1.31 -9.95 -34.66
N SER A 428 -2.38 -9.58 -33.97
CA SER A 428 -2.28 -8.73 -32.79
C SER A 428 -3.42 -9.10 -31.85
N CYS A 429 -3.09 -9.82 -30.78
CA CYS A 429 -4.08 -10.30 -29.83
C CYS A 429 -4.09 -9.40 -28.59
N ASP A 430 -5.26 -9.32 -27.95
CA ASP A 430 -5.44 -8.54 -26.72
C ASP A 430 -6.26 -9.37 -25.74
N GLY A 431 -5.60 -9.88 -24.71
CA GLY A 431 -6.23 -10.71 -23.70
C GLY A 431 -6.00 -12.19 -23.88
N ILE A 432 -5.53 -12.61 -25.04
CA ILE A 432 -5.26 -14.01 -25.32
C ILE A 432 -4.08 -14.05 -26.28
N SER A 433 -3.62 -15.24 -26.64
CA SER A 433 -2.58 -15.43 -27.64
C SER A 433 -3.04 -16.50 -28.62
N PRO A 434 -2.49 -16.52 -29.84
CA PRO A 434 -2.89 -17.56 -30.80
C PRO A 434 -2.63 -18.97 -30.30
N ASP A 435 -1.53 -19.18 -29.60
CA ASP A 435 -1.23 -20.51 -29.08
C ASP A 435 -2.25 -20.92 -28.02
N ALA A 436 -2.78 -19.96 -27.28
CA ALA A 436 -3.85 -20.25 -26.33
C ALA A 436 -5.19 -20.45 -27.02
N ILE A 437 -5.43 -19.75 -28.14
CA ILE A 437 -6.65 -20.00 -28.90
C ILE A 437 -6.64 -21.39 -29.50
N ALA A 438 -5.45 -21.87 -29.90
CA ALA A 438 -5.31 -23.18 -30.52
C ALA A 438 -5.36 -24.34 -29.52
N ARG A 439 -5.56 -24.07 -28.23
CA ARG A 439 -5.48 -25.13 -27.24
C ARG A 439 -6.52 -25.05 -26.14
N GLY A 440 -7.50 -24.16 -26.22
CA GLY A 440 -8.42 -23.91 -25.13
C GLY A 440 -9.86 -24.24 -25.48
N CYS A 441 -10.71 -24.12 -24.47
CA CYS A 441 -12.14 -24.35 -24.59
C CYS A 441 -12.90 -23.09 -24.21
N TYR A 442 -13.91 -22.74 -25.00
CA TYR A 442 -14.64 -21.51 -24.87
C TYR A 442 -16.13 -21.78 -24.91
N SER A 443 -16.90 -20.88 -24.31
CA SER A 443 -18.35 -20.98 -24.42
C SER A 443 -18.86 -20.47 -25.77
N SER A 444 -18.05 -19.71 -26.49
CA SER A 444 -18.44 -19.14 -27.76
C SER A 444 -17.18 -18.71 -28.52
N LEU A 445 -17.26 -18.75 -29.84
CA LEU A 445 -16.20 -18.26 -30.73
C LEU A 445 -16.84 -17.44 -31.83
N THR A 446 -16.48 -16.17 -31.92
CA THR A 446 -17.03 -15.24 -32.90
C THR A 446 -15.94 -14.84 -33.90
N VAL A 447 -16.26 -14.93 -35.18
CA VAL A 447 -15.31 -14.63 -36.25
C VAL A 447 -15.92 -13.61 -37.18
N ASP A 448 -15.23 -12.48 -37.36
CA ASP A 448 -15.53 -11.52 -38.42
C ASP A 448 -14.45 -11.64 -39.48
N TYR A 449 -14.85 -11.88 -40.72
CA TYR A 449 -13.90 -12.06 -41.80
C TYR A 449 -14.39 -11.34 -43.05
N PHE A 450 -13.44 -10.94 -43.88
CA PHE A 450 -13.71 -10.13 -45.06
C PHE A 450 -12.45 -10.10 -45.92
N ALA A 451 -12.57 -9.49 -47.08
CA ALA A 451 -11.42 -9.25 -47.96
C ALA A 451 -10.81 -7.90 -47.65
N TYR A 452 -9.48 -7.86 -47.51
CA TYR A 452 -8.77 -6.66 -47.09
C TYR A 452 -7.35 -6.67 -47.64
N PRO A 453 -6.88 -5.56 -48.18
CA PRO A 453 -5.50 -5.50 -48.67
C PRO A 453 -4.47 -5.31 -47.54
N LEU A 454 -3.31 -5.93 -47.74
CA LEU A 454 -2.26 -5.91 -46.73
C LEU A 454 -1.67 -4.51 -46.55
N SER A 455 -1.60 -3.73 -47.63
CA SER A 455 -1.04 -2.38 -47.55
C SER A 455 -1.88 -1.44 -46.70
N MET A 456 -3.11 -1.84 -46.35
CA MET A 456 -4.03 -1.00 -45.59
C MET A 456 -4.22 -1.47 -44.16
N LYS A 457 -3.35 -2.34 -43.65
CA LYS A 457 -3.61 -2.97 -42.36
C LYS A 457 -3.23 -2.10 -41.17
N SER A 458 -2.67 -0.92 -41.39
CA SER A 458 -2.46 0.03 -40.32
C SER A 458 -3.70 0.87 -40.04
N TYR A 459 -4.67 0.87 -40.95
CA TYR A 459 -5.92 1.58 -40.77
C TYR A 459 -6.90 0.81 -39.90
N MET A 460 -6.56 -0.40 -39.45
CA MET A 460 -7.38 -1.13 -38.50
C MET A 460 -6.67 -1.34 -37.17
N GLN A 461 -5.64 -0.55 -36.88
CA GLN A 461 -5.00 -0.60 -35.59
C GLN A 461 -5.85 0.11 -34.55
N PRO A 462 -5.69 -0.21 -33.27
CA PRO A 462 -6.36 0.55 -32.22
C PRO A 462 -5.88 2.00 -32.21
N GLY A 463 -6.83 2.92 -32.36
CA GLY A 463 -6.54 4.34 -32.32
C GLY A 463 -6.36 5.02 -33.66
N SER A 464 -6.50 4.30 -34.76
CA SER A 464 -6.28 4.89 -36.07
C SER A 464 -7.35 5.91 -36.40
N ALA A 465 -7.00 6.81 -37.32
CA ALA A 465 -7.79 8.02 -37.58
C ALA A 465 -8.37 8.10 -38.98
N GLY A 466 -8.29 7.06 -39.79
CA GLY A 466 -8.74 7.12 -41.16
C GLY A 466 -10.20 6.80 -41.34
N VAL A 467 -10.54 6.35 -42.54
CA VAL A 467 -11.94 6.09 -42.89
C VAL A 467 -12.40 4.68 -42.52
N ILE A 468 -11.47 3.74 -42.32
CA ILE A 468 -11.86 2.37 -42.04
C ILE A 468 -12.51 2.27 -40.65
N SER A 469 -11.87 2.87 -39.65
CA SER A 469 -12.42 2.83 -38.29
C SER A 469 -13.66 3.70 -38.15
N GLN A 470 -13.86 4.65 -39.06
CA GLN A 470 -15.02 5.54 -38.99
C GLN A 470 -16.24 4.97 -39.69
N TYR A 471 -16.06 4.33 -40.85
CA TYR A 471 -17.19 3.93 -41.67
C TYR A 471 -17.20 2.46 -42.09
N ASN A 472 -16.17 1.69 -41.79
CA ASN A 472 -16.09 0.33 -42.31
C ASN A 472 -16.09 -0.72 -41.22
N TYR A 473 -15.16 -0.65 -40.26
CA TYR A 473 -15.07 -1.66 -39.21
C TYR A 473 -14.23 -1.10 -38.08
N LYS A 474 -14.79 -1.07 -36.88
CA LYS A 474 -14.05 -0.75 -35.66
C LYS A 474 -14.02 -1.99 -34.78
N GLN A 475 -12.82 -2.41 -34.40
CA GLN A 475 -12.69 -3.60 -33.56
C GLN A 475 -13.10 -3.30 -32.13
N SER A 476 -13.96 -4.15 -31.57
CA SER A 476 -14.37 -4.05 -30.19
C SER A 476 -13.40 -4.78 -29.28
N PHE A 477 -13.28 -4.29 -28.05
CA PHE A 477 -12.37 -4.88 -27.07
C PHE A 477 -13.08 -5.20 -25.77
N ALA A 478 -14.33 -5.68 -25.86
CA ALA A 478 -15.06 -6.10 -24.68
C ALA A 478 -14.70 -7.52 -24.28
N ASN A 479 -14.47 -8.39 -25.24
CA ASN A 479 -14.02 -9.76 -25.05
C ASN A 479 -12.57 -9.90 -25.45
N PRO A 480 -11.90 -10.99 -25.05
CA PRO A 480 -10.57 -11.26 -25.59
C PRO A 480 -10.64 -11.48 -27.09
N THR A 481 -9.82 -10.73 -27.83
CA THR A 481 -9.93 -10.66 -29.27
C THR A 481 -8.54 -10.74 -29.90
N CYS A 482 -8.52 -10.90 -31.23
CA CYS A 482 -7.27 -10.94 -31.97
C CYS A 482 -7.50 -10.60 -33.43
N ARG A 483 -6.65 -9.75 -33.99
CA ARG A 483 -6.65 -9.44 -35.41
C ARG A 483 -5.71 -10.38 -36.15
N ILE A 484 -6.11 -10.83 -37.33
CA ILE A 484 -5.26 -11.64 -38.20
C ILE A 484 -5.41 -11.15 -39.62
N PHE A 485 -4.28 -10.93 -40.29
CA PHE A 485 -4.24 -10.65 -41.72
C PHE A 485 -3.49 -11.78 -42.41
N ALA A 486 -4.14 -12.41 -43.38
CA ALA A 486 -3.62 -13.61 -44.01
C ALA A 486 -3.83 -13.54 -45.50
N THR A 487 -3.22 -14.49 -46.21
CA THR A 487 -3.33 -14.61 -47.66
C THR A 487 -3.80 -16.01 -48.01
N ALA A 488 -4.82 -16.10 -48.87
CA ALA A 488 -5.34 -17.37 -49.31
C ALA A 488 -4.65 -17.81 -50.59
N PRO A 489 -4.04 -19.00 -50.63
CA PRO A 489 -3.51 -19.51 -51.90
C PRO A 489 -4.63 -19.68 -52.93
N ALA A 490 -4.30 -19.41 -54.19
CA ALA A 490 -5.30 -19.26 -55.24
C ALA A 490 -5.86 -20.58 -55.76
N ASN A 491 -5.20 -21.71 -55.49
CA ASN A 491 -5.62 -22.97 -56.09
C ASN A 491 -6.68 -23.70 -55.28
N LEU A 492 -7.18 -23.12 -54.21
CA LEU A 492 -8.24 -23.73 -53.41
C LEU A 492 -9.61 -23.19 -53.82
N THR A 493 -10.64 -23.49 -53.02
CA THR A 493 -12.01 -23.18 -53.39
C THR A 493 -12.32 -21.69 -53.27
N ILE A 494 -11.52 -20.94 -52.52
CA ILE A 494 -11.78 -19.52 -52.33
C ILE A 494 -11.41 -18.76 -53.59
N THR A 495 -12.32 -17.89 -54.04
CA THR A 495 -12.11 -17.08 -55.23
C THR A 495 -11.86 -15.64 -54.84
N LYS A 496 -11.59 -14.80 -55.84
CA LYS A 496 -11.22 -13.42 -55.60
C LYS A 496 -12.35 -12.48 -56.00
N PRO A 497 -12.58 -11.41 -55.24
CA PRO A 497 -13.49 -10.35 -55.69
C PRO A 497 -12.92 -9.58 -56.87
N SER A 498 -13.68 -8.62 -57.38
CA SER A 498 -13.19 -7.80 -58.49
C SER A 498 -12.10 -6.83 -58.02
N SER A 499 -12.20 -6.34 -56.79
CA SER A 499 -11.24 -5.40 -56.23
C SER A 499 -11.59 -5.22 -54.75
N TYR A 500 -10.78 -4.42 -54.07
CA TYR A 500 -11.02 -4.07 -52.67
C TYR A 500 -11.72 -2.72 -52.62
N SER A 501 -12.80 -2.64 -51.84
CA SER A 501 -13.57 -1.41 -51.74
C SER A 501 -13.88 -1.12 -50.28
N PHE A 502 -14.08 0.16 -49.98
CA PHE A 502 -14.48 0.58 -48.64
C PHE A 502 -15.37 1.81 -48.76
N ILE A 503 -15.76 2.37 -47.62
CA ILE A 503 -16.58 3.58 -47.56
C ILE A 503 -15.69 4.72 -47.09
N SER A 504 -15.58 5.77 -47.91
CA SER A 504 -14.72 6.90 -47.60
C SER A 504 -15.45 8.07 -46.98
N LYS A 505 -16.78 8.12 -47.08
CA LYS A 505 -17.57 9.13 -46.40
C LYS A 505 -18.93 8.54 -46.11
N CYS A 506 -19.49 8.90 -44.96
CA CYS A 506 -20.88 8.59 -44.63
C CYS A 506 -21.39 9.76 -43.81
N SER A 507 -22.33 10.52 -44.35
CA SER A 507 -22.74 11.77 -43.73
C SER A 507 -24.20 12.06 -44.02
N ARG A 508 -24.79 12.88 -43.15
CA ARG A 508 -26.17 13.30 -43.28
C ARG A 508 -26.22 14.80 -43.60
N LEU A 509 -26.94 15.16 -44.66
CA LEU A 509 -27.17 16.56 -44.98
C LEU A 509 -28.45 17.02 -44.31
N THR A 510 -28.35 18.08 -43.50
CA THR A 510 -29.49 18.60 -42.76
C THR A 510 -29.53 20.12 -42.93
N GLY A 511 -30.67 20.69 -42.58
CA GLY A 511 -30.91 22.11 -42.72
C GLY A 511 -32.00 22.39 -43.75
N ASP A 512 -32.28 23.69 -43.93
CA ASP A 512 -33.30 24.10 -44.87
C ASP A 512 -32.93 23.75 -46.31
N ASN A 513 -31.65 23.94 -46.66
CA ASN A 513 -31.15 23.64 -48.00
C ASN A 513 -30.07 22.56 -47.98
N SER A 514 -30.05 21.74 -46.93
CA SER A 514 -29.04 20.68 -46.77
C SER A 514 -27.62 21.25 -46.89
N HIS A 515 -27.40 22.39 -46.26
CA HIS A 515 -26.09 23.04 -46.26
C HIS A 515 -25.21 22.59 -45.10
N ILE A 516 -25.73 21.79 -44.18
CA ILE A 516 -24.99 21.31 -43.02
C ILE A 516 -24.67 19.84 -43.25
N GLU A 517 -23.38 19.50 -43.19
CA GLU A 517 -22.92 18.15 -43.41
C GLU A 517 -22.32 17.62 -42.11
N THR A 518 -22.86 16.51 -41.61
CA THR A 518 -22.42 15.94 -40.35
C THR A 518 -22.07 14.46 -40.55
N PRO A 519 -20.90 14.02 -40.12
CA PRO A 519 -20.51 12.62 -40.33
C PRO A 519 -21.33 11.65 -39.48
N ILE A 520 -21.55 10.46 -40.03
CA ILE A 520 -22.15 9.35 -39.31
C ILE A 520 -21.09 8.27 -39.17
N VAL A 521 -20.76 7.92 -37.93
CA VAL A 521 -19.68 6.99 -37.66
C VAL A 521 -20.25 5.75 -36.98
N ILE A 522 -19.52 4.64 -37.11
CA ILE A 522 -19.98 3.36 -36.62
C ILE A 522 -19.51 3.17 -35.17
N ASN A 523 -20.15 2.22 -34.50
CA ASN A 523 -19.73 1.71 -33.22
C ASN A 523 -18.89 0.45 -33.41
N PRO A 524 -18.12 0.04 -32.40
CA PRO A 524 -17.28 -1.16 -32.55
C PRO A 524 -18.12 -2.40 -32.82
N GLY A 525 -17.72 -3.17 -33.83
CA GLY A 525 -18.38 -4.40 -34.18
C GLY A 525 -19.66 -4.26 -34.96
N GLU A 526 -20.01 -3.06 -35.41
CA GLU A 526 -21.29 -2.80 -36.04
C GLU A 526 -21.11 -2.45 -37.51
N TYR A 527 -22.22 -2.54 -38.25
CA TYR A 527 -22.24 -2.19 -39.65
C TYR A 527 -22.58 -0.71 -39.85
N SER A 528 -22.09 -0.15 -40.94
CA SER A 528 -22.41 1.23 -41.30
C SER A 528 -23.74 1.29 -42.02
N ILE A 529 -24.48 2.38 -41.78
CA ILE A 529 -25.73 2.59 -42.50
C ILE A 529 -25.48 2.73 -44.00
N CYS A 530 -24.27 3.09 -44.38
CA CYS A 530 -23.91 3.31 -45.77
C CYS A 530 -23.62 2.03 -46.54
N LYS A 531 -23.62 0.86 -45.89
CA LYS A 531 -23.36 -0.39 -46.58
C LYS A 531 -24.45 -0.75 -47.58
N ASN A 532 -25.66 -0.25 -47.37
CA ASN A 532 -26.77 -0.61 -48.26
C ASN A 532 -26.56 -0.06 -49.66
N PHE A 533 -25.88 1.07 -49.76
CA PHE A 533 -25.37 1.56 -51.04
C PHE A 533 -24.24 0.66 -51.50
N ALA A 534 -24.49 -0.11 -52.56
CA ALA A 534 -23.51 -1.02 -53.13
C ALA A 534 -23.02 -2.02 -52.09
N PRO A 535 -23.87 -2.97 -51.66
CA PRO A 535 -23.43 -3.93 -50.63
C PRO A 535 -22.41 -4.94 -51.13
N ASN A 536 -22.21 -5.05 -52.45
CA ASN A 536 -21.28 -6.01 -53.03
C ASN A 536 -19.94 -5.39 -53.40
N GLY A 537 -19.69 -4.16 -53.00
CA GLY A 537 -18.45 -3.49 -53.32
C GLY A 537 -18.72 -2.37 -54.32
N PHE A 538 -17.99 -1.27 -54.17
CA PHE A 538 -18.12 -0.15 -55.09
C PHE A 538 -17.45 -0.47 -56.41
N SER A 539 -17.80 0.33 -57.43
CA SER A 539 -17.44 -0.01 -58.80
C SER A 539 -16.46 0.96 -59.46
N GLN A 540 -16.44 2.24 -59.08
CA GLN A 540 -15.77 3.22 -59.92
C GLN A 540 -14.88 4.21 -59.20
N ASP A 541 -14.54 3.99 -57.93
CA ASP A 541 -13.61 4.85 -57.19
C ASP A 541 -14.05 6.31 -57.28
N GLY A 542 -15.17 6.59 -56.63
CA GLY A 542 -15.77 7.91 -56.76
C GLY A 542 -17.28 7.85 -56.76
N ASP A 543 -17.83 6.65 -56.62
CA ASP A 543 -19.27 6.47 -56.62
C ASP A 543 -19.93 7.33 -55.56
N TYR A 544 -20.98 8.04 -55.95
CA TYR A 544 -21.66 9.01 -55.11
C TYR A 544 -23.12 8.62 -55.00
N PHE A 545 -23.66 8.63 -53.78
CA PHE A 545 -25.04 8.19 -53.58
C PHE A 545 -25.76 9.15 -52.64
N THR A 546 -27.08 9.19 -52.78
CA THR A 546 -27.99 9.94 -51.92
C THR A 546 -29.25 9.10 -51.76
N ARG A 547 -29.84 9.11 -50.56
CA ARG A 547 -31.04 8.31 -50.35
C ARG A 547 -32.27 9.17 -50.04
N GLN A 548 -32.30 9.85 -48.89
CA GLN A 548 -33.42 10.68 -48.45
C GLN A 548 -34.76 10.14 -48.91
N LEU A 549 -35.08 8.88 -48.61
CA LEU A 549 -36.26 8.24 -49.16
C LEU A 549 -37.45 8.35 -48.21
N SER A 550 -37.34 7.76 -47.03
CA SER A 550 -38.33 7.88 -45.96
C SER A 550 -37.61 8.04 -44.63
N GLN A 551 -36.49 8.78 -44.66
CA GLN A 551 -35.59 8.85 -43.53
C GLN A 551 -36.31 9.32 -42.26
N LEU A 552 -37.18 10.33 -42.40
CA LEU A 552 -37.80 11.09 -41.32
C LEU A 552 -36.77 11.71 -40.37
N GLU A 553 -35.49 11.71 -40.72
CA GLU A 553 -34.50 12.47 -39.97
C GLU A 553 -33.42 13.16 -40.80
N GLY A 554 -33.44 13.10 -42.12
CA GLY A 554 -32.44 13.85 -42.87
C GLY A 554 -32.17 13.24 -44.24
N GLY A 555 -30.96 13.53 -44.75
CA GLY A 555 -30.60 13.27 -46.13
C GLY A 555 -29.91 11.96 -46.46
N GLY A 556 -28.82 11.63 -45.77
CA GLY A 556 -28.17 10.35 -45.96
C GLY A 556 -27.32 10.18 -47.21
N ILE A 557 -26.19 10.87 -47.28
CA ILE A 557 -25.31 10.82 -48.45
C ILE A 557 -24.04 10.05 -48.11
N LEU A 558 -23.42 9.48 -49.14
CA LEU A 558 -22.02 9.07 -49.04
C LEU A 558 -21.36 9.25 -50.40
N VAL A 559 -20.21 9.90 -50.43
CA VAL A 559 -19.29 9.74 -51.57
C VAL A 559 -18.36 8.60 -51.18
N GLY A 560 -18.88 7.39 -51.31
CA GLY A 560 -18.13 6.22 -50.91
C GLY A 560 -17.14 5.87 -51.98
N VAL A 561 -16.17 6.76 -52.22
CA VAL A 561 -15.18 6.48 -53.26
C VAL A 561 -14.51 5.16 -52.96
N GLY A 562 -14.08 4.96 -51.72
CA GLY A 562 -13.54 3.71 -51.25
C GLY A 562 -12.55 3.16 -52.24
N SER A 563 -11.39 3.82 -52.34
CA SER A 563 -10.48 3.60 -53.46
C SER A 563 -10.42 2.13 -53.82
N VAL A 564 -10.75 1.82 -55.06
CA VAL A 564 -11.24 0.50 -55.43
C VAL A 564 -10.02 -0.30 -55.85
N THR A 565 -8.90 0.00 -55.19
CA THR A 565 -7.54 -0.38 -55.51
C THR A 565 -7.51 -1.78 -56.11
N PRO A 566 -6.77 -1.97 -57.20
CA PRO A 566 -6.87 -3.21 -57.96
C PRO A 566 -6.55 -4.42 -57.11
N MET A 567 -7.23 -5.51 -57.39
CA MET A 567 -6.97 -6.75 -56.68
C MET A 567 -5.53 -7.18 -56.88
N THR A 568 -4.93 -7.65 -55.80
CA THR A 568 -3.56 -8.14 -55.84
C THR A 568 -3.51 -9.49 -56.52
N ASP A 569 -2.29 -9.97 -56.75
CA ASP A 569 -2.12 -11.27 -57.40
C ASP A 569 -2.74 -12.39 -56.57
N THR A 570 -2.52 -12.37 -55.26
CA THR A 570 -3.15 -13.30 -54.35
C THR A 570 -4.20 -12.57 -53.51
N LEU A 571 -5.26 -13.28 -53.17
CA LEU A 571 -6.30 -12.69 -52.34
C LEU A 571 -5.81 -12.54 -50.90
N GLN A 572 -6.14 -11.40 -50.29
CA GLN A 572 -5.78 -11.09 -48.92
C GLN A 572 -7.05 -10.84 -48.12
N MET A 573 -7.07 -11.33 -46.88
CA MET A 573 -8.27 -11.31 -46.06
C MET A 573 -7.94 -10.85 -44.65
N GLY A 574 -8.94 -10.25 -44.00
CA GLY A 574 -8.85 -9.82 -42.61
C GLY A 574 -9.73 -10.69 -41.73
N PHE A 575 -9.27 -10.95 -40.51
CA PHE A 575 -9.96 -11.81 -39.56
C PHE A 575 -9.96 -11.16 -38.20
N ILE A 576 -11.13 -11.06 -37.58
CA ILE A 576 -11.28 -10.50 -36.24
C ILE A 576 -11.85 -11.60 -35.36
N ILE A 577 -11.00 -12.21 -34.55
CA ILE A 577 -11.37 -13.34 -33.71
C ILE A 577 -11.70 -12.83 -32.32
N SER A 578 -12.66 -13.49 -31.67
CA SER A 578 -13.02 -13.15 -30.30
C SER A 578 -13.61 -14.39 -29.63
N VAL A 579 -13.28 -14.60 -28.36
CA VAL A 579 -13.74 -15.76 -27.61
C VAL A 579 -14.41 -15.30 -26.33
N GLN A 580 -15.26 -16.17 -25.78
CA GLN A 580 -15.99 -15.90 -24.55
C GLN A 580 -15.85 -17.06 -23.60
N TYR A 581 -15.82 -16.76 -22.31
CA TYR A 581 -15.73 -17.75 -21.25
C TYR A 581 -16.92 -17.61 -20.30
N GLY A 582 -17.45 -18.74 -19.87
CA GLY A 582 -18.44 -18.78 -18.81
C GLY A 582 -19.82 -18.30 -19.16
N THR A 583 -20.05 -17.87 -20.40
CA THR A 583 -21.37 -17.45 -20.83
C THR A 583 -22.26 -18.63 -21.18
N ASP A 584 -21.70 -19.83 -21.16
CA ASP A 584 -22.36 -21.08 -21.51
C ASP A 584 -21.51 -22.18 -20.91
N THR A 585 -21.77 -23.42 -21.31
CA THR A 585 -20.77 -24.47 -21.10
C THR A 585 -19.63 -24.24 -22.08
N ASN A 586 -18.39 -24.41 -21.62
CA ASN A 586 -17.24 -24.09 -22.45
C ASN A 586 -17.11 -25.14 -23.55
N SER A 587 -18.06 -25.15 -24.47
CA SER A 587 -18.28 -26.28 -25.36
C SER A 587 -17.52 -26.21 -26.67
N VAL A 588 -16.88 -25.08 -26.97
CA VAL A 588 -16.09 -24.95 -28.19
C VAL A 588 -14.67 -25.39 -27.84
N CYS A 589 -14.35 -26.64 -28.14
CA CYS A 589 -13.12 -27.27 -27.73
C CYS A 589 -12.33 -27.78 -28.92
N PRO A 590 -11.02 -27.95 -28.80
CA PRO A 590 -10.23 -28.47 -29.92
C PRO A 590 -10.42 -29.96 -30.09
N MET A 591 -10.03 -30.44 -31.27
CA MET A 591 -10.10 -31.86 -31.56
C MET A 591 -9.04 -32.60 -30.76
N MET A 592 -9.45 -33.68 -30.10
CA MET A 592 -8.54 -34.54 -29.36
C MET A 592 -9.09 -35.95 -29.30
N ASP A 593 -8.27 -36.86 -28.79
CA ASP A 593 -8.64 -38.25 -28.53
C ASP A 593 -8.24 -38.63 -27.11
N LEU A 594 -8.60 -37.76 -26.16
CA LEU A 594 -8.19 -37.96 -24.77
C LEU A 594 -8.77 -39.24 -24.20
N GLY A 595 -10.05 -39.51 -24.48
CA GLY A 595 -10.71 -40.65 -23.88
C GLY A 595 -11.46 -40.23 -22.63
N ASN A 596 -12.79 -40.28 -22.68
CA ASN A 596 -13.62 -39.77 -21.59
C ASN A 596 -13.43 -40.63 -20.35
N SER A 597 -12.75 -40.09 -19.35
CA SER A 597 -12.73 -40.69 -18.02
C SER A 597 -14.11 -40.42 -17.42
N THR A 598 -15.06 -41.26 -17.81
CA THR A 598 -16.48 -40.94 -17.70
C THR A 598 -16.87 -40.50 -16.30
N THR A 599 -16.48 -41.26 -15.29
CA THR A 599 -16.85 -40.94 -13.93
C THR A 599 -15.70 -41.24 -12.98
N ILE A 600 -15.74 -40.60 -11.82
CA ILE A 600 -14.76 -40.80 -10.76
C ILE A 600 -15.46 -41.36 -9.53
N THR A 601 -16.46 -42.23 -9.76
CA THR A 601 -17.24 -42.81 -8.67
C THR A 601 -16.34 -43.34 -7.55
N ASP A 602 -15.23 -43.98 -7.91
CA ASP A 602 -14.28 -44.48 -6.92
C ASP A 602 -13.08 -43.56 -6.78
N LYS A 603 -13.26 -42.26 -7.04
CA LYS A 603 -12.23 -41.25 -6.81
C LYS A 603 -12.82 -40.07 -6.06
N LEU A 604 -13.77 -40.32 -5.16
CA LEU A 604 -14.42 -39.27 -4.40
C LEU A 604 -13.57 -38.90 -3.20
N GLY A 605 -13.22 -37.62 -3.09
CA GLY A 605 -12.40 -37.12 -2.01
C GLY A 605 -10.96 -36.88 -2.38
N VAL A 606 -10.51 -37.40 -3.51
CA VAL A 606 -9.12 -37.26 -3.93
C VAL A 606 -8.98 -36.01 -4.81
N CYS A 607 -7.81 -35.40 -4.76
CA CYS A 607 -7.53 -34.20 -5.55
C CYS A 607 -7.35 -34.59 -7.01
N VAL A 608 -8.18 -34.03 -7.89
CA VAL A 608 -8.16 -34.35 -9.31
C VAL A 608 -8.25 -33.08 -10.13
N GLU A 609 -7.58 -33.11 -11.29
CA GLU A 609 -7.81 -32.12 -12.34
C GLU A 609 -9.04 -32.52 -13.15
N TYR A 610 -9.78 -31.52 -13.63
CA TYR A 610 -11.00 -31.79 -14.37
C TYR A 610 -11.07 -30.95 -15.64
N ASN A 611 -11.73 -31.49 -16.65
CA ASN A 611 -12.08 -30.79 -17.88
C ASN A 611 -13.49 -31.26 -18.22
N LEU A 612 -14.48 -30.49 -17.79
CA LEU A 612 -15.88 -30.90 -17.82
C LEU A 612 -16.63 -29.94 -18.74
N TYR A 613 -16.96 -30.42 -19.93
CA TYR A 613 -17.54 -29.58 -20.98
C TYR A 613 -16.74 -28.29 -21.18
N GLY A 614 -15.42 -28.39 -21.03
CA GLY A 614 -14.50 -27.32 -21.33
C GLY A 614 -14.03 -26.52 -20.13
N VAL A 615 -14.74 -26.56 -19.02
CA VAL A 615 -14.26 -25.88 -17.82
C VAL A 615 -13.09 -26.67 -17.25
N SER A 616 -11.98 -25.98 -17.02
CA SER A 616 -10.72 -26.61 -16.69
C SER A 616 -10.25 -26.14 -15.32
N GLY A 617 -9.96 -27.08 -14.43
CA GLY A 617 -9.50 -26.72 -13.11
C GLY A 617 -8.99 -27.90 -12.33
N ARG A 618 -8.91 -27.70 -11.01
CA ARG A 618 -8.44 -28.71 -10.08
C ARG A 618 -9.25 -28.59 -8.81
N GLY A 619 -9.58 -29.73 -8.20
CA GLY A 619 -10.40 -29.70 -7.01
C GLY A 619 -10.85 -31.09 -6.61
N VAL A 620 -11.66 -31.10 -5.56
CA VAL A 620 -12.11 -32.33 -4.91
C VAL A 620 -13.60 -32.48 -5.12
N PHE A 621 -14.03 -33.68 -5.51
CA PHE A 621 -15.42 -33.95 -5.84
C PHE A 621 -16.03 -34.83 -4.76
N ILE A 622 -17.19 -34.42 -4.26
CA ILE A 622 -17.86 -35.10 -3.16
C ILE A 622 -19.36 -35.15 -3.46
N ASN A 623 -19.95 -36.34 -3.31
CA ASN A 623 -21.38 -36.50 -3.58
C ASN A 623 -22.19 -35.68 -2.58
N CYS A 624 -23.15 -34.90 -3.08
CA CYS A 624 -23.94 -34.01 -2.26
C CYS A 624 -25.38 -34.00 -2.75
N THR A 625 -26.25 -33.40 -1.94
CA THR A 625 -27.64 -33.18 -2.34
C THR A 625 -27.69 -32.11 -3.43
N ALA A 626 -28.53 -32.33 -4.44
CA ALA A 626 -28.61 -31.42 -5.57
C ALA A 626 -29.15 -30.06 -5.14
N VAL A 627 -28.42 -29.00 -5.50
CA VAL A 627 -28.84 -27.63 -5.27
C VAL A 627 -28.74 -26.86 -6.59
N GLY A 628 -29.20 -25.63 -6.58
CA GLY A 628 -29.14 -24.83 -7.79
C GLY A 628 -30.08 -25.35 -8.87
N VAL A 629 -29.77 -24.98 -10.11
CA VAL A 629 -30.54 -25.40 -11.27
C VAL A 629 -29.74 -26.46 -12.00
N LYS A 630 -30.34 -27.65 -12.15
CA LYS A 630 -29.68 -28.75 -12.84
C LYS A 630 -29.47 -28.44 -14.32
N GLN A 631 -30.39 -27.68 -14.91
CA GLN A 631 -30.29 -27.31 -16.32
C GLN A 631 -29.03 -26.52 -16.62
N GLN A 632 -28.52 -25.75 -15.66
CA GLN A 632 -27.36 -24.89 -15.90
C GLN A 632 -26.03 -25.63 -15.75
N ARG A 633 -26.03 -26.81 -15.13
CA ARG A 633 -24.92 -27.76 -15.10
C ARG A 633 -23.75 -27.30 -14.23
N PHE A 634 -23.74 -26.04 -13.79
CA PHE A 634 -22.68 -25.56 -12.92
C PHE A 634 -23.29 -24.68 -11.83
N VAL A 635 -22.72 -24.79 -10.63
CA VAL A 635 -23.07 -23.93 -9.51
C VAL A 635 -21.83 -23.16 -9.12
N TYR A 636 -21.94 -21.84 -9.05
CA TYR A 636 -20.85 -20.96 -8.66
C TYR A 636 -21.19 -20.26 -7.36
N ASP A 637 -20.20 -19.56 -6.81
CA ASP A 637 -20.38 -18.73 -5.64
C ASP A 637 -20.48 -17.27 -6.07
N GLY A 638 -20.48 -16.35 -5.10
CA GLY A 638 -20.55 -14.94 -5.43
C GLY A 638 -19.32 -14.38 -6.11
N PHE A 639 -18.20 -15.10 -6.05
CA PHE A 639 -16.97 -14.69 -6.71
C PHE A 639 -16.70 -15.44 -8.01
N ASP A 640 -17.71 -16.15 -8.52
CA ASP A 640 -17.59 -16.93 -9.75
C ASP A 640 -16.53 -18.04 -9.63
N ASN A 641 -16.72 -18.88 -8.62
CA ASN A 641 -15.88 -20.05 -8.40
C ASN A 641 -16.77 -21.29 -8.41
N LEU A 642 -16.33 -22.32 -9.14
CA LEU A 642 -17.12 -23.54 -9.25
C LEU A 642 -17.14 -24.27 -7.92
N ILE A 643 -18.34 -24.59 -7.44
CA ILE A 643 -18.50 -25.28 -6.16
C ILE A 643 -19.48 -26.44 -6.34
N GLY A 644 -20.11 -26.52 -7.51
CA GLY A 644 -21.04 -27.59 -7.79
C GLY A 644 -20.89 -28.08 -9.22
N TYR A 645 -21.47 -29.24 -9.49
CA TYR A 645 -21.46 -29.81 -10.83
C TYR A 645 -22.46 -30.95 -10.97
N TYR A 646 -23.35 -30.86 -11.96
CA TYR A 646 -24.32 -31.91 -12.25
C TYR A 646 -23.71 -32.86 -13.28
N SER A 647 -23.35 -34.05 -12.84
CA SER A 647 -22.59 -34.97 -13.68
C SER A 647 -23.50 -35.70 -14.67
N ASP A 648 -22.86 -36.32 -15.67
CA ASP A 648 -23.59 -37.12 -16.64
C ASP A 648 -24.13 -38.40 -16.01
N ASP A 649 -23.45 -38.91 -14.97
CA ASP A 649 -23.92 -40.13 -14.31
C ASP A 649 -25.27 -39.92 -13.65
N GLY A 650 -25.54 -38.71 -13.15
CA GLY A 650 -26.79 -38.40 -12.49
C GLY A 650 -26.63 -37.82 -11.10
N ASN A 651 -25.43 -37.66 -10.59
CA ASN A 651 -25.19 -37.16 -9.23
C ASN A 651 -24.69 -35.72 -9.27
N TYR A 652 -24.99 -34.99 -8.21
CA TYR A 652 -24.46 -33.65 -8.01
C TYR A 652 -23.27 -33.72 -7.05
N TYR A 653 -22.15 -33.12 -7.44
CA TYR A 653 -20.93 -33.15 -6.64
C TYR A 653 -20.51 -31.75 -6.24
N CYS A 654 -20.24 -31.56 -4.95
CA CYS A 654 -19.59 -30.35 -4.48
C CYS A 654 -18.14 -30.35 -4.94
N VAL A 655 -17.70 -29.24 -5.54
CA VAL A 655 -16.36 -29.13 -6.10
C VAL A 655 -15.52 -28.40 -5.05
N ARG A 656 -14.90 -29.16 -4.18
CA ARG A 656 -14.15 -28.42 -3.17
C ARG A 656 -12.73 -28.16 -3.67
N PRO A 657 -12.14 -27.00 -3.37
CA PRO A 657 -10.75 -26.76 -3.79
C PRO A 657 -9.78 -27.74 -3.13
N CYS A 658 -8.65 -27.93 -3.80
CA CYS A 658 -7.63 -28.89 -3.38
C CYS A 658 -6.73 -28.22 -2.35
N VAL A 659 -6.85 -28.62 -1.10
CA VAL A 659 -6.24 -27.91 0.01
C VAL A 659 -4.96 -28.59 0.45
N SER A 660 -4.17 -27.90 1.27
CA SER A 660 -2.94 -28.41 1.83
C SER A 660 -3.09 -28.58 3.33
N VAL A 661 -2.44 -29.61 3.87
CA VAL A 661 -2.52 -29.90 5.31
C VAL A 661 -1.63 -28.92 6.05
N PRO A 662 -2.14 -28.19 7.05
CA PRO A 662 -1.27 -27.31 7.83
C PRO A 662 -0.27 -28.11 8.63
N LEU A 663 0.90 -27.51 8.85
CA LEU A 663 1.98 -28.24 9.50
C LEU A 663 2.80 -27.25 10.33
N SER A 664 3.22 -27.71 11.51
CA SER A 664 4.03 -26.91 12.42
C SER A 664 5.20 -27.74 12.92
N VAL A 665 6.26 -27.07 13.31
CA VAL A 665 7.47 -27.72 13.82
C VAL A 665 7.74 -27.20 15.23
N VAL A 666 7.73 -28.10 16.20
CA VAL A 666 8.26 -27.80 17.53
C VAL A 666 9.76 -28.01 17.51
N TYR A 667 10.51 -27.01 17.96
CA TYR A 667 11.96 -27.07 17.91
C TYR A 667 12.55 -26.77 19.28
N ASP A 668 13.47 -27.62 19.73
CA ASP A 668 14.25 -27.41 20.94
C ASP A 668 15.70 -27.24 20.53
N LYS A 669 16.26 -26.04 20.74
CA LYS A 669 17.59 -25.75 20.22
C LYS A 669 18.70 -26.37 21.06
N THR A 670 18.51 -26.48 22.38
CA THR A 670 19.59 -26.97 23.23
C THR A 670 19.84 -28.46 22.98
N THR A 671 18.78 -29.25 22.93
CA THR A 671 18.91 -30.69 22.69
C THR A 671 18.87 -31.06 21.21
N ASN A 672 18.63 -30.09 20.33
CA ASN A 672 18.55 -30.34 18.89
C ASN A 672 17.49 -31.39 18.57
N SER A 673 16.33 -31.27 19.20
CA SER A 673 15.22 -32.19 19.01
C SER A 673 14.02 -31.43 18.45
N HIS A 674 13.20 -32.14 17.68
CA HIS A 674 12.09 -31.49 17.00
C HIS A 674 10.95 -32.47 16.77
N ALA A 675 9.77 -31.92 16.55
CA ALA A 675 8.56 -32.69 16.29
C ALA A 675 7.69 -31.91 15.33
N THR A 676 6.69 -32.59 14.77
CA THR A 676 5.83 -32.02 13.74
C THR A 676 4.37 -32.15 14.15
N ILE A 677 3.64 -31.05 14.09
CA ILE A 677 2.21 -31.02 14.38
C ILE A 677 1.46 -30.84 13.07
N PHE A 678 0.46 -31.68 12.84
CA PHE A 678 -0.47 -31.54 11.72
C PHE A 678 -1.75 -30.93 12.28
N GLY A 679 -1.81 -29.60 12.28
CA GLY A 679 -2.84 -28.89 13.00
C GLY A 679 -4.23 -29.17 12.45
N SER A 680 -5.15 -29.61 13.31
CA SER A 680 -6.56 -29.82 13.01
C SER A 680 -6.80 -31.00 12.08
N VAL A 681 -5.87 -31.94 11.99
CA VAL A 681 -6.00 -33.10 11.12
C VAL A 681 -6.00 -34.36 11.97
N ALA A 682 -7.03 -35.18 11.80
CA ALA A 682 -7.07 -36.49 12.45
C ALA A 682 -5.95 -37.37 11.89
N CYS A 683 -5.42 -38.23 12.76
CA CYS A 683 -4.27 -39.06 12.39
C CYS A 683 -4.61 -40.05 11.28
N GLU A 684 -5.89 -40.39 11.12
CA GLU A 684 -6.27 -41.32 10.06
C GLU A 684 -5.98 -40.76 8.69
N HIS A 685 -6.29 -39.48 8.47
CA HIS A 685 -6.01 -38.85 7.18
C HIS A 685 -4.51 -38.88 6.89
N ILE A 686 -3.71 -38.50 7.88
CA ILE A 686 -2.26 -38.47 7.71
C ILE A 686 -1.74 -39.87 7.36
N THR A 687 -2.20 -40.89 8.10
CA THR A 687 -1.72 -42.24 7.85
C THR A 687 -2.15 -42.75 6.48
N THR A 688 -3.19 -42.18 5.87
CA THR A 688 -3.58 -42.74 4.55
C THR A 688 -3.09 -41.90 3.35
N MET A 689 -2.83 -40.60 3.50
CA MET A 689 -2.51 -39.76 2.32
C MET A 689 -1.01 -39.49 2.15
N LEU A 690 -0.14 -40.29 2.77
CA LEU A 690 1.32 -40.00 2.72
C LEU A 690 2.02 -40.90 1.70
N HIS A 691 1.29 -41.44 0.72
CA HIS A 691 2.02 -42.21 -0.33
C HIS A 691 2.41 -41.22 -1.45
N GLN A 692 1.44 -40.48 -1.99
CA GLN A 692 1.73 -39.41 -2.99
C GLN A 692 2.48 -38.34 -2.23
N PHE A 693 2.00 -38.00 -1.02
CA PHE A 693 2.76 -37.07 -0.15
C PHE A 693 3.98 -37.86 0.36
N SER A 694 5.09 -37.20 0.74
CA SER A 694 6.32 -37.96 1.06
C SER A 694 6.40 -38.41 2.53
N ARG A 695 5.92 -39.62 2.83
CA ARG A 695 6.03 -40.20 4.19
C ARG A 695 7.49 -40.46 4.54
N THR A 696 8.25 -40.96 3.57
CA THR A 696 9.67 -41.33 3.81
C THR A 696 10.62 -40.16 3.50
N THR A 697 10.12 -38.99 3.11
CA THR A 697 11.04 -37.83 3.01
C THR A 697 11.55 -37.75 4.44
N GLN A 698 10.67 -38.01 5.40
CA GLN A 698 10.98 -38.06 6.84
C GLN A 698 9.62 -37.78 7.49
N ASN A 708 4.65 -44.73 19.94
CA ASN A 708 5.86 -44.42 20.70
C ASN A 708 6.73 -43.42 19.93
N SER A 709 6.21 -42.19 19.85
CA SER A 709 6.72 -41.08 19.04
C SER A 709 6.34 -41.21 17.58
N GLY A 710 5.32 -42.03 17.29
CA GLY A 710 4.71 -42.05 15.97
C GLY A 710 3.53 -41.11 15.91
N PRO A 711 2.57 -41.40 15.02
CA PRO A 711 1.38 -40.55 14.92
C PRO A 711 0.51 -40.65 16.16
N LEU A 712 0.36 -39.53 16.86
CA LEU A 712 -0.40 -39.44 18.09
C LEU A 712 -1.48 -38.39 17.96
N GLN A 713 -2.69 -38.73 18.42
CA GLN A 713 -3.84 -37.83 18.31
C GLN A 713 -3.97 -37.00 19.58
N THR A 714 -3.79 -35.69 19.46
CA THR A 714 -3.94 -34.76 20.57
C THR A 714 -5.15 -33.86 20.34
N ALA A 715 -5.31 -32.89 21.23
CA ALA A 715 -6.40 -31.94 21.13
C ALA A 715 -6.13 -30.81 20.14
N VAL A 716 -4.92 -30.72 19.60
CA VAL A 716 -4.58 -29.74 18.58
C VAL A 716 -4.35 -30.37 17.22
N GLY A 717 -4.44 -31.68 17.12
CA GLY A 717 -4.21 -32.41 15.88
C GLY A 717 -3.16 -33.47 16.04
N CYS A 718 -2.93 -34.19 14.94
CA CYS A 718 -1.95 -35.27 14.93
C CYS A 718 -0.54 -34.72 15.09
N VAL A 719 0.26 -35.39 15.91
CA VAL A 719 1.66 -35.02 16.10
C VAL A 719 2.53 -36.23 15.81
N ILE A 720 3.75 -35.96 15.37
CA ILE A 720 4.75 -36.99 15.10
C ILE A 720 6.07 -36.55 15.72
N GLY A 721 6.67 -37.42 16.53
CA GLY A 721 7.89 -37.09 17.23
C GLY A 721 7.72 -36.79 18.70
N LEU A 722 6.51 -36.91 19.24
CA LEU A 722 6.24 -36.71 20.65
C LEU A 722 5.88 -38.04 21.30
N VAL A 723 6.44 -38.30 22.47
CA VAL A 723 6.14 -39.51 23.23
C VAL A 723 5.17 -39.13 24.34
N ASN A 724 4.03 -39.81 24.38
CA ASN A 724 3.01 -39.53 25.39
C ASN A 724 3.41 -40.19 26.70
N SER A 725 3.57 -39.38 27.76
CA SER A 725 4.06 -39.87 29.03
C SER A 725 3.11 -39.60 30.20
N SER A 726 2.01 -38.88 29.97
CA SER A 726 1.04 -38.57 31.02
C SER A 726 1.71 -37.86 32.20
N MET A 727 2.63 -36.95 31.88
CA MET A 727 3.28 -36.11 32.88
C MET A 727 2.69 -34.71 32.86
N VAL A 728 3.00 -33.94 33.90
CA VAL A 728 2.51 -32.57 34.02
C VAL A 728 3.69 -31.65 34.28
N VAL A 729 3.52 -30.38 33.92
CA VAL A 729 4.50 -29.35 34.19
C VAL A 729 3.76 -28.12 34.71
N ASP A 730 4.52 -27.26 35.40
CA ASP A 730 4.01 -25.96 35.83
C ASP A 730 4.57 -24.81 35.01
N ASN A 731 5.79 -24.95 34.50
CA ASN A 731 6.37 -24.00 33.57
C ASN A 731 6.53 -24.67 32.21
N CYS A 732 5.97 -24.06 31.17
CA CYS A 732 6.02 -24.59 29.82
C CYS A 732 6.78 -23.62 28.94
N GLN A 733 7.86 -24.09 28.33
CA GLN A 733 8.66 -23.29 27.41
C GLN A 733 8.30 -23.50 25.96
N LEU A 734 7.58 -24.56 25.64
CA LEU A 734 7.18 -24.88 24.26
C LEU A 734 5.69 -25.20 24.23
N PRO A 735 4.83 -24.22 24.50
CA PRO A 735 3.40 -24.50 24.56
C PRO A 735 2.83 -24.79 23.18
N LEU A 736 1.90 -25.74 23.14
CA LEU A 736 1.28 -26.19 21.89
C LEU A 736 -0.18 -25.80 21.76
N GLY A 737 -0.75 -25.12 22.76
CA GLY A 737 -2.16 -24.81 22.73
C GLY A 737 -2.98 -25.83 23.48
N GLN A 738 -4.15 -25.40 23.94
CA GLN A 738 -5.07 -26.23 24.71
C GLN A 738 -4.38 -26.90 25.90
N SER A 739 -3.57 -26.10 26.61
CA SER A 739 -2.87 -26.54 27.82
C SER A 739 -1.94 -27.73 27.56
N LEU A 740 -1.46 -27.87 26.33
CA LEU A 740 -0.52 -28.91 25.99
C LEU A 740 0.89 -28.34 25.90
N CYS A 741 1.88 -29.18 26.20
CA CYS A 741 3.26 -28.74 26.30
C CYS A 741 4.15 -29.75 25.59
N ALA A 742 5.37 -29.31 25.27
CA ALA A 742 6.40 -30.18 24.74
C ALA A 742 7.66 -29.97 25.57
N VAL A 743 8.12 -31.02 26.23
CA VAL A 743 9.17 -30.93 27.24
C VAL A 743 10.41 -31.62 26.70
N PRO A 744 11.56 -30.95 26.65
CA PRO A 744 12.80 -31.63 26.27
C PRO A 744 13.16 -32.71 27.29
N SER A 745 13.69 -33.82 26.78
CA SER A 745 14.08 -34.93 27.64
C SER A 745 15.44 -34.63 28.26
N THR A 746 15.50 -34.57 29.59
CA THR A 746 16.74 -34.28 30.28
C THR A 746 17.78 -35.38 30.05
N THR A 747 17.34 -36.64 30.05
CA THR A 747 18.24 -37.76 29.84
C THR A 747 18.60 -37.91 28.37
N SER A 750 15.19 -41.57 24.54
CA SER A 750 16.33 -40.73 24.23
C SER A 750 16.02 -39.25 24.45
N SER A 751 16.49 -38.40 23.55
CA SER A 751 16.26 -36.97 23.63
C SER A 751 14.96 -36.55 22.94
N GLN A 752 14.05 -37.49 22.70
CA GLN A 752 12.77 -37.12 22.11
C GLN A 752 11.97 -36.24 23.06
N LEU A 753 11.25 -35.27 22.47
CA LEU A 753 10.37 -34.43 23.26
C LEU A 753 9.17 -35.24 23.74
N GLN A 754 8.60 -34.81 24.86
CA GLN A 754 7.48 -35.50 25.47
C GLN A 754 6.24 -34.63 25.45
N LEU A 755 5.08 -35.27 25.37
CA LEU A 755 3.79 -34.57 25.40
C LEU A 755 3.34 -34.46 26.85
N ALA A 756 3.46 -33.27 27.42
CA ALA A 756 3.06 -32.99 28.79
C ALA A 756 1.80 -32.13 28.79
N THR A 757 1.32 -31.83 29.99
CA THR A 757 0.17 -30.96 30.18
C THR A 757 0.51 -29.89 31.20
N ILE A 758 -0.01 -28.69 30.99
CA ILE A 758 0.11 -27.64 31.99
C ILE A 758 -0.77 -27.97 33.18
N ASN A 759 -0.21 -27.91 34.37
CA ASN A 759 -0.93 -28.28 35.59
C ASN A 759 -1.50 -27.05 36.27
N TYR A 760 -2.73 -27.19 36.76
CA TYR A 760 -3.35 -26.17 37.59
C TYR A 760 -3.02 -26.46 39.05
N THR A 761 -2.31 -25.54 39.69
CA THR A 761 -1.99 -25.68 41.11
C THR A 761 -3.23 -25.30 41.92
N GLN A 762 -3.76 -26.27 42.66
CA GLN A 762 -4.99 -26.05 43.42
C GLN A 762 -4.67 -25.20 44.66
N PRO A 763 -5.48 -24.19 44.96
CA PRO A 763 -5.19 -23.36 46.13
C PRO A 763 -5.52 -24.09 47.43
N GLN A 764 -4.70 -23.84 48.45
CA GLN A 764 -4.90 -24.45 49.75
C GLN A 764 -6.14 -23.90 50.42
N LEU A 765 -6.83 -24.76 51.16
CA LEU A 765 -8.06 -24.39 51.85
C LEU A 765 -7.80 -24.17 53.33
N LEU A 766 -8.43 -23.13 53.88
CA LEU A 766 -8.44 -22.87 55.31
C LEU A 766 -9.87 -23.04 55.80
N SER A 767 -10.05 -23.85 56.83
CA SER A 767 -11.39 -24.22 57.30
C SER A 767 -11.91 -23.18 58.28
N PRO A 768 -13.08 -22.59 58.02
CA PRO A 768 -13.65 -21.65 59.00
C PRO A 768 -14.02 -22.35 60.30
N LEU A 769 -13.98 -21.58 61.38
CA LEU A 769 -14.30 -22.09 62.70
C LEU A 769 -15.79 -22.42 62.83
N ASN A 770 -16.08 -23.30 63.78
CA ASN A 770 -17.44 -23.56 64.23
C ASN A 770 -17.72 -22.93 65.59
N SER A 771 -17.08 -21.79 65.87
CA SER A 771 -17.12 -21.17 67.18
C SER A 771 -17.26 -19.66 66.98
N SER A 772 -16.98 -18.91 68.04
CA SER A 772 -17.33 -17.49 68.07
C SER A 772 -16.60 -16.69 66.99
N GLY A 773 -15.28 -16.81 66.93
CA GLY A 773 -14.51 -15.93 66.07
C GLY A 773 -14.21 -16.46 64.69
N PHE A 774 -12.95 -16.38 64.29
CA PHE A 774 -12.50 -16.90 63.00
C PHE A 774 -11.02 -17.23 63.10
N VAL A 775 -10.54 -17.98 62.11
CA VAL A 775 -9.14 -18.38 62.05
C VAL A 775 -8.42 -17.52 61.02
N VAL A 776 -7.25 -17.04 61.38
CA VAL A 776 -6.42 -16.23 60.49
C VAL A 776 -5.02 -16.80 60.51
N GLN A 777 -4.35 -16.76 59.35
CA GLN A 777 -2.97 -17.22 59.23
C GLN A 777 -2.07 -15.98 59.21
N VAL A 778 -1.26 -15.82 60.23
CA VAL A 778 -0.39 -14.67 60.41
C VAL A 778 1.05 -15.12 60.21
N PRO A 779 1.84 -14.42 59.39
CA PRO A 779 3.20 -14.87 59.12
C PRO A 779 4.08 -14.84 60.37
N THR A 780 4.99 -15.81 60.46
CA THR A 780 5.99 -15.86 61.51
C THR A 780 7.40 -15.65 60.98
N ASN A 781 7.55 -15.51 59.66
CA ASN A 781 8.84 -15.37 59.02
C ASN A 781 8.59 -14.79 57.64
N PHE A 782 9.59 -14.09 57.10
CA PHE A 782 9.39 -13.37 55.85
C PHE A 782 10.70 -13.28 55.08
N SER A 783 10.61 -12.73 53.87
CA SER A 783 11.76 -12.32 53.08
C SER A 783 11.39 -11.03 52.37
N PHE A 784 12.29 -10.55 51.52
CA PHE A 784 12.03 -9.37 50.70
C PHE A 784 12.12 -9.78 49.23
N GLY A 785 10.97 -9.81 48.57
CA GLY A 785 10.97 -10.03 47.14
C GLY A 785 11.32 -8.77 46.37
N ILE A 786 11.70 -8.95 45.11
CA ILE A 786 11.97 -7.83 44.22
C ILE A 786 11.36 -8.14 42.85
N THR A 787 10.35 -7.38 42.47
CA THR A 787 9.80 -7.43 41.13
C THR A 787 10.52 -6.41 40.26
N GLN A 788 10.97 -6.85 39.09
CA GLN A 788 11.64 -5.97 38.14
C GLN A 788 10.69 -5.62 37.02
N GLU A 789 10.69 -4.35 36.62
CA GLU A 789 9.76 -3.86 35.61
C GLU A 789 10.48 -2.89 34.70
N TYR A 790 10.27 -3.05 33.39
CA TYR A 790 10.78 -2.14 32.38
C TYR A 790 9.62 -1.37 31.77
N ILE A 791 9.77 -0.05 31.67
CA ILE A 791 8.79 0.79 31.01
C ILE A 791 9.50 1.60 29.94
N GLN A 792 9.07 1.43 28.69
CA GLN A 792 9.66 2.17 27.58
C GLN A 792 9.08 3.57 27.52
N THR A 793 9.95 4.57 27.38
CA THR A 793 9.50 5.95 27.32
C THR A 793 9.84 6.65 26.01
N THR A 794 10.73 6.08 25.20
CA THR A 794 11.11 6.68 23.92
C THR A 794 11.24 5.58 22.88
N ILE A 795 11.36 6.01 21.63
CA ILE A 795 11.82 5.17 20.53
C ILE A 795 12.96 5.90 19.85
N GLN A 796 13.75 5.16 19.08
CA GLN A 796 14.80 5.78 18.28
C GLN A 796 14.18 6.75 17.29
N LYS A 797 14.72 7.96 17.22
CA LYS A 797 14.22 8.99 16.33
C LYS A 797 14.95 8.88 15.00
N VAL A 798 14.17 8.72 13.93
CA VAL A 798 14.70 8.47 12.60
C VAL A 798 14.05 9.46 11.64
N THR A 799 14.85 10.02 10.75
CA THR A 799 14.35 10.85 9.66
C THR A 799 14.89 10.31 8.35
N VAL A 800 14.16 10.57 7.27
CA VAL A 800 14.47 10.02 5.95
C VAL A 800 14.66 11.17 4.98
N ASP A 801 15.78 11.14 4.25
CA ASP A 801 15.98 11.99 3.08
C ASP A 801 15.20 11.35 1.94
N CYS A 802 13.96 11.82 1.74
CA CYS A 802 13.03 11.15 0.84
C CYS A 802 13.54 11.14 -0.59
N LYS A 803 14.05 12.27 -1.06
CA LYS A 803 14.53 12.37 -2.44
C LYS A 803 15.71 11.42 -2.68
N GLN A 804 16.66 11.39 -1.75
CA GLN A 804 17.80 10.49 -1.89
C GLN A 804 17.38 9.03 -1.77
N TYR A 805 16.41 8.75 -0.91
CA TYR A 805 15.96 7.37 -0.72
C TYR A 805 15.25 6.84 -1.96
N VAL A 806 14.38 7.66 -2.57
CA VAL A 806 13.62 7.19 -3.72
C VAL A 806 14.50 7.17 -4.97
N CYS A 807 15.16 8.28 -5.28
CA CYS A 807 15.81 8.40 -6.57
C CYS A 807 17.31 8.14 -6.55
N ASN A 808 17.90 7.98 -5.37
CA ASN A 808 19.31 7.59 -5.22
C ASN A 808 20.27 8.49 -5.98
N GLY A 809 19.87 9.71 -6.31
CA GLY A 809 20.72 10.68 -6.97
C GLY A 809 20.42 10.90 -8.43
N PHE A 810 19.93 9.87 -9.12
CA PHE A 810 19.75 9.94 -10.57
C PHE A 810 18.68 10.96 -10.94
N GLN A 811 18.92 11.67 -12.03
CA GLN A 811 18.15 12.86 -12.41
C GLN A 811 16.82 12.54 -13.08
N LYS A 812 16.78 11.49 -13.91
CA LYS A 812 15.54 11.11 -14.57
C LYS A 812 14.48 10.71 -13.56
N CYS A 813 14.87 9.93 -12.54
CA CYS A 813 13.96 9.63 -11.45
C CYS A 813 13.49 10.90 -10.77
N GLU A 814 14.41 11.83 -10.51
CA GLU A 814 14.06 13.04 -9.78
C GLU A 814 13.00 13.85 -10.52
N GLN A 815 13.14 13.98 -11.85
CA GLN A 815 12.09 14.69 -12.58
C GLN A 815 10.82 13.86 -12.68
N LEU A 816 10.92 12.53 -12.69
CA LEU A 816 9.70 11.72 -12.70
C LEU A 816 8.98 11.65 -11.37
N LEU A 817 9.65 12.07 -10.27
CA LEU A 817 9.08 11.91 -8.94
C LEU A 817 7.96 12.91 -8.66
N ARG A 818 7.83 13.95 -9.46
CA ARG A 818 6.97 15.09 -9.14
C ARG A 818 5.51 14.90 -9.52
N GLU A 819 5.16 13.78 -10.15
CA GLU A 819 3.78 13.50 -10.51
C GLU A 819 2.98 12.88 -9.35
N TYR A 820 3.46 13.03 -8.12
CA TYR A 820 2.86 12.37 -6.97
C TYR A 820 2.55 13.36 -5.85
N GLY A 821 2.51 14.66 -6.16
CA GLY A 821 2.18 15.65 -5.17
C GLY A 821 3.39 16.09 -4.36
N GLN A 822 3.12 16.54 -3.14
CA GLN A 822 4.16 16.96 -2.21
C GLN A 822 4.57 15.80 -1.31
N PHE A 823 4.89 14.66 -1.94
CA PHE A 823 5.06 13.43 -1.17
C PHE A 823 6.25 13.51 -0.23
N CYS A 824 7.41 13.90 -0.75
CA CYS A 824 8.62 13.91 0.07
C CYS A 824 8.52 14.95 1.16
N ALA A 825 7.92 16.10 0.86
CA ALA A 825 7.68 17.12 1.87
C ALA A 825 6.76 16.58 2.97
N LYS A 826 5.72 15.84 2.59
CA LYS A 826 4.82 15.27 3.58
C LYS A 826 5.52 14.25 4.46
N ILE A 827 6.35 13.40 3.87
CA ILE A 827 7.12 12.42 4.64
C ILE A 827 8.00 13.14 5.65
N ASN A 828 8.73 14.15 5.19
CA ASN A 828 9.62 14.90 6.07
C ASN A 828 8.85 15.58 7.19
N GLN A 829 7.71 16.18 6.88
CA GLN A 829 6.93 16.89 7.89
C GLN A 829 6.37 15.94 8.94
N ALA A 830 5.87 14.78 8.51
CA ALA A 830 5.35 13.81 9.46
C ALA A 830 6.44 13.29 10.39
N LEU A 831 7.61 12.97 9.83
CA LEU A 831 8.71 12.50 10.67
C LEU A 831 9.17 13.60 11.63
N HIS A 832 9.22 14.84 11.15
CA HIS A 832 9.61 15.96 12.00
C HIS A 832 8.65 16.13 13.16
N GLY A 833 7.35 16.06 12.88
CA GLY A 833 6.38 16.16 13.95
C GLY A 833 6.49 15.04 14.97
N ALA A 834 6.71 13.82 14.49
CA ALA A 834 6.88 12.69 15.41
C ALA A 834 8.08 12.91 16.33
N ASN A 835 9.22 13.34 15.76
CA ASN A 835 10.40 13.55 16.58
C ASN A 835 10.22 14.71 17.56
N LEU A 836 9.50 15.75 17.13
CA LEU A 836 9.23 16.88 18.01
C LEU A 836 8.35 16.45 19.19
N MET A 837 7.33 15.64 18.93
CA MET A 837 6.49 15.13 20.01
C MET A 837 7.30 14.26 20.95
N GLN A 838 8.22 13.45 20.42
CA GLN A 838 9.08 12.65 21.27
C GLN A 838 9.93 13.52 22.19
N ASP A 839 10.52 14.59 21.65
CA ASP A 839 11.36 15.46 22.47
C ASP A 839 10.55 16.14 23.56
N GLU A 840 9.33 16.60 23.24
CA GLU A 840 8.48 17.19 24.25
C GLU A 840 8.10 16.19 25.33
N SER A 841 7.83 14.94 24.92
CA SER A 841 7.51 13.89 25.89
C SER A 841 8.67 13.67 26.86
N VAL A 842 9.89 13.59 26.34
CA VAL A 842 11.07 13.38 27.20
C VAL A 842 11.24 14.54 28.16
N ALA A 843 11.12 15.77 27.66
CA ALA A 843 11.27 16.93 28.51
C ALA A 843 10.25 16.94 29.65
N ASN A 844 8.98 16.64 29.32
CA ASN A 844 7.95 16.60 30.34
C ASN A 844 8.22 15.50 31.37
N LEU A 845 8.64 14.33 30.91
CA LEU A 845 8.92 13.24 31.84
C LEU A 845 10.00 13.62 32.85
N PHE A 846 11.13 14.15 32.35
CA PHE A 846 12.21 14.48 33.26
C PHE A 846 11.91 15.71 34.10
N SER A 847 10.99 16.57 33.65
CA SER A 847 10.54 17.64 34.54
C SER A 847 9.60 17.11 35.61
N ASP A 848 8.86 16.03 35.32
CA ASP A 848 7.96 15.46 36.31
C ASP A 848 8.69 14.65 37.38
N ILE A 849 9.80 13.99 37.02
CA ILE A 849 10.48 13.14 38.00
C ILE A 849 11.60 13.91 38.70
N LYS A 850 11.57 15.23 38.64
CA LYS A 850 12.63 16.05 39.19
C LYS A 850 12.47 16.20 40.71
N THR A 851 13.59 16.10 41.42
CA THR A 851 13.62 16.25 42.87
C THR A 851 14.04 17.67 43.22
N HIS A 852 13.43 18.23 44.27
CA HIS A 852 13.68 19.60 44.67
C HIS A 852 14.34 19.74 46.03
N LYS A 853 14.35 18.69 46.84
CA LYS A 853 15.05 18.69 48.12
C LYS A 853 15.62 17.31 48.35
N SER A 854 16.84 17.24 48.89
CA SER A 854 17.51 15.98 49.13
C SER A 854 18.21 16.02 50.47
N GLN A 855 18.67 14.85 50.90
CA GLN A 855 19.46 14.70 52.11
C GLN A 855 20.74 13.94 51.79
N PRO A 856 21.80 14.16 52.55
CA PRO A 856 23.03 13.38 52.32
C PRO A 856 22.83 11.91 52.66
N LEU A 857 23.52 11.07 51.90
CA LEU A 857 23.53 9.63 52.13
C LEU A 857 24.98 9.15 52.24
N ASN A 858 25.19 8.16 53.10
CA ASN A 858 26.50 7.56 53.21
C ASN A 858 26.85 6.79 51.94
N ALA A 859 28.09 6.32 51.87
CA ALA A 859 28.56 5.65 50.65
C ALA A 859 28.28 4.16 50.67
N GLY A 860 28.51 3.48 51.78
CA GLY A 860 28.30 2.05 51.82
C GLY A 860 27.12 1.59 52.64
N LEU A 861 26.88 2.23 53.79
CA LEU A 861 25.87 1.75 54.73
C LEU A 861 25.11 2.94 55.28
N ASN A 862 23.79 2.91 55.12
CA ASN A 862 22.87 3.82 55.80
C ASN A 862 22.10 3.00 56.82
N GLY A 863 22.33 3.28 58.10
CA GLY A 863 21.91 2.35 59.12
C GLY A 863 22.66 1.06 58.92
N ASP A 864 21.94 -0.03 58.71
CA ASP A 864 22.53 -1.31 58.34
C ASP A 864 22.18 -1.72 56.91
N PHE A 865 21.68 -0.79 56.11
CA PHE A 865 21.27 -1.07 54.73
C PHE A 865 22.40 -0.72 53.78
N ASN A 866 22.76 -1.67 52.92
CA ASN A 866 23.82 -1.49 51.94
C ASN A 866 23.20 -0.98 50.65
N LEU A 867 23.45 0.29 50.31
CA LEU A 867 22.92 0.90 49.11
C LEU A 867 24.00 1.11 48.04
N THR A 868 25.05 0.28 48.09
CA THR A 868 26.19 0.49 47.19
C THR A 868 25.79 0.33 45.72
N LEU A 869 25.02 -0.72 45.40
CA LEU A 869 24.64 -0.97 44.02
C LEU A 869 23.76 0.14 43.44
N LEU A 870 23.08 0.90 44.29
CA LEU A 870 22.16 1.93 43.85
C LEU A 870 22.79 3.32 43.80
N GLN A 871 24.08 3.43 44.10
CA GLN A 871 24.75 4.72 44.17
C GLN A 871 25.82 4.83 43.10
N VAL A 872 26.09 6.07 42.69
CA VAL A 872 27.20 6.32 41.77
C VAL A 872 28.50 5.95 42.45
N PRO A 873 29.37 5.15 41.83
CA PRO A 873 30.59 4.70 42.52
C PRO A 873 31.61 5.82 42.73
N GLN A 874 32.74 5.46 43.31
CA GLN A 874 33.86 6.36 43.54
C GLN A 874 34.68 6.54 42.27
N VAL A 875 35.93 6.98 42.41
CA VAL A 875 36.80 7.44 41.35
C VAL A 875 36.82 6.50 40.14
N SER A 876 36.35 5.26 40.32
CA SER A 876 36.20 4.33 39.21
C SER A 876 35.61 5.00 37.97
N THR A 877 34.37 5.50 38.07
CA THR A 877 33.79 6.44 37.10
C THR A 877 33.90 5.93 35.66
N SER A 878 33.11 4.91 35.36
CA SER A 878 33.15 4.34 34.02
C SER A 878 32.54 5.31 33.02
N GLN A 879 33.28 6.38 32.74
CA GLN A 879 33.00 7.38 31.69
C GLN A 879 31.56 7.87 31.68
N TYR A 880 30.84 7.83 32.81
CA TYR A 880 29.60 8.58 32.90
C TYR A 880 29.47 9.35 34.21
N SER A 881 30.06 8.85 35.29
CA SER A 881 30.18 9.57 36.55
C SER A 881 28.83 9.86 37.21
N HIS A 882 27.73 9.50 36.55
CA HIS A 882 26.40 9.63 37.12
C HIS A 882 25.59 8.35 36.98
N ARG A 883 26.11 7.34 36.29
CA ARG A 883 25.43 6.06 36.14
C ARG A 883 25.85 5.16 37.29
N SER A 884 24.86 4.58 37.97
CA SER A 884 25.13 3.78 39.16
C SER A 884 25.67 2.41 38.77
N ALA A 885 25.98 1.60 39.78
CA ALA A 885 26.60 0.30 39.54
C ALA A 885 25.63 -0.65 38.85
N ILE A 886 24.41 -0.76 39.36
CA ILE A 886 23.43 -1.66 38.75
C ILE A 886 23.04 -1.16 37.37
N GLU A 887 22.99 0.16 37.17
CA GLU A 887 22.74 0.71 35.84
C GLU A 887 23.88 0.36 34.89
N ASP A 888 25.13 0.43 35.38
CA ASP A 888 26.27 -0.02 34.58
C ASP A 888 26.11 -1.47 34.16
N LEU A 889 25.74 -2.33 35.11
CA LEU A 889 25.58 -3.75 34.79
C LEU A 889 24.48 -3.97 33.76
N LEU A 890 23.35 -3.28 33.92
CA LEU A 890 22.26 -3.43 32.96
C LEU A 890 22.69 -3.00 31.57
N PHE A 891 23.39 -1.87 31.46
CA PHE A 891 23.82 -1.41 30.15
C PHE A 891 24.95 -2.27 29.57
N ASN A 892 25.70 -2.97 30.42
CA ASN A 892 26.71 -3.90 29.92
C ASN A 892 26.11 -5.23 29.50
N LYS A 893 24.92 -5.57 29.97
CA LYS A 893 24.28 -6.82 29.59
C LYS A 893 23.36 -6.70 28.38
N VAL A 894 23.25 -5.51 27.79
CA VAL A 894 22.42 -5.29 26.60
C VAL A 894 23.35 -4.96 25.44
N THR A 895 23.08 -5.58 24.28
CA THR A 895 23.87 -5.35 23.08
C THR A 895 23.17 -4.31 22.21
N ILE A 896 23.83 -3.18 22.01
CA ILE A 896 23.29 -2.07 21.26
C ILE A 896 24.34 -1.58 20.26
N ALA A 897 23.93 -1.38 19.02
CA ALA A 897 24.83 -0.82 18.02
C ALA A 897 25.06 0.66 18.31
N ASP A 898 26.32 1.06 18.39
CA ASP A 898 26.65 2.45 18.67
C ASP A 898 26.32 3.31 17.46
N PRO A 899 25.47 4.33 17.59
CA PRO A 899 25.08 5.13 16.42
C PRO A 899 26.12 6.15 15.99
N GLY A 900 27.16 6.38 16.78
CA GLY A 900 28.18 7.33 16.42
C GLY A 900 27.65 8.73 16.17
N TYR A 901 27.06 9.33 17.20
CA TYR A 901 26.41 10.62 17.04
C TYR A 901 27.39 11.75 16.72
N MET A 902 28.69 11.54 16.92
CA MET A 902 29.68 12.59 16.74
C MET A 902 30.57 12.40 15.53
N GLN A 903 31.05 11.17 15.28
CA GLN A 903 31.96 10.91 14.17
C GLN A 903 31.64 9.60 13.48
N GLY A 904 30.38 9.15 13.54
CA GLY A 904 30.04 7.85 12.99
C GLY A 904 30.22 7.75 11.48
N TYR A 905 30.07 8.87 10.78
CA TYR A 905 30.28 8.88 9.33
C TYR A 905 31.72 8.54 8.98
N ASP A 906 32.66 9.16 9.67
CA ASP A 906 34.07 8.88 9.45
C ASP A 906 34.43 7.46 9.87
N ASP A 907 33.85 6.98 10.97
CA ASP A 907 34.08 5.60 11.38
C ASP A 907 33.58 4.62 10.33
N CYS A 908 32.40 4.87 9.78
CA CYS A 908 31.84 3.99 8.76
C CYS A 908 32.68 4.03 7.49
N MET A 909 33.27 5.17 7.15
CA MET A 909 34.11 5.21 5.96
C MET A 909 35.47 4.55 6.21
N LYS A 910 36.01 4.69 7.43
CA LYS A 910 37.33 4.14 7.73
C LYS A 910 37.29 2.63 7.90
N GLN A 911 36.26 2.11 8.56
CA GLN A 911 36.26 0.70 8.94
C GLN A 911 36.28 -0.20 7.71
N GLY A 912 35.21 -0.18 6.93
CA GLY A 912 35.12 -1.00 5.74
C GLY A 912 34.42 -2.33 5.97
N PRO A 913 35.22 -3.39 6.13
CA PRO A 913 34.65 -4.74 6.33
C PRO A 913 33.79 -4.86 7.58
N PRO A 914 34.26 -4.41 8.76
CA PRO A 914 33.63 -4.89 10.01
C PRO A 914 32.15 -4.56 10.08
N SER A 915 31.39 -5.47 10.69
CA SER A 915 29.94 -5.38 10.80
C SER A 915 29.28 -5.33 9.42
N ALA A 916 29.43 -6.43 8.70
CA ALA A 916 28.75 -6.58 7.42
C ALA A 916 27.25 -6.51 7.63
N ARG A 917 26.56 -5.80 6.75
CA ARG A 917 25.13 -5.47 6.89
C ARG A 917 24.85 -4.65 8.14
N ASP A 918 25.77 -3.76 8.50
CA ASP A 918 25.52 -2.86 9.62
C ASP A 918 24.43 -1.86 9.26
N LEU A 919 23.51 -1.64 10.21
CA LEU A 919 22.42 -0.70 9.99
C LEU A 919 22.81 0.74 10.29
N ILE A 920 23.78 0.95 11.19
CA ILE A 920 24.27 2.29 11.46
C ILE A 920 25.07 2.81 10.28
N CYS A 921 25.90 1.95 9.67
CA CYS A 921 26.63 2.36 8.48
C CYS A 921 25.71 2.50 7.27
N ALA A 922 24.64 1.71 7.21
CA ALA A 922 23.75 1.74 6.06
C ALA A 922 22.94 3.03 5.96
N GLN A 923 22.89 3.83 7.03
CA GLN A 923 22.09 5.04 6.99
C GLN A 923 22.67 6.07 6.02
N TYR A 924 23.97 5.98 5.74
CA TYR A 924 24.60 6.92 4.82
C TYR A 924 24.44 6.49 3.37
N VAL A 925 24.28 5.19 3.12
CA VAL A 925 24.00 4.71 1.77
C VAL A 925 22.52 4.85 1.45
N ALA A 926 21.66 4.39 2.36
CA ALA A 926 20.23 4.35 2.07
C ALA A 926 19.61 5.73 2.08
N GLY A 927 20.07 6.62 2.96
CA GLY A 927 19.54 7.95 3.06
C GLY A 927 18.58 8.20 4.19
N TYR A 928 18.75 7.53 5.34
CA TYR A 928 18.01 7.84 6.54
C TYR A 928 18.99 8.25 7.63
N LYS A 929 18.49 8.98 8.62
CA LYS A 929 19.33 9.49 9.70
C LYS A 929 18.74 9.14 11.05
N VAL A 930 19.56 8.55 11.91
CA VAL A 930 19.21 8.36 13.31
C VAL A 930 19.53 9.64 14.07
N LEU A 931 18.54 10.20 14.73
CA LEU A 931 18.73 11.43 15.46
C LEU A 931 19.14 11.14 16.90
N PRO A 932 19.96 11.99 17.50
CA PRO A 932 20.42 11.76 18.88
C PRO A 932 19.35 12.12 19.88
N PRO A 933 19.34 11.45 21.05
CA PRO A 933 18.36 11.77 22.08
C PRO A 933 18.50 13.19 22.59
N LEU A 934 17.43 13.68 23.21
CA LEU A 934 17.40 15.06 23.71
C LEU A 934 18.46 15.27 24.79
N TYR A 935 18.62 14.31 25.71
CA TYR A 935 19.61 14.41 26.77
C TYR A 935 20.64 13.31 26.61
N ASP A 936 21.88 13.62 26.95
CA ASP A 936 22.93 12.62 26.96
C ASP A 936 22.81 11.78 28.23
N PRO A 937 23.41 10.60 28.26
CA PRO A 937 23.21 9.70 29.42
C PRO A 937 23.63 10.30 30.75
N ASN A 938 24.55 11.27 30.77
CA ASN A 938 24.97 11.85 32.04
C ASN A 938 23.82 12.57 32.74
N MET A 939 23.03 13.34 32.00
CA MET A 939 22.00 14.15 32.63
C MET A 939 20.82 13.28 33.09
N GLU A 940 20.47 12.27 32.30
CA GLU A 940 19.44 11.32 32.74
C GLU A 940 19.92 10.53 33.96
N GLY A 941 21.20 10.14 33.97
CA GLY A 941 21.75 9.50 35.15
C GLY A 941 21.67 10.40 36.38
N ALA A 942 21.95 11.69 36.21
CA ALA A 942 21.81 12.63 37.31
C ALA A 942 20.37 12.69 37.80
N TYR A 943 19.42 12.74 36.87
CA TYR A 943 18.01 12.80 37.25
C TYR A 943 17.61 11.58 38.08
N THR A 944 17.95 10.38 37.60
CA THR A 944 17.52 9.19 38.33
C THR A 944 18.37 8.90 39.57
N SER A 945 19.56 9.48 39.67
CA SER A 945 20.39 9.31 40.86
C SER A 945 20.03 10.31 41.95
N SER A 946 19.43 11.44 41.60
CA SER A 946 18.93 12.35 42.62
C SER A 946 17.73 11.79 43.36
N LEU A 947 17.09 10.76 42.82
CA LEU A 947 15.87 10.22 43.43
C LEU A 947 16.16 9.38 44.67
N LEU A 948 17.36 8.79 44.77
CA LEU A 948 17.68 7.95 45.91
C LEU A 948 17.71 8.75 47.21
N GLY A 949 17.97 10.05 47.14
CA GLY A 949 18.08 10.86 48.34
C GLY A 949 16.96 11.87 48.52
N SER A 950 15.83 11.65 47.85
CA SER A 950 14.71 12.57 47.97
C SER A 950 14.14 12.54 49.38
N ILE A 951 13.46 13.63 49.74
CA ILE A 951 12.97 13.83 51.11
C ILE A 951 11.45 13.68 51.18
N ALA A 952 10.71 14.57 50.50
CA ALA A 952 9.28 14.47 50.23
C ALA A 952 8.39 14.67 51.45
N GLY A 953 8.93 14.79 52.65
CA GLY A 953 8.07 14.92 53.81
C GLY A 953 7.74 13.58 54.44
N ALA A 954 7.25 13.64 55.68
CA ALA A 954 7.05 12.44 56.49
C ALA A 954 5.95 11.55 55.91
N GLY A 955 5.93 10.30 56.38
CA GLY A 955 5.01 9.33 55.82
C GLY A 955 3.58 9.48 56.30
N TRP A 956 3.38 10.12 57.44
CA TRP A 956 2.05 10.28 58.02
C TRP A 956 1.38 11.59 57.62
N THR A 957 1.97 12.35 56.71
CA THR A 957 1.48 13.65 56.32
C THR A 957 1.11 13.66 54.83
N ALA A 958 0.82 14.86 54.31
CA ALA A 958 0.36 15.02 52.93
C ALA A 958 1.37 14.50 51.91
N GLY A 959 2.55 15.11 51.84
CA GLY A 959 3.59 14.59 50.97
C GLY A 959 4.26 15.54 50.00
N LEU A 960 3.69 16.72 49.76
CA LEU A 960 4.38 17.74 48.98
C LEU A 960 4.31 19.12 49.62
N SER A 961 4.03 19.19 50.93
CA SER A 961 4.03 20.47 51.62
C SER A 961 5.28 20.70 52.46
N SER A 962 5.82 19.65 53.09
CA SER A 962 6.97 19.79 53.97
C SER A 962 8.08 18.87 53.47
N PHE A 963 9.26 19.06 54.04
CA PHE A 963 10.43 18.23 53.75
C PHE A 963 11.05 17.78 55.06
N ALA A 964 10.87 16.50 55.38
CA ALA A 964 11.36 15.93 56.62
C ALA A 964 12.64 15.15 56.35
N ALA A 965 13.75 15.60 56.95
CA ALA A 965 15.06 14.99 56.72
C ALA A 965 15.19 13.75 57.61
N ILE A 966 14.44 12.72 57.24
CA ILE A 966 14.41 11.46 57.97
C ILE A 966 15.34 10.48 57.26
N PRO A 967 16.30 9.87 57.96
CA PRO A 967 17.25 8.96 57.30
C PRO A 967 16.57 7.78 56.64
N PHE A 968 17.34 7.10 55.78
CA PHE A 968 16.81 6.01 54.97
C PHE A 968 16.30 4.86 55.83
N ALA A 969 17.06 4.48 56.86
CA ALA A 969 16.67 3.35 57.70
C ALA A 969 15.36 3.64 58.42
N GLN A 970 15.21 4.85 58.97
CA GLN A 970 13.97 5.20 59.66
C GLN A 970 12.80 5.22 58.69
N SER A 971 13.02 5.69 57.46
CA SER A 971 11.96 5.67 56.46
C SER A 971 11.52 4.25 56.15
N ILE A 972 12.48 3.33 56.00
CA ILE A 972 12.14 1.93 55.75
C ILE A 972 11.35 1.35 56.92
N PHE A 973 11.78 1.64 58.15
CA PHE A 973 11.09 1.10 59.31
C PHE A 973 9.69 1.66 59.45
N TYR A 974 9.48 2.93 59.10
CA TYR A 974 8.13 3.46 59.06
C TYR A 974 7.29 2.78 57.99
N ARG A 975 7.87 2.54 56.80
CA ARG A 975 7.11 1.89 55.75
C ARG A 975 6.74 0.46 56.12
N MET A 976 7.57 -0.22 56.93
CA MET A 976 7.18 -1.54 57.43
C MET A 976 6.18 -1.46 58.57
N ASN A 977 6.22 -0.40 59.37
CA ASN A 977 5.24 -0.25 60.44
C ASN A 977 3.83 -0.07 59.89
N GLY A 978 3.71 0.54 58.72
CA GLY A 978 2.41 0.80 58.13
C GLY A 978 1.79 -0.35 57.39
N ILE A 979 2.51 -1.45 57.20
CA ILE A 979 1.97 -2.64 56.57
C ILE A 979 1.52 -3.67 57.59
N GLY A 980 1.52 -3.33 58.87
CA GLY A 980 1.07 -4.21 59.91
C GLY A 980 2.15 -4.91 60.70
N ILE A 981 3.31 -4.29 60.89
CA ILE A 981 4.39 -4.85 61.69
C ILE A 981 4.64 -3.91 62.85
N THR A 982 4.42 -4.39 64.08
CA THR A 982 4.49 -3.53 65.24
C THR A 982 5.93 -3.08 65.51
N GLN A 983 6.06 -2.03 66.32
CA GLN A 983 7.37 -1.47 66.63
C GLN A 983 8.21 -2.45 67.43
N GLN A 984 7.60 -3.28 68.26
CA GLN A 984 8.35 -4.26 69.03
C GLN A 984 9.05 -5.26 68.12
N VAL A 985 8.34 -5.75 67.10
CA VAL A 985 8.94 -6.68 66.15
C VAL A 985 10.09 -6.02 65.41
N LEU A 986 9.89 -4.78 64.96
CA LEU A 986 10.95 -4.07 64.25
C LEU A 986 12.17 -3.88 65.11
N SER A 987 11.97 -3.50 66.38
CA SER A 987 13.11 -3.32 67.28
C SER A 987 13.84 -4.63 67.52
N GLU A 988 13.10 -5.72 67.72
CA GLU A 988 13.74 -7.02 67.95
C GLU A 988 14.49 -7.50 66.73
N ASN A 989 13.89 -7.36 65.54
CA ASN A 989 14.43 -7.92 64.30
C ASN A 989 15.08 -6.87 63.42
N GLN A 990 15.78 -5.91 64.03
CA GLN A 990 16.42 -4.84 63.25
C GLN A 990 17.47 -5.41 62.28
N LYS A 991 18.49 -6.04 62.84
CA LYS A 991 19.60 -6.52 62.00
C LYS A 991 19.15 -7.62 61.06
N LEU A 992 18.22 -8.48 61.48
CA LEU A 992 17.68 -9.49 60.58
C LEU A 992 17.01 -8.85 59.38
N ILE A 993 16.19 -7.82 59.62
CA ILE A 993 15.51 -7.12 58.53
C ILE A 993 16.52 -6.50 57.58
N ALA A 994 17.55 -5.84 58.14
CA ALA A 994 18.56 -5.21 57.29
C ALA A 994 19.33 -6.26 56.49
N ASN A 995 19.66 -7.39 57.11
CA ASN A 995 20.36 -8.45 56.39
C ASN A 995 19.52 -9.01 55.25
N LYS A 996 18.22 -9.19 55.48
CA LYS A 996 17.36 -9.69 54.41
C LYS A 996 17.21 -8.68 53.28
N PHE A 997 17.15 -7.39 53.63
CA PHE A 997 17.10 -6.35 52.60
C PHE A 997 18.38 -6.35 51.77
N ASN A 998 19.53 -6.49 52.43
CA ASN A 998 20.80 -6.53 51.71
C ASN A 998 20.93 -7.81 50.89
N GLN A 999 20.34 -8.91 51.35
CA GLN A 999 20.27 -10.12 50.56
C GLN A 999 19.46 -9.89 49.30
N ALA A 1000 18.35 -9.16 49.42
CA ALA A 1000 17.50 -8.89 48.26
C ALA A 1000 18.22 -8.01 47.24
N LEU A 1001 18.84 -6.92 47.70
CA LEU A 1001 19.54 -6.02 46.77
C LEU A 1001 20.73 -6.70 46.13
N GLY A 1002 21.39 -7.62 46.84
CA GLY A 1002 22.58 -8.24 46.31
C GLY A 1002 22.33 -9.16 45.14
N ALA A 1003 21.10 -9.61 44.94
CA ALA A 1003 20.77 -10.62 43.94
C ALA A 1003 19.99 -10.06 42.75
N MET A 1004 19.84 -8.73 42.64
CA MET A 1004 19.12 -8.20 41.49
C MET A 1004 19.98 -8.15 40.24
N GLN A 1005 21.28 -8.40 40.35
CA GLN A 1005 22.10 -8.59 39.16
C GLN A 1005 21.65 -9.82 38.38
N THR A 1006 21.23 -10.87 39.09
CA THR A 1006 20.93 -12.16 38.47
C THR A 1006 19.70 -12.12 37.57
N GLY A 1007 18.90 -11.07 37.65
CA GLY A 1007 17.73 -10.95 36.80
C GLY A 1007 17.98 -10.38 35.43
N PHE A 1008 19.24 -10.13 35.07
CA PHE A 1008 19.59 -9.57 33.76
C PHE A 1008 19.78 -10.71 32.75
N THR A 1009 18.69 -11.42 32.50
CA THR A 1009 18.67 -12.50 31.53
C THR A 1009 17.31 -12.50 30.83
N THR A 1010 17.30 -13.06 29.61
CA THR A 1010 16.04 -13.12 28.87
C THR A 1010 15.03 -14.08 29.50
N THR A 1011 15.45 -14.89 30.47
CA THR A 1011 14.49 -15.64 31.27
C THR A 1011 13.62 -14.69 32.09
N ASN A 1012 14.21 -13.61 32.59
CA ASN A 1012 13.43 -12.57 33.27
C ASN A 1012 12.59 -11.80 32.27
N LEU A 1013 11.37 -11.45 32.67
CA LEU A 1013 10.44 -10.78 31.77
C LEU A 1013 10.93 -9.38 31.38
N ALA A 1014 11.29 -8.56 32.38
CA ALA A 1014 11.56 -7.16 32.11
C ALA A 1014 12.81 -6.95 31.27
N PHE A 1015 13.85 -7.73 31.53
CA PHE A 1015 15.07 -7.62 30.72
C PHE A 1015 14.79 -8.03 29.28
N SER A 1016 14.01 -9.10 29.10
CA SER A 1016 13.60 -9.49 27.76
C SER A 1016 12.80 -8.39 27.08
N LYS A 1017 12.00 -7.63 27.84
CA LYS A 1017 11.28 -6.52 27.24
C LYS A 1017 12.21 -5.39 26.83
N VAL A 1018 13.26 -5.14 27.62
CA VAL A 1018 14.28 -4.18 27.22
C VAL A 1018 14.88 -4.57 25.87
N GLN A 1019 15.29 -5.83 25.77
CA GLN A 1019 15.89 -6.30 24.52
C GLN A 1019 14.88 -6.30 23.38
N ASP A 1020 13.60 -6.54 23.68
CA ASP A 1020 12.56 -6.45 22.67
C ASP A 1020 12.46 -5.04 22.11
N ALA A 1021 12.53 -4.03 22.98
CA ALA A 1021 12.48 -2.65 22.51
C ALA A 1021 13.69 -2.32 21.64
N VAL A 1022 14.87 -2.78 22.05
CA VAL A 1022 16.07 -2.60 21.23
C VAL A 1022 15.89 -3.25 19.86
N ASN A 1023 15.36 -4.47 19.85
CA ASN A 1023 15.17 -5.20 18.60
C ASN A 1023 14.14 -4.53 17.71
N ALA A 1024 13.10 -3.94 18.29
CA ALA A 1024 12.12 -3.20 17.49
C ALA A 1024 12.75 -1.98 16.84
N ASN A 1025 13.60 -1.27 17.59
CA ASN A 1025 14.36 -0.17 17.01
C ASN A 1025 15.19 -0.64 15.82
N ALA A 1026 15.91 -1.74 16.00
CA ALA A 1026 16.72 -2.26 14.89
C ALA A 1026 15.86 -2.74 13.73
N GLN A 1027 14.69 -3.30 14.02
CA GLN A 1027 13.82 -3.87 13.00
C GLN A 1027 13.25 -2.79 12.09
N ALA A 1028 12.92 -1.62 12.65
CA ALA A 1028 12.46 -0.53 11.81
C ALA A 1028 13.52 -0.13 10.79
N LEU A 1029 14.77 -0.01 11.24
CA LEU A 1029 15.86 0.36 10.33
C LEU A 1029 16.11 -0.72 9.30
N SER A 1030 16.02 -2.00 9.70
CA SER A 1030 16.20 -3.10 8.75
C SER A 1030 15.13 -3.06 7.67
N LYS A 1031 13.86 -2.92 8.07
CA LYS A 1031 12.79 -2.88 7.08
C LYS A 1031 12.92 -1.67 6.18
N LEU A 1032 13.48 -0.57 6.70
CA LEU A 1032 13.71 0.59 5.85
C LEU A 1032 14.81 0.34 4.83
N ALA A 1033 15.93 -0.23 5.27
CA ALA A 1033 17.07 -0.41 4.37
C ALA A 1033 16.88 -1.57 3.39
N SER A 1034 16.11 -2.59 3.78
CA SER A 1034 15.96 -3.76 2.92
C SER A 1034 14.99 -3.53 1.77
N GLU A 1035 14.06 -2.59 1.93
CA GLU A 1035 13.08 -2.34 0.89
C GLU A 1035 13.68 -1.73 -0.37
N LEU A 1036 14.92 -1.22 -0.30
CA LEU A 1036 15.54 -0.61 -1.45
C LEU A 1036 16.02 -1.62 -2.48
N SER A 1037 16.00 -2.91 -2.16
CA SER A 1037 16.37 -3.96 -3.10
C SER A 1037 15.16 -4.65 -3.71
N ASN A 1038 13.95 -4.28 -3.29
CA ASN A 1038 12.75 -4.78 -3.93
C ASN A 1038 12.65 -4.18 -5.34
N THR A 1039 12.44 -5.04 -6.34
CA THR A 1039 12.37 -4.56 -7.72
C THR A 1039 10.97 -4.10 -8.10
N PHE A 1040 9.94 -4.50 -7.35
CA PHE A 1040 8.55 -4.12 -7.61
C PHE A 1040 8.10 -4.50 -9.02
N GLY A 1041 8.72 -5.50 -9.62
CA GLY A 1041 8.37 -5.93 -10.96
C GLY A 1041 9.14 -5.27 -12.08
N ALA A 1042 10.23 -4.59 -11.78
CA ALA A 1042 11.10 -4.03 -12.81
C ALA A 1042 12.25 -5.00 -13.09
N ILE A 1043 13.03 -4.68 -14.13
CA ILE A 1043 14.13 -5.54 -14.51
C ILE A 1043 15.16 -5.61 -13.38
N SER A 1044 15.37 -4.48 -12.69
CA SER A 1044 16.28 -4.42 -11.56
C SER A 1044 15.74 -3.42 -10.55
N SER A 1045 16.32 -3.45 -9.35
CA SER A 1045 16.07 -2.44 -8.34
C SER A 1045 17.11 -1.33 -8.35
N SER A 1046 18.08 -1.40 -9.25
CA SER A 1046 19.09 -0.38 -9.41
C SER A 1046 18.73 0.51 -10.59
N ILE A 1047 18.63 1.82 -10.35
CA ILE A 1047 18.28 2.74 -11.42
C ILE A 1047 19.39 2.80 -12.46
N SER A 1048 20.64 2.57 -12.06
CA SER A 1048 21.74 2.57 -13.01
C SER A 1048 21.58 1.45 -14.04
N ASP A 1049 21.18 0.26 -13.60
CA ASP A 1049 20.95 -0.85 -14.54
C ASP A 1049 19.81 -0.52 -15.51
N ILE A 1050 18.72 0.06 -15.02
CA ILE A 1050 17.61 0.40 -15.89
C ILE A 1050 18.03 1.43 -16.92
N LEU A 1051 18.77 2.46 -16.50
CA LEU A 1051 19.28 3.44 -17.43
C LEU A 1051 20.28 2.83 -18.41
N LYS A 1052 20.95 1.76 -17.97
CA LYS A 1052 21.92 1.08 -18.83
C LYS A 1052 21.23 0.30 -19.95
N ARG A 1053 20.19 -0.46 -19.62
CA ARG A 1053 19.72 -1.51 -20.51
C ARG A 1053 18.55 -1.12 -21.40
N LEU A 1054 17.85 -0.02 -21.11
CA LEU A 1054 16.59 0.24 -21.77
C LEU A 1054 16.60 1.58 -22.50
N ASP A 1055 15.51 1.84 -23.23
CA ASP A 1055 15.31 3.06 -23.98
C ASP A 1055 14.32 3.96 -23.25
N ALA A 1056 14.05 5.13 -23.84
CA ALA A 1056 13.45 6.24 -23.09
C ALA A 1056 12.12 5.87 -22.46
N VAL A 1057 11.17 5.36 -23.26
CA VAL A 1057 9.84 5.07 -22.75
C VAL A 1057 9.87 3.88 -21.79
N GLU A 1058 10.60 2.83 -22.17
CA GLU A 1058 10.73 1.66 -21.32
C GLU A 1058 11.46 2.01 -20.02
N GLN A 1059 12.53 2.83 -20.14
CA GLN A 1059 13.22 3.33 -18.96
C GLN A 1059 12.27 4.06 -18.03
N GLU A 1060 11.45 4.94 -18.59
CA GLU A 1060 10.54 5.75 -17.77
C GLU A 1060 9.52 4.88 -17.05
N ALA A 1061 8.95 3.89 -17.74
CA ALA A 1061 8.00 2.99 -17.07
C ALA A 1061 8.66 2.20 -15.95
N GLN A 1062 9.86 1.67 -16.21
CA GLN A 1062 10.54 0.88 -15.19
C GLN A 1062 10.94 1.73 -14.00
N ILE A 1063 11.29 2.99 -14.22
CA ILE A 1063 11.62 3.88 -13.11
C ILE A 1063 10.37 4.24 -12.32
N ASP A 1064 9.23 4.43 -13.01
CA ASP A 1064 7.98 4.68 -12.34
C ASP A 1064 7.62 3.53 -11.40
N ARG A 1065 7.91 2.30 -11.81
CA ARG A 1065 7.65 1.16 -10.92
C ARG A 1065 8.35 1.33 -9.58
N LEU A 1066 9.67 1.58 -9.61
CA LEU A 1066 10.45 1.74 -8.39
C LEU A 1066 9.97 2.95 -7.60
N ILE A 1067 9.67 4.05 -8.28
CA ILE A 1067 9.19 5.24 -7.59
C ILE A 1067 7.94 4.92 -6.79
N ASN A 1068 6.94 4.31 -7.44
CA ASN A 1068 5.69 4.03 -6.75
C ASN A 1068 5.90 3.09 -5.58
N GLY A 1069 6.71 2.05 -5.77
CA GLY A 1069 6.95 1.13 -4.67
C GLY A 1069 7.62 1.79 -3.48
N ARG A 1070 8.63 2.62 -3.74
CA ARG A 1070 9.36 3.26 -2.65
C ARG A 1070 8.51 4.28 -1.91
N LEU A 1071 7.66 5.02 -2.64
CA LEU A 1071 6.72 5.91 -1.96
C LEU A 1071 5.74 5.14 -1.08
N THR A 1072 5.19 4.02 -1.56
CA THR A 1072 4.27 3.27 -0.72
C THR A 1072 4.97 2.74 0.54
N SER A 1073 6.21 2.25 0.39
CA SER A 1073 6.92 1.74 1.56
C SER A 1073 7.27 2.85 2.53
N LEU A 1074 7.62 4.05 2.04
CA LEU A 1074 7.90 5.16 2.94
C LEU A 1074 6.65 5.60 3.68
N ASN A 1075 5.50 5.60 3.00
CA ASN A 1075 4.25 5.91 3.68
C ASN A 1075 3.98 4.91 4.79
N ALA A 1076 4.21 3.62 4.54
CA ALA A 1076 4.02 2.61 5.57
C ALA A 1076 4.96 2.86 6.75
N PHE A 1077 6.23 3.17 6.47
CA PHE A 1077 7.19 3.44 7.54
C PHE A 1077 6.76 4.62 8.39
N VAL A 1078 6.28 5.69 7.76
CA VAL A 1078 5.84 6.86 8.51
C VAL A 1078 4.64 6.52 9.40
N ALA A 1079 3.69 5.76 8.86
CA ALA A 1079 2.51 5.40 9.65
C ALA A 1079 2.90 4.59 10.88
N GLN A 1080 3.79 3.60 10.71
CA GLN A 1080 4.17 2.80 11.86
C GLN A 1080 4.99 3.61 12.86
N GLN A 1081 5.82 4.55 12.39
CA GLN A 1081 6.57 5.39 13.33
C GLN A 1081 5.63 6.27 14.14
N LEU A 1082 4.58 6.80 13.51
CA LEU A 1082 3.61 7.59 14.26
C LEU A 1082 2.93 6.75 15.34
N VAL A 1083 2.53 5.53 14.99
CA VAL A 1083 1.88 4.66 15.98
C VAL A 1083 2.83 4.36 17.13
N ARG A 1084 4.09 4.03 16.81
CA ARG A 1084 5.06 3.70 17.84
C ARG A 1084 5.34 4.90 18.75
N SER A 1085 5.39 6.10 18.18
CA SER A 1085 5.65 7.28 19.01
C SER A 1085 4.47 7.62 19.91
N GLU A 1086 3.25 7.46 19.41
CA GLU A 1086 2.07 7.61 20.26
C GLU A 1086 2.12 6.64 21.45
N THR A 1087 2.43 5.38 21.15
CA THR A 1087 2.52 4.38 22.22
C THR A 1087 3.61 4.73 23.22
N ALA A 1088 4.77 5.17 22.74
CA ALA A 1088 5.87 5.50 23.64
C ALA A 1088 5.54 6.71 24.52
N ALA A 1089 4.79 7.68 24.00
CA ALA A 1089 4.40 8.82 24.82
C ALA A 1089 3.42 8.42 25.91
N ARG A 1090 2.45 7.57 25.58
CA ARG A 1090 1.54 7.07 26.61
C ARG A 1090 2.29 6.28 27.67
N SER A 1091 3.25 5.45 27.24
CA SER A 1091 4.03 4.68 28.20
C SER A 1091 4.93 5.57 29.05
N ALA A 1092 5.41 6.69 28.50
CA ALA A 1092 6.16 7.65 29.30
C ALA A 1092 5.29 8.25 30.38
N GLN A 1093 4.04 8.57 30.05
CA GLN A 1093 3.11 9.04 31.08
C GLN A 1093 2.93 7.99 32.17
N LEU A 1094 2.80 6.72 31.77
CA LEU A 1094 2.69 5.65 32.74
C LEU A 1094 3.94 5.55 33.63
N ALA A 1095 5.12 5.74 33.03
CA ALA A 1095 6.36 5.68 33.81
C ALA A 1095 6.44 6.81 34.83
N SER A 1096 5.98 8.00 34.45
CA SER A 1096 5.93 9.09 35.42
C SER A 1096 4.98 8.77 36.57
N ASP A 1097 3.82 8.19 36.25
CA ASP A 1097 2.88 7.78 37.30
C ASP A 1097 3.52 6.75 38.23
N LYS A 1098 4.24 5.78 37.66
CA LYS A 1098 4.90 4.76 38.47
C LYS A 1098 5.95 5.38 39.38
N VAL A 1099 6.73 6.34 38.87
CA VAL A 1099 7.72 6.98 39.74
C VAL A 1099 7.04 7.67 40.91
N ASN A 1100 6.01 8.47 40.61
CA ASN A 1100 5.34 9.22 41.67
C ASN A 1100 4.64 8.33 42.67
N GLU A 1101 4.20 7.13 42.27
CA GLU A 1101 3.49 6.31 43.23
C GLU A 1101 4.38 5.31 43.96
N CYS A 1102 5.34 4.70 43.29
CA CYS A 1102 6.13 3.63 43.88
C CYS A 1102 7.51 4.08 44.35
N VAL A 1103 8.12 5.07 43.70
CA VAL A 1103 9.47 5.47 44.07
C VAL A 1103 9.45 6.56 45.13
N LYS A 1104 8.69 7.62 44.91
CA LYS A 1104 8.64 8.73 45.85
C LYS A 1104 7.73 8.47 47.04
N SER A 1105 6.85 7.48 46.95
CA SER A 1105 5.89 7.21 48.01
C SER A 1105 5.69 5.70 48.12
N GLN A 1106 4.84 5.30 49.07
CA GLN A 1106 4.53 3.89 49.30
C GLN A 1106 3.10 3.61 48.83
N SER A 1107 2.93 2.48 48.16
CA SER A 1107 1.67 2.15 47.50
C SER A 1107 0.84 1.22 48.36
N LYS A 1108 -0.46 1.50 48.41
CA LYS A 1108 -1.44 0.61 49.05
C LYS A 1108 -2.16 -0.28 48.05
N ARG A 1109 -2.12 0.05 46.76
CA ARG A 1109 -2.67 -0.81 45.74
C ARG A 1109 -1.84 -2.09 45.63
N ASN A 1110 -2.50 -3.17 45.23
CA ASN A 1110 -1.85 -4.47 45.10
C ASN A 1110 -1.59 -4.77 43.63
N GLY A 1111 -0.33 -5.07 43.31
CA GLY A 1111 0.06 -5.37 41.96
C GLY A 1111 0.50 -4.20 41.11
N PHE A 1112 0.40 -2.97 41.62
CA PHE A 1112 0.83 -1.81 40.86
C PHE A 1112 2.34 -1.61 40.94
N CYS A 1113 2.91 -1.88 42.11
CA CYS A 1113 4.34 -1.71 42.33
C CYS A 1113 4.97 -3.06 42.65
N GLY A 1114 4.63 -4.07 41.85
CA GLY A 1114 5.16 -5.40 42.03
C GLY A 1114 4.19 -6.30 42.77
N SER A 1115 4.65 -7.52 43.02
CA SER A 1115 3.84 -8.53 43.68
C SER A 1115 4.13 -8.53 45.19
N GLY A 1116 3.08 -8.50 45.99
CA GLY A 1116 3.21 -8.52 47.42
C GLY A 1116 2.81 -7.20 48.06
N THR A 1117 3.33 -6.98 49.26
CA THR A 1117 3.11 -5.75 49.99
C THR A 1117 4.26 -4.80 49.69
N HIS A 1118 3.97 -3.70 48.99
CA HIS A 1118 5.00 -2.78 48.55
C HIS A 1118 5.66 -2.09 49.73
N ILE A 1119 6.99 -1.95 49.66
CA ILE A 1119 7.75 -1.25 50.69
C ILE A 1119 8.42 -0.02 50.08
N VAL A 1120 9.30 -0.25 49.10
CA VAL A 1120 10.06 0.83 48.48
C VAL A 1120 10.45 0.38 47.08
N SER A 1121 10.50 1.34 46.16
CA SER A 1121 10.88 1.07 44.78
C SER A 1121 12.01 1.99 44.36
N PHE A 1122 12.85 1.49 43.46
CA PHE A 1122 13.95 2.23 42.89
C PHE A 1122 13.84 2.19 41.37
N VAL A 1123 14.31 3.26 40.72
CA VAL A 1123 14.26 3.36 39.27
C VAL A 1123 15.65 3.76 38.78
N ILE A 1124 16.11 3.11 37.72
CA ILE A 1124 17.33 3.48 37.03
C ILE A 1124 17.00 3.75 35.57
N ASN A 1125 18.01 4.08 34.78
CA ASN A 1125 17.81 4.30 33.36
C ASN A 1125 18.08 3.01 32.59
N ALA A 1126 17.24 2.75 31.61
CA ALA A 1126 17.37 1.62 30.72
C ALA A 1126 17.39 2.11 29.28
N PRO A 1127 17.86 1.30 28.33
CA PRO A 1127 17.75 1.69 26.92
C PRO A 1127 16.31 1.93 26.53
N ASN A 1128 16.01 3.18 26.17
CA ASN A 1128 14.71 3.65 25.68
C ASN A 1128 13.64 3.74 26.77
N GLY A 1129 14.01 3.76 28.05
CA GLY A 1129 13.01 3.89 29.08
C GLY A 1129 13.61 3.76 30.46
N PHE A 1130 12.76 3.40 31.41
CA PHE A 1130 13.11 3.28 32.81
C PHE A 1130 13.05 1.82 33.25
N TYR A 1131 13.88 1.48 34.22
CA TYR A 1131 13.89 0.15 34.81
C TYR A 1131 13.66 0.27 36.31
N PHE A 1132 12.70 -0.49 36.82
CA PHE A 1132 12.24 -0.38 38.20
C PHE A 1132 12.63 -1.61 39.01
N PHE A 1133 12.87 -1.39 40.29
CA PHE A 1133 13.11 -2.45 41.26
C PHE A 1133 12.11 -2.26 42.40
N HIS A 1134 11.06 -3.08 42.40
CA HIS A 1134 10.02 -3.00 43.41
C HIS A 1134 10.33 -3.97 44.54
N VAL A 1135 10.56 -3.44 45.74
CA VAL A 1135 10.86 -4.25 46.92
C VAL A 1135 9.56 -4.50 47.67
N GLY A 1136 9.24 -5.75 47.89
CA GLY A 1136 7.98 -6.12 48.51
C GLY A 1136 8.15 -7.09 49.66
N TYR A 1137 7.20 -7.04 50.58
CA TYR A 1137 7.17 -7.95 51.72
C TYR A 1137 6.56 -9.28 51.28
N VAL A 1138 7.32 -10.35 51.39
CA VAL A 1138 6.90 -11.68 50.98
C VAL A 1138 6.87 -12.59 52.20
N PRO A 1139 5.70 -12.84 52.77
CA PRO A 1139 5.62 -13.66 53.98
C PRO A 1139 5.78 -15.15 53.70
N THR A 1140 6.36 -15.84 54.67
CA THR A 1140 6.46 -17.29 54.67
C THR A 1140 6.06 -17.82 56.04
N ASN A 1141 5.81 -19.13 56.11
CA ASN A 1141 5.69 -19.85 57.37
C ASN A 1141 4.62 -19.23 58.28
N HIS A 1142 3.37 -19.33 57.81
CA HIS A 1142 2.27 -18.76 58.56
C HIS A 1142 1.99 -19.61 59.81
N VAL A 1143 0.96 -19.22 60.55
CA VAL A 1143 0.52 -19.95 61.74
C VAL A 1143 -0.96 -19.69 61.93
N ASN A 1144 -1.68 -20.73 62.37
CA ASN A 1144 -3.12 -20.62 62.58
C ASN A 1144 -3.40 -20.17 64.01
N VAL A 1145 -4.14 -19.08 64.15
CA VAL A 1145 -4.54 -18.57 65.45
C VAL A 1145 -6.02 -18.19 65.40
N THR A 1146 -6.66 -18.22 66.56
CA THR A 1146 -8.06 -17.83 66.66
C THR A 1146 -8.15 -16.33 66.89
N ALA A 1147 -8.91 -15.66 66.04
CA ALA A 1147 -9.07 -14.22 66.11
C ALA A 1147 -10.51 -13.86 66.47
N ALA A 1148 -10.68 -12.66 67.01
CA ALA A 1148 -11.99 -12.15 67.38
C ALA A 1148 -12.35 -10.96 66.51
N TYR A 1149 -13.63 -10.85 66.17
CA TYR A 1149 -14.12 -9.66 65.47
C TYR A 1149 -13.98 -8.43 66.37
N GLY A 1150 -14.27 -8.58 67.64
CA GLY A 1150 -14.11 -7.50 68.60
C GLY A 1150 -14.52 -7.99 69.97
N LEU A 1151 -14.17 -7.19 70.97
CA LEU A 1151 -14.48 -7.49 72.35
C LEU A 1151 -15.44 -6.45 72.90
N CYS A 1152 -16.35 -6.88 73.77
CA CYS A 1152 -17.40 -6.03 74.31
C CYS A 1152 -17.43 -6.10 75.82
N ASN A 1153 -17.82 -4.98 76.42
CA ASN A 1153 -17.95 -4.86 77.88
C ASN A 1153 -19.25 -5.50 78.36
N THR A 1154 -19.25 -5.89 79.63
CA THR A 1154 -20.46 -6.39 80.27
C THR A 1154 -21.15 -5.30 81.10
N ASP A 1155 -21.60 -4.24 80.45
CA ASP A 1155 -22.11 -3.06 81.13
C ASP A 1155 -23.41 -2.60 80.51
N THR A 1156 -24.08 -1.67 81.19
CA THR A 1156 -25.05 -0.82 80.54
C THR A 1156 -24.35 -0.11 79.38
N PRO A 1157 -25.09 0.47 78.44
CA PRO A 1157 -24.83 0.17 77.01
C PRO A 1157 -23.35 -0.05 76.76
N PRO A 1158 -22.98 -1.25 76.34
CA PRO A 1158 -21.59 -1.69 76.45
C PRO A 1158 -20.65 -0.94 75.52
N ARG A 1159 -19.42 -0.79 75.96
CA ARG A 1159 -18.34 -0.31 75.12
C ARG A 1159 -17.68 -1.52 74.44
N CYS A 1160 -17.38 -1.36 73.16
CA CYS A 1160 -16.80 -2.44 72.37
C CYS A 1160 -15.64 -1.89 71.57
N ILE A 1161 -14.65 -2.74 71.33
CA ILE A 1161 -13.42 -2.33 70.65
C ILE A 1161 -13.13 -3.26 69.49
N ALA A 1162 -12.35 -2.76 68.54
CA ALA A 1162 -11.88 -3.49 67.39
C ALA A 1162 -10.40 -3.20 67.17
N PRO A 1163 -9.65 -4.13 66.59
CA PRO A 1163 -8.22 -3.90 66.39
C PRO A 1163 -7.95 -2.89 65.29
N ILE A 1164 -6.79 -2.23 65.42
CA ILE A 1164 -6.31 -1.26 64.45
C ILE A 1164 -5.17 -1.90 63.68
N ASP A 1165 -5.37 -2.13 62.39
CA ASP A 1165 -4.35 -2.68 61.50
C ASP A 1165 -3.79 -4.00 62.03
N GLY A 1166 -4.66 -4.83 62.60
CA GLY A 1166 -4.22 -6.07 63.19
C GLY A 1166 -5.38 -6.91 63.64
N TYR A 1167 -5.09 -7.84 64.53
CA TYR A 1167 -6.07 -8.82 65.00
C TYR A 1167 -6.01 -8.94 66.52
N PHE A 1168 -7.14 -9.32 67.10
CA PHE A 1168 -7.20 -9.77 68.49
C PHE A 1168 -7.10 -11.28 68.50
N VAL A 1169 -5.97 -11.80 68.99
CA VAL A 1169 -5.70 -13.26 68.89
C VAL A 1169 -5.62 -13.90 70.28
N LEU A 1170 -6.00 -15.19 70.38
CA LEU A 1170 -5.99 -15.92 71.66
C LEU A 1170 -4.64 -16.57 71.97
N ASN A 1171 -3.66 -16.55 71.07
CA ASN A 1171 -2.42 -17.32 71.30
C ASN A 1171 -1.53 -16.71 72.37
N ASN A 1172 -0.51 -17.46 72.81
CA ASN A 1172 0.40 -17.00 73.89
C ASN A 1172 -0.41 -16.35 75.01
N VAL A 1179 -10.86 -16.41 81.63
CA VAL A 1179 -10.15 -17.64 81.27
C VAL A 1179 -9.48 -17.49 79.90
N ASP A 1180 -10.12 -16.74 79.01
CA ASP A 1180 -9.56 -16.44 77.70
C ASP A 1180 -8.85 -15.10 77.74
N GLN A 1181 -7.54 -15.11 77.58
CA GLN A 1181 -6.75 -13.89 77.56
C GLN A 1181 -6.49 -13.50 76.11
N TRP A 1182 -6.93 -12.30 75.73
CA TRP A 1182 -6.80 -11.82 74.37
C TRP A 1182 -5.60 -10.89 74.24
N TYR A 1183 -4.95 -10.95 73.07
CA TYR A 1183 -3.82 -10.12 72.76
C TYR A 1183 -4.03 -9.45 71.41
N TYR A 1184 -3.18 -8.49 71.10
CA TYR A 1184 -3.16 -7.84 69.80
C TYR A 1184 -1.92 -8.29 69.04
N THR A 1185 -2.07 -8.45 67.73
CA THR A 1185 -0.95 -8.77 66.86
C THR A 1185 -1.07 -7.97 65.57
N GLY A 1186 0.07 -7.60 65.00
CA GLY A 1186 0.06 -7.01 63.68
C GLY A 1186 -0.35 -8.04 62.63
N SER A 1187 -0.97 -7.53 61.56
CA SER A 1187 -1.47 -8.44 60.52
C SER A 1187 -0.34 -9.06 59.71
N SER A 1188 0.85 -8.48 59.73
CA SER A 1188 1.95 -8.96 58.90
C SER A 1188 2.98 -9.79 59.66
N PHE A 1189 3.01 -9.71 60.98
CA PHE A 1189 3.95 -10.51 61.77
C PHE A 1189 3.29 -10.86 63.08
N PHE A 1190 3.42 -12.13 63.49
CA PHE A 1190 2.76 -12.61 64.70
C PHE A 1190 3.58 -12.23 65.93
N ASN A 1191 3.00 -11.40 66.79
CA ASN A 1191 3.60 -11.05 68.08
C ASN A 1191 2.50 -10.64 69.04
N PRO A 1192 2.16 -11.48 70.02
CA PRO A 1192 1.10 -11.12 70.98
C PRO A 1192 1.55 -9.98 71.89
N GLU A 1193 0.79 -8.89 71.86
CA GLU A 1193 1.03 -7.72 72.69
C GLU A 1193 -0.21 -7.40 73.51
N PRO A 1194 -0.06 -6.71 74.64
CA PRO A 1194 -1.25 -6.28 75.39
C PRO A 1194 -2.11 -5.33 74.59
N ILE A 1195 -3.41 -5.39 74.82
CA ILE A 1195 -4.36 -4.54 74.12
C ILE A 1195 -4.45 -3.20 74.84
N THR A 1196 -4.13 -2.12 74.12
CA THR A 1196 -4.27 -0.77 74.65
C THR A 1196 -5.02 0.11 73.65
N MET A 1197 -5.14 1.40 73.94
CA MET A 1197 -5.72 2.33 72.99
C MET A 1197 -4.79 2.62 71.82
N ALA A 1198 -3.53 2.17 71.88
CA ALA A 1198 -2.61 2.33 70.77
C ALA A 1198 -2.94 1.40 69.61
N ASN A 1199 -3.69 0.33 69.86
CA ASN A 1199 -4.02 -0.63 68.80
C ASN A 1199 -5.49 -1.01 68.79
N ALA A 1200 -6.32 -0.40 69.63
CA ALA A 1200 -7.75 -0.65 69.65
C ALA A 1200 -8.50 0.64 69.40
N ARG A 1201 -9.70 0.52 68.83
CA ARG A 1201 -10.59 1.65 68.64
C ARG A 1201 -11.98 1.27 69.12
N TYR A 1202 -12.75 2.27 69.53
CA TYR A 1202 -14.11 2.03 70.00
C TYR A 1202 -15.05 1.87 68.81
N VAL A 1203 -15.91 0.86 68.87
CA VAL A 1203 -16.89 0.58 67.83
C VAL A 1203 -18.22 0.30 68.49
N SER A 1204 -19.25 0.11 67.68
CA SER A 1204 -20.60 -0.11 68.16
C SER A 1204 -20.85 -1.59 68.44
N GLN A 1205 -21.91 -1.85 69.21
CA GLN A 1205 -22.22 -3.22 69.62
C GLN A 1205 -22.48 -4.11 68.41
N ASP A 1206 -22.00 -5.35 68.49
CA ASP A 1206 -22.17 -6.32 67.42
C ASP A 1206 -22.34 -7.69 68.06
N VAL A 1207 -23.16 -8.54 67.44
CA VAL A 1207 -23.43 -9.86 68.00
C VAL A 1207 -22.33 -10.87 67.72
N LYS A 1208 -21.37 -10.54 66.85
CA LYS A 1208 -20.20 -11.38 66.64
C LYS A 1208 -19.12 -11.15 67.68
N PHE A 1209 -19.26 -10.10 68.49
CA PHE A 1209 -18.19 -9.67 69.37
C PHE A 1209 -18.19 -10.49 70.65
N GLU A 1210 -16.99 -10.82 71.14
CA GLU A 1210 -16.86 -11.60 72.36
C GLU A 1210 -17.33 -10.78 73.56
N ASN A 1211 -18.03 -11.46 74.47
CA ASN A 1211 -18.54 -10.81 75.71
C ASN A 1211 -17.57 -11.19 76.83
N LEU A 1212 -16.79 -10.25 77.33
CA LEU A 1212 -15.73 -10.49 78.30
C LEU A 1212 -16.19 -10.06 79.68
N THR A 1213 -16.00 -10.94 80.66
CA THR A 1213 -16.25 -10.64 82.06
C THR A 1213 -15.01 -10.80 82.93
N ASN A 1214 -13.92 -11.36 82.40
CA ASN A 1214 -12.69 -11.56 83.13
C ASN A 1214 -11.51 -11.04 82.32
N GLN A 1215 -10.51 -10.52 83.03
CA GLN A 1215 -9.28 -10.02 82.41
C GLN A 1215 -9.59 -8.98 81.33
N LEU A 1216 -10.45 -8.03 81.67
CA LEU A 1216 -10.85 -7.01 80.73
C LEU A 1216 -9.65 -6.16 80.34
N PRO A 1217 -9.45 -5.87 79.05
CA PRO A 1217 -8.38 -4.97 78.64
C PRO A 1217 -8.64 -3.56 79.12
N PRO A 1218 -7.59 -2.75 79.29
CA PRO A 1218 -7.76 -1.39 79.82
C PRO A 1218 -8.75 -0.56 79.03
N PRO A 1219 -8.81 -0.67 77.69
CA PRO A 1219 -9.87 0.06 76.97
C PRO A 1219 -11.28 -0.29 77.42
N LEU A 1220 -11.53 -1.55 77.79
CA LEU A 1220 -12.86 -2.01 78.17
C LEU A 1220 -13.08 -1.94 79.68
N LEU A 1221 -12.14 -1.39 80.43
CA LEU A 1221 -12.21 -1.37 81.89
C LEU A 1221 -12.55 0.04 82.35
N ASN A 1222 -13.52 0.14 83.26
CA ASN A 1222 -13.96 1.42 83.77
C ASN A 1222 -12.91 2.04 84.69
N ASP B 18 12.87 32.62 -49.07
CA ASP B 18 13.60 33.87 -48.85
C ASP B 18 12.65 35.07 -48.98
N VAL B 19 12.97 36.15 -48.27
CA VAL B 19 12.17 37.36 -48.31
C VAL B 19 13.12 38.52 -48.59
N ASP B 20 12.56 39.60 -49.14
CA ASP B 20 13.37 40.73 -49.59
C ASP B 20 13.73 41.62 -48.40
N SER B 21 15.03 41.92 -48.28
CA SER B 21 15.53 42.75 -47.20
C SER B 21 15.65 44.22 -47.56
N GLY B 22 15.24 44.60 -48.77
CA GLY B 22 15.34 45.97 -49.21
C GLY B 22 16.58 46.24 -50.04
N PRO B 23 16.91 47.51 -50.23
CA PRO B 23 18.05 47.87 -51.09
C PRO B 23 19.36 47.71 -50.35
N PRO B 24 20.41 47.21 -51.01
CA PRO B 24 21.72 47.11 -50.37
C PRO B 24 22.32 48.47 -50.02
N SER B 25 23.49 48.45 -49.38
CA SER B 25 24.14 49.68 -48.93
C SER B 25 25.11 50.16 -50.02
N SER B 26 24.94 51.41 -50.44
CA SER B 26 25.74 52.00 -51.50
C SER B 26 26.93 52.80 -50.96
N ALA B 27 27.32 52.58 -49.72
CA ALA B 27 28.46 53.25 -49.12
C ALA B 27 29.69 52.33 -49.24
N THR B 28 30.73 52.83 -49.89
CA THR B 28 31.89 51.99 -50.18
C THR B 28 32.71 51.72 -48.93
N SER B 29 32.92 52.72 -48.09
CA SER B 29 33.81 52.62 -46.94
C SER B 29 33.02 52.68 -45.64
N CYS B 30 33.48 51.93 -44.64
CA CYS B 30 32.87 51.93 -43.33
C CYS B 30 33.39 53.13 -42.52
N LYS B 31 32.73 53.41 -41.39
CA LYS B 31 32.89 54.66 -40.67
C LYS B 31 34.16 54.75 -39.83
N GLU B 32 35.10 53.80 -39.98
CA GLU B 32 36.41 53.86 -39.33
C GLU B 32 36.30 53.98 -37.80
N ALA B 33 35.79 52.91 -37.18
CA ALA B 33 35.94 52.63 -35.75
C ALA B 33 35.01 53.50 -34.92
N ASP B 34 34.40 54.56 -35.47
CA ASP B 34 33.11 55.09 -34.99
C ASP B 34 32.95 55.07 -33.48
N MET B 35 33.65 55.94 -32.75
CA MET B 35 33.98 55.80 -31.32
C MET B 35 35.04 54.73 -31.08
N ARG B 36 36.29 55.01 -31.43
CA ARG B 36 37.42 54.11 -31.58
C ARG B 36 37.49 52.99 -30.55
N ASN B 37 37.95 51.82 -30.99
CA ASN B 37 38.04 50.60 -30.21
C ASN B 37 38.81 50.85 -28.92
N SER B 38 38.38 50.21 -27.83
CA SER B 38 39.02 50.37 -26.54
C SER B 38 38.66 49.19 -25.64
N SER B 39 39.66 48.35 -25.33
CA SER B 39 39.52 47.24 -24.38
C SER B 39 40.65 47.39 -23.36
N SER B 40 40.41 48.22 -22.34
CA SER B 40 41.43 48.58 -21.36
C SER B 40 40.77 49.27 -20.18
N GLU B 41 41.57 49.95 -19.34
CA GLU B 41 41.02 50.67 -18.20
C GLU B 41 40.02 51.76 -18.59
N PHE B 42 39.75 51.94 -19.88
CA PHE B 42 38.65 52.81 -20.29
C PHE B 42 37.34 52.38 -19.64
N PHE B 43 37.05 51.07 -19.66
CA PHE B 43 35.77 50.53 -19.22
C PHE B 43 35.98 49.67 -17.99
N ASN B 44 35.93 50.29 -16.82
CA ASN B 44 35.91 49.60 -15.53
C ASN B 44 34.93 50.26 -14.57
N LYS B 45 33.93 50.95 -15.12
CA LYS B 45 32.91 51.61 -14.30
C LYS B 45 31.98 50.52 -13.79
N GLN B 46 32.43 49.84 -12.74
CA GLN B 46 31.68 48.72 -12.18
C GLN B 46 30.57 49.25 -11.29
N TRP B 47 29.32 48.97 -11.67
CA TRP B 47 28.13 49.28 -10.87
C TRP B 47 27.38 47.98 -10.68
N PRO B 48 27.83 47.13 -9.75
CA PRO B 48 27.28 45.77 -9.66
C PRO B 48 25.78 45.77 -9.41
N MET B 49 25.09 44.88 -10.12
CA MET B 49 23.65 44.63 -9.92
C MET B 49 23.43 43.14 -9.86
N PRO B 50 23.66 42.53 -8.69
CA PRO B 50 23.44 41.08 -8.57
C PRO B 50 21.96 40.73 -8.65
N ILE B 51 21.70 39.47 -8.95
CA ILE B 51 20.34 38.95 -8.94
C ILE B 51 19.95 38.70 -7.49
N ASN B 52 18.82 39.29 -7.05
CA ASN B 52 18.38 39.20 -5.64
C ASN B 52 17.43 38.03 -5.38
N ALA B 53 16.57 37.69 -6.30
CA ALA B 53 15.62 36.60 -6.20
C ALA B 53 14.64 36.77 -5.06
N SER B 54 14.80 37.79 -4.21
CA SER B 54 13.76 38.17 -3.28
C SER B 54 12.89 39.29 -3.83
N LYS B 55 13.36 39.99 -4.85
CA LYS B 55 12.53 40.82 -5.71
C LYS B 55 12.07 40.08 -6.95
N ALA B 56 12.38 38.79 -7.06
CA ALA B 56 12.11 37.99 -8.25
C ALA B 56 12.78 38.60 -9.49
N ASP B 57 14.10 38.69 -9.41
CA ASP B 57 14.88 39.28 -10.49
C ASP B 57 15.00 38.31 -11.66
N GLY B 58 14.63 38.78 -12.85
CA GLY B 58 14.82 37.99 -14.05
C GLY B 58 14.07 36.68 -14.09
N ILE B 59 12.82 36.66 -13.64
CA ILE B 59 12.00 35.46 -13.65
C ILE B 59 11.06 35.51 -14.84
N ILE B 60 11.06 34.45 -15.64
CA ILE B 60 10.17 34.35 -16.79
C ILE B 60 8.81 33.86 -16.31
N TYR B 61 7.76 34.62 -16.62
CA TYR B 61 6.42 34.25 -16.22
C TYR B 61 5.97 32.99 -16.97
N PRO B 62 5.19 32.14 -16.31
CA PRO B 62 4.61 30.98 -17.02
C PRO B 62 3.74 31.43 -18.18
N THR B 63 3.75 30.63 -19.24
CA THR B 63 2.99 30.92 -20.44
C THR B 63 1.65 30.18 -20.41
N GLY B 64 0.61 30.86 -20.87
CA GLY B 64 -0.72 30.27 -20.87
C GLY B 64 -1.32 30.03 -19.50
N LYS B 65 -0.76 30.62 -18.45
CA LYS B 65 -1.18 30.34 -17.09
C LYS B 65 -1.03 31.58 -16.24
N SER B 66 -1.76 31.59 -15.12
CA SER B 66 -1.59 32.60 -14.10
C SER B 66 -2.05 32.01 -12.77
N TYR B 67 -1.52 32.56 -11.68
CA TYR B 67 -1.90 32.14 -10.34
C TYR B 67 -2.08 33.38 -9.48
N SER B 68 -2.91 33.25 -8.45
CA SER B 68 -3.24 34.38 -7.58
C SER B 68 -3.13 33.96 -6.12
N ASN B 69 -2.35 34.73 -5.36
CA ASN B 69 -2.34 34.64 -3.89
C ASN B 69 -1.93 33.27 -3.39
N ILE B 70 -0.99 32.64 -4.09
CA ILE B 70 -0.45 31.34 -3.68
C ILE B 70 1.05 31.31 -3.95
N SER B 71 1.77 30.50 -3.18
CA SER B 71 3.17 30.21 -3.40
C SER B 71 3.33 28.79 -3.91
N LEU B 72 4.25 28.59 -4.84
CA LEU B 72 4.49 27.28 -5.41
C LEU B 72 5.93 27.21 -5.91
N THR B 73 6.42 25.97 -6.05
CA THR B 73 7.73 25.70 -6.60
C THR B 73 7.60 25.24 -8.05
N LEU B 74 8.44 25.80 -8.92
CA LEU B 74 8.49 25.41 -10.32
C LEU B 74 9.94 25.15 -10.73
N GLN B 75 10.10 24.28 -11.72
CA GLN B 75 11.40 24.13 -12.36
C GLN B 75 11.35 24.73 -13.76
N GLY B 76 12.50 25.21 -14.21
CA GLY B 76 12.61 25.87 -15.49
C GLY B 76 13.99 26.47 -15.67
N LEU B 77 14.05 27.65 -16.26
CA LEU B 77 15.31 28.33 -16.54
C LEU B 77 15.30 29.66 -15.79
N PHE B 78 16.11 29.77 -14.76
CA PHE B 78 16.17 30.95 -13.92
C PHE B 78 17.62 31.35 -13.68
N PRO B 79 17.88 32.60 -13.35
CA PRO B 79 19.22 33.01 -12.96
C PRO B 79 19.55 32.55 -11.54
N LYS B 80 20.83 32.61 -11.21
CA LYS B 80 21.30 32.24 -9.89
C LYS B 80 21.25 33.44 -8.96
N HIS B 81 20.79 33.22 -7.74
CA HIS B 81 20.80 34.28 -6.73
C HIS B 81 22.23 34.73 -6.47
N GLY B 82 22.44 36.04 -6.45
CA GLY B 82 23.74 36.60 -6.17
C GLY B 82 24.68 36.67 -7.35
N ASP B 83 24.26 36.20 -8.52
CA ASP B 83 25.09 36.34 -9.72
C ASP B 83 25.18 37.80 -10.13
N LEU B 84 26.39 38.23 -10.48
CA LEU B 84 26.61 39.62 -10.86
C LEU B 84 26.40 39.88 -12.34
N GLY B 85 26.47 38.85 -13.17
CA GLY B 85 26.32 39.02 -14.59
C GLY B 85 27.55 39.59 -15.26
N GLU B 86 27.38 39.94 -16.52
CA GLU B 86 28.40 40.62 -17.30
C GLU B 86 27.83 41.97 -17.73
N GLN B 87 28.59 43.04 -17.52
CA GLN B 87 28.11 44.39 -17.75
C GLN B 87 28.70 44.95 -19.03
N TYR B 88 27.84 45.59 -19.82
CA TYR B 88 28.23 46.19 -21.09
C TYR B 88 27.78 47.64 -21.13
N ILE B 89 28.57 48.50 -21.76
CA ILE B 89 28.32 49.93 -21.80
C ILE B 89 28.30 50.38 -23.25
N TYR B 90 27.34 51.23 -23.59
CA TYR B 90 27.16 51.76 -24.93
C TYR B 90 27.45 53.27 -24.97
N VAL B 107 33.47 51.32 -27.78
CA VAL B 107 33.12 50.37 -26.74
C VAL B 107 33.38 48.95 -27.23
N SER B 108 33.85 48.85 -28.47
CA SER B 108 33.72 47.61 -29.24
C SER B 108 34.82 46.60 -28.89
N ASP B 109 34.87 46.24 -27.61
CA ASP B 109 35.43 44.95 -27.25
C ASP B 109 34.36 43.87 -27.29
N TYR B 110 33.13 44.25 -27.60
CA TYR B 110 31.99 43.34 -27.55
C TYR B 110 31.92 42.47 -28.79
N ALA B 111 31.98 43.09 -29.97
CA ALA B 111 31.78 42.40 -31.23
C ALA B 111 32.99 41.58 -31.65
N THR B 112 33.95 41.38 -30.76
CA THR B 112 35.06 40.47 -30.99
C THR B 112 35.06 39.35 -29.97
N LYS B 113 34.13 39.36 -29.02
CA LYS B 113 34.06 38.36 -27.96
C LYS B 113 32.79 37.55 -28.17
N VAL B 114 32.95 36.25 -28.39
CA VAL B 114 31.83 35.34 -28.64
C VAL B 114 31.47 34.63 -27.35
N VAL B 115 30.20 34.71 -26.97
CA VAL B 115 29.70 34.18 -25.70
C VAL B 115 28.82 32.97 -25.99
N PRO B 116 29.01 31.85 -25.29
CA PRO B 116 28.08 30.72 -25.44
C PRO B 116 26.68 31.08 -24.94
N PHE B 117 25.67 30.46 -25.56
CA PHE B 117 24.28 30.81 -25.32
C PHE B 117 23.57 29.84 -24.37
N ASN B 118 24.29 28.91 -23.76
CA ASN B 118 23.81 27.55 -23.51
C ASN B 118 22.31 27.43 -23.27
N ASN B 119 21.76 28.09 -22.27
CA ASN B 119 20.33 28.01 -22.00
C ASN B 119 19.60 29.31 -22.30
N GLY B 120 20.30 30.33 -22.77
CA GLY B 120 19.73 31.65 -22.90
C GLY B 120 20.20 32.58 -21.80
N PHE B 121 19.61 33.77 -21.78
CA PHE B 121 20.02 34.76 -20.81
C PHE B 121 18.91 35.78 -20.62
N VAL B 122 19.00 36.52 -19.51
CA VAL B 122 18.08 37.60 -19.20
C VAL B 122 18.87 38.90 -19.09
N VAL B 123 18.32 39.97 -19.65
CA VAL B 123 18.98 41.26 -19.72
C VAL B 123 18.23 42.26 -18.85
N ARG B 124 18.97 43.01 -18.06
CA ARG B 124 18.43 44.12 -17.26
C ARG B 124 18.78 45.42 -17.98
N ILE B 125 17.75 46.15 -18.42
CA ILE B 125 17.93 47.31 -19.28
C ILE B 125 17.53 48.56 -18.52
N GLY B 126 18.39 49.58 -18.58
CA GLY B 126 18.06 50.89 -18.05
C GLY B 126 17.89 50.97 -16.55
N ALA B 127 18.78 50.31 -15.80
CA ALA B 127 18.73 50.40 -14.34
C ALA B 127 19.29 51.73 -13.83
N ALA B 128 20.22 52.33 -14.56
CA ALA B 128 20.86 53.56 -14.15
C ALA B 128 20.20 54.81 -14.69
N ALA B 129 19.09 54.64 -15.43
CA ALA B 129 18.42 55.78 -16.11
C ALA B 129 17.98 56.87 -15.12
N ASN B 130 17.68 58.08 -15.63
CA ASN B 130 17.30 59.23 -14.78
C ASN B 130 18.29 59.41 -13.62
N ALA B 131 19.59 59.37 -13.91
CA ALA B 131 20.61 59.61 -12.87
C ALA B 131 21.72 60.49 -13.46
N THR B 132 22.86 60.62 -12.78
CA THR B 132 23.97 61.43 -13.26
C THR B 132 25.15 60.54 -13.61
N GLY B 133 25.66 60.70 -14.82
CA GLY B 133 26.78 59.91 -15.26
C GLY B 133 27.49 60.56 -16.43
N SER B 134 28.36 59.79 -17.07
CA SER B 134 29.19 60.33 -18.15
C SER B 134 29.54 59.22 -19.12
N VAL B 135 30.04 59.63 -20.29
CA VAL B 135 30.57 58.67 -21.24
C VAL B 135 31.79 57.98 -20.64
N ILE B 136 31.91 56.66 -20.88
CA ILE B 136 32.85 55.84 -20.14
C ILE B 136 34.16 55.67 -20.89
N ILE B 137 34.18 56.00 -22.18
CA ILE B 137 35.38 55.79 -22.98
C ILE B 137 36.53 56.65 -22.45
N GLN B 141 27.80 64.96 -15.30
CA GLN B 141 28.04 65.67 -16.55
C GLN B 141 26.80 65.69 -17.43
N LYS B 142 26.04 64.59 -17.40
CA LYS B 142 24.84 64.48 -18.20
C LYS B 142 23.95 63.39 -17.61
N THR B 143 22.65 63.50 -17.87
CA THR B 143 21.69 62.54 -17.34
C THR B 143 21.81 61.21 -18.05
N ILE B 144 21.72 60.12 -17.28
CA ILE B 144 21.74 58.78 -17.84
C ILE B 144 20.45 58.53 -18.60
N LYS B 145 20.54 57.80 -19.71
CA LYS B 145 19.38 57.41 -20.49
C LYS B 145 19.50 55.94 -20.86
N LYS B 146 18.34 55.34 -21.15
CA LYS B 146 18.26 53.92 -21.46
C LYS B 146 18.52 53.66 -22.94
N ILE B 147 19.31 52.64 -23.22
CA ILE B 147 19.57 52.18 -24.58
C ILE B 147 19.47 50.65 -24.61
N TYR B 148 18.82 50.13 -25.64
CA TYR B 148 18.62 48.70 -25.77
C TYR B 148 19.86 48.03 -26.35
N PRO B 149 20.09 46.76 -26.03
CA PRO B 149 21.25 46.04 -26.58
C PRO B 149 20.95 45.43 -27.93
N ALA B 150 22.02 45.27 -28.72
CA ALA B 150 21.95 44.67 -30.04
C ALA B 150 22.71 43.35 -30.03
N PHE B 151 22.10 42.31 -30.59
CA PHE B 151 22.62 40.96 -30.46
C PHE B 151 22.82 40.32 -31.82
N MET B 152 23.64 39.28 -31.82
CA MET B 152 24.00 38.52 -33.02
C MET B 152 24.11 37.05 -32.60
N LEU B 153 23.05 36.29 -32.85
CA LEU B 153 22.96 34.90 -32.40
C LEU B 153 23.09 33.96 -33.59
N GLY B 154 24.04 33.03 -33.51
CA GLY B 154 24.26 32.10 -34.59
C GLY B 154 24.58 30.70 -34.12
N SER B 155 25.01 29.84 -35.05
CA SER B 155 25.38 28.47 -34.76
C SER B 155 26.84 28.16 -35.01
N SER B 156 27.47 28.79 -36.00
CA SER B 156 28.87 28.54 -36.32
C SER B 156 29.62 29.86 -36.32
N VAL B 157 30.80 29.85 -35.70
CA VAL B 157 31.58 31.08 -35.53
C VAL B 157 33.03 30.79 -35.87
N GLY B 158 33.72 31.80 -36.37
CA GLY B 158 35.13 31.69 -36.66
C GLY B 158 35.73 33.06 -36.92
N ASN B 159 37.00 33.05 -37.30
CA ASN B 159 37.75 34.27 -37.54
C ASN B 159 37.33 34.92 -38.86
N PHE B 160 37.49 36.24 -38.93
CA PHE B 160 37.38 36.96 -40.19
C PHE B 160 38.62 36.71 -41.04
N SER B 161 38.71 37.42 -42.17
CA SER B 161 39.82 37.22 -43.09
C SER B 161 41.15 37.63 -42.48
N ASN B 162 41.21 38.83 -41.89
CA ASN B 162 42.45 39.29 -41.28
C ASN B 162 42.82 38.44 -40.06
N GLY B 163 41.83 38.06 -39.26
CA GLY B 163 42.08 37.18 -38.13
C GLY B 163 41.34 37.53 -36.86
N VAL B 164 40.59 38.63 -36.86
CA VAL B 164 39.82 38.99 -35.67
C VAL B 164 38.61 38.06 -35.54
N SER B 165 38.27 37.71 -34.31
CA SER B 165 37.20 36.76 -34.06
C SER B 165 35.84 37.41 -34.21
N GLY B 166 34.81 36.56 -34.31
CA GLY B 166 33.44 37.02 -34.28
C GLY B 166 32.71 37.03 -35.61
N ARG B 167 32.97 36.06 -36.48
CA ARG B 167 32.27 35.95 -37.76
C ARG B 167 31.27 34.80 -37.72
N TYR B 168 30.07 35.05 -38.22
CA TYR B 168 29.02 34.03 -38.30
C TYR B 168 28.92 33.60 -39.77
N PHE B 169 28.88 32.30 -40.01
CA PHE B 169 29.08 31.76 -41.36
C PHE B 169 27.78 31.36 -42.05
N ASN B 170 26.66 31.46 -41.35
CA ASN B 170 25.43 30.91 -41.91
C ASN B 170 24.26 31.78 -41.50
N HIS B 171 23.04 31.27 -41.60
CA HIS B 171 21.87 32.00 -41.12
C HIS B 171 22.08 32.49 -39.70
N THR B 172 22.01 33.80 -39.51
CA THR B 172 22.34 34.46 -38.25
C THR B 172 21.15 35.30 -37.80
N LEU B 173 20.84 35.22 -36.51
CA LEU B 173 19.74 35.99 -35.94
C LEU B 173 20.27 37.34 -35.48
N LEU B 174 19.57 38.40 -35.86
CA LEU B 174 19.93 39.76 -35.50
C LEU B 174 18.76 40.40 -34.77
N LEU B 175 19.01 40.89 -33.57
CA LEU B 175 18.00 41.59 -32.78
C LEU B 175 18.48 43.04 -32.64
N LEU B 176 18.09 43.85 -33.61
CA LEU B 176 18.56 45.23 -33.69
C LEU B 176 17.44 46.19 -33.32
N PRO B 177 17.52 46.88 -32.18
CA PRO B 177 16.53 47.92 -31.89
C PRO B 177 16.71 49.12 -32.81
N ASP B 178 15.60 49.74 -33.19
CA ASP B 178 15.62 50.76 -34.22
C ASP B 178 14.48 51.74 -33.96
N GLY B 179 14.48 52.83 -34.74
CA GLY B 179 13.49 53.87 -34.58
C GLY B 179 13.73 54.76 -33.39
N CYS B 180 14.99 54.98 -33.01
CA CYS B 180 15.35 55.68 -31.79
C CYS B 180 14.67 55.03 -30.58
N GLY B 181 14.90 53.73 -30.46
CA GLY B 181 14.28 52.94 -29.42
C GLY B 181 12.77 52.83 -29.52
N THR B 182 12.25 52.63 -30.73
CA THR B 182 10.81 52.46 -30.93
C THR B 182 10.47 51.25 -31.79
N ARG B 183 11.45 50.47 -32.22
CA ARG B 183 11.18 49.30 -33.06
C ARG B 183 12.27 48.26 -32.83
N LEU B 184 11.86 46.99 -32.85
CA LEU B 184 12.77 45.86 -32.73
C LEU B 184 12.78 45.09 -34.03
N TRP B 185 13.97 44.83 -34.57
CA TRP B 185 14.15 44.05 -35.78
C TRP B 185 14.57 42.63 -35.43
N ALA B 186 13.81 41.66 -35.92
CA ALA B 186 14.21 40.26 -35.91
C ALA B 186 14.51 39.85 -37.34
N LEU B 187 15.77 39.58 -37.64
CA LEU B 187 16.19 39.16 -38.97
C LEU B 187 16.91 37.83 -38.85
N TYR B 188 16.60 36.91 -39.75
CA TYR B 188 17.25 35.59 -39.80
C TYR B 188 17.79 35.47 -41.23
N CYS B 189 19.03 35.92 -41.41
CA CYS B 189 19.59 36.14 -42.73
C CYS B 189 20.97 35.51 -42.80
N VAL B 190 21.48 35.35 -44.01
CA VAL B 190 22.87 34.99 -44.21
C VAL B 190 23.68 36.28 -44.32
N ILE B 191 24.80 36.33 -43.62
CA ILE B 191 25.51 37.58 -43.37
C ILE B 191 26.84 37.52 -44.11
N GLU B 192 27.12 38.55 -44.91
CA GLU B 192 28.24 38.53 -45.84
C GLU B 192 29.14 39.74 -45.60
N PRO B 193 30.42 39.54 -45.28
CA PRO B 193 31.33 40.68 -45.09
C PRO B 193 31.57 41.42 -46.39
N ARG B 194 31.17 42.69 -46.43
CA ARG B 194 31.46 43.54 -47.58
C ARG B 194 32.95 43.82 -47.67
N ASN B 195 33.45 43.90 -48.90
CA ASN B 195 34.87 44.07 -49.17
C ASN B 195 35.33 45.53 -49.12
N GLY B 196 34.44 46.46 -48.83
CA GLY B 196 34.80 47.86 -48.80
C GLY B 196 35.71 48.20 -47.63
N SER B 197 36.24 49.42 -47.67
CA SER B 197 37.22 49.85 -46.69
C SER B 197 36.61 49.92 -45.29
N TYR B 198 37.39 49.49 -44.30
CA TYR B 198 37.03 49.47 -42.88
C TYR B 198 35.85 48.56 -42.58
N CYS B 199 35.38 47.81 -43.56
CA CYS B 199 34.28 46.86 -43.42
C CYS B 199 34.83 45.46 -43.20
N PRO B 200 34.02 44.54 -42.69
CA PRO B 200 34.57 43.25 -42.22
C PRO B 200 35.34 42.46 -43.27
N GLY B 201 35.12 42.72 -44.56
CA GLY B 201 35.88 42.03 -45.58
C GLY B 201 37.26 42.60 -45.85
N ASN B 202 37.47 43.87 -45.52
CA ASN B 202 38.72 44.55 -45.85
C ASN B 202 39.84 44.11 -44.90
N SER B 203 41.07 44.36 -45.33
CA SER B 203 42.23 44.10 -44.48
C SER B 203 42.28 45.04 -43.29
N ASN B 204 41.94 46.31 -43.51
CA ASN B 204 41.96 47.32 -42.45
C ASN B 204 40.60 47.36 -41.76
N TYR B 205 40.31 46.28 -41.05
CA TYR B 205 39.07 46.13 -40.29
C TYR B 205 39.40 45.77 -38.85
N ASN B 206 38.92 46.57 -37.90
CA ASN B 206 39.06 46.24 -36.50
C ASN B 206 37.78 45.66 -35.90
N THR B 207 36.68 46.43 -35.91
CA THR B 207 35.41 46.00 -35.36
C THR B 207 34.27 46.66 -36.12
N PHE B 208 33.14 45.98 -36.20
CA PHE B 208 31.91 46.54 -36.75
C PHE B 208 31.02 47.05 -35.63
N ALA B 209 30.08 47.92 -35.99
CA ALA B 209 29.18 48.50 -35.01
C ALA B 209 27.97 49.08 -35.72
N VAL B 210 26.90 49.27 -34.95
CA VAL B 210 25.70 49.93 -35.43
C VAL B 210 25.67 51.33 -34.85
N PHE B 211 24.94 52.22 -35.50
CA PHE B 211 24.89 53.62 -35.10
C PHE B 211 23.68 54.27 -35.75
N ASP B 212 23.56 55.59 -35.56
CA ASP B 212 22.57 56.43 -36.20
C ASP B 212 22.94 57.88 -35.92
N THR B 213 22.62 58.75 -36.87
CA THR B 213 22.95 60.16 -36.74
C THR B 213 21.79 60.88 -36.08
N PRO B 214 21.92 61.33 -34.82
CA PRO B 214 20.74 61.81 -34.08
C PRO B 214 20.02 62.99 -34.73
N HIS B 215 20.74 63.94 -35.31
CA HIS B 215 20.09 65.13 -35.84
C HIS B 215 19.38 64.89 -37.16
N THR B 216 19.70 63.80 -37.86
CA THR B 216 18.99 63.43 -39.08
C THR B 216 18.05 62.26 -38.87
N ASP B 217 18.39 61.32 -37.99
CA ASP B 217 17.58 60.13 -37.77
C ASP B 217 16.57 60.32 -36.64
N CYS B 218 17.02 60.81 -35.49
CA CYS B 218 16.14 61.07 -34.35
C CYS B 218 15.69 62.52 -34.29
N THR B 219 15.54 63.17 -35.44
CA THR B 219 15.08 64.54 -35.48
C THR B 219 13.60 64.62 -35.13
N SER B 220 13.14 65.84 -34.83
CA SER B 220 11.76 66.04 -34.42
C SER B 220 10.79 65.78 -35.56
N ALA B 221 11.18 66.12 -36.80
CA ALA B 221 10.26 66.04 -37.93
C ALA B 221 9.82 64.61 -38.19
N GLY B 222 10.75 63.66 -38.14
CA GLY B 222 10.41 62.27 -38.40
C GLY B 222 11.45 61.35 -37.82
N TYR B 223 11.02 60.13 -37.49
CA TYR B 223 11.88 59.12 -36.89
C TYR B 223 12.20 58.07 -37.95
N ASN B 224 13.45 58.04 -38.40
CA ASN B 224 13.87 57.02 -39.35
C ASN B 224 13.83 55.64 -38.69
N THR B 225 13.23 54.67 -39.39
CA THR B 225 13.05 53.33 -38.86
C THR B 225 14.00 52.32 -39.49
N ASN B 226 15.00 52.78 -40.23
CA ASN B 226 16.01 51.85 -40.82
C ASN B 226 17.41 52.39 -40.54
N ALA B 227 17.57 53.22 -39.50
CA ALA B 227 18.85 53.88 -39.27
C ALA B 227 19.92 52.88 -38.86
N THR B 228 19.68 52.16 -37.75
CA THR B 228 20.66 51.17 -37.30
C THR B 228 20.77 50.02 -38.30
N LEU B 229 19.69 49.69 -39.01
CA LEU B 229 19.76 48.60 -39.97
C LEU B 229 20.57 49.00 -41.20
N ASN B 230 20.44 50.27 -41.64
CA ASN B 230 21.31 50.76 -42.72
C ASN B 230 22.76 50.82 -42.28
N SER B 231 23.01 51.29 -41.05
CA SER B 231 24.38 51.30 -40.54
C SER B 231 24.94 49.89 -40.46
N PHE B 232 24.09 48.90 -40.17
CA PHE B 232 24.51 47.51 -40.19
C PHE B 232 24.84 47.07 -41.61
N LYS B 233 23.95 47.36 -42.56
CA LYS B 233 24.17 46.98 -43.95
C LYS B 233 25.42 47.63 -44.53
N GLU B 234 25.88 48.75 -43.95
CA GLU B 234 27.15 49.32 -44.37
C GLU B 234 28.31 48.35 -44.15
N TYR B 235 28.15 47.39 -43.23
CA TYR B 235 29.19 46.41 -42.94
C TYR B 235 28.91 45.03 -43.54
N PHE B 236 27.64 44.64 -43.67
CA PHE B 236 27.29 43.28 -44.05
C PHE B 236 26.24 43.31 -45.15
N ASP B 237 26.19 42.21 -45.91
CA ASP B 237 25.17 42.00 -46.93
C ASP B 237 24.13 41.01 -46.41
N LEU B 238 22.85 41.36 -46.56
CA LEU B 238 21.74 40.51 -46.11
C LEU B 238 21.27 39.66 -47.28
N GLN B 239 21.62 38.37 -47.24
CA GLN B 239 21.26 37.44 -48.34
C GLN B 239 20.45 36.27 -47.78
N ASN B 240 19.57 35.68 -48.59
CA ASN B 240 18.78 34.49 -48.19
C ASN B 240 18.05 34.72 -46.86
N CYS B 241 17.42 35.87 -46.69
CA CYS B 241 16.73 36.20 -45.42
C CYS B 241 15.50 35.31 -45.25
N SER B 242 15.48 34.46 -44.22
CA SER B 242 14.34 33.57 -43.99
C SER B 242 13.11 34.35 -43.58
N PHE B 243 13.25 35.26 -42.61
CA PHE B 243 12.15 36.12 -42.20
C PHE B 243 12.71 37.44 -41.67
N ILE B 244 11.85 38.46 -41.68
CA ILE B 244 12.17 39.75 -41.09
C ILE B 244 10.95 40.23 -40.32
N TYR B 245 11.00 40.14 -38.99
CA TYR B 245 9.91 40.61 -38.14
C TYR B 245 10.20 42.01 -37.62
N SER B 246 9.16 42.62 -37.06
CA SER B 246 9.23 43.98 -36.56
C SER B 246 8.27 44.13 -35.39
N PHE B 247 8.75 44.72 -34.30
CA PHE B 247 7.97 44.86 -33.08
C PHE B 247 8.05 46.29 -32.60
N ASN B 248 6.89 46.90 -32.34
CA ASN B 248 6.83 48.29 -31.94
C ASN B 248 7.21 48.46 -30.47
N ILE B 249 7.89 49.55 -30.17
CA ILE B 249 8.34 49.86 -28.82
C ILE B 249 7.94 51.30 -28.49
N THR B 250 7.43 51.51 -27.28
CA THR B 250 7.09 52.84 -26.81
C THR B 250 8.31 53.49 -26.16
N GLU B 251 8.32 54.82 -26.16
CA GLU B 251 9.48 55.58 -25.69
C GLU B 251 9.28 55.96 -24.23
N ASP B 252 10.24 55.56 -23.38
CA ASP B 252 10.25 55.88 -21.97
C ASP B 252 11.65 55.61 -21.42
N GLU B 253 11.83 55.89 -20.13
CA GLU B 253 13.12 55.71 -19.47
C GLU B 253 13.02 54.75 -18.29
N ASN B 254 12.15 53.75 -18.40
CA ASN B 254 11.94 52.79 -17.33
C ASN B 254 13.03 51.71 -17.36
N ALA B 255 13.05 50.88 -16.32
CA ALA B 255 13.97 49.77 -16.22
C ALA B 255 13.24 48.49 -16.61
N GLU B 256 13.71 47.83 -17.67
CA GLU B 256 13.01 46.70 -18.25
C GLU B 256 13.88 45.45 -18.16
N TRP B 257 13.26 44.32 -18.48
CA TRP B 257 13.91 43.01 -18.54
C TRP B 257 13.67 42.38 -19.90
N PHE B 258 14.70 41.75 -20.44
CA PHE B 258 14.61 41.02 -21.70
C PHE B 258 15.23 39.63 -21.53
N GLY B 259 14.49 38.60 -21.92
CA GLY B 259 15.00 37.25 -21.89
C GLY B 259 14.80 36.55 -23.22
N ILE B 260 15.66 35.56 -23.47
CA ILE B 260 15.62 34.79 -24.72
C ILE B 260 16.00 33.34 -24.41
N THR B 261 15.18 32.40 -24.88
CA THR B 261 15.45 30.98 -24.78
C THR B 261 15.18 30.33 -26.13
N GLN B 262 15.61 29.07 -26.24
CA GLN B 262 15.33 28.27 -27.43
C GLN B 262 14.96 26.86 -27.02
N ASN B 263 13.96 26.30 -27.68
CA ASN B 263 13.58 24.90 -27.50
C ASN B 263 13.14 24.35 -28.85
N THR B 264 12.50 23.18 -28.82
CA THR B 264 12.08 22.51 -30.05
C THR B 264 11.13 23.36 -30.87
N GLN B 265 10.38 24.26 -30.22
CA GLN B 265 9.36 25.04 -30.90
C GLN B 265 9.88 26.38 -31.40
N GLY B 266 11.17 26.68 -31.25
CA GLY B 266 11.79 27.82 -31.85
C GLY B 266 12.53 28.67 -30.84
N VAL B 267 12.69 29.94 -31.17
CA VAL B 267 13.36 30.91 -30.32
C VAL B 267 12.30 31.78 -29.66
N HIS B 268 12.40 31.94 -28.35
CA HIS B 268 11.36 32.62 -27.56
C HIS B 268 11.94 33.88 -26.96
N LEU B 269 11.20 34.98 -27.10
CA LEU B 269 11.62 36.29 -26.62
C LEU B 269 10.66 36.74 -25.52
N TYR B 270 11.22 37.16 -24.40
CA TYR B 270 10.45 37.63 -23.25
C TYR B 270 10.86 39.06 -22.91
N SER B 271 9.89 39.88 -22.53
CA SER B 271 10.16 41.25 -22.14
C SER B 271 9.18 41.65 -21.06
N SER B 272 9.66 42.44 -20.09
CA SER B 272 8.78 42.97 -19.07
C SER B 272 7.83 44.01 -19.64
N ARG B 273 8.21 44.68 -20.73
CA ARG B 273 7.36 45.69 -21.35
C ARG B 273 5.97 45.12 -21.65
N LYS B 274 5.91 43.87 -22.07
CA LYS B 274 4.64 43.18 -22.24
C LYS B 274 4.14 42.69 -20.88
N GLY B 275 2.83 42.81 -20.66
CA GLY B 275 2.22 42.30 -19.45
C GLY B 275 2.43 43.15 -18.22
N ASP B 276 3.68 43.39 -17.84
CA ASP B 276 4.00 44.12 -16.60
C ASP B 276 4.99 45.24 -16.94
N LEU B 277 4.44 46.37 -17.42
CA LEU B 277 5.31 47.46 -17.89
C LEU B 277 6.00 48.16 -16.72
N TYR B 278 5.27 48.36 -15.62
CA TYR B 278 5.82 49.01 -14.44
C TYR B 278 6.37 48.03 -13.42
N GLY B 279 6.48 46.75 -13.78
CA GLY B 279 7.08 45.75 -12.93
C GLY B 279 8.30 45.11 -13.56
N SER B 280 8.58 43.85 -13.21
CA SER B 280 9.79 43.21 -13.71
C SER B 280 9.59 41.75 -14.10
N ASN B 281 8.38 41.33 -14.44
CA ASN B 281 8.14 39.97 -14.88
C ASN B 281 8.10 39.92 -16.40
N MET B 282 8.82 38.96 -16.97
CA MET B 282 8.96 38.83 -18.41
C MET B 282 7.89 37.90 -18.97
N PHE B 283 7.17 38.39 -19.98
CA PHE B 283 6.16 37.61 -20.67
C PHE B 283 6.58 37.38 -22.11
N LEU B 284 6.31 36.18 -22.62
CA LEU B 284 6.60 35.85 -24.00
C LEU B 284 5.83 36.77 -24.94
N PHE B 285 6.54 37.35 -25.91
CA PHE B 285 5.90 38.17 -26.93
C PHE B 285 6.22 37.76 -28.37
N ALA B 286 7.32 37.05 -28.61
CA ALA B 286 7.66 36.61 -29.94
C ALA B 286 8.17 35.17 -29.90
N THR B 287 7.87 34.43 -30.96
CA THR B 287 8.43 33.11 -31.18
C THR B 287 8.97 33.07 -32.60
N LEU B 288 10.22 32.65 -32.74
CA LEU B 288 10.84 32.71 -34.05
C LEU B 288 11.06 31.30 -34.60
N PRO B 289 10.84 31.09 -35.90
CA PRO B 289 11.08 29.76 -36.48
C PRO B 289 12.56 29.45 -36.66
N VAL B 290 13.32 29.57 -35.59
CA VAL B 290 14.74 29.23 -35.59
C VAL B 290 14.86 27.87 -34.92
N TYR B 291 15.23 26.86 -35.71
CA TYR B 291 15.30 25.49 -35.23
C TYR B 291 16.72 24.95 -35.19
N ASP B 292 17.66 25.61 -35.84
CA ASP B 292 19.07 25.31 -35.64
C ASP B 292 19.52 25.78 -34.25
N GLY B 293 20.58 25.17 -33.75
CA GLY B 293 21.12 25.59 -32.47
C GLY B 293 21.65 27.01 -32.52
N ILE B 294 21.66 27.65 -31.36
CA ILE B 294 21.97 29.07 -31.23
C ILE B 294 23.26 29.16 -30.41
N LYS B 295 24.17 28.21 -30.64
CA LYS B 295 25.36 27.98 -29.82
C LYS B 295 26.05 29.25 -29.32
N TYR B 296 26.03 30.31 -30.12
CA TYR B 296 26.86 31.48 -29.84
C TYR B 296 26.01 32.74 -29.89
N TYR B 297 26.45 33.77 -29.17
CA TYR B 297 25.83 35.08 -29.27
C TYR B 297 26.89 36.14 -28.99
N THR B 298 26.67 37.34 -29.55
CA THR B 298 27.62 38.43 -29.45
C THR B 298 26.87 39.73 -29.24
N VAL B 299 27.31 40.52 -28.27
CA VAL B 299 26.72 41.84 -28.03
C VAL B 299 27.27 42.80 -29.08
N ILE B 300 26.37 43.44 -29.81
CA ILE B 300 26.74 44.35 -30.89
C ILE B 300 26.91 45.75 -30.30
N PRO B 301 28.08 46.37 -30.40
CA PRO B 301 28.29 47.68 -29.78
C PRO B 301 27.53 48.80 -30.45
N ARG B 302 26.55 49.37 -29.77
CA ARG B 302 25.86 50.56 -30.26
C ARG B 302 26.71 51.79 -29.98
N SER B 303 26.49 52.83 -30.79
CA SER B 303 27.27 54.07 -30.66
C SER B 303 26.42 55.22 -31.20
N ILE B 304 25.83 56.01 -30.29
CA ILE B 304 25.08 57.18 -30.70
C ILE B 304 26.05 58.26 -31.18
N ARG B 305 25.78 58.81 -32.36
CA ARG B 305 26.67 59.79 -32.99
C ARG B 305 26.43 61.18 -32.40
N SER B 306 26.64 61.27 -31.09
CA SER B 306 26.37 62.50 -30.36
C SER B 306 27.55 63.47 -30.52
N LYS B 307 27.26 64.66 -31.03
CA LYS B 307 28.27 65.70 -31.14
C LYS B 307 28.44 66.41 -29.80
N TYR B 308 29.43 67.31 -29.74
CA TYR B 308 29.83 67.91 -28.48
C TYR B 308 28.67 68.60 -27.78
N SER B 309 27.79 69.24 -28.54
CA SER B 309 26.60 69.86 -27.93
C SER B 309 25.55 68.82 -27.57
N GLU B 310 25.51 67.70 -28.29
CA GLU B 310 24.48 66.69 -28.10
C GLU B 310 24.97 65.47 -27.34
N ARG B 311 26.14 65.54 -26.72
CA ARG B 311 26.65 64.39 -25.98
C ARG B 311 25.75 64.08 -24.78
N GLN B 312 25.51 62.78 -24.57
CA GLN B 312 24.61 62.32 -23.52
C GLN B 312 25.16 61.06 -22.89
N ALA B 313 24.72 60.80 -21.66
CA ALA B 313 25.13 59.61 -20.92
C ALA B 313 24.21 58.45 -21.24
N TRP B 314 24.76 57.24 -21.22
CA TRP B 314 24.03 56.03 -21.59
C TRP B 314 24.16 54.98 -20.50
N ALA B 315 23.05 54.30 -20.22
CA ALA B 315 23.02 53.31 -19.15
C ALA B 315 23.69 52.01 -19.59
N ALA B 316 24.27 51.33 -18.62
CA ALA B 316 24.84 50.01 -18.84
C ALA B 316 23.79 48.94 -18.59
N PHE B 317 24.01 47.77 -19.21
CA PHE B 317 23.10 46.65 -19.04
C PHE B 317 23.90 45.41 -18.60
N TYR B 318 23.18 44.46 -18.02
CA TYR B 318 23.77 43.26 -17.47
C TYR B 318 23.10 42.04 -18.09
N ILE B 319 23.88 40.98 -18.30
CA ILE B 319 23.40 39.77 -18.96
C ILE B 319 23.66 38.60 -18.02
N TYR B 320 22.57 37.96 -17.57
CA TYR B 320 22.63 36.86 -16.63
C TYR B 320 22.25 35.57 -17.35
N SER B 321 23.11 34.56 -17.24
CA SER B 321 22.82 33.27 -17.86
C SER B 321 21.70 32.55 -17.12
N LEU B 322 20.84 31.89 -17.89
CA LEU B 322 19.80 31.04 -17.33
C LEU B 322 20.36 29.64 -17.09
N HIS B 323 19.99 29.07 -15.94
CA HIS B 323 20.46 27.75 -15.55
C HIS B 323 19.26 26.84 -15.29
N LYS B 324 19.53 25.54 -15.23
CA LYS B 324 18.49 24.55 -14.95
C LYS B 324 18.39 24.40 -13.44
N LEU B 325 17.48 25.17 -12.84
CA LEU B 325 17.39 25.31 -11.40
C LEU B 325 15.94 25.18 -10.97
N THR B 326 15.75 24.75 -9.71
CA THR B 326 14.44 24.74 -9.08
C THR B 326 14.28 25.99 -8.21
N TYR B 327 13.16 26.68 -8.38
CA TYR B 327 12.82 27.86 -7.60
C TYR B 327 11.55 27.63 -6.80
N LEU B 328 11.16 28.66 -6.06
CA LEU B 328 9.88 28.75 -5.38
C LEU B 328 9.36 30.16 -5.56
N LEU B 329 8.16 30.30 -6.10
CA LEU B 329 7.63 31.60 -6.50
C LEU B 329 6.48 32.02 -5.60
N ASP B 330 6.17 33.32 -5.65
CA ASP B 330 5.16 33.94 -4.80
C ASP B 330 4.30 34.85 -5.65
N PHE B 331 3.14 34.34 -6.08
CA PHE B 331 2.21 35.11 -6.90
C PHE B 331 1.34 35.99 -6.01
N SER B 332 1.27 37.27 -6.35
CA SER B 332 0.39 38.19 -5.63
C SER B 332 -1.06 37.92 -6.02
N VAL B 333 -1.97 38.72 -5.45
CA VAL B 333 -3.38 38.58 -5.77
C VAL B 333 -3.63 38.95 -7.23
N ASP B 334 -2.92 39.95 -7.74
CA ASP B 334 -3.06 40.37 -9.12
C ASP B 334 -2.21 39.53 -10.07
N GLY B 335 -1.64 38.42 -9.61
CA GLY B 335 -0.98 37.46 -10.45
C GLY B 335 0.50 37.66 -10.67
N TYR B 336 1.07 38.78 -10.22
CA TYR B 336 2.47 39.06 -10.48
C TYR B 336 3.37 38.47 -9.39
N ILE B 337 4.63 38.24 -9.75
CA ILE B 337 5.60 37.61 -8.87
C ILE B 337 6.54 38.69 -8.36
N ARG B 338 6.65 38.81 -7.03
CA ARG B 338 7.50 39.82 -6.41
C ARG B 338 8.48 39.23 -5.40
N ARG B 339 8.57 37.89 -5.32
CA ARG B 339 9.39 37.25 -4.30
C ARG B 339 9.61 35.80 -4.69
N ALA B 340 10.86 35.33 -4.57
CA ALA B 340 11.21 33.98 -4.94
C ALA B 340 12.30 33.45 -4.02
N VAL B 341 12.66 32.18 -4.20
CA VAL B 341 13.71 31.54 -3.43
C VAL B 341 14.49 30.61 -4.36
N ASP B 342 15.81 30.76 -4.40
CA ASP B 342 16.67 29.91 -5.19
C ASP B 342 17.10 28.73 -4.32
N CYS B 343 16.54 27.55 -4.57
CA CYS B 343 16.64 26.42 -3.66
C CYS B 343 18.04 25.87 -3.50
N GLY B 344 18.99 26.26 -4.36
CA GLY B 344 20.33 25.73 -4.25
C GLY B 344 21.31 26.71 -3.64
N HIS B 345 20.85 27.93 -3.38
CA HIS B 345 21.76 28.97 -2.92
C HIS B 345 22.35 28.66 -1.55
N ASP B 346 21.51 28.36 -0.56
CA ASP B 346 22.01 28.13 0.79
C ASP B 346 21.13 27.10 1.48
N ASP B 347 21.43 26.88 2.78
CA ASP B 347 20.67 25.91 3.57
C ASP B 347 19.29 26.44 3.91
N LEU B 348 19.15 27.74 4.14
CA LEU B 348 17.83 28.27 4.42
C LEU B 348 16.91 28.13 3.21
N SER B 349 17.47 28.22 2.00
CA SER B 349 16.69 27.91 0.81
C SER B 349 16.43 26.42 0.69
N GLN B 350 17.40 25.59 1.09
CA GLN B 350 17.16 24.15 1.13
C GLN B 350 16.04 23.80 2.10
N LEU B 351 15.83 24.63 3.12
CA LEU B 351 14.72 24.45 4.04
C LEU B 351 13.42 24.95 3.45
N TYR B 352 13.42 26.17 2.90
CA TYR B 352 12.23 26.71 2.26
C TYR B 352 11.78 25.86 1.08
N CYS B 353 12.65 24.99 0.56
CA CYS B 353 12.31 24.13 -0.57
C CYS B 353 12.24 22.65 -0.22
N SER B 354 12.75 22.25 0.95
CA SER B 354 12.62 20.87 1.40
C SER B 354 11.37 20.65 2.23
N TYR B 355 10.81 21.72 2.78
CA TYR B 355 9.47 21.70 3.36
C TYR B 355 8.51 22.60 2.60
N GLU B 356 9.01 23.38 1.63
CA GLU B 356 8.22 23.98 0.56
C GLU B 356 7.19 24.99 1.07
N SER B 357 7.69 26.06 1.70
CA SER B 357 6.90 27.27 1.91
C SER B 357 7.84 28.40 2.33
N PHE B 358 7.37 29.63 2.12
CA PHE B 358 8.08 30.80 2.65
C PHE B 358 8.13 30.79 4.17
N ASP B 359 7.02 30.43 4.81
CA ASP B 359 6.84 30.62 6.25
C ASP B 359 7.03 29.28 6.95
N VAL B 360 8.20 29.09 7.55
CA VAL B 360 8.51 27.92 8.36
C VAL B 360 8.89 28.42 9.75
N GLY B 361 8.40 27.73 10.78
CA GLY B 361 8.66 28.13 12.15
C GLY B 361 10.05 27.73 12.60
N SER B 362 10.40 28.19 13.80
CA SER B 362 11.68 27.84 14.38
C SER B 362 11.77 26.34 14.62
N GLY B 363 12.95 25.78 14.43
CA GLY B 363 13.15 24.37 14.66
C GLY B 363 14.46 23.91 14.07
N VAL B 364 14.75 22.63 14.30
CA VAL B 364 15.90 21.96 13.71
C VAL B 364 15.37 20.94 12.71
N TYR B 365 15.71 21.14 11.44
CA TYR B 365 15.14 20.36 10.35
C TYR B 365 16.25 19.64 9.59
N SER B 366 15.95 18.43 9.13
CA SER B 366 16.79 17.77 8.15
C SER B 366 16.41 18.24 6.76
N VAL B 367 17.40 18.42 5.89
CA VAL B 367 17.18 18.92 4.55
C VAL B 367 17.86 17.99 3.55
N SER B 368 17.53 18.17 2.27
CA SER B 368 18.07 17.33 1.21
C SER B 368 19.49 17.76 0.87
N SER B 369 20.38 16.78 0.79
CA SER B 369 21.80 17.04 0.57
C SER B 369 22.05 17.43 -0.88
N PHE B 370 23.32 17.51 -1.26
CA PHE B 370 23.74 17.91 -2.59
C PHE B 370 24.35 16.72 -3.31
N GLU B 371 24.43 16.83 -4.65
CA GLU B 371 24.77 15.69 -5.48
C GLU B 371 26.23 15.27 -5.28
N VAL B 372 26.53 14.08 -5.78
CA VAL B 372 27.86 13.47 -5.68
C VAL B 372 28.51 13.49 -7.06
N HIS B 373 29.84 13.62 -7.09
CA HIS B 373 30.57 13.73 -8.35
C HIS B 373 30.97 12.35 -8.84
N SER B 374 30.94 12.16 -10.16
CA SER B 374 31.30 10.91 -10.79
C SER B 374 32.60 11.00 -11.58
N ARG B 375 33.38 12.07 -11.41
CA ARG B 375 34.54 12.33 -12.27
C ARG B 375 35.53 11.18 -12.26
N GLY B 376 35.64 10.45 -11.16
CA GLY B 376 36.64 9.40 -11.05
C GLY B 376 36.32 8.22 -11.95
N GLN B 377 37.38 7.60 -12.48
CA GLN B 377 37.27 6.38 -13.25
C GLN B 377 38.40 5.45 -12.85
N PHE B 378 38.05 4.28 -12.32
CA PHE B 378 39.00 3.20 -12.06
C PHE B 378 38.65 2.08 -13.03
N ILE B 379 39.45 1.91 -14.07
CA ILE B 379 39.14 0.99 -15.17
C ILE B 379 40.26 -0.03 -15.29
N GLU B 380 39.90 -1.31 -15.24
CA GLU B 380 40.82 -2.42 -15.48
C GLU B 380 40.22 -3.28 -16.57
N GLN B 381 40.85 -3.30 -17.74
CA GLN B 381 40.38 -4.05 -18.88
C GLN B 381 41.46 -4.99 -19.38
N PRO B 382 41.16 -6.26 -19.59
CA PRO B 382 42.16 -7.17 -20.16
C PRO B 382 42.39 -6.86 -21.63
N ASN B 383 43.54 -7.31 -22.12
CA ASN B 383 43.85 -7.19 -23.55
C ASN B 383 43.13 -8.32 -24.26
N SER B 384 41.87 -8.08 -24.59
CA SER B 384 40.99 -9.14 -25.08
C SER B 384 41.17 -9.37 -26.57
N VAL B 385 40.99 -10.61 -26.98
CA VAL B 385 41.00 -10.98 -28.39
C VAL B 385 39.70 -10.51 -29.01
N GLU B 386 39.64 -10.51 -30.34
CA GLU B 386 38.41 -10.16 -31.04
C GLU B 386 37.46 -11.35 -31.05
N CYS B 387 36.16 -11.06 -30.91
CA CYS B 387 35.17 -12.11 -31.05
C CYS B 387 35.13 -12.58 -32.50
N ASP B 388 34.78 -13.86 -32.69
CA ASP B 388 34.98 -14.53 -33.96
C ASP B 388 33.66 -14.60 -34.73
N PHE B 389 33.38 -13.55 -35.51
CA PHE B 389 32.22 -13.54 -36.42
C PHE B 389 32.61 -14.02 -37.81
N THR B 390 33.23 -15.19 -37.92
CA THR B 390 33.67 -15.71 -39.21
C THR B 390 32.81 -16.86 -39.72
N LYS B 391 32.40 -17.77 -38.84
CA LYS B 391 31.49 -18.84 -39.25
C LYS B 391 30.16 -18.27 -39.75
N LEU B 392 29.71 -17.16 -39.15
CA LEU B 392 28.50 -16.50 -39.62
C LEU B 392 28.72 -15.80 -40.95
N LEU B 393 29.84 -15.08 -41.08
CA LEU B 393 30.09 -14.23 -42.23
C LEU B 393 30.64 -14.98 -43.44
N SER B 394 30.53 -16.31 -43.47
CA SER B 394 31.08 -17.08 -44.58
C SER B 394 30.34 -18.40 -44.67
N GLY B 395 29.95 -18.78 -45.89
CA GLY B 395 29.25 -20.03 -46.12
C GLY B 395 27.75 -19.83 -46.21
N THR B 396 27.06 -20.95 -46.35
CA THR B 396 25.61 -20.95 -46.47
C THR B 396 24.98 -21.05 -45.09
N PRO B 397 24.12 -20.11 -44.71
CA PRO B 397 23.45 -20.23 -43.42
C PRO B 397 22.54 -21.44 -43.40
N PRO B 398 22.35 -22.05 -42.24
CA PRO B 398 21.46 -23.21 -42.16
C PRO B 398 20.00 -22.82 -42.22
N GLN B 399 19.10 -23.79 -42.05
CA GLN B 399 17.67 -23.53 -42.01
C GLN B 399 17.28 -23.19 -40.58
N VAL B 400 15.98 -23.06 -40.32
CA VAL B 400 15.54 -22.58 -39.01
C VAL B 400 15.59 -23.69 -37.96
N TYR B 401 15.23 -24.91 -38.33
CA TYR B 401 15.25 -26.01 -37.38
C TYR B 401 16.66 -26.55 -37.15
N ASN B 402 17.62 -26.13 -37.97
CA ASN B 402 19.00 -26.55 -37.82
C ASN B 402 19.86 -25.32 -37.56
N PHE B 403 19.40 -24.44 -36.68
CA PHE B 403 20.08 -23.18 -36.45
C PHE B 403 21.46 -23.39 -35.88
N ASN B 404 22.35 -22.44 -36.14
CA ASN B 404 23.71 -22.46 -35.62
C ASN B 404 23.80 -21.54 -34.42
N ARG B 405 24.39 -22.02 -33.34
CA ARG B 405 24.48 -21.28 -32.09
C ARG B 405 25.92 -20.80 -31.89
N LEU B 406 26.07 -19.53 -31.56
CA LEU B 406 27.36 -18.93 -31.24
C LEU B 406 27.31 -18.35 -29.84
N VAL B 407 28.30 -18.69 -29.02
CA VAL B 407 28.44 -18.17 -27.67
C VAL B 407 29.78 -17.45 -27.58
N PHE B 408 29.74 -16.17 -27.20
CA PHE B 408 30.92 -15.33 -27.12
C PHE B 408 31.22 -14.99 -25.67
N THR B 409 32.46 -15.24 -25.25
CA THR B 409 32.93 -14.89 -23.92
C THR B 409 34.37 -14.39 -24.02
N ASN B 410 34.70 -13.44 -23.16
CA ASN B 410 36.09 -12.98 -23.00
C ASN B 410 36.67 -12.46 -24.31
N CYS B 411 35.98 -11.52 -24.95
CA CYS B 411 36.45 -10.94 -26.19
C CYS B 411 35.78 -9.59 -26.40
N ASN B 412 36.30 -8.84 -27.36
CA ASN B 412 35.71 -7.57 -27.77
C ASN B 412 35.08 -7.72 -29.14
N TYR B 413 33.98 -6.99 -29.36
CA TYR B 413 33.24 -7.06 -30.61
C TYR B 413 33.30 -5.72 -31.33
N ASN B 414 33.44 -5.75 -32.66
CA ASN B 414 33.32 -4.49 -33.47
C ASN B 414 31.93 -4.59 -34.09
N LEU B 415 30.87 -4.45 -33.29
CA LEU B 415 29.48 -4.68 -33.67
C LEU B 415 29.06 -3.80 -34.84
N THR B 416 29.48 -2.54 -34.84
CA THR B 416 29.14 -1.64 -35.94
C THR B 416 29.59 -2.21 -37.29
N LYS B 417 30.82 -2.75 -37.33
CA LYS B 417 31.29 -3.41 -38.55
C LYS B 417 30.37 -4.54 -38.95
N LEU B 418 29.70 -5.18 -37.99
CA LEU B 418 28.78 -6.26 -38.31
C LEU B 418 27.38 -5.74 -38.59
N LEU B 419 26.95 -4.70 -37.87
CA LEU B 419 25.62 -4.14 -38.10
C LEU B 419 25.50 -3.53 -39.48
N SER B 420 26.57 -2.93 -40.00
CA SER B 420 26.54 -2.28 -41.30
C SER B 420 26.62 -3.26 -42.46
N LEU B 421 26.98 -4.52 -42.20
CA LEU B 421 26.95 -5.52 -43.26
C LEU B 421 25.52 -5.94 -43.59
N PHE B 422 24.69 -6.13 -42.57
CA PHE B 422 23.34 -6.60 -42.78
C PHE B 422 22.35 -5.43 -42.90
N MET B 423 21.15 -5.78 -43.34
CA MET B 423 20.11 -4.83 -43.73
C MET B 423 18.86 -5.16 -42.91
N VAL B 424 18.72 -4.52 -41.75
CA VAL B 424 17.71 -4.94 -40.78
C VAL B 424 16.33 -4.55 -41.27
N ASN B 425 15.35 -5.42 -40.99
CA ASN B 425 13.97 -5.22 -41.39
C ASN B 425 13.02 -5.14 -40.19
N GLU B 426 13.25 -5.95 -39.18
CA GLU B 426 12.40 -5.97 -37.99
C GLU B 426 13.24 -6.43 -36.81
N PHE B 427 13.07 -5.75 -35.68
CA PHE B 427 13.66 -6.22 -34.44
C PHE B 427 12.65 -6.07 -33.32
N SER B 428 12.81 -6.90 -32.30
CA SER B 428 11.89 -6.94 -31.17
C SER B 428 12.69 -7.39 -29.96
N CYS B 429 12.97 -6.45 -29.07
CA CYS B 429 13.85 -6.66 -27.94
C CYS B 429 13.00 -6.77 -26.67
N ASP B 430 13.44 -7.61 -25.73
CA ASP B 430 12.72 -7.83 -24.48
C ASP B 430 13.70 -7.81 -23.32
N GLY B 431 13.67 -6.74 -22.53
CA GLY B 431 14.57 -6.57 -21.41
C GLY B 431 15.83 -5.81 -21.72
N ILE B 432 16.09 -5.53 -22.99
CA ILE B 432 17.25 -4.75 -23.43
C ILE B 432 16.83 -4.04 -24.72
N SER B 433 17.71 -3.18 -25.23
CA SER B 433 17.49 -2.50 -26.49
C SER B 433 18.73 -2.65 -27.35
N PRO B 434 18.61 -2.47 -28.67
CA PRO B 434 19.80 -2.58 -29.53
C PRO B 434 20.89 -1.58 -29.20
N ASP B 435 20.54 -0.36 -28.80
CA ASP B 435 21.56 0.62 -28.45
C ASP B 435 22.32 0.19 -27.20
N ALA B 436 21.60 -0.31 -26.20
CA ALA B 436 22.23 -0.85 -25.00
C ALA B 436 23.06 -2.09 -25.31
N ILE B 437 22.63 -2.89 -26.29
CA ILE B 437 23.45 -4.01 -26.74
C ILE B 437 24.74 -3.51 -27.36
N ALA B 438 24.65 -2.43 -28.15
CA ALA B 438 25.82 -1.87 -28.81
C ALA B 438 26.74 -1.10 -27.86
N ARG B 439 26.31 -0.82 -26.63
CA ARG B 439 27.13 -0.02 -25.73
C ARG B 439 27.45 -0.69 -24.39
N GLY B 440 27.23 -2.00 -24.25
CA GLY B 440 27.28 -2.66 -22.96
C GLY B 440 28.34 -3.74 -22.86
N CYS B 441 28.52 -4.22 -21.63
CA CYS B 441 29.43 -5.31 -21.31
C CYS B 441 28.67 -6.43 -20.64
N TYR B 442 28.96 -7.68 -21.04
CA TYR B 442 28.16 -8.83 -20.66
C TYR B 442 29.06 -9.98 -20.25
N SER B 443 28.52 -10.87 -19.44
CA SER B 443 29.22 -12.12 -19.15
C SER B 443 29.39 -12.95 -20.41
N SER B 444 28.29 -13.16 -21.14
CA SER B 444 28.31 -13.92 -22.37
C SER B 444 27.34 -13.30 -23.36
N LEU B 445 27.48 -13.69 -24.62
CA LEU B 445 26.58 -13.29 -25.70
C LEU B 445 26.25 -14.55 -26.51
N THR B 446 24.97 -14.88 -26.59
CA THR B 446 24.51 -16.07 -27.31
C THR B 446 23.74 -15.66 -28.54
N VAL B 447 24.11 -16.22 -29.69
CA VAL B 447 23.51 -15.89 -30.98
C VAL B 447 22.98 -17.16 -31.62
N ASP B 448 21.71 -17.17 -31.99
CA ASP B 448 21.14 -18.16 -32.88
C ASP B 448 20.86 -17.49 -34.22
N TYR B 449 21.49 -18.00 -35.28
CA TYR B 449 21.31 -17.44 -36.61
C TYR B 449 20.96 -18.56 -37.59
N PHE B 450 20.22 -18.20 -38.62
CA PHE B 450 19.70 -19.16 -39.59
C PHE B 450 19.14 -18.37 -40.76
N ALA B 451 18.79 -19.09 -41.83
CA ALA B 451 18.15 -18.50 -42.99
C ALA B 451 16.64 -18.55 -42.80
N TYR B 452 15.97 -17.42 -43.07
CA TYR B 452 14.55 -17.26 -42.81
C TYR B 452 13.93 -16.24 -43.75
N PRO B 453 12.77 -16.53 -44.33
CA PRO B 453 12.12 -15.55 -45.21
C PRO B 453 11.32 -14.51 -44.44
N LEU B 454 11.39 -13.27 -44.92
CA LEU B 454 10.72 -12.15 -44.24
C LEU B 454 9.22 -12.33 -44.18
N SER B 455 8.63 -13.03 -45.15
CA SER B 455 7.18 -13.21 -45.18
C SER B 455 6.68 -14.05 -44.01
N MET B 456 7.56 -14.76 -43.31
CA MET B 456 7.19 -15.64 -42.22
C MET B 456 7.58 -15.10 -40.85
N LYS B 457 7.94 -13.83 -40.73
CA LYS B 457 8.46 -13.34 -39.46
C LYS B 457 7.37 -13.14 -38.41
N SER B 458 6.11 -13.36 -38.74
CA SER B 458 5.06 -13.38 -37.73
C SER B 458 4.86 -14.75 -37.11
N TYR B 459 5.35 -15.79 -37.77
CA TYR B 459 5.30 -17.14 -37.24
C TYR B 459 6.35 -17.37 -36.17
N MET B 460 7.22 -16.38 -35.93
CA MET B 460 8.28 -16.48 -34.95
C MET B 460 8.19 -15.32 -33.96
N GLN B 461 7.00 -15.03 -33.54
CA GLN B 461 6.44 -14.03 -32.66
C GLN B 461 5.92 -14.69 -31.40
N PRO B 462 6.04 -14.04 -30.23
CA PRO B 462 5.62 -14.70 -28.98
C PRO B 462 4.13 -14.95 -28.97
N GLY B 463 3.76 -16.22 -28.75
CA GLY B 463 2.37 -16.62 -28.72
C GLY B 463 1.85 -17.18 -30.02
N SER B 464 2.67 -17.27 -31.06
CA SER B 464 2.20 -17.73 -32.35
C SER B 464 1.82 -19.21 -32.31
N ALA B 465 0.97 -19.60 -33.25
CA ALA B 465 0.31 -20.90 -33.20
C ALA B 465 0.66 -21.83 -34.36
N GLY B 466 1.61 -21.48 -35.21
CA GLY B 466 1.91 -22.25 -36.39
C GLY B 466 2.86 -23.40 -36.14
N VAL B 467 3.60 -23.77 -37.18
CA VAL B 467 4.52 -24.90 -37.09
C VAL B 467 5.93 -24.50 -36.71
N ILE B 468 6.28 -23.21 -36.85
CA ILE B 468 7.65 -22.80 -36.53
C ILE B 468 7.90 -22.87 -35.04
N SER B 469 6.96 -22.39 -34.22
CA SER B 469 7.12 -22.46 -32.78
C SER B 469 6.84 -23.84 -32.23
N GLN B 470 6.21 -24.71 -33.01
CA GLN B 470 5.90 -26.07 -32.59
C GLN B 470 7.03 -27.05 -32.88
N TYR B 471 7.67 -26.92 -34.04
CA TYR B 471 8.62 -27.91 -34.50
C TYR B 471 9.97 -27.37 -34.95
N ASN B 472 10.13 -26.05 -35.07
CA ASN B 472 11.33 -25.50 -35.69
C ASN B 472 12.16 -24.69 -34.71
N TYR B 473 11.59 -23.65 -34.09
CA TYR B 473 12.34 -22.81 -33.17
C TYR B 473 11.36 -22.05 -32.30
N LYS B 474 11.54 -22.16 -30.98
CA LYS B 474 10.81 -21.36 -30.01
C LYS B 474 11.79 -20.52 -29.23
N GLN B 475 11.57 -19.21 -29.20
CA GLN B 475 12.46 -18.29 -28.50
C GLN B 475 12.24 -18.39 -26.99
N SER B 476 13.34 -18.52 -26.26
CA SER B 476 13.31 -18.52 -24.81
C SER B 476 13.43 -17.08 -24.29
N PHE B 477 12.75 -16.80 -23.18
CA PHE B 477 12.77 -15.48 -22.57
C PHE B 477 13.29 -15.53 -21.13
N ALA B 478 14.22 -16.44 -20.86
CA ALA B 478 14.83 -16.50 -19.54
C ALA B 478 15.87 -15.40 -19.34
N ASN B 479 16.51 -14.96 -20.42
CA ASN B 479 17.54 -13.93 -20.37
C ASN B 479 17.07 -12.73 -21.17
N PRO B 480 17.72 -11.57 -21.03
CA PRO B 480 17.43 -10.46 -21.96
C PRO B 480 17.77 -10.86 -23.38
N THR B 481 16.76 -10.88 -24.24
CA THR B 481 16.88 -11.43 -25.58
C THR B 481 16.31 -10.44 -26.58
N CYS B 482 16.62 -10.67 -27.86
CA CYS B 482 16.09 -9.76 -28.87
C CYS B 482 16.09 -10.45 -30.23
N ARG B 483 15.02 -10.24 -30.98
CA ARG B 483 14.85 -10.81 -32.32
C ARG B 483 15.29 -9.82 -33.38
N ILE B 484 15.96 -10.32 -34.42
CA ILE B 484 16.32 -9.50 -35.58
C ILE B 484 16.06 -10.29 -36.85
N PHE B 485 15.44 -9.64 -37.83
CA PHE B 485 15.32 -10.16 -39.19
C PHE B 485 16.01 -9.19 -40.13
N ALA B 486 16.94 -9.70 -40.94
CA ALA B 486 17.80 -8.85 -41.75
C ALA B 486 18.06 -9.53 -43.09
N THR B 487 18.48 -8.71 -44.05
CA THR B 487 18.80 -9.17 -45.40
C THR B 487 20.30 -9.04 -45.63
N ALA B 488 20.91 -10.10 -46.16
CA ALA B 488 22.34 -10.08 -46.46
C ALA B 488 22.57 -9.59 -47.88
N PRO B 489 23.36 -8.53 -48.07
CA PRO B 489 23.71 -8.11 -49.43
C PRO B 489 24.51 -9.17 -50.17
N ALA B 490 24.34 -9.20 -51.48
CA ALA B 490 24.87 -10.31 -52.28
C ALA B 490 26.39 -10.28 -52.37
N ASN B 491 27.01 -9.10 -52.38
CA ASN B 491 28.44 -8.99 -52.66
C ASN B 491 29.32 -9.59 -51.57
N LEU B 492 28.77 -9.92 -50.41
CA LEU B 492 29.55 -10.40 -49.28
C LEU B 492 29.99 -11.84 -49.54
N THR B 493 30.64 -12.45 -48.54
CA THR B 493 31.09 -13.84 -48.62
C THR B 493 29.97 -14.82 -48.32
N ILE B 494 28.80 -14.35 -47.92
CA ILE B 494 27.68 -15.22 -47.58
C ILE B 494 26.97 -15.66 -48.86
N THR B 495 26.74 -16.96 -48.98
CA THR B 495 26.04 -17.52 -50.13
C THR B 495 24.60 -17.86 -49.73
N LYS B 496 23.82 -18.31 -50.71
CA LYS B 496 22.41 -18.58 -50.51
C LYS B 496 22.13 -20.07 -50.55
N PRO B 497 21.17 -20.55 -49.75
CA PRO B 497 20.71 -21.94 -49.87
C PRO B 497 19.90 -22.12 -51.14
N SER B 498 19.53 -23.39 -51.38
CA SER B 498 18.68 -23.68 -52.54
C SER B 498 17.28 -23.10 -52.37
N SER B 499 16.78 -23.04 -51.14
CA SER B 499 15.45 -22.53 -50.85
C SER B 499 15.33 -22.39 -49.34
N TYR B 500 14.14 -22.04 -48.85
CA TYR B 500 13.83 -22.01 -47.44
C TYR B 500 13.00 -23.24 -47.10
N SER B 501 13.35 -23.90 -46.00
CA SER B 501 12.67 -25.12 -45.60
C SER B 501 12.38 -25.08 -44.11
N PHE B 502 11.35 -25.82 -43.69
CA PHE B 502 11.01 -25.95 -42.28
C PHE B 502 10.27 -27.26 -42.06
N ILE B 503 9.99 -27.55 -40.80
CA ILE B 503 9.34 -28.80 -40.41
C ILE B 503 7.87 -28.51 -40.18
N SER B 504 7.01 -29.23 -40.91
CA SER B 504 5.57 -29.01 -40.85
C SER B 504 4.84 -30.02 -39.99
N LYS B 505 5.47 -31.14 -39.65
CA LYS B 505 4.80 -32.18 -38.86
C LYS B 505 5.85 -33.07 -38.24
N CYS B 506 5.89 -33.10 -36.91
CA CYS B 506 6.71 -34.04 -36.15
C CYS B 506 5.79 -34.79 -35.21
N SER B 507 5.81 -36.12 -35.28
CA SER B 507 4.80 -36.89 -34.59
C SER B 507 5.28 -38.32 -34.35
N ARG B 508 4.82 -38.89 -33.25
CA ARG B 508 5.05 -40.29 -32.93
C ARG B 508 3.75 -41.08 -33.15
N LEU B 509 3.85 -42.17 -33.90
CA LEU B 509 2.74 -43.11 -34.02
C LEU B 509 2.92 -44.21 -32.99
N THR B 510 1.93 -44.38 -32.12
CA THR B 510 1.99 -45.36 -31.05
C THR B 510 0.78 -46.28 -31.17
N GLY B 511 0.78 -47.32 -30.34
CA GLY B 511 -0.24 -48.35 -30.38
C GLY B 511 0.21 -49.55 -31.20
N ASP B 512 -0.55 -50.64 -31.04
CA ASP B 512 -0.21 -51.87 -31.75
C ASP B 512 -0.32 -51.69 -33.27
N ASN B 513 -1.35 -51.00 -33.73
CA ASN B 513 -1.55 -50.76 -35.15
C ASN B 513 -0.99 -49.42 -35.61
N SER B 514 -0.31 -48.69 -34.72
CA SER B 514 0.19 -47.35 -35.01
C SER B 514 -0.92 -46.44 -35.53
N HIS B 515 -2.09 -46.56 -34.90
CA HIS B 515 -3.28 -45.82 -35.28
C HIS B 515 -3.46 -44.53 -34.48
N ILE B 516 -2.56 -44.24 -33.54
CA ILE B 516 -2.67 -43.06 -32.69
C ILE B 516 -1.58 -42.09 -33.09
N GLU B 517 -1.97 -40.86 -33.41
CA GLU B 517 -1.06 -39.82 -33.89
C GLU B 517 -0.93 -38.76 -32.81
N THR B 518 0.29 -38.59 -32.30
CA THR B 518 0.57 -37.65 -31.21
C THR B 518 1.71 -36.72 -31.61
N PRO B 519 1.54 -35.41 -31.50
CA PRO B 519 2.62 -34.48 -31.88
C PRO B 519 3.74 -34.44 -30.86
N ILE B 520 4.95 -34.23 -31.37
CA ILE B 520 6.14 -33.97 -30.55
C ILE B 520 6.55 -32.53 -30.79
N VAL B 521 6.59 -31.74 -29.72
CA VAL B 521 6.87 -30.31 -29.83
C VAL B 521 8.18 -30.01 -29.11
N ILE B 522 8.76 -28.87 -29.47
CA ILE B 522 10.06 -28.45 -28.95
C ILE B 522 9.86 -27.58 -27.73
N ASN B 523 10.88 -27.55 -26.88
CA ASN B 523 11.01 -26.58 -25.81
C ASN B 523 11.76 -25.35 -26.31
N PRO B 524 11.61 -24.21 -25.64
CA PRO B 524 12.29 -23.00 -26.11
C PRO B 524 13.80 -23.16 -26.15
N GLY B 525 14.38 -22.82 -27.30
CA GLY B 525 15.81 -22.84 -27.48
C GLY B 525 16.42 -24.17 -27.87
N GLU B 526 15.61 -25.20 -28.08
CA GLU B 526 16.12 -26.53 -28.38
C GLU B 526 15.84 -26.92 -29.82
N TYR B 527 16.42 -28.04 -30.22
CA TYR B 527 16.21 -28.60 -31.55
C TYR B 527 15.12 -29.66 -31.53
N SER B 528 14.54 -29.89 -32.70
CA SER B 528 13.50 -30.90 -32.86
C SER B 528 14.13 -32.25 -33.16
N ILE B 529 13.50 -33.31 -32.67
CA ILE B 529 13.97 -34.67 -32.96
C ILE B 529 13.89 -34.94 -34.46
N CYS B 530 12.96 -34.27 -35.14
CA CYS B 530 12.75 -34.44 -36.58
C CYS B 530 13.80 -33.74 -37.43
N LYS B 531 14.75 -33.05 -36.79
CA LYS B 531 15.84 -32.40 -37.51
C LYS B 531 16.72 -33.38 -38.28
N ASN B 532 16.80 -34.62 -37.83
CA ASN B 532 17.77 -35.60 -38.39
C ASN B 532 17.31 -36.19 -39.72
N PHE B 533 16.02 -36.07 -40.03
CA PHE B 533 15.50 -36.56 -41.33
C PHE B 533 16.10 -35.81 -42.52
N ALA B 534 16.18 -34.49 -42.45
CA ALA B 534 16.72 -33.67 -43.56
C ALA B 534 17.57 -32.57 -42.96
N PRO B 535 18.81 -32.84 -42.53
CA PRO B 535 19.59 -31.82 -41.83
C PRO B 535 19.86 -30.57 -42.67
N ASN B 536 20.08 -30.70 -43.97
CA ASN B 536 20.48 -29.54 -44.81
C ASN B 536 19.28 -28.92 -45.54
N GLY B 537 18.07 -29.37 -45.23
CA GLY B 537 16.84 -28.81 -45.83
C GLY B 537 16.09 -29.86 -46.61
N PHE B 538 14.77 -29.70 -46.71
CA PHE B 538 13.99 -30.65 -47.48
C PHE B 538 14.10 -30.36 -48.97
N SER B 539 14.21 -31.43 -49.75
CA SER B 539 14.41 -31.30 -51.19
C SER B 539 13.12 -31.06 -51.96
N GLN B 540 11.98 -31.45 -51.42
CA GLN B 540 10.67 -31.24 -52.05
C GLN B 540 9.66 -30.82 -51.01
N ASP B 541 8.75 -29.94 -51.41
CA ASP B 541 7.60 -29.62 -50.58
C ASP B 541 6.76 -30.87 -50.34
N GLY B 542 6.38 -31.09 -49.09
CA GLY B 542 5.56 -32.22 -48.75
C GLY B 542 6.30 -33.53 -48.62
N ASP B 543 7.59 -33.50 -48.28
CA ASP B 543 8.38 -34.73 -48.22
C ASP B 543 7.99 -35.56 -47.01
N TYR B 544 6.83 -36.20 -47.07
CA TYR B 544 6.47 -37.21 -46.08
C TYR B 544 7.45 -38.36 -46.25
N PHE B 545 8.34 -38.54 -45.28
CA PHE B 545 9.44 -39.47 -45.47
C PHE B 545 8.91 -40.90 -45.61
N THR B 546 9.60 -41.68 -46.45
CA THR B 546 9.05 -42.96 -46.88
C THR B 546 9.14 -44.04 -45.81
N ARG B 547 10.15 -44.00 -44.95
CA ARG B 547 10.33 -45.02 -43.92
C ARG B 547 10.07 -44.52 -42.51
N GLN B 548 10.32 -43.23 -42.24
CA GLN B 548 9.95 -42.62 -40.97
C GLN B 548 10.61 -43.34 -39.79
N LEU B 549 11.94 -43.22 -39.66
CA LEU B 549 12.75 -44.12 -38.85
C LEU B 549 12.04 -44.56 -37.58
N SER B 550 12.03 -45.87 -37.36
CA SER B 550 11.42 -46.46 -36.17
C SER B 550 12.38 -46.28 -35.00
N GLN B 551 11.94 -45.54 -33.98
CA GLN B 551 12.77 -45.28 -32.83
C GLN B 551 12.53 -46.36 -31.76
N LEU B 552 13.12 -46.15 -30.59
CA LEU B 552 13.10 -47.16 -29.54
C LEU B 552 11.90 -47.05 -28.62
N GLU B 553 10.93 -46.20 -28.96
CA GLU B 553 9.68 -46.12 -28.20
C GLU B 553 8.46 -45.98 -29.09
N GLY B 554 8.59 -46.23 -30.39
CA GLY B 554 7.50 -46.03 -31.33
C GLY B 554 8.00 -45.63 -32.71
N GLY B 555 7.11 -45.09 -33.54
CA GLY B 555 7.50 -44.69 -34.87
C GLY B 555 7.46 -43.18 -35.02
N GLY B 556 8.59 -42.57 -35.36
CA GLY B 556 8.68 -41.12 -35.55
C GLY B 556 8.30 -40.73 -36.97
N ILE B 557 7.44 -39.73 -37.09
CA ILE B 557 6.89 -39.28 -38.36
C ILE B 557 7.32 -37.85 -38.62
N LEU B 558 7.82 -37.59 -39.82
CA LEU B 558 8.12 -36.24 -40.27
C LEU B 558 7.47 -35.97 -41.62
N VAL B 559 7.03 -34.73 -41.77
CA VAL B 559 6.59 -34.19 -43.05
C VAL B 559 7.39 -32.93 -43.31
N GLY B 560 7.74 -32.71 -44.57
CA GLY B 560 8.56 -31.56 -44.93
C GLY B 560 7.83 -30.58 -45.82
N VAL B 561 6.56 -30.28 -45.53
CA VAL B 561 5.84 -29.25 -46.26
C VAL B 561 6.57 -27.91 -46.13
N GLY B 562 7.49 -27.79 -45.19
CA GLY B 562 8.52 -26.78 -45.33
C GLY B 562 9.11 -26.96 -46.70
N SER B 563 8.76 -26.05 -47.59
CA SER B 563 8.74 -26.32 -49.02
C SER B 563 10.10 -26.28 -49.67
N VAL B 564 10.08 -26.17 -51.00
CA VAL B 564 11.22 -25.73 -51.79
C VAL B 564 11.01 -24.24 -51.93
N THR B 565 10.35 -23.64 -50.92
CA THR B 565 9.87 -22.26 -50.87
C THR B 565 10.90 -21.39 -51.54
N PRO B 566 10.54 -20.77 -52.67
CA PRO B 566 11.56 -20.19 -53.54
C PRO B 566 12.45 -19.21 -52.79
N MET B 567 13.75 -19.39 -52.96
CA MET B 567 14.70 -18.43 -52.43
C MET B 567 14.42 -17.06 -53.03
N THR B 568 14.45 -16.03 -52.19
CA THR B 568 14.24 -14.68 -52.67
C THR B 568 15.47 -14.21 -53.45
N ASP B 569 15.33 -13.04 -54.08
CA ASP B 569 16.44 -12.48 -54.83
C ASP B 569 17.63 -12.17 -53.90
N THR B 570 17.34 -11.69 -52.71
CA THR B 570 18.36 -11.47 -51.68
C THR B 570 18.13 -12.44 -50.53
N LEU B 571 19.22 -12.94 -49.97
CA LEU B 571 19.12 -13.86 -48.84
C LEU B 571 18.63 -13.12 -47.60
N GLN B 572 17.72 -13.76 -46.87
CA GLN B 572 17.15 -13.23 -45.64
C GLN B 572 17.44 -14.19 -44.50
N MET B 573 17.69 -13.64 -43.31
CA MET B 573 18.15 -14.43 -42.18
C MET B 573 17.46 -13.99 -40.90
N GLY B 574 17.39 -14.91 -39.95
CA GLY B 574 16.87 -14.64 -38.61
C GLY B 574 17.99 -14.72 -37.59
N PHE B 575 17.93 -13.82 -36.59
CA PHE B 575 18.92 -13.76 -35.53
C PHE B 575 18.20 -13.67 -34.19
N ILE B 576 18.56 -14.55 -33.26
CA ILE B 576 18.03 -14.53 -31.90
C ILE B 576 19.20 -14.23 -30.97
N ILE B 577 19.21 -13.03 -30.41
CA ILE B 577 20.31 -12.56 -29.57
C ILE B 577 19.91 -12.69 -28.12
N SER B 578 20.88 -13.01 -27.26
CA SER B 578 20.65 -13.10 -25.83
C SER B 578 21.92 -12.71 -25.10
N VAL B 579 21.78 -12.02 -23.97
CA VAL B 579 22.92 -11.58 -23.18
C VAL B 579 22.74 -12.04 -21.74
N GLN B 580 23.86 -12.12 -21.04
CA GLN B 580 23.90 -12.58 -19.65
C GLN B 580 24.75 -11.62 -18.83
N TYR B 581 24.37 -11.43 -17.58
CA TYR B 581 25.08 -10.52 -16.67
C TYR B 581 25.51 -11.26 -15.42
N GLY B 582 26.71 -10.94 -14.95
CA GLY B 582 27.16 -11.41 -13.65
C GLY B 582 27.42 -12.90 -13.53
N THR B 583 27.55 -13.60 -14.65
CA THR B 583 27.71 -15.05 -14.66
C THR B 583 29.16 -15.47 -14.88
N ASP B 584 30.08 -14.51 -14.97
CA ASP B 584 31.46 -14.81 -15.31
C ASP B 584 32.35 -13.71 -14.77
N THR B 585 33.66 -14.01 -14.71
CA THR B 585 34.65 -13.04 -14.27
C THR B 585 35.08 -12.09 -15.39
N ASN B 586 35.06 -12.55 -16.63
CA ASN B 586 35.39 -11.74 -17.78
C ASN B 586 34.10 -11.18 -18.39
N SER B 587 34.27 -10.28 -19.36
CA SER B 587 33.13 -9.66 -20.02
C SER B 587 33.35 -9.57 -21.51
N VAL B 588 32.24 -9.43 -22.22
CA VAL B 588 32.23 -9.17 -23.67
C VAL B 588 31.90 -7.70 -23.83
N CYS B 589 32.88 -6.91 -24.24
CA CYS B 589 32.79 -5.46 -24.22
C CYS B 589 33.02 -4.89 -25.61
N PRO B 590 32.48 -3.70 -25.90
CA PRO B 590 32.71 -3.08 -27.20
C PRO B 590 34.15 -2.60 -27.34
N MET B 591 34.59 -2.49 -28.59
CA MET B 591 35.90 -1.92 -28.87
C MET B 591 35.91 -0.45 -28.49
N MET B 592 36.89 -0.07 -27.66
CA MET B 592 36.99 1.31 -27.17
C MET B 592 38.45 1.65 -26.93
N ASP B 593 38.73 2.95 -26.88
CA ASP B 593 40.00 3.47 -26.40
C ASP B 593 39.67 4.44 -25.26
N LEU B 594 40.16 4.13 -24.05
CA LEU B 594 39.70 4.80 -22.84
C LEU B 594 40.81 5.58 -22.13
N GLY B 595 41.96 5.79 -22.78
CA GLY B 595 43.01 6.52 -22.13
C GLY B 595 43.62 5.75 -20.97
N ASN B 596 44.08 6.50 -19.97
CA ASN B 596 44.77 5.93 -18.81
C ASN B 596 44.02 6.32 -17.54
N SER B 597 43.33 5.35 -16.94
CA SER B 597 42.72 5.49 -15.62
C SER B 597 42.94 4.24 -14.78
N THR B 598 44.00 3.47 -15.07
CA THR B 598 44.18 2.13 -14.53
C THR B 598 44.60 2.11 -13.07
N THR B 599 44.93 3.25 -12.47
CA THR B 599 45.48 3.29 -11.14
C THR B 599 44.42 3.65 -10.10
N ILE B 600 44.56 3.06 -8.92
CA ILE B 600 43.70 3.36 -7.78
C ILE B 600 44.59 3.56 -6.56
N THR B 601 45.90 3.65 -6.81
CA THR B 601 46.87 3.70 -5.71
C THR B 601 46.71 4.97 -4.88
N ASP B 602 46.57 6.12 -5.54
CA ASP B 602 46.45 7.40 -4.85
C ASP B 602 45.08 8.04 -5.07
N LYS B 603 44.04 7.22 -5.22
CA LYS B 603 42.67 7.68 -5.27
C LYS B 603 41.79 6.89 -4.31
N LEU B 604 42.37 6.47 -3.19
CA LEU B 604 41.66 5.66 -2.21
C LEU B 604 40.85 6.59 -1.30
N GLY B 605 39.54 6.38 -1.26
CA GLY B 605 38.65 7.16 -0.42
C GLY B 605 37.74 8.11 -1.15
N VAL B 606 37.98 8.37 -2.43
CA VAL B 606 37.16 9.29 -3.20
C VAL B 606 36.11 8.50 -3.97
N CYS B 607 34.93 9.08 -4.13
CA CYS B 607 33.88 8.47 -4.94
C CYS B 607 34.31 8.47 -6.39
N VAL B 608 34.38 7.29 -6.99
CA VAL B 608 34.83 7.13 -8.37
C VAL B 608 33.88 6.20 -9.09
N GLU B 609 33.66 6.47 -10.38
CA GLU B 609 33.03 5.50 -11.26
C GLU B 609 34.06 4.44 -11.65
N TYR B 610 33.57 3.28 -12.08
CA TYR B 610 34.47 2.19 -12.37
C TYR B 610 33.91 1.31 -13.48
N ASN B 611 34.82 0.69 -14.23
CA ASN B 611 34.49 -0.30 -15.26
C ASN B 611 35.60 -1.35 -15.17
N LEU B 612 35.36 -2.38 -14.38
CA LEU B 612 36.36 -3.39 -14.06
C LEU B 612 35.91 -4.72 -14.66
N TYR B 613 36.55 -5.11 -15.77
CA TYR B 613 36.20 -6.33 -16.50
C TYR B 613 34.70 -6.39 -16.81
N GLY B 614 34.10 -5.24 -17.10
CA GLY B 614 32.72 -5.19 -17.53
C GLY B 614 31.76 -4.61 -16.53
N VAL B 615 31.94 -4.92 -15.25
CA VAL B 615 31.04 -4.45 -14.22
C VAL B 615 31.15 -2.93 -14.12
N SER B 616 30.00 -2.26 -14.09
CA SER B 616 29.94 -0.80 -14.16
C SER B 616 29.20 -0.26 -12.95
N GLY B 617 29.78 0.76 -12.33
CA GLY B 617 29.13 1.37 -11.18
C GLY B 617 29.97 2.52 -10.64
N ARG B 618 29.65 2.91 -9.41
CA ARG B 618 30.42 3.93 -8.70
C ARG B 618 30.49 3.56 -7.23
N GLY B 619 31.52 4.05 -6.56
CA GLY B 619 31.74 3.72 -5.17
C GLY B 619 33.14 4.10 -4.73
N VAL B 620 33.41 3.78 -3.47
CA VAL B 620 34.66 4.13 -2.81
C VAL B 620 35.50 2.87 -2.65
N PHE B 621 36.77 2.95 -3.02
CA PHE B 621 37.68 1.82 -2.94
C PHE B 621 38.63 2.03 -1.77
N ILE B 622 38.76 1.01 -0.92
CA ILE B 622 39.57 1.09 0.29
C ILE B 622 40.36 -0.21 0.41
N ASN B 623 41.67 -0.09 0.65
CA ASN B 623 42.52 -1.27 0.76
C ASN B 623 42.20 -2.02 2.04
N CYS B 624 41.77 -3.27 1.90
CA CYS B 624 41.36 -4.10 3.02
C CYS B 624 42.11 -5.44 2.97
N THR B 625 41.78 -6.30 3.92
CA THR B 625 42.32 -7.65 3.97
C THR B 625 41.53 -8.56 3.01
N ALA B 626 42.26 -9.37 2.25
CA ALA B 626 41.64 -10.20 1.23
C ALA B 626 40.71 -11.24 1.85
N VAL B 627 39.44 -11.19 1.46
CA VAL B 627 38.45 -12.17 1.89
C VAL B 627 37.84 -12.81 0.66
N GLY B 628 36.94 -13.77 0.86
CA GLY B 628 36.32 -14.42 -0.28
C GLY B 628 37.31 -15.26 -1.07
N VAL B 629 36.95 -15.54 -2.32
CA VAL B 629 37.79 -16.31 -3.22
C VAL B 629 38.42 -15.35 -4.22
N LYS B 630 39.75 -15.33 -4.26
CA LYS B 630 40.47 -14.47 -5.19
C LYS B 630 40.24 -14.89 -6.64
N GLN B 631 40.01 -16.18 -6.86
CA GLN B 631 39.79 -16.69 -8.21
C GLN B 631 38.54 -16.11 -8.85
N GLN B 632 37.54 -15.73 -8.04
CA GLN B 632 36.28 -15.22 -8.56
C GLN B 632 36.30 -13.71 -8.84
N ARG B 633 37.30 -13.00 -8.31
CA ARG B 633 37.62 -11.61 -8.66
C ARG B 633 36.58 -10.61 -8.15
N PHE B 634 35.44 -11.09 -7.69
CA PHE B 634 34.42 -10.21 -7.12
C PHE B 634 33.86 -10.82 -5.86
N VAL B 635 33.60 -9.98 -4.86
CA VAL B 635 32.90 -10.36 -3.65
C VAL B 635 31.60 -9.57 -3.61
N TYR B 636 30.48 -10.28 -3.52
CA TYR B 636 29.17 -9.67 -3.41
C TYR B 636 28.61 -9.88 -2.01
N ASP B 637 27.43 -9.33 -1.79
CA ASP B 637 26.66 -9.51 -0.57
C ASP B 637 25.43 -10.38 -0.86
N GLY B 638 24.57 -10.54 0.14
CA GLY B 638 23.39 -11.36 -0.04
C GLY B 638 22.39 -10.81 -1.04
N PHE B 639 22.50 -9.52 -1.36
CA PHE B 639 21.60 -8.87 -2.31
C PHE B 639 22.23 -8.69 -3.69
N ASP B 640 23.38 -9.32 -3.93
CA ASP B 640 24.12 -9.17 -5.19
C ASP B 640 24.56 -7.73 -5.41
N ASN B 641 25.25 -7.17 -4.42
CA ASN B 641 25.88 -5.86 -4.51
C ASN B 641 27.38 -6.03 -4.35
N LEU B 642 28.15 -5.37 -5.21
CA LEU B 642 29.60 -5.51 -5.17
C LEU B 642 30.16 -4.79 -3.95
N ILE B 643 30.89 -5.52 -3.10
CA ILE B 643 31.45 -4.96 -1.89
C ILE B 643 32.93 -5.32 -1.79
N GLY B 644 33.48 -5.86 -2.86
CA GLY B 644 34.88 -6.26 -2.87
C GLY B 644 35.40 -6.33 -4.29
N TYR B 645 36.73 -6.40 -4.40
CA TYR B 645 37.38 -6.50 -5.70
C TYR B 645 38.85 -6.88 -5.56
N TYR B 646 39.28 -7.89 -6.31
CA TYR B 646 40.68 -8.31 -6.35
C TYR B 646 41.33 -7.65 -7.56
N SER B 647 42.26 -6.74 -7.31
CA SER B 647 42.83 -5.92 -8.38
C SER B 647 44.00 -6.62 -9.07
N ASP B 648 44.37 -6.08 -10.23
CA ASP B 648 45.52 -6.61 -10.96
C ASP B 648 46.82 -6.31 -10.25
N ASP B 649 46.89 -5.21 -9.50
CA ASP B 649 48.10 -4.87 -8.77
C ASP B 649 48.41 -5.86 -7.65
N GLY B 650 47.43 -6.65 -7.23
CA GLY B 650 47.62 -7.61 -6.17
C GLY B 650 46.93 -7.27 -4.87
N ASN B 651 46.12 -6.21 -4.83
CA ASN B 651 45.48 -5.75 -3.62
C ASN B 651 43.97 -5.97 -3.68
N TYR B 652 43.38 -6.24 -2.53
CA TYR B 652 41.94 -6.41 -2.39
C TYR B 652 41.34 -5.14 -1.81
N TYR B 653 40.30 -4.62 -2.47
CA TYR B 653 39.66 -3.39 -2.04
C TYR B 653 38.19 -3.62 -1.74
N CYS B 654 37.77 -3.16 -0.55
CA CYS B 654 36.34 -3.04 -0.27
C CYS B 654 35.73 -1.95 -1.13
N VAL B 655 34.52 -2.18 -1.62
CA VAL B 655 33.86 -1.20 -2.46
C VAL B 655 32.70 -0.58 -1.70
N ARG B 656 32.98 0.50 -0.98
CA ARG B 656 31.96 1.23 -0.26
C ARG B 656 31.23 2.15 -1.20
N PRO B 657 29.90 2.10 -1.28
CA PRO B 657 29.18 3.09 -2.09
C PRO B 657 29.45 4.48 -1.56
N CYS B 658 29.75 5.40 -2.47
CA CYS B 658 30.03 6.77 -2.03
C CYS B 658 28.75 7.42 -1.56
N VAL B 659 28.81 7.97 -0.34
CA VAL B 659 27.63 8.35 0.40
C VAL B 659 27.51 9.87 0.46
N SER B 660 26.38 10.33 0.95
CA SER B 660 26.10 11.76 1.10
C SER B 660 26.18 12.14 2.57
N VAL B 661 26.80 13.28 2.84
CA VAL B 661 26.92 13.76 4.22
C VAL B 661 25.56 14.26 4.69
N PRO B 662 25.04 13.78 5.82
CA PRO B 662 23.78 14.32 6.33
C PRO B 662 23.94 15.76 6.76
N LEU B 663 22.84 16.50 6.67
CA LEU B 663 22.91 17.93 6.98
C LEU B 663 21.59 18.36 7.59
N SER B 664 21.67 19.24 8.58
CA SER B 664 20.50 19.77 9.28
C SER B 664 20.61 21.29 9.34
N VAL B 665 19.46 21.94 9.46
CA VAL B 665 19.38 23.39 9.54
C VAL B 665 18.67 23.76 10.85
N VAL B 666 19.39 24.45 11.73
CA VAL B 666 18.78 25.10 12.89
C VAL B 666 18.25 26.45 12.43
N TYR B 667 16.97 26.70 12.64
CA TYR B 667 16.34 27.92 12.18
C TYR B 667 15.69 28.66 13.34
N ASP B 668 15.98 29.95 13.45
CA ASP B 668 15.32 30.85 14.38
C ASP B 668 14.55 31.88 13.57
N LYS B 669 13.22 31.88 13.70
CA LYS B 669 12.38 32.67 12.81
C LYS B 669 12.29 34.13 13.25
N THR B 670 12.28 34.41 14.55
CA THR B 670 12.10 35.77 15.01
C THR B 670 13.28 36.66 14.62
N THR B 671 14.50 36.17 14.79
CA THR B 671 15.69 36.92 14.43
C THR B 671 16.21 36.59 13.04
N ASN B 672 15.56 35.67 12.33
CA ASN B 672 15.95 35.29 10.97
C ASN B 672 17.40 34.82 10.92
N SER B 673 17.75 33.94 11.86
CA SER B 673 19.11 33.42 11.99
C SER B 673 19.08 31.91 11.84
N HIS B 674 20.17 31.35 11.33
CA HIS B 674 20.22 29.93 11.07
C HIS B 674 21.64 29.41 11.10
N ALA B 675 21.76 28.09 11.26
CA ALA B 675 23.04 27.41 11.33
C ALA B 675 22.88 26.01 10.76
N THR B 676 24.00 25.37 10.44
CA THR B 676 24.02 24.10 9.73
C THR B 676 24.79 23.06 10.54
N ILE B 677 24.19 21.89 10.73
CA ILE B 677 24.81 20.77 11.43
C ILE B 677 25.11 19.67 10.42
N PHE B 678 26.36 19.22 10.40
CA PHE B 678 26.77 18.06 9.61
C PHE B 678 26.80 16.86 10.55
N GLY B 679 25.65 16.21 10.70
CA GLY B 679 25.46 15.19 11.70
C GLY B 679 26.38 13.99 11.58
N SER B 680 27.11 13.69 12.65
CA SER B 680 28.01 12.54 12.76
C SER B 680 29.25 12.66 11.89
N VAL B 681 29.65 13.87 11.50
CA VAL B 681 30.81 14.08 10.65
C VAL B 681 31.80 14.98 11.39
N ALA B 682 33.04 14.51 11.49
CA ALA B 682 34.11 15.34 12.03
C ALA B 682 34.42 16.49 11.08
N CYS B 683 34.86 17.61 11.66
CA CYS B 683 35.09 18.83 10.88
C CYS B 683 36.21 18.68 9.85
N GLU B 684 37.14 17.74 10.07
CA GLU B 684 38.22 17.54 9.10
C GLU B 684 37.66 17.04 7.78
N HIS B 685 36.79 16.04 7.83
CA HIS B 685 36.20 15.48 6.63
C HIS B 685 35.38 16.54 5.89
N ILE B 686 34.71 17.42 6.64
CA ILE B 686 33.99 18.54 6.04
C ILE B 686 34.95 19.48 5.33
N THR B 687 36.06 19.83 5.99
CA THR B 687 37.02 20.76 5.38
C THR B 687 37.61 20.18 4.10
N THR B 688 37.77 18.86 4.03
CA THR B 688 38.29 18.26 2.81
C THR B 688 37.21 18.15 1.72
N MET B 689 36.02 17.70 2.08
CA MET B 689 35.03 17.22 1.11
C MET B 689 34.24 18.40 0.51
N LEU B 690 33.29 18.05 -0.36
CA LEU B 690 32.46 18.94 -1.16
C LEU B 690 31.09 18.27 -1.26
N HIS B 691 30.30 18.57 -2.30
CA HIS B 691 28.90 18.16 -2.40
C HIS B 691 28.06 19.01 -1.45
N GLN B 692 28.38 20.29 -1.37
CA GLN B 692 27.71 21.22 -0.50
C GLN B 692 27.29 22.43 -1.34
N PHE B 693 26.41 23.24 -0.78
CA PHE B 693 25.76 24.30 -1.55
C PHE B 693 26.72 25.46 -1.79
N SER B 694 26.24 26.44 -2.55
CA SER B 694 27.10 27.50 -3.07
C SER B 694 27.71 28.34 -1.96
N ARG B 695 26.92 28.69 -0.95
CA ARG B 695 27.38 29.57 0.12
C ARG B 695 28.41 28.89 1.03
N THR B 696 28.61 27.58 0.91
CA THR B 696 29.63 26.86 1.66
C THR B 696 30.92 26.68 0.85
N THR B 697 31.29 27.69 0.05
CA THR B 697 32.66 27.77 -0.42
C THR B 697 33.62 27.90 0.76
N GLN B 698 33.19 28.61 1.80
CA GLN B 698 33.92 28.69 3.07
C GLN B 698 34.24 27.30 3.62
N ASN B 708 35.18 31.77 15.01
CA ASN B 708 34.50 32.69 14.12
C ASN B 708 33.41 31.98 13.33
N SER B 709 32.60 31.19 14.05
CA SER B 709 31.49 30.42 13.48
C SER B 709 31.95 29.45 12.39
N GLY B 710 33.25 29.12 12.36
CA GLY B 710 33.76 28.17 11.42
C GLY B 710 33.41 26.76 11.85
N PRO B 711 34.03 25.76 11.22
CA PRO B 711 33.79 24.37 11.63
C PRO B 711 34.09 24.15 13.11
N LEU B 712 33.03 23.88 13.87
CA LEU B 712 33.13 23.63 15.30
C LEU B 712 32.71 22.21 15.58
N GLN B 713 33.51 21.48 16.35
CA GLN B 713 33.24 20.09 16.66
C GLN B 713 32.36 20.00 17.90
N THR B 714 31.19 19.39 17.76
CA THR B 714 30.26 19.20 18.86
C THR B 714 30.10 17.70 19.12
N ALA B 715 29.21 17.37 20.05
CA ALA B 715 28.90 15.98 20.32
C ALA B 715 27.91 15.40 19.32
N VAL B 716 27.34 16.22 18.44
CA VAL B 716 26.42 15.77 17.42
C VAL B 716 27.00 15.94 16.01
N GLY B 717 28.26 16.34 15.91
CA GLY B 717 28.92 16.54 14.63
C GLY B 717 29.29 18.00 14.41
N CYS B 718 29.99 18.22 13.30
CA CYS B 718 30.45 19.56 12.95
C CYS B 718 29.28 20.50 12.69
N VAL B 719 29.43 21.76 13.11
CA VAL B 719 28.41 22.77 12.92
C VAL B 719 29.05 24.02 12.30
N ILE B 720 28.26 24.71 11.48
CA ILE B 720 28.63 26.00 10.90
C ILE B 720 27.58 27.01 11.30
N GLY B 721 28.01 28.17 11.81
CA GLY B 721 27.10 29.23 12.17
C GLY B 721 26.82 29.36 13.65
N LEU B 722 27.45 28.53 14.49
CA LEU B 722 27.29 28.60 15.93
C LEU B 722 28.57 29.11 16.57
N VAL B 723 28.43 30.02 17.53
CA VAL B 723 29.54 30.55 18.29
C VAL B 723 29.57 29.86 19.66
N ASN B 724 30.70 29.25 19.98
CA ASN B 724 30.86 28.55 21.25
C ASN B 724 31.13 29.58 22.34
N SER B 725 30.25 29.63 23.35
CA SER B 725 30.34 30.63 24.40
C SER B 725 30.40 30.05 25.80
N SER B 726 30.27 28.72 25.95
CA SER B 726 30.31 28.06 27.25
C SER B 726 29.28 28.64 28.21
N MET B 727 28.07 28.87 27.70
CA MET B 727 26.94 29.29 28.52
C MET B 727 26.03 28.10 28.79
N VAL B 728 25.07 28.31 29.69
CA VAL B 728 24.10 27.27 30.05
C VAL B 728 22.71 27.86 29.97
N VAL B 729 21.73 26.98 29.74
CA VAL B 729 20.32 27.34 29.74
C VAL B 729 19.57 26.27 30.52
N ASP B 730 18.34 26.61 30.91
CA ASP B 730 17.44 25.67 31.56
C ASP B 730 16.26 25.29 30.67
N ASN B 731 15.56 26.27 30.13
CA ASN B 731 14.49 26.04 29.16
C ASN B 731 14.92 26.69 27.84
N CYS B 732 15.12 25.85 26.82
CA CYS B 732 15.52 26.35 25.52
C CYS B 732 14.65 25.70 24.43
N GLN B 733 14.54 26.41 23.31
CA GLN B 733 13.56 26.08 22.28
C GLN B 733 14.16 25.45 21.03
N LEU B 734 15.49 25.31 20.95
CA LEU B 734 16.15 24.75 19.77
C LEU B 734 17.13 23.67 20.19
N PRO B 735 16.65 22.56 20.74
CA PRO B 735 17.56 21.51 21.20
C PRO B 735 18.22 20.79 20.04
N LEU B 736 19.49 20.44 20.23
CA LEU B 736 20.28 19.79 19.19
C LEU B 736 20.62 18.34 19.49
N GLY B 737 20.30 17.84 20.67
CA GLY B 737 20.68 16.51 21.08
C GLY B 737 21.92 16.51 21.95
N GLN B 738 22.06 15.44 22.73
CA GLN B 738 23.17 15.28 23.68
C GLN B 738 23.31 16.49 24.61
N SER B 739 22.16 16.98 25.09
CA SER B 739 22.07 18.10 26.02
C SER B 739 22.63 19.39 25.45
N LEU B 740 22.72 19.51 24.13
CA LEU B 740 23.16 20.73 23.48
C LEU B 740 21.97 21.50 22.95
N CYS B 741 22.12 22.82 22.86
CA CYS B 741 21.04 23.68 22.38
C CYS B 741 21.63 24.79 21.51
N ALA B 742 20.73 25.57 20.92
CA ALA B 742 21.09 26.72 20.11
C ALA B 742 20.24 27.90 20.56
N VAL B 743 20.90 28.92 21.08
CA VAL B 743 20.15 30.04 21.69
C VAL B 743 20.14 31.26 20.78
N PRO B 744 18.95 31.80 20.44
CA PRO B 744 18.90 33.02 19.66
C PRO B 744 19.57 34.19 20.41
N SER B 745 20.40 34.97 19.72
CA SER B 745 21.19 36.05 20.38
C SER B 745 20.37 37.34 20.51
N THR B 746 20.15 37.80 21.75
CA THR B 746 19.28 38.98 22.02
C THR B 746 19.85 40.29 21.44
N THR B 747 21.16 40.50 21.56
CA THR B 747 21.81 41.74 21.04
C THR B 747 21.67 41.79 19.51
N SER B 750 24.92 41.20 16.96
CA SER B 750 25.23 39.80 16.55
C SER B 750 23.98 38.95 16.67
N SER B 751 23.39 38.55 15.54
CA SER B 751 22.20 37.68 15.57
C SER B 751 22.66 36.23 15.52
N GLN B 752 23.98 36.02 15.53
CA GLN B 752 24.50 34.64 15.38
C GLN B 752 23.97 33.78 16.51
N LEU B 753 23.58 32.55 16.19
CA LEU B 753 23.07 31.60 17.19
C LEU B 753 24.26 31.15 18.01
N GLN B 754 24.04 30.90 19.29
CA GLN B 754 25.12 30.49 20.17
C GLN B 754 24.94 29.04 20.58
N LEU B 755 26.05 28.37 20.86
CA LEU B 755 26.04 26.97 21.30
C LEU B 755 26.00 26.94 22.82
N ALA B 756 24.83 26.66 23.37
CA ALA B 756 24.65 26.55 24.81
C ALA B 756 24.50 25.08 25.21
N THR B 757 24.38 24.86 26.52
CA THR B 757 24.14 23.54 27.08
C THR B 757 22.95 23.60 28.03
N ILE B 758 22.19 22.50 28.06
CA ILE B 758 21.11 22.40 29.04
C ILE B 758 21.71 22.08 30.39
N ASN B 759 21.32 22.85 31.40
CA ASN B 759 21.89 22.73 32.74
C ASN B 759 21.00 21.90 33.64
N TYR B 760 21.64 21.01 34.39
CA TYR B 760 20.96 20.25 35.45
C TYR B 760 21.15 20.99 36.77
N THR B 761 20.08 21.63 37.25
CA THR B 761 20.15 22.31 38.53
C THR B 761 20.08 21.29 39.67
N GLN B 762 21.02 21.40 40.60
CA GLN B 762 21.11 20.44 41.69
C GLN B 762 19.97 20.67 42.68
N PRO B 763 19.50 19.61 43.34
CA PRO B 763 18.50 19.78 44.40
C PRO B 763 19.16 20.24 45.70
N GLN B 764 18.46 21.13 46.41
CA GLN B 764 18.99 21.65 47.65
C GLN B 764 19.05 20.57 48.72
N LEU B 765 20.13 20.56 49.49
CA LEU B 765 20.34 19.57 50.52
C LEU B 765 19.90 20.10 51.87
N LEU B 766 19.15 19.28 52.61
CA LEU B 766 18.81 19.55 54.00
C LEU B 766 19.57 18.57 54.87
N SER B 767 20.29 19.08 55.86
CA SER B 767 21.20 18.26 56.64
C SER B 767 20.45 17.61 57.81
N PRO B 768 20.45 16.29 57.92
CA PRO B 768 19.83 15.66 59.10
C PRO B 768 20.57 16.02 60.37
N LEU B 769 19.82 16.06 61.47
CA LEU B 769 20.36 16.48 62.74
C LEU B 769 21.10 15.33 63.44
N ASN B 770 22.02 15.70 64.33
CA ASN B 770 22.66 14.77 65.23
C ASN B 770 21.92 14.67 66.56
N SER B 771 20.78 15.33 66.68
CA SER B 771 20.00 15.36 67.90
C SER B 771 19.01 14.20 67.93
N SER B 772 18.05 14.25 68.85
CA SER B 772 17.14 13.12 69.04
C SER B 772 16.15 13.00 67.89
N GLY B 773 15.56 14.11 67.46
CA GLY B 773 14.50 14.05 66.47
C GLY B 773 14.96 14.19 65.04
N PHE B 774 14.39 15.15 64.31
CA PHE B 774 14.77 15.41 62.93
C PHE B 774 14.34 16.82 62.59
N VAL B 775 14.83 17.31 61.45
CA VAL B 775 14.55 18.66 60.98
C VAL B 775 13.59 18.57 59.80
N VAL B 776 12.57 19.43 59.82
CA VAL B 776 11.55 19.47 58.78
C VAL B 776 11.33 20.92 58.37
N GLN B 777 11.16 21.14 57.07
CA GLN B 777 10.91 22.47 56.52
C GLN B 777 9.41 22.63 56.31
N VAL B 778 8.80 23.58 57.04
CA VAL B 778 7.36 23.79 56.97
C VAL B 778 7.10 25.15 56.34
N PRO B 779 6.16 25.26 55.40
CA PRO B 779 5.95 26.53 54.69
C PRO B 779 5.46 27.64 55.61
N THR B 780 5.80 28.88 55.24
CA THR B 780 5.32 30.06 55.95
C THR B 780 4.41 30.94 55.11
N ASN B 781 4.59 31.01 53.78
CA ASN B 781 3.49 31.42 52.92
C ASN B 781 3.20 30.31 51.92
N PHE B 782 2.35 30.64 50.96
CA PHE B 782 1.96 29.74 49.90
C PHE B 782 1.35 30.56 48.77
N SER B 783 1.08 29.89 47.65
CA SER B 783 0.26 30.44 46.59
C SER B 783 -0.59 29.31 46.04
N PHE B 784 -1.46 29.64 45.09
CA PHE B 784 -2.32 28.67 44.42
C PHE B 784 -1.83 28.53 42.98
N GLY B 785 -1.15 27.44 42.69
CA GLY B 785 -0.81 27.13 41.32
C GLY B 785 -1.99 26.57 40.56
N ILE B 786 -1.92 26.69 39.23
CA ILE B 786 -2.95 26.15 38.36
C ILE B 786 -2.28 25.40 37.22
N THR B 787 -2.54 24.10 37.15
CA THR B 787 -2.07 23.26 36.04
C THR B 787 -3.21 23.12 35.04
N GLN B 788 -2.90 23.36 33.77
CA GLN B 788 -3.87 23.24 32.70
C GLN B 788 -3.62 21.96 31.93
N GLU B 789 -4.70 21.24 31.59
CA GLU B 789 -4.59 19.94 30.96
C GLU B 789 -5.69 19.78 29.92
N TYR B 790 -5.31 19.35 28.72
CA TYR B 790 -6.25 19.03 27.66
C TYR B 790 -6.30 17.52 27.47
N ILE B 791 -7.51 16.98 27.41
CA ILE B 791 -7.73 15.56 27.11
C ILE B 791 -8.70 15.46 25.96
N GLN B 792 -8.24 14.92 24.83
CA GLN B 792 -9.09 14.74 23.67
C GLN B 792 -10.03 13.56 23.87
N THR B 793 -11.30 13.74 23.51
CA THR B 793 -12.28 12.68 23.64
C THR B 793 -12.90 12.25 22.32
N THR B 794 -12.69 13.00 21.25
CA THR B 794 -13.27 12.67 19.95
C THR B 794 -12.29 13.06 18.84
N ILE B 795 -12.58 12.54 17.65
CA ILE B 795 -11.98 13.04 16.41
C ILE B 795 -13.12 13.46 15.50
N GLN B 796 -12.78 14.23 14.47
CA GLN B 796 -13.77 14.60 13.47
C GLN B 796 -14.27 13.34 12.76
N LYS B 797 -15.59 13.24 12.61
CA LYS B 797 -16.20 12.10 11.95
C LYS B 797 -16.28 12.39 10.45
N VAL B 798 -15.68 11.52 9.65
CA VAL B 798 -15.62 11.69 8.21
C VAL B 798 -16.09 10.40 7.55
N THR B 799 -16.87 10.54 6.49
CA THR B 799 -17.24 9.43 5.63
C THR B 799 -16.84 9.76 4.20
N VAL B 800 -16.69 8.71 3.39
CA VAL B 800 -16.20 8.84 2.03
C VAL B 800 -17.19 8.18 1.08
N ASP B 801 -17.58 8.90 0.04
CA ASP B 801 -18.33 8.33 -1.08
C ASP B 801 -17.30 7.66 -1.99
N CYS B 802 -17.10 6.36 -1.79
CA CYS B 802 -15.97 5.66 -2.41
C CYS B 802 -16.09 5.66 -3.93
N LYS B 803 -17.29 5.41 -4.45
CA LYS B 803 -17.48 5.41 -5.89
C LYS B 803 -17.16 6.77 -6.49
N GLN B 804 -17.68 7.85 -5.88
CA GLN B 804 -17.42 9.18 -6.39
C GLN B 804 -15.95 9.55 -6.24
N TYR B 805 -15.32 9.16 -5.13
CA TYR B 805 -13.92 9.49 -4.91
C TYR B 805 -13.01 8.81 -5.93
N VAL B 806 -13.26 7.52 -6.20
CA VAL B 806 -12.36 6.79 -7.09
C VAL B 806 -12.62 7.16 -8.54
N CYS B 807 -13.89 7.13 -8.97
CA CYS B 807 -14.17 7.21 -10.39
C CYS B 807 -14.70 8.56 -10.85
N ASN B 808 -15.01 9.46 -9.93
CA ASN B 808 -15.42 10.83 -10.25
C ASN B 808 -16.63 10.89 -11.17
N GLY B 809 -17.41 9.82 -11.24
CA GLY B 809 -18.63 9.80 -12.00
C GLY B 809 -18.54 9.20 -13.39
N PHE B 810 -17.34 9.02 -13.92
CA PHE B 810 -17.17 8.48 -15.27
C PHE B 810 -17.54 7.00 -15.28
N GLN B 811 -18.37 6.62 -16.25
CA GLN B 811 -18.92 5.25 -16.28
C GLN B 811 -17.87 4.24 -16.71
N LYS B 812 -16.95 4.64 -17.59
CA LYS B 812 -15.89 3.73 -18.00
C LYS B 812 -15.03 3.32 -16.82
N CYS B 813 -14.70 4.28 -15.95
CA CYS B 813 -14.01 3.95 -14.70
C CYS B 813 -14.89 3.06 -13.82
N GLU B 814 -16.16 3.41 -13.67
CA GLU B 814 -17.04 2.68 -12.78
C GLU B 814 -17.14 1.21 -13.16
N GLN B 815 -17.08 0.90 -14.46
CA GLN B 815 -17.11 -0.49 -14.89
C GLN B 815 -15.91 -1.26 -14.38
N LEU B 816 -14.72 -0.65 -14.42
CA LEU B 816 -13.50 -1.35 -14.06
C LEU B 816 -13.27 -1.43 -12.55
N LEU B 817 -14.07 -0.74 -11.75
CA LEU B 817 -13.89 -0.74 -10.30
C LEU B 817 -14.18 -2.10 -9.67
N ARG B 818 -14.89 -2.97 -10.39
CA ARG B 818 -15.48 -4.18 -9.82
C ARG B 818 -14.53 -5.38 -9.80
N GLU B 819 -13.34 -5.26 -10.39
CA GLU B 819 -12.37 -6.35 -10.39
C GLU B 819 -11.46 -6.31 -9.16
N TYR B 820 -11.91 -5.70 -8.08
CA TYR B 820 -11.10 -5.45 -6.90
C TYR B 820 -11.86 -5.86 -5.64
N GLY B 821 -12.64 -6.92 -5.76
CA GLY B 821 -13.55 -7.28 -4.69
C GLY B 821 -14.68 -6.25 -4.62
N GLN B 822 -15.40 -6.29 -3.51
CA GLN B 822 -16.41 -5.28 -3.23
C GLN B 822 -15.82 -4.26 -2.26
N PHE B 823 -14.85 -3.51 -2.79
CA PHE B 823 -13.98 -2.66 -1.98
C PHE B 823 -14.72 -1.48 -1.38
N CYS B 824 -15.55 -0.82 -2.19
CA CYS B 824 -16.20 0.42 -1.74
C CYS B 824 -17.14 0.14 -0.58
N ALA B 825 -17.88 -0.97 -0.64
CA ALA B 825 -18.76 -1.35 0.45
C ALA B 825 -17.97 -1.57 1.73
N LYS B 826 -16.80 -2.21 1.63
CA LYS B 826 -15.96 -2.43 2.81
C LYS B 826 -15.50 -1.10 3.40
N ILE B 827 -15.08 -0.17 2.54
CA ILE B 827 -14.66 1.14 3.03
C ILE B 827 -15.79 1.82 3.78
N ASN B 828 -16.99 1.81 3.18
CA ASN B 828 -18.15 2.43 3.81
C ASN B 828 -18.48 1.78 5.15
N GLN B 829 -18.45 0.46 5.21
CA GLN B 829 -18.76 -0.24 6.45
C GLN B 829 -17.76 0.08 7.54
N ALA B 830 -16.47 0.11 7.20
CA ALA B 830 -15.44 0.41 8.20
C ALA B 830 -15.61 1.83 8.75
N LEU B 831 -15.84 2.80 7.87
CA LEU B 831 -16.01 4.17 8.34
C LEU B 831 -17.28 4.31 9.17
N HIS B 832 -18.35 3.62 8.77
CA HIS B 832 -19.59 3.63 9.53
C HIS B 832 -19.38 3.09 10.94
N GLY B 833 -18.68 1.96 11.05
CA GLY B 833 -18.41 1.39 12.36
C GLY B 833 -17.57 2.30 13.23
N ALA B 834 -16.56 2.95 12.64
CA ALA B 834 -15.74 3.88 13.40
C ALA B 834 -16.57 5.04 13.94
N ASN B 835 -17.41 5.63 13.09
CA ASN B 835 -18.23 6.75 13.53
C ASN B 835 -19.25 6.33 14.58
N LEU B 836 -19.81 5.13 14.43
CA LEU B 836 -20.75 4.62 15.42
C LEU B 836 -20.09 4.42 16.78
N MET B 837 -18.87 3.87 16.77
CA MET B 837 -18.13 3.71 18.03
C MET B 837 -17.83 5.06 18.66
N GLN B 838 -17.49 6.06 17.84
CA GLN B 838 -17.27 7.40 18.38
C GLN B 838 -18.53 7.96 19.04
N ASP B 839 -19.68 7.80 18.39
CA ASP B 839 -20.92 8.32 18.96
C ASP B 839 -21.26 7.64 20.28
N GLU B 840 -21.08 6.32 20.34
CA GLU B 840 -21.34 5.61 21.60
C GLU B 840 -20.37 6.05 22.69
N SER B 841 -19.10 6.30 22.32
CA SER B 841 -18.14 6.81 23.28
C SER B 841 -18.57 8.16 23.85
N VAL B 842 -19.04 9.05 22.98
CA VAL B 842 -19.48 10.38 23.44
C VAL B 842 -20.66 10.24 24.39
N ALA B 843 -21.64 9.41 24.02
CA ALA B 843 -22.81 9.24 24.87
C ALA B 843 -22.42 8.68 26.24
N ASN B 844 -21.53 7.67 26.26
CA ASN B 844 -21.08 7.11 27.52
C ASN B 844 -20.37 8.14 28.38
N LEU B 845 -19.48 8.94 27.78
CA LEU B 845 -18.74 9.94 28.54
C LEU B 845 -19.68 10.94 29.18
N PHE B 846 -20.61 11.50 28.41
CA PHE B 846 -21.49 12.51 28.97
C PHE B 846 -22.50 11.93 29.95
N SER B 847 -22.83 10.65 29.82
CA SER B 847 -23.62 10.01 30.87
C SER B 847 -22.80 9.85 32.15
N ASP B 848 -21.51 9.56 32.01
CA ASP B 848 -20.67 9.36 33.19
C ASP B 848 -20.42 10.65 33.94
N ILE B 849 -20.31 11.78 33.25
CA ILE B 849 -19.97 13.02 33.94
C ILE B 849 -21.22 13.81 34.34
N LYS B 850 -22.37 13.14 34.34
CA LYS B 850 -23.63 13.82 34.62
C LYS B 850 -23.81 14.05 36.12
N THR B 851 -24.28 15.24 36.47
CA THR B 851 -24.60 15.59 37.85
C THR B 851 -26.08 15.35 38.10
N HIS B 852 -26.38 14.75 39.26
CA HIS B 852 -27.76 14.40 39.57
C HIS B 852 -28.43 15.34 40.56
N LYS B 853 -27.66 15.98 41.45
CA LYS B 853 -28.17 17.03 42.31
C LYS B 853 -27.12 18.12 42.44
N SER B 854 -27.60 19.36 42.56
CA SER B 854 -26.75 20.52 42.67
C SER B 854 -27.33 21.48 43.71
N GLN B 855 -26.66 22.59 43.90
CA GLN B 855 -27.09 23.62 44.82
C GLN B 855 -27.09 24.97 44.11
N PRO B 856 -27.91 25.93 44.56
CA PRO B 856 -27.92 27.24 43.91
C PRO B 856 -26.63 27.99 44.14
N LEU B 857 -25.58 27.57 43.43
CA LEU B 857 -24.26 28.16 43.54
C LEU B 857 -24.21 29.42 42.67
N ASN B 858 -25.14 30.34 42.91
CA ASN B 858 -25.30 31.50 42.05
C ASN B 858 -24.34 32.61 42.49
N ALA B 859 -24.37 33.70 41.72
CA ALA B 859 -23.39 34.77 41.89
C ALA B 859 -23.71 35.63 43.10
N GLY B 860 -23.91 35.01 44.25
CA GLY B 860 -23.85 35.69 45.52
C GLY B 860 -22.51 35.38 46.16
N LEU B 861 -21.80 34.44 45.53
CA LEU B 861 -20.50 34.01 46.01
C LEU B 861 -19.37 34.95 45.63
N ASN B 862 -19.53 35.73 44.57
CA ASN B 862 -18.42 36.51 44.02
C ASN B 862 -17.84 37.52 44.99
N GLY B 863 -18.45 37.69 46.16
CA GLY B 863 -17.85 38.47 47.22
C GLY B 863 -16.56 37.86 47.74
N ASP B 864 -16.66 36.67 48.34
CA ASP B 864 -15.48 36.03 48.92
C ASP B 864 -14.66 35.28 47.86
N PHE B 865 -15.26 34.30 47.21
CA PHE B 865 -14.64 33.59 46.09
C PHE B 865 -15.29 34.04 44.80
N ASN B 866 -14.50 34.60 43.89
CA ASN B 866 -15.02 35.15 42.63
C ASN B 866 -14.99 34.05 41.60
N LEU B 867 -16.16 33.47 41.32
CA LEU B 867 -16.30 32.35 40.38
C LEU B 867 -16.92 32.78 39.06
N THR B 868 -16.78 34.05 38.68
CA THR B 868 -17.50 34.56 37.52
C THR B 868 -16.92 34.07 36.20
N LEU B 869 -15.62 33.76 36.15
CA LEU B 869 -15.03 33.24 34.93
C LEU B 869 -15.48 31.82 34.63
N LEU B 870 -15.91 31.08 35.65
CA LEU B 870 -16.38 29.71 35.49
C LEU B 870 -17.89 29.63 35.35
N GLN B 871 -18.57 30.77 35.29
CA GLN B 871 -20.02 30.82 35.28
C GLN B 871 -20.52 31.36 33.94
N VAL B 872 -21.69 30.89 33.54
CA VAL B 872 -22.33 31.40 32.32
C VAL B 872 -22.78 32.83 32.57
N PRO B 873 -22.40 33.80 31.74
CA PRO B 873 -22.84 35.18 31.96
C PRO B 873 -24.35 35.31 31.84
N GLN B 874 -24.92 36.17 32.68
CA GLN B 874 -26.36 36.43 32.62
C GLN B 874 -26.73 37.12 31.31
N VAL B 875 -25.91 38.07 30.87
CA VAL B 875 -26.19 38.79 29.62
C VAL B 875 -26.12 37.84 28.43
N SER B 876 -25.12 36.96 28.40
CA SER B 876 -24.89 36.04 27.29
C SER B 876 -24.83 36.78 25.96
N THR B 877 -23.92 37.76 25.91
CA THR B 877 -23.82 38.63 24.74
C THR B 877 -23.48 37.84 23.48
N SER B 878 -22.43 37.03 23.54
CA SER B 878 -21.90 36.36 22.37
C SER B 878 -22.03 34.85 22.49
N GLN B 879 -21.97 34.19 21.33
CA GLN B 879 -21.93 32.75 21.14
C GLN B 879 -23.22 32.04 21.54
N TYR B 880 -24.24 32.76 21.99
CA TYR B 880 -25.63 32.27 22.08
C TYR B 880 -25.72 30.87 22.69
N SER B 881 -24.97 30.63 23.76
CA SER B 881 -24.79 29.26 24.25
C SER B 881 -24.96 29.20 25.75
N HIS B 882 -24.84 27.99 26.29
CA HIS B 882 -24.73 27.70 27.71
C HIS B 882 -23.28 27.70 28.19
N ARG B 883 -22.42 28.44 27.52
CA ARG B 883 -20.98 28.33 27.67
C ARG B 883 -20.44 29.46 28.54
N SER B 884 -19.49 29.14 29.41
CA SER B 884 -18.97 30.08 30.38
C SER B 884 -17.99 31.05 29.73
N ALA B 885 -17.50 32.00 30.52
CA ALA B 885 -16.63 33.05 29.99
C ALA B 885 -15.27 32.50 29.57
N ILE B 886 -14.67 31.66 30.42
CA ILE B 886 -13.36 31.10 30.10
C ILE B 886 -13.45 30.14 28.92
N GLU B 887 -14.55 29.39 28.82
CA GLU B 887 -14.77 28.55 27.65
C GLU B 887 -14.90 29.39 26.39
N ASP B 888 -15.59 30.52 26.48
CA ASP B 888 -15.69 31.44 25.36
C ASP B 888 -14.32 31.95 24.94
N LEU B 889 -13.48 32.33 25.91
CA LEU B 889 -12.15 32.81 25.59
C LEU B 889 -11.31 31.72 24.91
N LEU B 890 -11.39 30.50 25.43
CA LEU B 890 -10.64 29.40 24.83
C LEU B 890 -11.08 29.16 23.40
N PHE B 891 -12.40 29.16 23.15
CA PHE B 891 -12.88 28.93 21.79
C PHE B 891 -12.60 30.11 20.86
N ASN B 892 -12.44 31.32 21.40
CA ASN B 892 -12.05 32.46 20.58
C ASN B 892 -10.55 32.48 20.29
N LYS B 893 -9.74 31.79 21.09
CA LYS B 893 -8.30 31.77 20.85
C LYS B 893 -7.85 30.59 19.98
N VAL B 894 -8.77 29.75 19.51
CA VAL B 894 -8.45 28.62 18.65
C VAL B 894 -9.10 28.87 17.29
N THR B 895 -8.32 28.66 16.23
CA THR B 895 -8.81 28.87 14.87
C THR B 895 -9.29 27.54 14.29
N ILE B 896 -10.58 27.47 13.99
CA ILE B 896 -11.23 26.26 13.49
C ILE B 896 -12.02 26.62 12.23
N ALA B 897 -11.86 25.81 11.19
CA ALA B 897 -12.66 26.00 9.99
C ALA B 897 -14.11 25.59 10.25
N ASP B 898 -15.03 26.49 9.96
CA ASP B 898 -16.44 26.21 10.19
C ASP B 898 -16.92 25.16 9.20
N PRO B 899 -17.46 24.02 9.66
CA PRO B 899 -17.87 22.97 8.72
C PRO B 899 -19.22 23.19 8.07
N GLY B 900 -19.99 24.19 8.51
CA GLY B 900 -21.29 24.46 7.94
C GLY B 900 -22.21 23.26 7.92
N TYR B 901 -22.64 22.81 9.10
CA TYR B 901 -23.43 21.59 9.18
C TYR B 901 -24.84 21.77 8.63
N MET B 902 -25.30 23.00 8.46
CA MET B 902 -26.68 23.27 8.07
C MET B 902 -26.82 23.71 6.62
N GLN B 903 -26.00 24.64 6.16
CA GLN B 903 -26.07 25.09 4.77
C GLN B 903 -24.68 25.36 4.19
N GLY B 904 -23.67 24.62 4.63
CA GLY B 904 -22.32 24.86 4.15
C GLY B 904 -22.15 24.64 2.66
N TYR B 905 -22.96 23.74 2.09
CA TYR B 905 -22.92 23.50 0.65
C TYR B 905 -23.34 24.74 -0.14
N ASP B 906 -24.42 25.39 0.29
CA ASP B 906 -24.86 26.61 -0.37
C ASP B 906 -23.84 27.73 -0.21
N ASP B 907 -23.23 27.84 0.96
CA ASP B 907 -22.18 28.85 1.16
C ASP B 907 -20.99 28.59 0.25
N CYS B 908 -20.59 27.31 0.13
CA CYS B 908 -19.45 26.97 -0.70
C CYS B 908 -19.72 27.27 -2.16
N MET B 909 -20.97 27.09 -2.61
CA MET B 909 -21.28 27.46 -4.00
C MET B 909 -21.49 28.95 -4.19
N LYS B 910 -21.94 29.66 -3.15
CA LYS B 910 -22.15 31.10 -3.30
C LYS B 910 -20.83 31.87 -3.32
N GLN B 911 -19.91 31.51 -2.44
CA GLN B 911 -18.61 32.19 -2.40
C GLN B 911 -17.72 31.63 -3.51
N GLY B 912 -17.26 32.51 -4.39
CA GLY B 912 -16.39 32.11 -5.47
C GLY B 912 -15.04 31.68 -4.95
N PRO B 913 -14.24 32.62 -4.46
CA PRO B 913 -13.09 32.27 -3.62
C PRO B 913 -13.53 32.02 -2.19
N PRO B 914 -13.59 30.76 -1.75
CA PRO B 914 -13.99 30.50 -0.36
C PRO B 914 -12.88 30.81 0.62
N SER B 915 -11.67 30.39 0.29
CA SER B 915 -10.48 30.55 1.13
C SER B 915 -9.29 30.15 0.28
N ALA B 916 -8.12 30.05 0.92
CA ALA B 916 -6.92 29.55 0.26
C ALA B 916 -6.89 28.04 0.43
N ARG B 917 -7.31 27.33 -0.63
CA ARG B 917 -7.34 25.86 -0.65
C ARG B 917 -8.19 25.32 0.51
N ASP B 918 -9.47 25.71 0.49
CA ASP B 918 -10.36 25.37 1.59
C ASP B 918 -10.69 23.89 1.58
N LEU B 919 -10.60 23.26 2.76
CA LEU B 919 -10.90 21.84 2.89
C LEU B 919 -12.36 21.56 3.19
N ILE B 920 -13.07 22.52 3.79
CA ILE B 920 -14.50 22.35 4.03
C ILE B 920 -15.26 22.41 2.72
N CYS B 921 -14.89 23.31 1.82
CA CYS B 921 -15.51 23.33 0.50
C CYS B 921 -15.04 22.17 -0.38
N ALA B 922 -13.85 21.64 -0.14
CA ALA B 922 -13.32 20.56 -0.96
C ALA B 922 -14.06 19.24 -0.77
N GLN B 923 -14.85 19.09 0.30
CA GLN B 923 -15.56 17.84 0.52
C GLN B 923 -16.62 17.57 -0.53
N TYR B 924 -17.15 18.62 -1.16
CA TYR B 924 -18.18 18.45 -2.17
C TYR B 924 -17.59 18.10 -3.54
N VAL B 925 -16.34 18.45 -3.79
CA VAL B 925 -15.66 18.05 -5.01
C VAL B 925 -15.01 16.68 -4.86
N ALA B 926 -14.25 16.49 -3.78
CA ALA B 926 -13.49 15.24 -3.61
C ALA B 926 -14.42 14.06 -3.38
N GLY B 927 -15.49 14.25 -2.62
CA GLY B 927 -16.42 13.18 -2.34
C GLY B 927 -16.37 12.62 -0.94
N TYR B 928 -15.88 13.37 0.04
CA TYR B 928 -15.96 12.99 1.44
C TYR B 928 -16.91 13.94 2.16
N LYS B 929 -17.27 13.57 3.38
CA LYS B 929 -18.24 14.34 4.15
C LYS B 929 -17.82 14.41 5.61
N VAL B 930 -17.91 15.60 6.19
CA VAL B 930 -17.67 15.79 7.61
C VAL B 930 -19.01 15.67 8.33
N LEU B 931 -19.09 14.73 9.26
CA LEU B 931 -20.33 14.46 9.98
C LEU B 931 -20.41 15.33 11.24
N PRO B 932 -21.60 15.81 11.59
CA PRO B 932 -21.74 16.65 12.77
C PRO B 932 -21.62 15.82 14.04
N PRO B 933 -21.13 16.41 15.13
CA PRO B 933 -21.05 15.69 16.40
C PRO B 933 -22.42 15.27 16.91
N LEU B 934 -22.40 14.36 17.89
CA LEU B 934 -23.63 13.85 18.49
C LEU B 934 -24.44 14.97 19.15
N TYR B 935 -23.77 15.81 19.93
CA TYR B 935 -24.43 16.88 20.67
C TYR B 935 -23.95 18.23 20.14
N ASP B 936 -24.87 19.19 20.09
CA ASP B 936 -24.51 20.55 19.75
C ASP B 936 -23.84 21.22 20.95
N PRO B 937 -23.09 22.30 20.73
CA PRO B 937 -22.31 22.87 21.84
C PRO B 937 -23.13 23.31 23.03
N ASN B 938 -24.42 23.61 22.85
CA ASN B 938 -25.25 23.99 23.99
C ASN B 938 -25.39 22.86 24.99
N MET B 939 -25.57 21.62 24.51
CA MET B 939 -25.78 20.52 25.44
C MET B 939 -24.52 20.17 26.20
N GLU B 940 -23.36 20.17 25.52
CA GLU B 940 -22.10 19.95 26.21
C GLU B 940 -21.80 21.08 27.18
N GLY B 941 -22.13 22.32 26.80
CA GLY B 941 -21.99 23.42 27.72
C GLY B 941 -22.82 23.25 28.97
N ALA B 942 -24.07 22.80 28.80
CA ALA B 942 -24.92 22.54 29.96
C ALA B 942 -24.32 21.45 30.84
N TYR B 943 -23.83 20.37 30.22
CA TYR B 943 -23.27 19.27 30.99
C TYR B 943 -22.08 19.73 31.82
N THR B 944 -21.14 20.45 31.22
CA THR B 944 -19.96 20.87 31.97
C THR B 944 -20.25 22.02 32.93
N SER B 945 -21.27 22.84 32.65
CA SER B 945 -21.61 23.93 33.55
C SER B 945 -22.36 23.44 34.77
N SER B 946 -23.09 22.34 34.66
CA SER B 946 -23.75 21.76 35.83
C SER B 946 -22.76 21.23 36.86
N LEU B 947 -21.49 21.06 36.49
CA LEU B 947 -20.51 20.50 37.41
C LEU B 947 -20.05 21.49 38.46
N LEU B 948 -20.14 22.81 38.17
CA LEU B 948 -19.65 23.81 39.12
C LEU B 948 -20.45 23.78 40.42
N GLY B 949 -21.77 23.64 40.32
CA GLY B 949 -22.60 23.61 41.50
C GLY B 949 -22.98 22.22 41.95
N SER B 950 -22.27 21.21 41.43
CA SER B 950 -22.60 19.83 41.72
C SER B 950 -22.45 19.54 43.21
N ILE B 951 -23.36 18.71 43.72
CA ILE B 951 -23.43 18.39 45.15
C ILE B 951 -23.29 16.89 45.31
N ALA B 952 -22.33 16.48 46.13
CA ALA B 952 -22.16 15.08 46.49
C ALA B 952 -22.15 14.97 48.01
N GLY B 953 -21.80 13.81 48.54
CA GLY B 953 -21.63 13.69 49.96
C GLY B 953 -20.53 14.58 50.48
N ALA B 954 -20.59 14.87 51.77
CA ALA B 954 -19.59 15.73 52.39
C ALA B 954 -18.23 15.06 52.36
N GLY B 955 -17.21 15.77 52.84
CA GLY B 955 -15.96 15.13 53.14
C GLY B 955 -16.17 14.09 54.22
N TRP B 956 -15.12 13.40 54.63
CA TRP B 956 -15.15 12.44 55.74
C TRP B 956 -16.23 11.37 55.57
N THR B 957 -16.85 11.29 54.39
CA THR B 957 -17.92 10.33 54.12
C THR B 957 -17.62 9.57 52.83
N ALA B 958 -18.54 8.67 52.46
CA ALA B 958 -18.34 7.82 51.30
C ALA B 958 -18.28 8.62 50.01
N GLY B 959 -19.28 9.47 49.76
CA GLY B 959 -19.24 10.31 48.59
C GLY B 959 -20.43 10.25 47.63
N LEU B 960 -20.99 9.06 47.38
CA LEU B 960 -22.14 8.95 46.49
C LEU B 960 -23.40 8.46 47.18
N SER B 961 -23.40 8.38 48.51
CA SER B 961 -24.60 7.96 49.21
C SER B 961 -25.50 9.12 49.56
N SER B 962 -24.94 10.20 50.11
CA SER B 962 -25.70 11.34 50.57
C SER B 962 -25.37 12.55 49.71
N PHE B 963 -26.17 13.61 49.89
CA PHE B 963 -25.96 14.89 49.22
C PHE B 963 -25.98 15.98 50.28
N ALA B 964 -24.86 16.65 50.47
CA ALA B 964 -24.71 17.69 51.48
C ALA B 964 -24.64 19.04 50.79
N ALA B 965 -25.55 19.95 51.17
CA ALA B 965 -25.60 21.28 50.57
C ALA B 965 -24.66 22.21 51.33
N ILE B 966 -23.37 21.94 51.17
CA ILE B 966 -22.31 22.70 51.81
C ILE B 966 -21.81 23.75 50.82
N PRO B 967 -21.80 25.03 51.17
CA PRO B 967 -21.41 26.07 50.21
C PRO B 967 -19.99 25.89 49.70
N PHE B 968 -19.69 26.63 48.64
CA PHE B 968 -18.41 26.48 47.94
C PHE B 968 -17.24 26.85 48.84
N ALA B 969 -17.35 27.95 49.58
CA ALA B 969 -16.24 28.39 50.42
C ALA B 969 -15.93 27.38 51.52
N GLN B 970 -16.97 26.81 52.13
CA GLN B 970 -16.76 25.80 53.16
C GLN B 970 -16.11 24.56 52.59
N SER B 971 -16.49 24.16 51.38
CA SER B 971 -15.85 23.01 50.73
C SER B 971 -14.38 23.29 50.45
N ILE B 972 -14.06 24.51 50.02
CA ILE B 972 -12.66 24.87 49.78
C ILE B 972 -11.88 24.81 51.08
N PHE B 973 -12.45 25.34 52.17
CA PHE B 973 -11.75 25.33 53.45
C PHE B 973 -11.59 23.93 54.01
N TYR B 974 -12.52 23.02 53.70
CA TYR B 974 -12.35 21.63 54.10
C TYR B 974 -11.29 20.93 53.27
N ARG B 975 -11.23 21.21 51.98
CA ARG B 975 -10.17 20.66 51.16
C ARG B 975 -8.81 21.17 51.60
N MET B 976 -8.75 22.40 52.10
CA MET B 976 -7.52 22.95 52.63
C MET B 976 -7.19 22.36 54.00
N ASN B 977 -8.20 22.12 54.84
CA ASN B 977 -7.96 21.53 56.14
C ASN B 977 -7.42 20.11 56.04
N GLY B 978 -7.79 19.38 55.00
CA GLY B 978 -7.38 18.00 54.87
C GLY B 978 -6.01 17.77 54.29
N ILE B 979 -5.33 18.84 53.85
CA ILE B 979 -3.97 18.71 53.34
C ILE B 979 -2.92 19.11 54.37
N GLY B 980 -3.34 19.52 55.57
CA GLY B 980 -2.40 19.82 56.62
C GLY B 980 -2.37 21.27 57.07
N ILE B 981 -3.49 21.98 56.94
CA ILE B 981 -3.61 23.35 57.39
C ILE B 981 -4.70 23.40 58.45
N THR B 982 -4.31 23.75 59.68
CA THR B 982 -5.23 23.70 60.81
C THR B 982 -6.31 24.75 60.67
N GLN B 983 -7.34 24.62 61.52
CA GLN B 983 -8.47 25.54 61.46
C GLN B 983 -8.08 26.94 61.91
N GLN B 984 -7.11 27.07 62.81
CA GLN B 984 -6.67 28.38 63.26
C GLN B 984 -6.06 29.19 62.12
N VAL B 985 -5.22 28.55 61.30
CA VAL B 985 -4.63 29.24 60.17
C VAL B 985 -5.70 29.65 59.16
N LEU B 986 -6.65 28.75 58.89
CA LEU B 986 -7.71 29.06 57.94
C LEU B 986 -8.56 30.22 58.43
N SER B 987 -8.90 30.23 59.72
CA SER B 987 -9.67 31.34 60.28
C SER B 987 -8.90 32.64 60.20
N GLU B 988 -7.60 32.61 60.50
CA GLU B 988 -6.79 33.82 60.45
C GLU B 988 -6.64 34.33 59.03
N ASN B 989 -6.32 33.44 58.09
CA ASN B 989 -5.97 33.81 56.72
C ASN B 989 -7.15 33.65 55.76
N GLN B 990 -8.37 33.89 56.24
CA GLN B 990 -9.55 33.76 55.39
C GLN B 990 -9.47 34.65 54.15
N LYS B 991 -9.40 35.96 54.36
CA LYS B 991 -9.41 36.89 53.25
C LYS B 991 -8.16 36.76 52.39
N LEU B 992 -7.02 36.48 53.01
CA LEU B 992 -5.80 36.24 52.23
C LEU B 992 -5.95 35.03 51.31
N ILE B 993 -6.53 33.95 51.83
CA ILE B 993 -6.75 32.75 51.01
C ILE B 993 -7.69 33.05 49.87
N ALA B 994 -8.79 33.76 50.15
CA ALA B 994 -9.74 34.11 49.09
C ALA B 994 -9.07 34.99 48.03
N ASN B 995 -8.25 35.95 48.46
CA ASN B 995 -7.57 36.81 47.50
C ASN B 995 -6.59 36.04 46.64
N LYS B 996 -5.85 35.11 47.24
CA LYS B 996 -4.90 34.32 46.45
C LYS B 996 -5.62 33.39 45.47
N PHE B 997 -6.75 32.83 45.88
CA PHE B 997 -7.53 32.01 44.95
C PHE B 997 -8.06 32.86 43.80
N ASN B 998 -8.58 34.05 44.10
CA ASN B 998 -9.09 34.91 43.04
C ASN B 998 -7.97 35.42 42.15
N GLN B 999 -6.76 35.53 42.68
CA GLN B 999 -5.61 35.93 41.88
C GLN B 999 -5.15 34.82 40.95
N ALA B 1000 -5.16 33.57 41.44
CA ALA B 1000 -4.79 32.44 40.59
C ALA B 1000 -5.85 32.19 39.52
N LEU B 1001 -7.13 32.31 39.88
CA LEU B 1001 -8.20 32.02 38.94
C LEU B 1001 -8.39 33.11 37.90
N GLY B 1002 -7.87 34.32 38.16
CA GLY B 1002 -7.97 35.41 37.21
C GLY B 1002 -6.90 35.45 36.15
N ALA B 1003 -5.91 34.55 36.21
CA ALA B 1003 -4.80 34.56 35.27
C ALA B 1003 -4.76 33.32 34.38
N MET B 1004 -5.75 32.43 34.47
CA MET B 1004 -5.71 31.22 33.66
C MET B 1004 -5.94 31.51 32.18
N GLN B 1005 -6.53 32.66 31.85
CA GLN B 1005 -6.68 33.04 30.45
C GLN B 1005 -5.33 33.30 29.79
N THR B 1006 -4.34 33.74 30.55
CA THR B 1006 -3.02 34.05 30.00
C THR B 1006 -2.28 32.81 29.52
N GLY B 1007 -2.75 31.62 29.84
CA GLY B 1007 -2.15 30.39 29.39
C GLY B 1007 -2.67 29.91 28.04
N PHE B 1008 -3.49 30.69 27.37
CA PHE B 1008 -4.03 30.31 26.06
C PHE B 1008 -3.06 30.71 24.94
N THR B 1009 -1.87 30.13 25.00
CA THR B 1009 -0.83 30.33 23.99
C THR B 1009 -0.13 29.00 23.73
N THR B 1010 0.49 28.90 22.56
CA THR B 1010 1.21 27.68 22.20
C THR B 1010 2.48 27.50 23.03
N THR B 1011 2.91 28.51 23.79
CA THR B 1011 3.96 28.30 24.76
C THR B 1011 3.47 27.44 25.92
N ASN B 1012 2.16 27.40 26.14
CA ASN B 1012 1.57 26.50 27.11
C ASN B 1012 1.32 25.13 26.47
N LEU B 1013 1.61 24.08 27.24
CA LEU B 1013 1.54 22.72 26.71
C LEU B 1013 0.13 22.35 26.29
N ALA B 1014 -0.84 22.52 27.20
CA ALA B 1014 -2.19 22.00 26.96
C ALA B 1014 -2.87 22.70 25.78
N PHE B 1015 -2.71 24.02 25.68
CA PHE B 1015 -3.31 24.76 24.57
C PHE B 1015 -2.69 24.33 23.24
N SER B 1016 -1.36 24.14 23.23
CA SER B 1016 -0.70 23.61 22.05
C SER B 1016 -1.24 22.23 21.68
N LYS B 1017 -1.59 21.42 22.68
CA LYS B 1017 -2.14 20.10 22.37
C LYS B 1017 -3.55 20.20 21.79
N VAL B 1018 -4.33 21.18 22.26
CA VAL B 1018 -5.63 21.46 21.64
C VAL B 1018 -5.44 21.77 20.15
N GLN B 1019 -4.51 22.69 19.87
CA GLN B 1019 -4.29 23.06 18.47
C GLN B 1019 -3.70 21.90 17.67
N ASP B 1020 -2.92 21.04 18.32
CA ASP B 1020 -2.41 19.84 17.65
C ASP B 1020 -3.55 18.92 17.24
N ALA B 1021 -4.55 18.75 18.11
CA ALA B 1021 -5.70 17.93 17.75
C ALA B 1021 -6.46 18.53 16.57
N VAL B 1022 -6.65 19.85 16.60
CA VAL B 1022 -7.33 20.53 15.49
C VAL B 1022 -6.56 20.32 14.19
N ASN B 1023 -5.24 20.48 14.25
CA ASN B 1023 -4.41 20.32 13.05
C ASN B 1023 -4.41 18.88 12.55
N ALA B 1024 -4.48 17.90 13.46
CA ALA B 1024 -4.59 16.51 13.02
C ALA B 1024 -5.91 16.27 12.29
N ASN B 1025 -6.99 16.85 12.80
CA ASN B 1025 -8.27 16.76 12.10
C ASN B 1025 -8.16 17.34 10.70
N ALA B 1026 -7.55 18.51 10.56
CA ALA B 1026 -7.39 19.11 9.23
C ALA B 1026 -6.43 18.31 8.36
N GLN B 1027 -5.41 17.69 8.96
CA GLN B 1027 -4.40 16.95 8.22
C GLN B 1027 -4.99 15.71 7.58
N ALA B 1028 -5.91 15.04 8.27
CA ALA B 1028 -6.57 13.88 7.67
C ALA B 1028 -7.30 14.26 6.38
N LEU B 1029 -8.07 15.36 6.44
CA LEU B 1029 -8.81 15.83 5.27
C LEU B 1029 -7.87 16.28 4.17
N SER B 1030 -6.78 16.95 4.53
CA SER B 1030 -5.83 17.43 3.52
C SER B 1030 -5.15 16.27 2.81
N LYS B 1031 -4.78 15.23 3.56
CA LYS B 1031 -4.19 14.06 2.92
C LYS B 1031 -5.20 13.34 2.05
N LEU B 1032 -6.46 13.29 2.46
CA LEU B 1032 -7.50 12.65 1.65
C LEU B 1032 -7.71 13.41 0.35
N ALA B 1033 -7.78 14.75 0.42
CA ALA B 1033 -8.08 15.55 -0.76
C ALA B 1033 -6.90 15.71 -1.71
N SER B 1034 -5.68 15.74 -1.19
CA SER B 1034 -4.51 15.95 -2.04
C SER B 1034 -4.18 14.72 -2.87
N GLU B 1035 -4.57 13.54 -2.40
CA GLU B 1035 -4.21 12.29 -3.06
C GLU B 1035 -4.92 12.11 -4.40
N LEU B 1036 -5.96 12.91 -4.68
CA LEU B 1036 -6.66 12.79 -5.95
C LEU B 1036 -5.87 13.37 -7.12
N SER B 1037 -4.79 14.09 -6.85
CA SER B 1037 -3.91 14.62 -7.88
C SER B 1037 -2.71 13.71 -8.14
N ASN B 1038 -2.59 12.61 -7.42
CA ASN B 1038 -1.56 11.62 -7.69
C ASN B 1038 -1.85 10.92 -9.01
N THR B 1039 -0.91 11.00 -9.96
CA THR B 1039 -1.10 10.34 -11.25
C THR B 1039 -0.85 8.84 -11.17
N PHE B 1040 -0.10 8.38 -10.17
CA PHE B 1040 0.21 6.96 -9.98
C PHE B 1040 0.89 6.35 -11.22
N GLY B 1041 1.59 7.18 -11.98
CA GLY B 1041 2.27 6.71 -13.17
C GLY B 1041 1.45 6.74 -14.45
N ALA B 1042 0.29 7.39 -14.43
CA ALA B 1042 -0.51 7.56 -15.63
C ALA B 1042 -0.18 8.88 -16.31
N ILE B 1043 -0.76 9.11 -17.49
CA ILE B 1043 -0.49 10.34 -18.22
C ILE B 1043 -1.00 11.54 -17.44
N SER B 1044 -2.12 11.39 -16.74
CA SER B 1044 -2.70 12.47 -15.97
C SER B 1044 -3.42 11.90 -14.76
N SER B 1045 -3.89 12.79 -13.90
CA SER B 1045 -4.78 12.43 -12.79
C SER B 1045 -6.24 12.60 -13.12
N SER B 1046 -6.55 13.14 -14.30
CA SER B 1046 -7.92 13.37 -14.73
C SER B 1046 -8.36 12.24 -15.65
N ILE B 1047 -9.47 11.59 -15.30
CA ILE B 1047 -10.02 10.55 -16.16
C ILE B 1047 -10.51 11.15 -17.47
N SER B 1048 -10.93 12.42 -17.44
CA SER B 1048 -11.32 13.09 -18.67
C SER B 1048 -10.16 13.22 -19.65
N ASP B 1049 -8.97 13.56 -19.15
CA ASP B 1049 -7.79 13.63 -20.01
C ASP B 1049 -7.45 12.27 -20.61
N ILE B 1050 -7.52 11.21 -19.80
CA ILE B 1050 -7.21 9.88 -20.29
C ILE B 1050 -8.19 9.46 -21.38
N LEU B 1051 -9.48 9.73 -21.16
CA LEU B 1051 -10.48 9.45 -22.20
C LEU B 1051 -10.31 10.37 -23.40
N LYS B 1052 -9.67 11.53 -23.20
CA LYS B 1052 -9.41 12.49 -24.26
C LYS B 1052 -8.30 12.04 -25.19
N ARG B 1053 -7.22 11.48 -24.65
CA ARG B 1053 -5.98 11.33 -25.40
C ARG B 1053 -5.69 9.92 -25.88
N LEU B 1054 -6.36 8.89 -25.36
CA LEU B 1054 -5.93 7.52 -25.61
C LEU B 1054 -7.05 6.69 -26.23
N ASP B 1055 -6.67 5.48 -26.63
CA ASP B 1055 -7.58 4.51 -27.20
C ASP B 1055 -7.98 3.47 -26.14
N ALA B 1056 -8.79 2.50 -26.56
CA ALA B 1056 -9.54 1.68 -25.60
C ALA B 1056 -8.62 0.95 -24.63
N VAL B 1057 -7.64 0.20 -25.14
CA VAL B 1057 -6.81 -0.64 -24.28
C VAL B 1057 -5.89 0.23 -23.42
N GLU B 1058 -5.26 1.24 -24.03
CA GLU B 1058 -4.41 2.15 -23.28
C GLU B 1058 -5.21 2.93 -22.25
N GLN B 1059 -6.41 3.37 -22.63
CA GLN B 1059 -7.31 4.03 -21.69
C GLN B 1059 -7.58 3.14 -20.49
N GLU B 1060 -7.91 1.88 -20.74
CA GLU B 1060 -8.24 0.96 -19.66
C GLU B 1060 -7.04 0.74 -18.74
N ALA B 1061 -5.84 0.63 -19.31
CA ALA B 1061 -4.65 0.46 -18.48
C ALA B 1061 -4.42 1.66 -17.57
N GLN B 1062 -4.57 2.87 -18.11
CA GLN B 1062 -4.32 4.07 -17.30
C GLN B 1062 -5.39 4.27 -16.23
N ILE B 1063 -6.65 4.01 -16.58
CA ILE B 1063 -7.71 4.08 -15.58
C ILE B 1063 -7.51 3.03 -14.50
N ASP B 1064 -7.00 1.85 -14.87
CA ASP B 1064 -6.66 0.83 -13.88
C ASP B 1064 -5.59 1.34 -12.92
N ARG B 1065 -4.57 2.01 -13.45
CA ARG B 1065 -3.56 2.62 -12.59
C ARG B 1065 -4.20 3.55 -11.56
N LEU B 1066 -5.02 4.49 -12.04
CA LEU B 1066 -5.64 5.45 -11.12
C LEU B 1066 -6.52 4.75 -10.10
N ILE B 1067 -7.31 3.77 -10.54
CA ILE B 1067 -8.19 3.03 -9.64
C ILE B 1067 -7.37 2.36 -8.53
N ASN B 1068 -6.33 1.63 -8.91
CA ASN B 1068 -5.57 0.89 -7.91
C ASN B 1068 -4.92 1.83 -6.91
N GLY B 1069 -4.34 2.93 -7.38
CA GLY B 1069 -3.75 3.88 -6.47
C GLY B 1069 -4.75 4.45 -5.49
N ARG B 1070 -5.93 4.84 -6.00
CA ARG B 1070 -6.93 5.45 -5.13
C ARG B 1070 -7.47 4.46 -4.11
N LEU B 1071 -7.68 3.20 -4.50
CA LEU B 1071 -8.08 2.19 -3.52
C LEU B 1071 -7.04 1.97 -2.43
N THR B 1072 -5.76 1.90 -2.80
CA THR B 1072 -4.75 1.73 -1.76
C THR B 1072 -4.73 2.92 -0.79
N SER B 1073 -4.83 4.14 -1.33
CA SER B 1073 -4.83 5.31 -0.45
C SER B 1073 -6.08 5.36 0.43
N LEU B 1074 -7.23 4.94 -0.10
CA LEU B 1074 -8.45 4.90 0.72
C LEU B 1074 -8.31 3.87 1.84
N ASN B 1075 -7.70 2.72 1.55
CA ASN B 1075 -7.46 1.73 2.59
C ASN B 1075 -6.58 2.29 3.69
N ALA B 1076 -5.52 3.02 3.30
CA ALA B 1076 -4.65 3.64 4.30
C ALA B 1076 -5.41 4.64 5.16
N PHE B 1077 -6.25 5.47 4.52
CA PHE B 1077 -7.04 6.45 5.26
C PHE B 1077 -7.95 5.76 6.27
N VAL B 1078 -8.62 4.69 5.86
CA VAL B 1078 -9.54 3.99 6.76
C VAL B 1078 -8.77 3.41 7.94
N ALA B 1079 -7.60 2.82 7.69
CA ALA B 1079 -6.82 2.23 8.77
C ALA B 1079 -6.41 3.29 9.79
N GLN B 1080 -5.92 4.44 9.31
CA GLN B 1080 -5.48 5.46 10.26
C GLN B 1080 -6.67 6.08 11.00
N GLN B 1081 -7.83 6.17 10.37
CA GLN B 1081 -9.01 6.64 11.08
C GLN B 1081 -9.41 5.67 12.19
N LEU B 1082 -9.33 4.36 11.91
CA LEU B 1082 -9.63 3.38 12.95
C LEU B 1082 -8.70 3.52 14.14
N VAL B 1083 -7.40 3.69 13.87
CA VAL B 1083 -6.43 3.83 14.96
C VAL B 1083 -6.72 5.09 15.77
N ARG B 1084 -6.96 6.22 15.09
CA ARG B 1084 -7.22 7.46 15.79
C ARG B 1084 -8.48 7.40 16.62
N SER B 1085 -9.53 6.75 16.10
CA SER B 1085 -10.78 6.67 16.85
C SER B 1085 -10.65 5.78 18.07
N GLU B 1086 -9.92 4.67 17.96
CA GLU B 1086 -9.70 3.84 19.14
C GLU B 1086 -8.89 4.57 20.20
N THR B 1087 -7.86 5.31 19.79
CA THR B 1087 -7.10 6.13 20.72
C THR B 1087 -7.99 7.15 21.42
N ALA B 1088 -8.86 7.82 20.65
CA ALA B 1088 -9.74 8.83 21.22
C ALA B 1088 -10.75 8.22 22.18
N ALA B 1089 -11.19 6.98 21.94
CA ALA B 1089 -12.10 6.34 22.88
C ALA B 1089 -11.41 6.02 24.21
N ARG B 1090 -10.17 5.52 24.15
CA ARG B 1090 -9.42 5.32 25.39
C ARG B 1090 -9.20 6.64 26.12
N SER B 1091 -8.92 7.71 25.37
CA SER B 1091 -8.69 9.00 26.00
C SER B 1091 -9.98 9.56 26.60
N ALA B 1092 -11.13 9.26 26.01
CA ALA B 1092 -12.40 9.66 26.61
C ALA B 1092 -12.62 8.92 27.93
N GLN B 1093 -12.25 7.65 27.99
CA GLN B 1093 -12.32 6.93 29.26
C GLN B 1093 -11.43 7.59 30.31
N LEU B 1094 -10.22 7.99 29.91
CA LEU B 1094 -9.33 8.68 30.84
C LEU B 1094 -9.91 10.02 31.29
N ALA B 1095 -10.58 10.73 30.39
CA ALA B 1095 -11.18 12.01 30.75
C ALA B 1095 -12.31 11.82 31.76
N SER B 1096 -13.11 10.77 31.59
CA SER B 1096 -14.13 10.46 32.59
C SER B 1096 -13.51 10.16 33.94
N ASP B 1097 -12.44 9.36 33.95
CA ASP B 1097 -11.74 9.07 35.20
C ASP B 1097 -11.25 10.35 35.86
N LYS B 1098 -10.66 11.25 35.07
CA LYS B 1098 -10.14 12.51 35.62
C LYS B 1098 -11.26 13.38 36.18
N VAL B 1099 -12.40 13.43 35.51
CA VAL B 1099 -13.52 14.20 36.05
C VAL B 1099 -13.93 13.64 37.42
N ASN B 1100 -14.10 12.31 37.48
CA ASN B 1100 -14.55 11.70 38.73
C ASN B 1100 -13.53 11.86 39.86
N GLU B 1101 -12.24 11.88 39.55
CA GLU B 1101 -11.26 11.96 40.62
C GLU B 1101 -10.89 13.39 41.01
N CYS B 1102 -10.77 14.30 40.04
CA CYS B 1102 -10.26 15.64 40.31
C CYS B 1102 -11.32 16.71 40.38
N VAL B 1103 -12.44 16.55 39.66
CA VAL B 1103 -13.45 17.61 39.63
C VAL B 1103 -14.50 17.39 40.71
N LYS B 1104 -14.99 16.16 40.85
CA LYS B 1104 -16.02 15.85 41.84
C LYS B 1104 -15.44 15.49 43.21
N SER B 1105 -14.12 15.40 43.34
CA SER B 1105 -13.51 14.99 44.60
C SER B 1105 -12.08 15.50 44.64
N GLN B 1106 -11.50 15.44 45.84
CA GLN B 1106 -10.11 15.83 46.04
C GLN B 1106 -9.22 14.59 45.94
N SER B 1107 -8.10 14.73 45.25
CA SER B 1107 -7.22 13.61 44.95
C SER B 1107 -6.04 13.59 45.92
N LYS B 1108 -5.73 12.40 46.43
CA LYS B 1108 -4.57 12.20 47.28
C LYS B 1108 -3.37 11.64 46.52
N ARG B 1109 -3.59 11.12 45.31
CA ARG B 1109 -2.48 10.77 44.44
C ARG B 1109 -1.75 12.03 44.01
N ASN B 1110 -0.45 11.89 43.75
CA ASN B 1110 0.40 13.02 43.45
C ASN B 1110 0.71 13.01 41.96
N GLY B 1111 0.33 14.09 41.28
CA GLY B 1111 0.56 14.23 39.85
C GLY B 1111 -0.62 13.90 38.97
N PHE B 1112 -1.67 13.26 39.50
CA PHE B 1112 -2.82 12.92 38.68
C PHE B 1112 -3.63 14.16 38.32
N CYS B 1113 -3.72 15.12 39.23
CA CYS B 1113 -4.47 16.34 38.98
C CYS B 1113 -3.52 17.53 39.02
N GLY B 1114 -2.40 17.41 38.32
CA GLY B 1114 -1.43 18.47 38.25
C GLY B 1114 -0.38 18.38 39.34
N SER B 1115 0.50 19.37 39.33
CA SER B 1115 1.61 19.43 40.26
C SER B 1115 1.19 20.08 41.57
N GLY B 1116 1.81 19.65 42.66
CA GLY B 1116 1.52 20.18 43.97
C GLY B 1116 0.51 19.34 44.73
N THR B 1117 -0.12 19.96 45.71
CA THR B 1117 -1.15 19.34 46.52
C THR B 1117 -2.50 19.76 45.94
N HIS B 1118 -3.24 18.80 45.42
CA HIS B 1118 -4.52 19.10 44.78
C HIS B 1118 -5.51 19.69 45.78
N ILE B 1119 -6.19 20.75 45.35
CA ILE B 1119 -7.28 21.35 46.11
C ILE B 1119 -8.62 21.13 45.41
N VAL B 1120 -8.76 21.65 44.18
CA VAL B 1120 -10.00 21.55 43.44
C VAL B 1120 -9.68 21.71 41.98
N SER B 1121 -10.49 21.10 41.12
CA SER B 1121 -10.30 21.18 39.68
C SER B 1121 -11.60 21.54 39.00
N PHE B 1122 -11.48 22.20 37.85
CA PHE B 1122 -12.61 22.58 37.02
C PHE B 1122 -12.35 22.13 35.59
N VAL B 1123 -13.41 21.70 34.90
CA VAL B 1123 -13.30 21.22 33.53
C VAL B 1123 -14.28 22.01 32.67
N ILE B 1124 -13.82 22.47 31.51
CA ILE B 1124 -14.69 23.10 30.52
C ILE B 1124 -14.62 22.28 29.24
N ASN B 1125 -15.39 22.69 28.24
CA ASN B 1125 -15.33 22.05 26.93
C ASN B 1125 -14.22 22.69 26.09
N ALA B 1126 -13.61 21.86 25.26
CA ALA B 1126 -12.57 22.28 24.34
C ALA B 1126 -12.86 21.64 22.99
N PRO B 1127 -12.30 22.18 21.91
CA PRO B 1127 -12.43 21.51 20.61
C PRO B 1127 -11.90 20.09 20.65
N ASN B 1128 -12.81 19.12 20.46
CA ASN B 1128 -12.56 17.68 20.41
C ASN B 1128 -12.25 17.06 21.76
N GLY B 1129 -12.45 17.78 22.86
CA GLY B 1129 -12.20 17.19 24.15
C GLY B 1129 -12.57 18.04 25.34
N PHE B 1130 -11.82 17.87 26.44
CA PHE B 1130 -12.06 18.58 27.68
C PHE B 1130 -10.81 19.37 28.06
N TYR B 1131 -11.01 20.48 28.76
CA TYR B 1131 -9.93 21.30 29.26
C TYR B 1131 -10.08 21.45 30.76
N PHE B 1132 -9.06 21.06 31.51
CA PHE B 1132 -9.10 21.04 32.96
C PHE B 1132 -8.25 22.16 33.54
N PHE B 1133 -8.70 22.70 34.67
CA PHE B 1133 -7.96 23.68 35.46
C PHE B 1133 -7.75 23.09 36.84
N HIS B 1134 -6.57 22.55 37.09
CA HIS B 1134 -6.25 21.93 38.37
C HIS B 1134 -5.65 22.98 39.30
N VAL B 1135 -6.28 23.20 40.45
CA VAL B 1135 -5.80 24.17 41.43
C VAL B 1135 -5.05 23.41 42.52
N GLY B 1136 -3.79 23.80 42.73
CA GLY B 1136 -2.95 23.12 43.68
C GLY B 1136 -2.37 24.09 44.70
N TYR B 1137 -1.94 23.51 45.82
CA TYR B 1137 -1.30 24.27 46.88
C TYR B 1137 0.19 24.32 46.61
N VAL B 1138 0.71 25.52 46.38
CA VAL B 1138 2.13 25.69 46.07
C VAL B 1138 2.78 26.47 47.19
N PRO B 1139 3.56 25.82 48.05
CA PRO B 1139 4.16 26.52 49.19
C PRO B 1139 5.42 27.28 48.83
N THR B 1140 5.68 28.35 49.59
CA THR B 1140 6.90 29.12 49.50
C THR B 1140 7.40 29.44 50.90
N ASN B 1141 8.69 29.78 50.99
CA ASN B 1141 9.29 30.32 52.20
C ASN B 1141 9.17 29.32 53.37
N HIS B 1142 9.84 28.19 53.22
CA HIS B 1142 9.87 27.21 54.29
C HIS B 1142 10.72 27.71 55.46
N VAL B 1143 10.61 27.02 56.60
CA VAL B 1143 11.38 27.35 57.79
C VAL B 1143 11.87 26.05 58.42
N ASN B 1144 13.12 26.03 58.86
CA ASN B 1144 13.68 24.87 59.54
C ASN B 1144 13.22 24.84 60.98
N VAL B 1145 12.62 23.72 61.40
CA VAL B 1145 12.22 23.52 62.78
C VAL B 1145 12.65 22.13 63.21
N THR B 1146 12.74 21.94 64.52
CA THR B 1146 13.11 20.65 65.09
C THR B 1146 11.84 19.88 65.43
N ALA B 1147 11.70 18.68 64.87
CA ALA B 1147 10.53 17.86 65.06
C ALA B 1147 10.87 16.62 65.87
N ALA B 1148 9.84 16.03 66.47
CA ALA B 1148 9.97 14.82 67.26
C ALA B 1148 9.20 13.69 66.58
N TYR B 1149 9.76 12.48 66.64
CA TYR B 1149 9.03 11.31 66.18
C TYR B 1149 7.78 11.09 67.02
N GLY B 1150 7.91 11.23 68.33
CA GLY B 1150 6.78 11.12 69.24
C GLY B 1150 7.25 11.42 70.64
N LEU B 1151 6.28 11.47 71.55
CA LEU B 1151 6.55 11.79 72.95
C LEU B 1151 6.07 10.66 73.84
N CYS B 1152 6.71 10.50 74.99
CA CYS B 1152 6.39 9.44 75.93
C CYS B 1152 6.58 9.95 77.35
N ASN B 1153 5.71 9.51 78.25
CA ASN B 1153 5.85 9.81 79.66
C ASN B 1153 6.68 8.74 80.35
N THR B 1154 6.94 8.95 81.64
CA THR B 1154 7.75 8.04 82.45
C THR B 1154 6.82 7.36 83.46
N ASP B 1155 6.30 6.21 83.08
CA ASP B 1155 5.30 5.49 83.86
C ASP B 1155 5.48 3.99 83.69
N THR B 1156 4.78 3.23 84.53
CA THR B 1156 4.48 1.85 84.17
C THR B 1156 3.81 1.86 82.80
N PRO B 1157 3.82 0.73 82.07
CA PRO B 1157 4.22 0.78 80.66
C PRO B 1157 3.79 2.07 79.98
N PRO B 1158 4.75 2.87 79.51
CA PRO B 1158 4.48 4.27 79.21
C PRO B 1158 3.48 4.45 78.08
N ARG B 1159 2.72 5.53 78.16
CA ARG B 1159 1.85 5.96 77.09
C ARG B 1159 2.61 6.90 76.17
N CYS B 1160 2.45 6.71 74.87
CA CYS B 1160 3.18 7.47 73.87
C CYS B 1160 2.23 7.98 72.80
N ILE B 1161 2.55 9.14 72.24
CA ILE B 1161 1.69 9.80 71.26
C ILE B 1161 2.49 10.12 70.01
N ALA B 1162 1.77 10.26 68.91
CA ALA B 1162 2.32 10.67 67.63
C ALA B 1162 1.37 11.69 67.00
N PRO B 1163 1.88 12.62 66.20
CA PRO B 1163 1.02 13.65 65.62
C PRO B 1163 0.11 13.10 64.53
N ILE B 1164 -1.03 13.77 64.37
CA ILE B 1164 -2.02 13.44 63.35
C ILE B 1164 -1.92 14.50 62.26
N ASP B 1165 -1.47 14.08 61.07
CA ASP B 1165 -1.40 14.96 59.90
C ASP B 1165 -0.60 16.22 60.20
N GLY B 1166 0.54 16.04 60.86
CA GLY B 1166 1.35 17.18 61.25
C GLY B 1166 2.60 16.71 61.98
N TYR B 1167 3.24 17.66 62.64
CA TYR B 1167 4.50 17.41 63.33
C TYR B 1167 4.44 17.94 64.75
N PHE B 1168 5.18 17.28 65.64
CA PHE B 1168 5.46 17.82 66.96
C PHE B 1168 6.74 18.65 66.86
N VAL B 1169 6.59 19.98 66.89
CA VAL B 1169 7.70 20.89 66.65
C VAL B 1169 7.95 21.70 67.91
N LEU B 1170 9.20 22.17 68.05
CA LEU B 1170 9.58 22.87 69.28
C LEU B 1170 9.02 24.29 69.31
N ASN B 1171 9.51 25.15 68.41
CA ASN B 1171 9.04 26.52 68.20
C ASN B 1171 9.92 27.10 67.11
N ASN B 1172 9.58 28.31 66.66
CA ASN B 1172 10.39 29.06 65.69
C ASN B 1172 10.52 28.32 64.36
N VAL B 1179 13.29 20.78 79.30
CA VAL B 1179 12.83 22.12 79.64
C VAL B 1179 12.31 22.81 78.38
N ASP B 1180 12.23 22.07 77.29
CA ASP B 1180 11.75 22.58 76.01
C ASP B 1180 10.31 22.15 75.78
N GLN B 1181 9.44 23.11 75.52
CA GLN B 1181 8.03 22.85 75.32
C GLN B 1181 7.75 22.44 73.88
N TRP B 1182 6.99 21.37 73.70
CA TRP B 1182 6.65 20.86 72.38
C TRP B 1182 5.28 21.37 71.95
N TYR B 1183 5.17 21.69 70.66
CA TYR B 1183 3.92 22.15 70.09
C TYR B 1183 3.58 21.32 68.87
N TYR B 1184 2.33 21.43 68.44
CA TYR B 1184 1.86 20.77 67.22
C TYR B 1184 1.70 21.80 66.11
N THR B 1185 2.10 21.40 64.89
CA THR B 1185 1.88 22.22 63.71
C THR B 1185 1.35 21.35 62.59
N GLY B 1186 0.53 21.94 61.73
CA GLY B 1186 0.12 21.26 60.52
C GLY B 1186 1.27 21.11 59.56
N SER B 1187 1.18 20.10 58.70
CA SER B 1187 2.28 19.81 57.78
C SER B 1187 2.36 20.81 56.63
N SER B 1188 1.27 21.52 56.35
CA SER B 1188 1.23 22.42 55.20
C SER B 1188 1.40 23.88 55.56
N PHE B 1189 1.48 24.21 56.85
CA PHE B 1189 1.63 25.60 57.27
C PHE B 1189 2.10 25.62 58.71
N PHE B 1190 3.12 26.43 59.00
CA PHE B 1190 3.71 26.48 60.33
C PHE B 1190 2.89 27.39 61.24
N ASN B 1191 2.31 26.80 62.28
CA ASN B 1191 1.61 27.53 63.32
C ASN B 1191 1.58 26.69 64.59
N PRO B 1192 2.46 26.95 65.55
CA PRO B 1192 2.51 26.13 66.76
C PRO B 1192 1.23 26.25 67.58
N GLU B 1193 0.62 25.11 67.89
CA GLU B 1193 -0.59 25.01 68.68
C GLU B 1193 -0.36 24.01 69.81
N PRO B 1194 -1.12 24.12 70.90
CA PRO B 1194 -0.99 23.16 71.98
C PRO B 1194 -1.33 21.75 71.53
N ILE B 1195 -0.65 20.76 72.10
CA ILE B 1195 -0.89 19.36 71.78
C ILE B 1195 -2.09 18.88 72.58
N THR B 1196 -3.10 18.37 71.89
CA THR B 1196 -4.27 17.78 72.52
C THR B 1196 -4.59 16.48 71.80
N MET B 1197 -5.69 15.83 72.22
CA MET B 1197 -6.11 14.61 71.55
C MET B 1197 -6.70 14.85 70.18
N ALA B 1198 -6.95 16.11 69.82
CA ALA B 1198 -7.43 16.42 68.48
C ALA B 1198 -6.34 16.30 67.43
N ASN B 1199 -5.07 16.34 67.82
CA ASN B 1199 -3.97 16.25 66.87
C ASN B 1199 -2.93 15.21 67.27
N ALA B 1200 -3.20 14.41 68.29
CA ALA B 1200 -2.29 13.35 68.71
C ALA B 1200 -3.05 12.03 68.79
N ARG B 1201 -2.34 10.95 68.51
CA ARG B 1201 -2.89 9.61 68.64
C ARG B 1201 -1.95 8.74 69.45
N TYR B 1202 -2.52 7.83 70.22
CA TYR B 1202 -1.72 6.94 71.05
C TYR B 1202 -1.04 5.88 70.19
N VAL B 1203 0.27 5.74 70.36
CA VAL B 1203 1.06 4.74 69.67
C VAL B 1203 1.86 3.96 70.71
N SER B 1204 2.56 2.93 70.23
CA SER B 1204 3.33 2.05 71.11
C SER B 1204 4.72 2.62 71.34
N GLN B 1205 5.38 2.09 72.37
CA GLN B 1205 6.68 2.61 72.78
C GLN B 1205 7.72 2.46 71.68
N ASP B 1206 8.57 3.47 71.55
CA ASP B 1206 9.66 3.47 70.58
C ASP B 1206 10.88 4.10 71.23
N VAL B 1207 12.06 3.73 70.73
CA VAL B 1207 13.29 4.20 71.33
C VAL B 1207 13.74 5.57 70.81
N LYS B 1208 13.21 6.01 69.68
CA LYS B 1208 13.52 7.33 69.14
C LYS B 1208 12.51 8.38 69.57
N PHE B 1209 11.53 8.01 70.39
CA PHE B 1209 10.59 8.97 70.94
C PHE B 1209 11.25 9.74 72.08
N GLU B 1210 10.82 10.98 72.26
CA GLU B 1210 11.33 11.79 73.35
C GLU B 1210 10.78 11.29 74.68
N ASN B 1211 11.57 11.50 75.74
CA ASN B 1211 11.15 11.10 77.10
C ASN B 1211 10.91 12.40 77.86
N LEU B 1212 9.67 12.71 78.19
CA LEU B 1212 9.26 13.98 78.79
C LEU B 1212 8.98 13.78 80.28
N THR B 1213 9.57 14.64 81.10
CA THR B 1213 9.29 14.67 82.53
C THR B 1213 8.72 16.01 83.00
N ASN B 1214 8.79 17.02 82.13
CA ASN B 1214 8.35 18.39 82.51
C ASN B 1214 7.41 18.93 81.43
N GLN B 1215 6.42 19.73 81.83
CA GLN B 1215 5.47 20.35 80.86
C GLN B 1215 4.87 19.26 79.98
N LEU B 1216 4.48 18.13 80.58
CA LEU B 1216 3.88 17.01 79.83
C LEU B 1216 2.61 17.50 79.15
N PRO B 1217 2.37 17.12 77.88
CA PRO B 1217 1.17 17.54 77.17
C PRO B 1217 -0.03 16.85 77.83
N PRO B 1218 -1.26 17.41 77.71
CA PRO B 1218 -2.43 16.84 78.36
C PRO B 1218 -2.71 15.36 78.02
N PRO B 1219 -2.54 14.84 76.78
CA PRO B 1219 -2.71 13.42 76.52
C PRO B 1219 -1.80 12.51 77.34
N LEU B 1220 -0.62 12.99 77.77
CA LEU B 1220 0.37 12.15 78.48
C LEU B 1220 0.30 12.33 80.00
N LEU B 1221 -0.74 12.97 80.53
CA LEU B 1221 -0.92 13.09 82.00
C LEU B 1221 -1.98 12.11 82.51
N ASN B 1222 -1.81 11.54 83.71
CA ASN B 1222 -2.73 10.56 84.27
C ASN B 1222 -3.67 11.20 85.28
N ASP C 18 -30.03 -18.46 -48.57
CA ASP C 18 -31.48 -18.52 -48.62
C ASP C 18 -31.99 -19.94 -48.43
N VAL C 19 -33.18 -20.07 -47.83
CA VAL C 19 -33.82 -21.35 -47.60
C VAL C 19 -35.26 -21.24 -48.10
N ASP C 20 -35.85 -22.40 -48.39
CA ASP C 20 -37.16 -22.46 -49.03
C ASP C 20 -38.25 -22.21 -48.00
N SER C 21 -39.00 -21.12 -48.20
CA SER C 21 -40.09 -20.79 -47.28
C SER C 21 -41.33 -21.66 -47.53
N GLY C 22 -41.48 -22.19 -48.74
CA GLY C 22 -42.63 -23.00 -49.07
C GLY C 22 -43.45 -22.40 -50.20
N PRO C 23 -44.69 -22.85 -50.34
CA PRO C 23 -45.54 -22.37 -51.44
C PRO C 23 -46.08 -20.99 -51.15
N PRO C 24 -46.07 -20.09 -52.15
CA PRO C 24 -46.63 -18.75 -51.94
C PRO C 24 -48.13 -18.76 -51.70
N SER C 25 -48.71 -17.59 -51.44
CA SER C 25 -50.13 -17.48 -51.17
C SER C 25 -50.91 -17.50 -52.48
N SER C 26 -51.80 -18.49 -52.62
CA SER C 26 -52.54 -18.64 -53.87
C SER C 26 -53.66 -17.61 -54.00
N ALA C 27 -54.25 -17.20 -52.87
CA ALA C 27 -55.35 -16.25 -52.91
C ALA C 27 -54.85 -14.88 -53.35
N THR C 28 -55.79 -14.05 -53.82
CA THR C 28 -55.47 -12.75 -54.38
C THR C 28 -56.01 -11.58 -53.57
N SER C 29 -56.94 -11.82 -52.65
CA SER C 29 -57.54 -10.76 -51.86
C SER C 29 -57.25 -10.99 -50.38
N CYS C 30 -56.73 -9.96 -49.72
CA CYS C 30 -56.52 -10.04 -48.28
C CYS C 30 -57.87 -10.00 -47.56
N LYS C 31 -57.85 -10.38 -46.28
CA LYS C 31 -59.10 -10.65 -45.58
C LYS C 31 -59.81 -9.37 -45.16
N GLU C 32 -59.30 -8.23 -45.61
CA GLU C 32 -60.02 -6.95 -45.56
C GLU C 32 -60.40 -6.55 -44.13
N ALA C 33 -59.37 -6.28 -43.32
CA ALA C 33 -59.58 -5.61 -42.03
C ALA C 33 -60.55 -6.34 -41.13
N ASP C 34 -60.13 -7.50 -40.61
CA ASP C 34 -61.01 -8.36 -39.80
C ASP C 34 -61.90 -7.56 -38.88
N MET C 35 -61.37 -6.51 -38.27
CA MET C 35 -62.18 -5.56 -37.51
C MET C 35 -61.85 -4.14 -37.94
N ARG C 36 -62.68 -3.20 -37.47
CA ARG C 36 -62.71 -1.85 -38.01
C ARG C 36 -61.42 -1.07 -37.80
N ASN C 37 -60.41 -1.66 -37.16
CA ASN C 37 -59.11 -1.06 -36.83
C ASN C 37 -59.28 -0.01 -35.73
N SER C 38 -60.43 0.05 -35.07
CA SER C 38 -60.62 1.00 -33.98
C SER C 38 -59.78 0.60 -32.79
N SER C 39 -58.93 1.51 -32.33
CA SER C 39 -58.09 1.28 -31.16
C SER C 39 -57.52 2.62 -30.70
N SER C 40 -56.94 2.61 -29.50
CA SER C 40 -56.27 3.75 -28.87
C SER C 40 -57.27 4.81 -28.41
N GLU C 41 -58.54 4.66 -28.82
CA GLU C 41 -59.64 5.40 -28.23
C GLU C 41 -60.77 4.47 -27.85
N PHE C 42 -61.04 3.46 -28.69
CA PHE C 42 -61.99 2.41 -28.32
C PHE C 42 -61.37 1.49 -27.28
N PHE C 43 -60.18 0.97 -27.55
CA PHE C 43 -59.47 0.05 -26.65
C PHE C 43 -58.97 0.84 -25.45
N ASN C 44 -59.93 1.29 -24.64
CA ASN C 44 -59.65 2.15 -23.49
C ASN C 44 -59.48 1.35 -22.20
N LYS C 45 -59.57 0.02 -22.27
CA LYS C 45 -59.43 -0.80 -21.08
C LYS C 45 -57.98 -0.77 -20.59
N GLN C 46 -57.81 -0.76 -19.27
CA GLN C 46 -56.48 -0.81 -18.68
C GLN C 46 -56.52 -1.58 -17.36
N TRP C 47 -55.57 -2.49 -17.19
CA TRP C 47 -55.32 -3.16 -15.93
C TRP C 47 -53.84 -3.05 -15.62
N PRO C 48 -53.41 -2.02 -14.88
CA PRO C 48 -51.98 -1.82 -14.66
C PRO C 48 -51.34 -3.01 -13.96
N MET C 49 -50.17 -3.41 -14.48
CA MET C 49 -49.34 -4.46 -13.90
C MET C 49 -47.92 -3.94 -13.83
N PRO C 50 -47.59 -3.15 -12.81
CA PRO C 50 -46.22 -2.62 -12.70
C PRO C 50 -45.22 -3.73 -12.41
N ILE C 51 -43.94 -3.40 -12.59
CA ILE C 51 -42.85 -4.38 -12.31
C ILE C 51 -42.56 -4.36 -10.82
N ASN C 52 -42.65 -5.49 -10.14
CA ASN C 52 -42.28 -5.57 -8.70
C ASN C 52 -40.93 -6.27 -8.61
N ALA C 53 -39.91 -5.55 -8.14
CA ALA C 53 -38.56 -6.15 -8.00
C ALA C 53 -38.59 -7.08 -6.79
N SER C 54 -39.35 -6.73 -5.75
CA SER C 54 -39.47 -7.61 -4.60
C SER C 54 -40.04 -8.97 -5.00
N LYS C 55 -40.63 -9.08 -6.19
CA LYS C 55 -41.12 -10.34 -6.71
C LYS C 55 -40.29 -10.85 -7.88
N ALA C 56 -39.20 -10.17 -8.21
CA ALA C 56 -38.31 -10.55 -9.32
C ALA C 56 -39.07 -10.65 -10.63
N ASP C 57 -39.64 -9.52 -11.05
CA ASP C 57 -40.45 -9.46 -12.26
C ASP C 57 -39.56 -9.22 -13.47
N GLY C 58 -39.61 -10.12 -14.44
CA GLY C 58 -38.89 -9.94 -15.70
C GLY C 58 -37.38 -9.93 -15.56
N ILE C 59 -36.83 -10.85 -14.77
CA ILE C 59 -35.40 -10.96 -14.59
C ILE C 59 -34.88 -12.07 -15.49
N ILE C 60 -33.87 -11.76 -16.29
CA ILE C 60 -33.22 -12.74 -17.15
C ILE C 60 -32.20 -13.51 -16.32
N TYR C 61 -32.33 -14.84 -16.30
CA TYR C 61 -31.42 -15.65 -15.52
C TYR C 61 -30.01 -15.64 -16.12
N PRO C 62 -28.99 -15.72 -15.27
CA PRO C 62 -27.62 -15.85 -15.78
C PRO C 62 -27.48 -17.07 -16.68
N THR C 63 -26.66 -16.93 -17.71
CA THR C 63 -26.42 -18.00 -18.68
C THR C 63 -25.18 -18.78 -18.28
N GLY C 64 -25.27 -20.10 -18.38
CA GLY C 64 -24.15 -20.97 -18.06
C GLY C 64 -23.79 -21.01 -16.59
N LYS C 65 -24.63 -20.50 -15.71
CA LYS C 65 -24.30 -20.37 -14.30
C LYS C 65 -25.54 -20.61 -13.45
N SER C 66 -25.31 -20.93 -12.18
CA SER C 66 -26.37 -21.01 -11.19
C SER C 66 -25.76 -20.77 -9.81
N TYR C 67 -26.58 -20.27 -8.91
CA TYR C 67 -26.17 -20.01 -7.53
C TYR C 67 -27.24 -20.54 -6.59
N SER C 68 -26.84 -20.79 -5.34
CA SER C 68 -27.80 -21.40 -4.37
C SER C 68 -27.71 -20.74 -2.99
N ASN C 69 -28.83 -20.23 -2.47
CA ASN C 69 -28.87 -19.71 -1.08
C ASN C 69 -27.86 -18.59 -0.89
N ILE C 70 -27.75 -17.71 -1.88
CA ILE C 70 -26.83 -16.52 -1.75
C ILE C 70 -27.41 -15.30 -2.47
N SER C 71 -27.21 -14.11 -1.90
CA SER C 71 -27.60 -12.87 -2.56
C SER C 71 -26.37 -12.24 -3.19
N LEU C 72 -26.55 -11.65 -4.37
CA LEU C 72 -25.47 -10.97 -5.06
C LEU C 72 -26.03 -9.87 -5.96
N THR C 73 -25.18 -8.90 -6.25
CA THR C 73 -25.50 -7.82 -7.17
C THR C 73 -24.88 -8.09 -8.53
N LEU C 74 -25.66 -7.87 -9.58
CA LEU C 74 -25.21 -8.05 -10.95
C LEU C 74 -25.64 -6.83 -11.77
N GLN C 75 -24.84 -6.47 -12.76
CA GLN C 75 -25.25 -5.48 -13.75
C GLN C 75 -25.50 -6.15 -15.09
N GLY C 76 -26.64 -5.81 -15.69
CA GLY C 76 -27.05 -6.38 -16.96
C GLY C 76 -28.17 -5.57 -17.57
N LEU C 77 -29.18 -6.25 -18.09
CA LEU C 77 -30.34 -5.60 -18.70
C LEU C 77 -31.57 -6.01 -17.90
N PHE C 78 -32.19 -5.05 -17.23
CA PHE C 78 -33.30 -5.32 -16.34
C PHE C 78 -34.38 -4.26 -16.54
N PRO C 79 -35.62 -4.57 -16.18
CA PRO C 79 -36.66 -3.54 -16.17
C PRO C 79 -36.57 -2.66 -14.94
N LYS C 80 -37.28 -1.54 -14.99
CA LYS C 80 -37.32 -0.59 -13.88
C LYS C 80 -38.44 -0.95 -12.94
N HIS C 81 -38.15 -0.94 -11.64
CA HIS C 81 -39.18 -1.16 -10.63
C HIS C 81 -40.26 -0.09 -10.76
N GLY C 82 -41.51 -0.52 -10.72
CA GLY C 82 -42.63 0.39 -10.81
C GLY C 82 -43.03 0.77 -12.22
N ASP C 83 -42.31 0.31 -13.23
CA ASP C 83 -42.69 0.58 -14.61
C ASP C 83 -43.97 -0.15 -14.97
N LEU C 84 -44.85 0.55 -15.68
CA LEU C 84 -46.13 -0.03 -16.06
C LEU C 84 -46.10 -0.70 -17.43
N GLY C 85 -45.10 -0.39 -18.26
CA GLY C 85 -45.06 -0.93 -19.59
C GLY C 85 -46.15 -0.35 -20.47
N GLU C 86 -46.47 -1.08 -21.53
CA GLU C 86 -47.59 -0.77 -22.38
C GLU C 86 -48.40 -2.05 -22.60
N GLN C 87 -49.72 -1.92 -22.59
CA GLN C 87 -50.63 -3.06 -22.63
C GLN C 87 -51.24 -3.20 -24.00
N TYR C 88 -51.29 -4.44 -24.49
CA TYR C 88 -51.84 -4.75 -25.80
C TYR C 88 -52.87 -5.86 -25.65
N ILE C 89 -53.96 -5.76 -26.39
CA ILE C 89 -55.08 -6.68 -26.27
C ILE C 89 -55.35 -7.34 -27.61
N TYR C 90 -55.40 -8.66 -27.62
CA TYR C 90 -55.76 -9.45 -28.78
C TYR C 90 -57.20 -9.95 -28.60
N VAL C 107 -57.44 -5.92 -35.86
CA VAL C 107 -58.46 -5.71 -34.85
C VAL C 107 -58.05 -4.58 -33.92
N SER C 108 -56.89 -3.98 -34.21
CA SER C 108 -56.37 -2.90 -33.39
C SER C 108 -55.42 -2.08 -34.25
N ASP C 109 -55.12 -0.88 -33.76
CA ASP C 109 -54.31 0.07 -34.52
C ASP C 109 -52.85 -0.36 -34.62
N TYR C 110 -52.50 -1.53 -34.11
CA TYR C 110 -51.13 -2.00 -34.22
C TYR C 110 -50.85 -2.46 -35.64
N ALA C 111 -49.63 -2.99 -35.85
CA ALA C 111 -49.07 -3.20 -37.19
C ALA C 111 -48.90 -1.85 -37.86
N THR C 112 -48.98 -0.78 -37.07
CA THR C 112 -48.76 0.58 -37.53
C THR C 112 -47.93 1.35 -36.51
N LYS C 113 -47.64 0.75 -35.36
CA LYS C 113 -46.98 1.41 -34.24
C LYS C 113 -45.54 0.90 -34.17
N VAL C 114 -44.64 1.63 -34.80
CA VAL C 114 -43.22 1.30 -34.78
C VAL C 114 -42.63 1.74 -33.45
N VAL C 115 -41.98 0.82 -32.75
CA VAL C 115 -41.46 1.06 -31.41
C VAL C 115 -39.95 0.81 -31.43
N PRO C 116 -39.13 1.69 -30.86
CA PRO C 116 -37.68 1.42 -30.78
C PRO C 116 -37.37 0.21 -29.91
N PHE C 117 -36.24 -0.44 -30.22
CA PHE C 117 -35.94 -1.73 -29.59
C PHE C 117 -34.85 -1.61 -28.53
N ASN C 118 -34.42 -0.38 -28.21
CA ASN C 118 -33.02 -0.04 -27.93
C ASN C 118 -32.28 -1.19 -27.26
N ASN C 119 -32.69 -1.67 -26.09
CA ASN C 119 -31.98 -2.76 -25.42
C ASN C 119 -32.78 -4.06 -25.41
N GLY C 120 -33.95 -4.09 -26.02
CA GLY C 120 -34.84 -5.22 -25.92
C GLY C 120 -35.99 -4.95 -24.97
N PHE C 121 -36.74 -6.00 -24.70
CA PHE C 121 -37.91 -5.87 -23.83
C PHE C 121 -38.25 -7.23 -23.24
N VAL C 122 -39.11 -7.21 -22.23
CA VAL C 122 -39.63 -8.42 -21.61
C VAL C 122 -41.15 -8.36 -21.63
N VAL C 123 -41.78 -9.49 -21.92
CA VAL C 123 -43.23 -9.57 -22.11
C VAL C 123 -43.81 -10.45 -21.02
N ARG C 124 -44.90 -9.99 -20.42
CA ARG C 124 -45.68 -10.76 -19.46
C ARG C 124 -46.91 -11.30 -20.18
N ILE C 125 -47.04 -12.63 -20.20
CA ILE C 125 -48.05 -13.31 -21.00
C ILE C 125 -49.00 -14.05 -20.08
N GLY C 126 -50.31 -13.90 -20.34
CA GLY C 126 -51.32 -14.69 -19.67
C GLY C 126 -51.49 -14.43 -18.18
N ALA C 127 -51.53 -13.15 -17.81
CA ALA C 127 -51.75 -12.78 -16.41
C ALA C 127 -53.24 -12.65 -16.06
N ALA C 128 -54.10 -12.42 -17.05
CA ALA C 128 -55.52 -12.24 -16.83
C ALA C 128 -56.33 -13.51 -17.06
N ALA C 129 -55.65 -14.65 -17.24
CA ALA C 129 -56.35 -15.91 -17.55
C ALA C 129 -57.33 -16.32 -16.45
N ASN C 130 -58.36 -17.09 -16.78
CA ASN C 130 -59.34 -17.60 -15.78
C ASN C 130 -59.99 -16.45 -15.01
N ALA C 131 -60.50 -15.43 -15.70
CA ALA C 131 -61.26 -14.35 -15.00
C ALA C 131 -62.40 -13.82 -15.90
N THR C 132 -62.81 -12.56 -15.72
CA THR C 132 -63.82 -11.95 -16.57
C THR C 132 -63.13 -11.28 -17.76
N GLY C 133 -63.61 -11.58 -18.96
CA GLY C 133 -62.89 -11.28 -20.18
C GLY C 133 -63.00 -9.84 -20.65
N SER C 134 -62.49 -9.62 -21.86
CA SER C 134 -62.40 -8.28 -22.43
C SER C 134 -62.42 -8.37 -23.94
N VAL C 135 -63.52 -7.93 -24.56
CA VAL C 135 -63.58 -7.71 -26.00
C VAL C 135 -64.18 -6.34 -26.24
N ILE C 136 -63.32 -5.33 -26.40
CA ILE C 136 -63.78 -3.96 -26.51
C ILE C 136 -64.50 -3.66 -27.82
N ILE C 137 -64.06 -4.24 -28.92
CA ILE C 137 -64.65 -3.99 -30.24
C ILE C 137 -66.15 -4.27 -30.24
N GLN C 141 -65.37 -10.77 -22.44
CA GLN C 141 -66.25 -10.88 -21.29
C GLN C 141 -66.62 -12.34 -21.04
N LYS C 142 -65.59 -13.17 -20.89
CA LYS C 142 -65.75 -14.61 -20.69
C LYS C 142 -64.47 -15.10 -20.00
N THR C 143 -64.29 -16.42 -19.96
CA THR C 143 -63.09 -17.00 -19.38
C THR C 143 -61.89 -16.71 -20.29
N ILE C 144 -60.93 -15.94 -19.78
CA ILE C 144 -59.76 -15.59 -20.58
C ILE C 144 -58.91 -16.81 -20.85
N LYS C 145 -58.40 -16.91 -22.07
CA LYS C 145 -57.34 -17.84 -22.42
C LYS C 145 -56.12 -17.07 -22.86
N LYS C 146 -54.96 -17.70 -22.71
CA LYS C 146 -53.69 -17.03 -23.00
C LYS C 146 -53.44 -16.95 -24.50
N ILE C 147 -53.01 -15.76 -24.94
CA ILE C 147 -52.72 -15.52 -26.35
C ILE C 147 -51.31 -14.96 -26.45
N TYR C 148 -50.48 -15.60 -27.30
CA TYR C 148 -49.11 -15.17 -27.45
C TYR C 148 -49.02 -13.94 -28.35
N PRO C 149 -47.99 -13.12 -28.17
CA PRO C 149 -47.81 -11.95 -29.05
C PRO C 149 -47.04 -12.29 -30.32
N ALA C 150 -47.32 -11.51 -31.36
CA ALA C 150 -46.68 -11.66 -32.65
C ALA C 150 -45.86 -10.40 -32.93
N PHE C 151 -44.60 -10.59 -33.35
CA PHE C 151 -43.65 -9.51 -33.44
C PHE C 151 -43.06 -9.42 -34.83
N MET C 152 -42.56 -8.22 -35.16
CA MET C 152 -41.95 -7.93 -36.46
C MET C 152 -40.78 -6.98 -36.20
N LEU C 153 -39.57 -7.52 -36.25
CA LEU C 153 -38.35 -6.78 -35.92
C LEU C 153 -37.51 -6.60 -37.18
N GLY C 154 -37.00 -5.39 -37.39
CA GLY C 154 -36.17 -5.14 -38.56
C GLY C 154 -35.48 -3.80 -38.47
N SER C 155 -34.39 -3.68 -39.22
CA SER C 155 -33.46 -2.56 -39.07
C SER C 155 -34.02 -1.27 -39.64
N SER C 156 -34.65 -1.33 -40.81
CA SER C 156 -35.08 -0.14 -41.53
C SER C 156 -36.60 -0.15 -41.63
N VAL C 157 -37.20 1.04 -41.54
CA VAL C 157 -38.65 1.18 -41.47
C VAL C 157 -39.07 2.41 -42.27
N GLY C 158 -40.25 2.33 -42.88
CA GLY C 158 -40.78 3.43 -43.65
C GLY C 158 -42.24 3.26 -43.94
N ASN C 159 -42.77 4.18 -44.75
CA ASN C 159 -44.18 4.20 -45.08
C ASN C 159 -44.49 3.22 -46.21
N PHE C 160 -45.76 2.79 -46.26
CA PHE C 160 -46.25 1.97 -47.36
C PHE C 160 -46.53 2.88 -48.55
N SER C 161 -47.14 2.31 -49.61
CA SER C 161 -47.41 3.08 -50.82
C SER C 161 -48.44 4.18 -50.56
N ASN C 162 -49.56 3.84 -49.93
CA ASN C 162 -50.59 4.84 -49.67
C ASN C 162 -50.13 5.86 -48.63
N GLY C 163 -49.38 5.41 -47.63
CA GLY C 163 -48.83 6.34 -46.66
C GLY C 163 -48.88 5.88 -45.22
N VAL C 164 -49.49 4.71 -44.96
CA VAL C 164 -49.57 4.20 -43.61
C VAL C 164 -48.22 3.66 -43.17
N SER C 165 -47.83 3.97 -41.95
CA SER C 165 -46.53 3.56 -41.41
C SER C 165 -46.52 2.07 -41.09
N GLY C 166 -45.32 1.53 -40.90
CA GLY C 166 -45.15 0.17 -40.47
C GLY C 166 -44.64 -0.81 -41.49
N ARG C 167 -43.85 -0.38 -42.47
CA ARG C 167 -43.22 -1.28 -43.43
C ARG C 167 -41.72 -1.35 -43.18
N TYR C 168 -41.18 -2.56 -43.18
CA TYR C 168 -39.75 -2.78 -42.98
C TYR C 168 -39.08 -3.11 -44.31
N PHE C 169 -38.14 -2.27 -44.74
CA PHE C 169 -37.46 -2.44 -46.01
C PHE C 169 -36.10 -3.11 -45.88
N ASN C 170 -36.05 -4.37 -45.40
CA ASN C 170 -34.99 -5.36 -45.64
C ASN C 170 -35.39 -6.68 -45.00
N HIS C 171 -34.42 -7.60 -44.90
CA HIS C 171 -34.55 -8.76 -44.02
C HIS C 171 -35.20 -8.38 -42.70
N THR C 172 -36.29 -9.06 -42.37
CA THR C 172 -37.10 -8.75 -41.20
C THR C 172 -37.30 -10.00 -40.36
N LEU C 173 -37.15 -9.85 -39.05
CA LEU C 173 -37.32 -10.96 -38.11
C LEU C 173 -38.80 -11.08 -37.75
N LEU C 174 -39.37 -12.26 -37.94
CA LEU C 174 -40.77 -12.53 -37.65
C LEU C 174 -40.84 -13.58 -36.55
N LEU C 175 -41.51 -13.25 -35.45
CA LEU C 175 -41.72 -14.18 -34.35
C LEU C 175 -43.22 -14.44 -34.26
N LEU C 176 -43.69 -15.42 -35.01
CA LEU C 176 -45.11 -15.73 -35.11
C LEU C 176 -45.42 -17.01 -34.37
N PRO C 177 -46.20 -16.96 -33.29
CA PRO C 177 -46.67 -18.20 -32.67
C PRO C 177 -47.73 -18.87 -33.54
N ASP C 178 -47.68 -20.20 -33.56
CA ASP C 178 -48.50 -20.94 -34.52
C ASP C 178 -48.86 -22.29 -33.92
N GLY C 179 -49.80 -22.97 -34.56
CA GLY C 179 -50.28 -24.24 -34.05
C GLY C 179 -51.28 -24.11 -32.93
N CYS C 180 -52.10 -23.05 -32.95
CA CYS C 180 -52.98 -22.72 -31.83
C CYS C 180 -52.19 -22.63 -30.53
N GLY C 181 -51.13 -21.84 -30.57
CA GLY C 181 -50.23 -21.70 -29.44
C GLY C 181 -49.46 -22.96 -29.09
N THR C 182 -48.95 -23.67 -30.09
CA THR C 182 -48.12 -24.84 -29.86
C THR C 182 -46.81 -24.83 -30.63
N ARG C 183 -46.51 -23.75 -31.35
CA ARG C 183 -45.28 -23.68 -32.12
C ARG C 183 -44.90 -22.22 -32.34
N LEU C 184 -43.60 -21.95 -32.29
CA LEU C 184 -43.07 -20.61 -32.53
C LEU C 184 -42.23 -20.60 -33.79
N TRP C 185 -42.57 -19.70 -34.72
CA TRP C 185 -41.82 -19.52 -35.95
C TRP C 185 -40.82 -18.39 -35.79
N ALA C 186 -39.57 -18.65 -36.17
CA ALA C 186 -38.55 -17.62 -36.28
C ALA C 186 -38.15 -17.54 -37.75
N LEU C 187 -38.49 -16.44 -38.40
CA LEU C 187 -38.19 -16.21 -39.81
C LEU C 187 -37.34 -14.96 -39.95
N TYR C 188 -36.31 -15.06 -40.78
CA TYR C 188 -35.46 -13.92 -41.13
C TYR C 188 -35.54 -13.81 -42.65
N CYS C 189 -36.57 -13.13 -43.13
CA CYS C 189 -36.94 -13.12 -44.54
C CYS C 189 -37.05 -11.69 -45.01
N VAL C 190 -37.22 -11.53 -46.32
CA VAL C 190 -37.60 -10.25 -46.91
C VAL C 190 -39.08 -10.31 -47.23
N ILE C 191 -39.84 -9.34 -46.74
CA ILE C 191 -41.29 -9.34 -46.87
C ILE C 191 -41.68 -8.37 -47.97
N GLU C 192 -42.32 -8.89 -49.02
CA GLU C 192 -42.72 -8.08 -50.16
C GLU C 192 -44.22 -7.83 -50.09
N PRO C 193 -44.66 -6.57 -50.01
CA PRO C 193 -46.10 -6.30 -49.99
C PRO C 193 -46.78 -6.76 -51.28
N ARG C 194 -47.68 -7.71 -51.12
CA ARG C 194 -48.44 -8.22 -52.27
C ARG C 194 -49.39 -7.14 -52.80
N ASN C 195 -49.57 -7.12 -54.11
CA ASN C 195 -50.38 -6.10 -54.77
C ASN C 195 -51.86 -6.43 -54.78
N GLY C 196 -52.28 -7.53 -54.16
CA GLY C 196 -53.68 -7.91 -54.16
C GLY C 196 -54.54 -6.96 -53.36
N SER C 197 -55.85 -7.13 -53.50
CA SER C 197 -56.81 -6.23 -52.87
C SER C 197 -56.71 -6.28 -51.36
N TYR C 198 -56.72 -5.11 -50.73
CA TYR C 198 -56.60 -4.91 -49.29
C TYR C 198 -55.31 -5.45 -48.71
N CYS C 199 -54.38 -5.87 -49.55
CA CYS C 199 -53.05 -6.27 -49.11
C CYS C 199 -52.14 -5.05 -49.04
N PRO C 200 -51.01 -5.15 -48.33
CA PRO C 200 -50.19 -3.94 -48.09
C PRO C 200 -49.77 -3.22 -49.36
N GLY C 201 -49.64 -3.93 -50.48
CA GLY C 201 -49.32 -3.25 -51.73
C GLY C 201 -50.46 -2.38 -52.24
N ASN C 202 -51.69 -2.83 -52.06
CA ASN C 202 -52.85 -2.18 -52.66
C ASN C 202 -53.08 -0.79 -52.07
N SER C 203 -53.70 0.08 -52.87
CA SER C 203 -54.01 1.43 -52.42
C SER C 203 -55.03 1.42 -51.28
N ASN C 204 -56.05 0.57 -51.38
CA ASN C 204 -57.10 0.51 -50.35
C ASN C 204 -56.72 -0.57 -49.34
N TYR C 205 -55.73 -0.22 -48.53
CA TYR C 205 -55.12 -1.13 -47.56
C TYR C 205 -55.22 -0.53 -46.16
N ASN C 206 -55.48 -1.39 -45.17
CA ASN C 206 -55.59 -0.93 -43.78
C ASN C 206 -55.17 -2.07 -42.85
N THR C 207 -54.02 -1.90 -42.19
CA THR C 207 -53.70 -2.63 -40.95
C THR C 207 -53.70 -4.15 -41.17
N PHE C 208 -52.65 -4.62 -41.87
CA PHE C 208 -52.47 -6.06 -42.06
C PHE C 208 -52.54 -6.77 -40.71
N ALA C 209 -52.97 -8.03 -40.71
CA ALA C 209 -53.14 -8.75 -39.45
C ALA C 209 -52.80 -10.21 -39.66
N VAL C 210 -52.70 -10.93 -38.54
CA VAL C 210 -52.43 -12.36 -38.55
C VAL C 210 -53.55 -13.06 -37.79
N PHE C 211 -54.07 -14.13 -38.40
CA PHE C 211 -55.27 -14.78 -37.89
C PHE C 211 -55.15 -16.28 -38.12
N ASP C 212 -56.21 -16.98 -37.74
CA ASP C 212 -56.38 -18.40 -38.04
C ASP C 212 -57.86 -18.73 -37.90
N THR C 213 -58.27 -19.85 -38.47
CA THR C 213 -59.68 -20.23 -38.49
C THR C 213 -59.94 -21.35 -37.49
N PRO C 214 -60.52 -21.06 -36.34
CA PRO C 214 -60.64 -22.08 -35.28
C PRO C 214 -61.41 -23.32 -35.71
N HIS C 215 -62.44 -23.16 -36.54
CA HIS C 215 -63.25 -24.30 -36.94
C HIS C 215 -62.43 -25.30 -37.76
N THR C 216 -61.55 -24.81 -38.62
CA THR C 216 -60.73 -25.67 -39.47
C THR C 216 -59.31 -25.85 -38.94
N ASP C 217 -58.77 -24.89 -38.19
CA ASP C 217 -57.38 -24.94 -37.74
C ASP C 217 -57.26 -25.45 -36.31
N CYS C 218 -57.96 -24.81 -35.37
CA CYS C 218 -57.86 -25.17 -33.96
C CYS C 218 -58.84 -26.26 -33.55
N THR C 219 -59.29 -27.06 -34.51
CA THR C 219 -60.10 -28.23 -34.18
C THR C 219 -59.24 -29.26 -33.45
N SER C 220 -59.84 -29.91 -32.45
CA SER C 220 -59.10 -30.90 -31.65
C SER C 220 -58.68 -32.12 -32.45
N ALA C 221 -59.22 -32.30 -33.66
CA ALA C 221 -58.81 -33.43 -34.49
C ALA C 221 -57.35 -33.31 -34.89
N GLY C 222 -56.90 -32.12 -35.26
CA GLY C 222 -55.53 -31.91 -35.67
C GLY C 222 -55.14 -30.45 -35.80
N TYR C 223 -53.96 -30.10 -35.31
CA TYR C 223 -53.46 -28.74 -35.38
C TYR C 223 -52.99 -28.41 -36.79
N ASN C 224 -53.26 -27.18 -37.22
CA ASN C 224 -52.73 -26.67 -38.47
C ASN C 224 -51.53 -25.80 -38.13
N THR C 225 -50.33 -26.33 -38.35
CA THR C 225 -49.10 -25.67 -37.94
C THR C 225 -48.60 -24.66 -38.97
N ASN C 226 -49.44 -24.21 -39.88
CA ASN C 226 -49.03 -23.14 -40.84
C ASN C 226 -50.18 -22.14 -40.98
N ALA C 227 -51.10 -22.11 -40.02
CA ALA C 227 -52.29 -21.27 -40.16
C ALA C 227 -51.95 -19.79 -40.10
N THR C 228 -51.29 -19.36 -39.01
CA THR C 228 -50.88 -17.97 -38.90
C THR C 228 -49.84 -17.62 -39.95
N LEU C 229 -48.96 -18.56 -40.30
CA LEU C 229 -47.97 -18.31 -41.34
C LEU C 229 -48.66 -18.09 -42.69
N ASN C 230 -49.68 -18.89 -43.01
CA ASN C 230 -50.42 -18.69 -44.24
C ASN C 230 -51.18 -17.37 -44.22
N SER C 231 -51.77 -17.01 -43.08
CA SER C 231 -52.46 -15.73 -42.99
C SER C 231 -51.50 -14.57 -43.20
N PHE C 232 -50.28 -14.70 -42.68
CA PHE C 232 -49.25 -13.70 -42.95
C PHE C 232 -48.89 -13.66 -44.43
N LYS C 233 -48.64 -14.83 -45.02
CA LYS C 233 -48.28 -14.91 -46.44
C LYS C 233 -49.36 -14.33 -47.34
N GLU C 234 -50.61 -14.29 -46.86
CA GLU C 234 -51.66 -13.62 -47.61
C GLU C 234 -51.34 -12.14 -47.83
N TYR C 235 -50.58 -11.53 -46.93
CA TYR C 235 -50.25 -10.12 -47.02
C TYR C 235 -48.85 -9.85 -47.57
N PHE C 236 -47.90 -10.75 -47.33
CA PHE C 236 -46.51 -10.51 -47.69
C PHE C 236 -45.93 -11.73 -48.41
N ASP C 237 -44.95 -11.46 -49.27
CA ASP C 237 -44.18 -12.51 -49.93
C ASP C 237 -42.87 -12.72 -49.19
N LEU C 238 -42.52 -13.98 -48.96
CA LEU C 238 -41.32 -14.36 -48.21
C LEU C 238 -40.19 -14.66 -49.20
N GLN C 239 -39.27 -13.71 -49.35
CA GLN C 239 -38.16 -13.88 -50.33
C GLN C 239 -36.81 -13.84 -49.60
N ASN C 240 -35.80 -14.53 -50.13
CA ASN C 240 -34.42 -14.53 -49.57
C ASN C 240 -34.42 -14.88 -48.09
N CYS C 241 -35.17 -15.90 -47.69
CA CYS C 241 -35.26 -16.25 -46.25
C CYS C 241 -33.91 -16.78 -45.74
N SER C 242 -33.24 -16.03 -44.87
CA SER C 242 -31.95 -16.47 -44.34
C SER C 242 -32.07 -17.76 -43.56
N PHE C 243 -33.07 -17.85 -42.68
CA PHE C 243 -33.31 -19.07 -41.93
C PHE C 243 -34.77 -19.13 -41.50
N ILE C 244 -35.22 -20.33 -41.16
CA ILE C 244 -36.53 -20.55 -40.58
C ILE C 244 -36.41 -21.59 -39.47
N TYR C 245 -36.37 -21.14 -38.22
CA TYR C 245 -36.39 -22.06 -37.09
C TYR C 245 -37.81 -22.28 -36.59
N SER C 246 -37.96 -23.30 -35.75
CA SER C 246 -39.26 -23.68 -35.21
C SER C 246 -39.06 -24.22 -33.80
N PHE C 247 -39.94 -23.84 -32.90
CA PHE C 247 -39.84 -24.21 -31.49
C PHE C 247 -41.18 -24.71 -31.00
N ASN C 248 -41.20 -25.90 -30.40
CA ASN C 248 -42.42 -26.51 -29.93
C ASN C 248 -42.86 -25.85 -28.62
N ILE C 249 -44.17 -25.67 -28.47
CA ILE C 249 -44.76 -25.04 -27.30
C ILE C 249 -45.84 -25.95 -26.75
N THR C 250 -45.83 -26.16 -25.43
CA THR C 250 -46.86 -26.93 -24.77
C THR C 250 -48.07 -26.03 -24.46
N GLU C 251 -49.25 -26.64 -24.44
CA GLU C 251 -50.50 -25.91 -24.26
C GLU C 251 -50.89 -25.89 -22.79
N ASP C 252 -51.23 -24.70 -22.29
CA ASP C 252 -51.68 -24.49 -20.91
C ASP C 252 -52.22 -23.08 -20.82
N GLU C 253 -52.56 -22.65 -19.60
CA GLU C 253 -53.07 -21.30 -19.36
C GLU C 253 -52.25 -20.60 -18.26
N ASN C 254 -50.95 -20.88 -18.21
CA ASN C 254 -50.09 -20.31 -17.19
C ASN C 254 -49.66 -18.89 -17.56
N ALA C 255 -49.06 -18.21 -16.59
CA ALA C 255 -48.55 -16.86 -16.77
C ALA C 255 -47.07 -16.94 -17.13
N GLU C 256 -46.71 -16.38 -18.29
CA GLU C 256 -45.39 -16.56 -18.87
C GLU C 256 -44.62 -15.25 -18.93
N TRP C 257 -43.31 -15.39 -19.11
CA TRP C 257 -42.39 -14.28 -19.34
C TRP C 257 -41.58 -14.55 -20.59
N PHE C 258 -41.52 -13.57 -21.49
CA PHE C 258 -40.73 -13.66 -22.71
C PHE C 258 -39.84 -12.43 -22.83
N GLY C 259 -38.55 -12.65 -23.07
CA GLY C 259 -37.62 -11.56 -23.26
C GLY C 259 -36.81 -11.74 -24.53
N ILE C 260 -36.24 -10.63 -24.99
CA ILE C 260 -35.43 -10.61 -26.21
C ILE C 260 -34.36 -9.53 -26.07
N THR C 261 -33.12 -9.89 -26.38
CA THR C 261 -32.00 -8.95 -26.43
C THR C 261 -31.24 -9.16 -27.73
N GLN C 262 -30.17 -8.39 -27.91
CA GLN C 262 -29.29 -8.54 -29.05
C GLN C 262 -27.89 -8.07 -28.68
N ASN C 263 -26.88 -8.81 -29.12
CA ASN C 263 -25.49 -8.40 -28.93
C ASN C 263 -24.68 -8.93 -30.11
N THR C 264 -23.35 -8.92 -29.95
CA THR C 264 -22.46 -9.33 -31.03
C THR C 264 -22.72 -10.76 -31.47
N GLN C 265 -23.20 -11.61 -30.57
CA GLN C 265 -23.38 -13.01 -30.86
C GLN C 265 -24.76 -13.34 -31.40
N GLY C 266 -25.62 -12.35 -31.61
CA GLY C 266 -26.88 -12.56 -32.28
C GLY C 266 -28.09 -12.06 -31.53
N VAL C 267 -29.24 -12.69 -31.78
CA VAL C 267 -30.51 -12.32 -31.14
C VAL C 267 -30.87 -13.41 -30.16
N HIS C 268 -31.10 -13.03 -28.92
CA HIS C 268 -31.27 -13.97 -27.82
C HIS C 268 -32.73 -13.95 -27.35
N LEU C 269 -33.31 -15.13 -27.21
CA LEU C 269 -34.69 -15.29 -26.79
C LEU C 269 -34.72 -15.99 -25.44
N TYR C 270 -35.45 -15.42 -24.50
CA TYR C 270 -35.61 -15.98 -23.17
C TYR C 270 -37.09 -16.21 -22.89
N SER C 271 -37.39 -17.30 -22.19
CA SER C 271 -38.74 -17.64 -21.81
C SER C 271 -38.69 -18.42 -20.50
N SER C 272 -39.70 -18.20 -19.67
CA SER C 272 -39.78 -18.94 -18.41
C SER C 272 -40.05 -20.42 -18.66
N ARG C 273 -40.76 -20.76 -19.74
CA ARG C 273 -41.11 -22.15 -20.01
C ARG C 273 -39.87 -23.05 -20.11
N LYS C 274 -38.75 -22.50 -20.57
CA LYS C 274 -37.58 -23.33 -20.82
C LYS C 274 -37.04 -23.94 -19.53
N GLY C 275 -36.94 -23.15 -18.47
CA GLY C 275 -36.36 -23.66 -17.23
C GLY C 275 -37.24 -23.56 -16.00
N ASP C 276 -38.17 -22.59 -15.98
CA ASP C 276 -39.04 -22.35 -14.83
C ASP C 276 -40.48 -22.27 -15.33
N LEU C 277 -41.11 -23.43 -15.50
CA LEU C 277 -42.45 -23.46 -16.09
C LEU C 277 -43.50 -22.90 -15.13
N TYR C 278 -43.42 -23.27 -13.85
CA TYR C 278 -44.34 -22.78 -12.84
C TYR C 278 -43.79 -21.59 -12.07
N GLY C 279 -42.62 -21.08 -12.47
CA GLY C 279 -42.06 -19.88 -11.90
C GLY C 279 -42.08 -18.71 -12.88
N SER C 280 -41.17 -17.76 -12.70
CA SER C 280 -41.17 -16.58 -13.57
C SER C 280 -39.77 -16.14 -13.98
N ASN C 281 -38.79 -17.03 -13.96
CA ASN C 281 -37.44 -16.69 -14.39
C ASN C 281 -37.20 -17.14 -15.82
N MET C 282 -36.58 -16.27 -16.61
CA MET C 282 -36.41 -16.47 -18.04
C MET C 282 -35.04 -17.04 -18.35
N PHE C 283 -35.01 -18.15 -19.07
CA PHE C 283 -33.79 -18.83 -19.47
C PHE C 283 -33.63 -18.76 -20.98
N LEU C 284 -32.40 -18.53 -21.42
CA LEU C 284 -32.12 -18.49 -22.85
C LEU C 284 -32.47 -19.82 -23.50
N PHE C 285 -33.23 -19.76 -24.60
CA PHE C 285 -33.59 -20.97 -25.33
C PHE C 285 -33.28 -20.91 -26.82
N ALA C 286 -33.02 -19.74 -27.40
CA ALA C 286 -32.70 -19.64 -28.81
C ALA C 286 -31.75 -18.47 -29.04
N THR C 287 -30.79 -18.67 -29.93
CA THR C 287 -29.92 -17.60 -30.40
C THR C 287 -30.01 -17.55 -31.92
N LEU C 288 -30.29 -16.38 -32.45
CA LEU C 288 -30.50 -16.28 -33.88
C LEU C 288 -29.34 -15.54 -34.54
N PRO C 289 -28.95 -15.95 -35.75
CA PRO C 289 -27.89 -15.24 -36.48
C PRO C 289 -28.38 -13.95 -37.13
N VAL C 290 -28.80 -13.01 -36.30
CA VAL C 290 -29.23 -11.69 -36.73
C VAL C 290 -28.21 -10.70 -36.20
N TYR C 291 -27.23 -10.37 -37.04
CA TYR C 291 -26.12 -9.51 -36.64
C TYR C 291 -26.32 -8.06 -37.03
N ASP C 292 -27.32 -7.76 -37.85
CA ASP C 292 -27.74 -6.38 -38.04
C ASP C 292 -28.49 -5.90 -36.81
N GLY C 293 -28.36 -4.60 -36.53
CA GLY C 293 -29.11 -4.02 -35.43
C GLY C 293 -30.60 -4.02 -35.72
N ILE C 294 -31.39 -4.30 -34.68
CA ILE C 294 -32.83 -4.43 -34.87
C ILE C 294 -33.50 -3.07 -34.95
N LYS C 295 -33.33 -2.24 -33.93
CA LYS C 295 -33.65 -0.81 -33.96
C LYS C 295 -35.15 -0.49 -33.96
N TYR C 296 -36.00 -1.48 -34.22
CA TYR C 296 -37.44 -1.29 -34.35
C TYR C 296 -38.14 -2.62 -34.16
N TYR C 297 -39.34 -2.55 -33.58
CA TYR C 297 -40.20 -3.71 -33.49
C TYR C 297 -41.66 -3.24 -33.50
N THR C 298 -42.54 -4.15 -33.89
CA THR C 298 -43.95 -3.83 -34.04
C THR C 298 -44.78 -5.01 -33.56
N VAL C 299 -45.73 -4.74 -32.66
CA VAL C 299 -46.66 -5.78 -32.22
C VAL C 299 -47.65 -6.04 -33.33
N ILE C 300 -47.79 -7.30 -33.73
CA ILE C 300 -48.67 -7.69 -34.83
C ILE C 300 -50.03 -8.05 -34.24
N PRO C 301 -51.10 -7.36 -34.61
CA PRO C 301 -52.43 -7.66 -34.04
C PRO C 301 -52.90 -9.04 -34.44
N ARG C 302 -53.09 -9.91 -33.45
CA ARG C 302 -53.61 -11.25 -33.66
C ARG C 302 -55.12 -11.20 -33.57
N SER C 303 -55.80 -12.16 -34.20
CA SER C 303 -57.25 -12.14 -34.30
C SER C 303 -57.76 -13.57 -34.46
N ILE C 304 -58.45 -14.07 -33.43
CA ILE C 304 -59.09 -15.37 -33.51
C ILE C 304 -60.43 -15.22 -34.21
N ARG C 305 -60.65 -15.99 -35.27
CA ARG C 305 -61.87 -15.90 -36.07
C ARG C 305 -63.04 -16.56 -35.34
N SER C 306 -63.44 -15.91 -34.25
CA SER C 306 -64.52 -16.40 -33.39
C SER C 306 -65.59 -15.33 -33.29
N LYS C 307 -66.76 -15.60 -33.86
CA LYS C 307 -67.88 -14.68 -33.79
C LYS C 307 -68.57 -14.79 -32.43
N TYR C 308 -69.71 -14.12 -32.28
CA TYR C 308 -70.41 -14.14 -31.00
C TYR C 308 -71.03 -15.49 -30.69
N SER C 309 -71.16 -16.37 -31.68
CA SER C 309 -71.70 -17.71 -31.41
C SER C 309 -70.81 -18.46 -30.46
N GLU C 310 -69.57 -18.73 -30.86
CA GLU C 310 -68.55 -19.30 -29.98
C GLU C 310 -67.44 -18.27 -29.84
N ARG C 311 -67.62 -17.35 -28.89
CA ARG C 311 -66.66 -16.30 -28.60
C ARG C 311 -65.91 -16.64 -27.32
N GLN C 312 -64.62 -16.30 -27.28
CA GLN C 312 -63.78 -16.56 -26.13
C GLN C 312 -62.92 -15.35 -25.82
N ALA C 313 -62.71 -15.11 -24.53
CA ALA C 313 -61.90 -13.98 -24.07
C ALA C 313 -60.42 -14.28 -24.23
N TRP C 314 -59.63 -13.21 -24.35
CA TRP C 314 -58.18 -13.33 -24.53
C TRP C 314 -57.47 -12.35 -23.60
N ALA C 315 -56.24 -12.72 -23.21
CA ALA C 315 -55.49 -11.96 -22.23
C ALA C 315 -54.74 -10.82 -22.87
N ALA C 316 -54.65 -9.70 -22.14
CA ALA C 316 -53.76 -8.63 -22.51
C ALA C 316 -52.34 -8.94 -22.03
N PHE C 317 -51.37 -8.39 -22.75
CA PHE C 317 -49.96 -8.58 -22.39
C PHE C 317 -49.29 -7.22 -22.28
N TYR C 318 -48.19 -7.20 -21.52
CA TYR C 318 -47.47 -5.98 -21.21
C TYR C 318 -46.02 -6.13 -21.65
N ILE C 319 -45.44 -5.04 -22.17
CA ILE C 319 -44.09 -5.05 -22.72
C ILE C 319 -43.29 -4.01 -21.96
N TYR C 320 -42.27 -4.47 -21.22
CA TYR C 320 -41.41 -3.61 -20.44
C TYR C 320 -40.04 -3.54 -21.07
N SER C 321 -39.52 -2.32 -21.24
CA SER C 321 -38.21 -2.14 -21.83
C SER C 321 -37.10 -2.54 -20.86
N LEU C 322 -36.05 -3.14 -21.39
CA LEU C 322 -34.85 -3.43 -20.62
C LEU C 322 -33.92 -2.24 -20.63
N HIS C 323 -33.38 -1.91 -19.46
CA HIS C 323 -32.49 -0.78 -19.29
C HIS C 323 -31.14 -1.26 -18.76
N LYS C 324 -30.14 -0.38 -18.85
CA LYS C 324 -28.81 -0.69 -18.36
C LYS C 324 -28.76 -0.29 -16.88
N LEU C 325 -29.08 -1.26 -16.02
CA LEU C 325 -29.25 -1.01 -14.60
C LEU C 325 -28.51 -2.08 -13.81
N THR C 326 -28.07 -1.71 -12.61
CA THR C 326 -27.54 -2.67 -11.66
C THR C 326 -28.63 -3.07 -10.67
N TYR C 327 -28.77 -4.37 -10.45
CA TYR C 327 -29.70 -4.92 -9.46
C TYR C 327 -28.94 -5.60 -8.33
N LEU C 328 -29.73 -6.19 -7.43
CA LEU C 328 -29.25 -7.11 -6.40
C LEU C 328 -30.25 -8.26 -6.36
N LEU C 329 -29.77 -9.49 -6.48
CA LEU C 329 -30.63 -10.64 -6.65
C LEU C 329 -30.53 -11.57 -5.44
N ASP C 330 -31.53 -12.44 -5.32
CA ASP C 330 -31.64 -13.36 -4.20
C ASP C 330 -31.93 -14.76 -4.75
N PHE C 331 -30.93 -15.62 -4.71
CA PHE C 331 -31.05 -16.97 -5.24
C PHE C 331 -31.50 -17.93 -4.14
N SER C 332 -32.59 -18.65 -4.40
CA SER C 332 -33.06 -19.66 -3.46
C SER C 332 -32.09 -20.83 -3.41
N VAL C 333 -32.42 -21.82 -2.58
CA VAL C 333 -31.57 -23.01 -2.48
C VAL C 333 -31.60 -23.78 -3.80
N ASP C 334 -32.75 -23.81 -4.46
CA ASP C 334 -32.88 -24.48 -5.75
C ASP C 334 -32.50 -23.58 -6.92
N GLY C 335 -31.87 -22.43 -6.66
CA GLY C 335 -31.28 -21.62 -7.70
C GLY C 335 -32.17 -20.58 -8.32
N TYR C 336 -33.46 -20.52 -7.96
CA TYR C 336 -34.38 -19.61 -8.61
C TYR C 336 -34.44 -18.28 -7.88
N ILE C 337 -34.48 -17.20 -8.65
CA ILE C 337 -34.56 -15.85 -8.11
C ILE C 337 -36.01 -15.52 -7.79
N ARG C 338 -36.28 -15.08 -6.57
CA ARG C 338 -37.63 -14.76 -6.14
C ARG C 338 -37.80 -13.35 -5.59
N ARG C 339 -36.72 -12.61 -5.36
CA ARG C 339 -36.84 -11.21 -4.96
C ARG C 339 -35.56 -10.47 -5.36
N ALA C 340 -35.71 -9.19 -5.67
CA ALA C 340 -34.59 -8.38 -6.15
C ALA C 340 -34.77 -6.94 -5.67
N VAL C 341 -33.74 -6.13 -5.88
CA VAL C 341 -33.76 -4.72 -5.52
C VAL C 341 -33.23 -3.92 -6.71
N ASP C 342 -33.95 -2.87 -7.09
CA ASP C 342 -33.52 -1.96 -8.16
C ASP C 342 -32.80 -0.79 -7.51
N CYS C 343 -31.48 -0.73 -7.71
CA CYS C 343 -30.64 0.20 -6.94
C CYS C 343 -31.00 1.66 -7.18
N GLY C 344 -31.37 2.01 -8.41
CA GLY C 344 -31.67 3.39 -8.71
C GLY C 344 -33.06 3.84 -8.35
N HIS C 345 -33.92 2.93 -7.87
CA HIS C 345 -35.32 3.27 -7.65
C HIS C 345 -35.49 4.36 -6.60
N ASP C 346 -34.86 4.21 -5.44
CA ASP C 346 -35.04 5.18 -4.37
C ASP C 346 -33.85 5.13 -3.43
N ASP C 347 -33.97 5.80 -2.28
CA ASP C 347 -32.87 5.94 -1.33
C ASP C 347 -32.65 4.66 -0.53
N LEU C 348 -33.72 3.96 -0.16
CA LEU C 348 -33.54 2.69 0.56
C LEU C 348 -32.86 1.65 -0.32
N SER C 349 -33.14 1.67 -1.63
CA SER C 349 -32.41 0.80 -2.55
C SER C 349 -30.97 1.24 -2.67
N GLN C 350 -30.71 2.55 -2.64
CA GLN C 350 -29.34 3.03 -2.60
C GLN C 350 -28.61 2.55 -1.35
N LEU C 351 -29.33 2.42 -0.23
CA LEU C 351 -28.74 1.83 0.97
C LEU C 351 -28.46 0.35 0.77
N TYR C 352 -29.45 -0.41 0.30
CA TYR C 352 -29.25 -1.84 0.05
C TYR C 352 -28.18 -2.12 -1.00
N CYS C 353 -27.81 -1.12 -1.81
CA CYS C 353 -26.80 -1.32 -2.84
C CYS C 353 -25.45 -0.67 -2.54
N SER C 354 -25.40 0.28 -1.61
CA SER C 354 -24.13 0.67 -1.01
C SER C 354 -23.65 -0.37 -0.01
N TYR C 355 -24.47 -1.39 0.22
CA TYR C 355 -24.13 -2.61 0.93
C TYR C 355 -24.65 -3.76 0.08
N GLU C 356 -24.74 -4.96 0.63
CA GLU C 356 -24.91 -6.07 -0.32
C GLU C 356 -25.90 -7.13 0.19
N SER C 357 -26.93 -6.73 0.92
CA SER C 357 -27.89 -7.73 1.38
C SER C 357 -29.25 -7.10 1.62
N PHE C 358 -30.26 -7.97 1.69
CA PHE C 358 -31.62 -7.58 2.07
C PHE C 358 -31.73 -7.21 3.55
N ASP C 359 -30.70 -7.49 4.35
CA ASP C 359 -30.78 -7.34 5.80
C ASP C 359 -29.71 -6.35 6.25
N VAL C 360 -30.12 -5.11 6.46
CA VAL C 360 -29.27 -4.07 7.03
C VAL C 360 -29.93 -3.58 8.32
N GLY C 361 -29.13 -3.38 9.35
CA GLY C 361 -29.67 -2.94 10.62
C GLY C 361 -30.06 -1.48 10.62
N SER C 362 -30.81 -1.10 11.65
CA SER C 362 -31.21 0.29 11.80
C SER C 362 -29.98 1.18 11.97
N GLY C 363 -30.03 2.37 11.38
CA GLY C 363 -28.93 3.30 11.52
C GLY C 363 -29.07 4.44 10.53
N VAL C 364 -28.10 5.33 10.59
CA VAL C 364 -27.99 6.45 9.66
C VAL C 364 -26.74 6.21 8.82
N TYR C 365 -26.93 6.06 7.51
CA TYR C 365 -25.86 5.68 6.61
C TYR C 365 -25.66 6.74 5.54
N SER C 366 -24.42 6.89 5.10
CA SER C 366 -24.11 7.64 3.90
C SER C 366 -24.19 6.72 2.69
N VAL C 367 -24.92 7.22 1.71
CA VAL C 367 -25.20 6.45 0.48
C VAL C 367 -24.53 7.14 -0.71
N SER C 368 -24.40 6.41 -1.82
CA SER C 368 -23.80 6.96 -3.05
C SER C 368 -24.92 7.56 -3.89
N SER C 369 -24.69 7.71 -5.17
CA SER C 369 -25.68 8.40 -6.01
C SER C 369 -25.63 7.95 -7.46
N PHE C 370 -26.65 8.32 -8.22
CA PHE C 370 -26.63 8.10 -9.70
C PHE C 370 -26.49 9.53 -10.25
N GLU C 371 -25.49 9.82 -11.07
CA GLU C 371 -25.19 11.22 -11.50
C GLU C 371 -26.19 11.81 -12.50
N VAL C 372 -26.52 13.11 -12.39
CA VAL C 372 -27.35 13.78 -13.44
C VAL C 372 -26.69 15.13 -13.77
N HIS C 373 -26.49 15.47 -15.06
CA HIS C 373 -25.80 16.72 -15.47
C HIS C 373 -26.83 17.75 -15.94
N SER C 374 -26.48 19.03 -15.97
CA SER C 374 -27.35 20.10 -16.42
C SER C 374 -26.75 20.79 -17.65
N ARG C 375 -27.62 21.43 -18.43
CA ARG C 375 -27.27 21.83 -19.79
C ARG C 375 -26.69 23.24 -19.86
N GLY C 376 -26.11 23.56 -21.01
CA GLY C 376 -25.73 24.91 -21.37
C GLY C 376 -24.42 25.07 -22.12
N GLN C 377 -23.41 24.24 -21.80
CA GLN C 377 -22.18 24.10 -22.58
C GLN C 377 -21.57 25.41 -23.07
N PHE C 378 -21.09 26.25 -22.14
CA PHE C 378 -20.42 27.50 -22.50
C PHE C 378 -19.24 27.24 -23.43
N ILE C 379 -19.17 27.99 -24.53
CA ILE C 379 -18.12 27.82 -25.52
C ILE C 379 -17.71 29.20 -26.06
N GLU C 380 -16.40 29.44 -26.14
CA GLU C 380 -15.86 30.67 -26.72
C GLU C 380 -14.72 30.27 -27.65
N GLN C 381 -14.92 30.47 -28.95
CA GLN C 381 -13.93 30.11 -29.96
C GLN C 381 -13.55 31.33 -30.78
N PRO C 382 -12.26 31.59 -30.97
CA PRO C 382 -11.85 32.69 -31.86
C PRO C 382 -12.04 32.32 -33.32
N ASN C 383 -12.07 33.35 -34.16
CA ASN C 383 -12.14 33.15 -35.61
C ASN C 383 -10.71 33.04 -36.11
N SER C 384 -10.20 31.81 -36.15
CA SER C 384 -8.80 31.56 -36.44
C SER C 384 -8.58 31.36 -37.93
N VAL C 385 -7.42 31.83 -38.40
CA VAL C 385 -6.98 31.47 -39.74
C VAL C 385 -6.69 29.96 -39.76
N GLU C 386 -6.68 29.40 -40.96
CA GLU C 386 -6.40 27.98 -41.09
C GLU C 386 -4.90 27.74 -41.16
N CYS C 387 -4.48 26.60 -40.62
CA CYS C 387 -3.06 26.29 -40.54
C CYS C 387 -2.51 26.06 -41.95
N ASP C 388 -1.21 26.34 -42.10
CA ASP C 388 -0.57 26.48 -43.41
C ASP C 388 0.26 25.24 -43.71
N PHE C 389 -0.33 24.27 -44.43
CA PHE C 389 0.38 23.09 -44.90
C PHE C 389 0.86 23.23 -46.33
N THR C 390 1.13 24.45 -46.79
CA THR C 390 1.51 24.65 -48.19
C THR C 390 2.96 24.25 -48.44
N LYS C 391 3.85 24.50 -47.48
CA LYS C 391 5.25 24.13 -47.64
C LYS C 391 5.42 22.60 -47.67
N LEU C 392 4.59 21.88 -46.93
CA LEU C 392 4.60 20.43 -47.00
C LEU C 392 4.04 19.93 -48.33
N LEU C 393 2.90 20.47 -48.76
CA LEU C 393 2.16 19.95 -49.90
C LEU C 393 2.73 20.41 -51.24
N SER C 394 3.94 20.96 -51.28
CA SER C 394 4.51 21.45 -52.53
C SER C 394 6.02 21.35 -52.47
N GLY C 395 6.63 21.08 -53.61
CA GLY C 395 8.07 20.98 -53.69
C GLY C 395 8.59 19.61 -53.32
N THR C 396 9.90 19.52 -53.25
CA THR C 396 10.59 18.28 -52.95
C THR C 396 10.89 18.20 -51.46
N PRO C 397 10.46 17.13 -50.78
CA PRO C 397 10.78 16.99 -49.36
C PRO C 397 12.27 16.80 -49.16
N PRO C 398 12.81 17.22 -48.02
CA PRO C 398 14.24 17.03 -47.77
C PRO C 398 14.59 15.60 -47.39
N GLN C 399 15.86 15.38 -47.04
CA GLN C 399 16.30 14.09 -46.53
C GLN C 399 16.05 14.04 -45.02
N VAL C 400 16.52 12.99 -44.36
CA VAL C 400 16.16 12.79 -42.97
C VAL C 400 17.01 13.65 -42.04
N TYR C 401 18.30 13.80 -42.34
CA TYR C 401 19.18 14.64 -41.53
C TYR C 401 18.92 16.13 -41.73
N ASN C 402 18.13 16.50 -42.73
CA ASN C 402 17.84 17.90 -43.01
C ASN C 402 16.34 18.10 -43.00
N PHE C 403 15.67 17.59 -41.97
CA PHE C 403 14.22 17.60 -41.91
C PHE C 403 13.70 19.04 -41.81
N ASN C 404 12.47 19.23 -42.29
CA ASN C 404 11.79 20.50 -42.19
C ASN C 404 10.82 20.46 -41.02
N ARG C 405 10.88 21.47 -40.16
CA ARG C 405 10.05 21.54 -38.97
C ARG C 405 8.93 22.56 -39.17
N LEU C 406 7.70 22.14 -38.89
CA LEU C 406 6.56 23.02 -38.88
C LEU C 406 6.00 23.12 -37.46
N VAL C 407 5.69 24.33 -37.04
CA VAL C 407 5.05 24.58 -35.75
C VAL C 407 3.77 25.37 -36.00
N PHE C 408 2.65 24.85 -35.51
CA PHE C 408 1.34 25.46 -35.71
C PHE C 408 0.79 25.94 -34.38
N THR C 409 0.44 27.23 -34.32
CA THR C 409 -0.17 27.83 -33.15
C THR C 409 -1.26 28.78 -33.61
N ASN C 410 -2.38 28.80 -32.87
CA ASN C 410 -3.45 29.77 -33.09
C ASN C 410 -4.02 29.65 -34.51
N CYS C 411 -4.44 28.44 -34.85
CA CYS C 411 -5.03 28.20 -36.17
C CYS C 411 -5.89 26.95 -36.10
N ASN C 412 -6.68 26.74 -37.15
CA ASN C 412 -7.51 25.56 -37.29
C ASN C 412 -7.01 24.73 -38.46
N TYR C 413 -7.11 23.41 -38.31
CA TYR C 413 -6.59 22.51 -39.37
C TYR C 413 -7.73 21.67 -39.93
N ASN C 414 -7.56 21.11 -41.13
CA ASN C 414 -8.54 20.13 -41.68
C ASN C 414 -7.77 18.80 -41.84
N LEU C 415 -7.40 18.13 -40.73
CA LEU C 415 -6.54 16.93 -40.80
C LEU C 415 -7.02 15.96 -41.87
N THR C 416 -8.33 15.75 -42.03
CA THR C 416 -8.81 14.75 -42.96
C THR C 416 -8.42 15.10 -44.40
N LYS C 417 -8.55 16.37 -44.78
CA LYS C 417 -8.10 16.80 -46.10
C LYS C 417 -6.62 16.51 -46.29
N LEU C 418 -5.84 16.56 -45.21
CA LEU C 418 -4.43 16.18 -45.27
C LEU C 418 -4.23 14.68 -45.13
N LEU C 419 -5.05 14.02 -44.29
CA LEU C 419 -4.93 12.58 -44.11
C LEU C 419 -5.26 11.81 -45.38
N SER C 420 -6.22 12.29 -46.17
CA SER C 420 -6.62 11.61 -47.39
C SER C 420 -5.65 11.84 -48.55
N LEU C 421 -4.73 12.78 -48.42
CA LEU C 421 -3.73 13.00 -49.46
C LEU C 421 -2.58 12.02 -49.38
N PHE C 422 -2.34 11.44 -48.20
CA PHE C 422 -1.23 10.51 -48.00
C PHE C 422 -1.78 9.12 -47.72
N MET C 423 -0.92 8.14 -47.95
CA MET C 423 -1.23 6.72 -47.82
C MET C 423 -0.36 6.15 -46.70
N VAL C 424 -0.96 5.88 -45.55
CA VAL C 424 -0.20 5.54 -44.36
C VAL C 424 0.19 4.07 -44.40
N ASN C 425 1.36 3.76 -43.84
CA ASN C 425 1.88 2.40 -43.86
C ASN C 425 2.21 1.93 -42.45
N GLU C 426 2.59 2.87 -41.59
CA GLU C 426 2.94 2.56 -40.21
C GLU C 426 2.73 3.81 -39.37
N PHE C 427 2.26 3.63 -38.14
CA PHE C 427 2.28 4.68 -37.16
C PHE C 427 2.53 4.09 -35.78
N SER C 428 3.11 4.89 -34.90
CA SER C 428 3.38 4.46 -33.53
C SER C 428 3.35 5.69 -32.64
N CYS C 429 2.30 5.82 -31.84
CA CYS C 429 2.10 6.97 -30.97
C CYS C 429 2.56 6.64 -29.56
N ASP C 430 2.80 7.69 -28.77
CA ASP C 430 3.24 7.54 -27.39
C ASP C 430 2.60 8.66 -26.56
N GLY C 431 1.58 8.31 -25.79
CA GLY C 431 0.85 9.26 -24.98
C GLY C 431 -0.37 9.85 -25.63
N ILE C 432 -0.62 9.54 -26.90
CA ILE C 432 -1.78 10.02 -27.64
C ILE C 432 -2.11 8.97 -28.69
N SER C 433 -3.23 9.14 -29.37
CA SER C 433 -3.62 8.28 -30.47
C SER C 433 -3.95 9.15 -31.68
N PRO C 434 -3.88 8.58 -32.89
CA PRO C 434 -4.25 9.37 -34.08
C PRO C 434 -5.67 9.91 -34.04
N ASP C 435 -6.62 9.15 -33.49
CA ASP C 435 -7.99 9.65 -33.40
C ASP C 435 -8.08 10.84 -32.45
N ALA C 436 -7.37 10.76 -31.32
CA ALA C 436 -7.30 11.88 -30.39
C ALA C 436 -6.59 13.08 -31.01
N ILE C 437 -5.61 12.85 -31.88
CA ILE C 437 -4.99 13.95 -32.61
C ILE C 437 -5.99 14.58 -33.57
N ALA C 438 -6.84 13.75 -34.17
CA ALA C 438 -7.85 14.24 -35.10
C ALA C 438 -9.03 14.92 -34.42
N ARG C 439 -9.20 14.76 -33.11
CA ARG C 439 -10.38 15.29 -32.44
C ARG C 439 -10.08 16.26 -31.30
N GLY C 440 -8.85 16.75 -31.15
CA GLY C 440 -8.45 17.51 -29.98
C GLY C 440 -8.05 18.93 -30.29
N CYS C 441 -7.80 19.68 -29.20
CA CYS C 441 -7.34 21.06 -29.26
C CYS C 441 -6.02 21.19 -28.50
N TYR C 442 -5.13 22.03 -29.02
CA TYR C 442 -3.72 21.96 -28.68
C TYR C 442 -3.17 23.36 -28.44
N SER C 443 -2.22 23.47 -27.52
CA SER C 443 -1.45 24.70 -27.42
C SER C 443 -0.61 24.91 -28.68
N SER C 444 0.08 23.86 -29.13
CA SER C 444 0.86 23.92 -30.34
C SER C 444 0.89 22.54 -30.98
N LEU C 445 1.29 22.51 -32.25
CA LEU C 445 1.49 21.27 -33.00
C LEU C 445 2.81 21.39 -33.73
N THR C 446 3.71 20.44 -33.49
CA THR C 446 5.04 20.43 -34.10
C THR C 446 5.14 19.25 -35.05
N VAL C 447 5.61 19.49 -36.27
CA VAL C 447 5.72 18.46 -37.30
C VAL C 447 7.14 18.46 -37.85
N ASP C 448 7.79 17.31 -37.82
CA ASP C 448 9.03 17.06 -38.54
C ASP C 448 8.73 16.12 -39.70
N TYR C 449 8.98 16.57 -40.92
CA TYR C 449 8.74 15.77 -42.10
C TYR C 449 9.96 15.76 -42.99
N PHE C 450 10.09 14.69 -43.78
CA PHE C 450 11.25 14.47 -44.63
C PHE C 450 10.92 13.30 -45.56
N ALA C 451 11.86 13.00 -46.46
CA ALA C 451 11.77 11.83 -47.32
C ALA C 451 12.49 10.65 -46.67
N TYR C 452 11.82 9.50 -46.62
CA TYR C 452 12.35 8.31 -45.97
C TYR C 452 11.82 7.06 -46.67
N PRO C 453 12.66 6.06 -46.91
CA PRO C 453 12.16 4.81 -47.52
C PRO C 453 11.55 3.88 -46.49
N LEU C 454 10.48 3.20 -46.90
CA LEU C 454 9.77 2.28 -46.00
C LEU C 454 10.66 1.13 -45.53
N SER C 455 11.61 0.72 -46.38
CA SER C 455 12.48 -0.39 -46.01
C SER C 455 13.35 -0.08 -44.79
N MET C 456 13.52 1.20 -44.45
CA MET C 456 14.35 1.63 -43.33
C MET C 456 13.57 2.01 -42.09
N LYS C 457 12.28 1.69 -42.02
CA LYS C 457 11.48 2.26 -40.94
C LYS C 457 11.74 1.60 -39.59
N SER C 458 12.52 0.52 -39.54
CA SER C 458 12.93 -0.05 -38.26
C SER C 458 14.16 0.62 -37.69
N TYR C 459 14.86 1.44 -38.48
CA TYR C 459 15.98 2.21 -37.99
C TYR C 459 15.53 3.50 -37.31
N MET C 460 14.23 3.76 -37.29
CA MET C 460 13.66 4.90 -36.59
C MET C 460 12.95 4.51 -35.30
N GLN C 461 13.07 3.27 -34.88
CA GLN C 461 12.42 2.81 -33.66
C GLN C 461 13.17 3.27 -32.43
N PRO C 462 12.48 3.36 -31.28
CA PRO C 462 13.18 3.68 -30.03
C PRO C 462 14.12 2.54 -29.62
N GLY C 463 15.37 2.89 -29.36
CA GLY C 463 16.36 1.91 -28.98
C GLY C 463 17.18 1.34 -30.11
N SER C 464 16.89 1.71 -31.35
CA SER C 464 17.63 1.18 -32.49
C SER C 464 19.09 1.61 -32.44
N ALA C 465 19.96 0.80 -33.06
CA ALA C 465 21.40 0.93 -32.93
C ALA C 465 22.10 1.34 -34.22
N GLY C 466 21.36 1.75 -35.24
CA GLY C 466 21.94 2.09 -36.52
C GLY C 466 22.44 3.52 -36.59
N VAL C 467 22.71 3.96 -37.81
CA VAL C 467 23.26 5.29 -38.03
C VAL C 467 22.20 6.39 -38.10
N ILE C 468 20.93 6.02 -38.28
CA ILE C 468 19.89 7.03 -38.35
C ILE C 468 19.71 7.71 -37.00
N SER C 469 19.63 6.91 -35.93
CA SER C 469 19.49 7.48 -34.59
C SER C 469 20.76 8.12 -34.09
N GLN C 470 21.90 7.79 -34.70
CA GLN C 470 23.18 8.36 -34.28
C GLN C 470 23.48 9.69 -34.96
N TYR C 471 23.17 9.80 -36.25
CA TYR C 471 23.62 10.94 -37.04
C TYR C 471 22.53 11.64 -37.83
N ASN C 472 21.32 11.10 -37.89
CA ASN C 472 20.30 11.65 -38.78
C ASN C 472 19.11 12.21 -38.03
N TYR C 473 18.43 11.42 -37.22
CA TYR C 473 17.24 11.89 -36.50
C TYR C 473 16.97 10.94 -35.35
N LYS C 474 16.91 11.48 -34.14
CA LYS C 474 16.48 10.74 -32.96
C LYS C 474 15.21 11.40 -32.43
N GLN C 475 14.15 10.61 -32.29
CA GLN C 475 12.87 11.14 -31.84
C GLN C 475 12.90 11.46 -30.35
N SER C 476 12.31 12.59 -29.99
CA SER C 476 12.14 13.00 -28.61
C SER C 476 10.81 12.49 -28.06
N PHE C 477 10.80 12.23 -26.76
CA PHE C 477 9.60 11.74 -26.08
C PHE C 477 9.25 12.61 -24.89
N ALA C 478 9.64 13.89 -24.92
CA ALA C 478 9.28 14.82 -23.86
C ALA C 478 7.81 15.24 -23.95
N ASN C 479 7.23 15.17 -25.14
CA ASN C 479 5.83 15.52 -25.35
C ASN C 479 5.08 14.34 -25.93
N PRO C 480 3.75 14.33 -25.91
CA PRO C 480 3.01 13.28 -26.64
C PRO C 480 3.31 13.38 -28.12
N THR C 481 3.76 12.27 -28.69
CA THR C 481 4.32 12.27 -30.04
C THR C 481 3.86 11.03 -30.79
N CYS C 482 4.01 11.08 -32.12
CA CYS C 482 3.64 9.94 -32.95
C CYS C 482 4.52 9.88 -34.20
N ARG C 483 4.98 8.68 -34.53
CA ARG C 483 5.67 8.40 -35.77
C ARG C 483 4.67 8.03 -36.85
N ILE C 484 4.87 8.52 -38.06
CA ILE C 484 4.08 8.11 -39.22
C ILE C 484 5.00 7.92 -40.42
N PHE C 485 4.75 6.84 -41.17
CA PHE C 485 5.42 6.57 -42.43
C PHE C 485 4.36 6.42 -43.50
N ALA C 486 4.42 7.26 -44.53
CA ALA C 486 3.36 7.31 -45.52
C ALA C 486 3.94 7.45 -46.91
N THR C 487 3.12 7.11 -47.90
CA THR C 487 3.45 7.24 -49.31
C THR C 487 2.58 8.32 -49.92
N ALA C 488 3.20 9.23 -50.68
CA ALA C 488 2.48 10.31 -51.33
C ALA C 488 2.03 9.91 -52.72
N PRO C 489 0.73 9.95 -53.04
CA PRO C 489 0.31 9.75 -54.44
C PRO C 489 1.02 10.71 -55.38
N ALA C 490 1.40 10.20 -56.55
CA ALA C 490 2.28 10.93 -57.45
C ALA C 490 1.56 12.04 -58.20
N ASN C 491 0.24 11.98 -58.32
CA ASN C 491 -0.50 12.93 -59.15
C ASN C 491 -0.49 14.35 -58.59
N LEU C 492 -0.06 14.55 -57.34
CA LEU C 492 -0.20 15.82 -56.67
C LEU C 492 1.00 16.72 -56.93
N THR C 493 1.09 17.82 -56.18
CA THR C 493 2.12 18.82 -56.35
C THR C 493 3.47 18.38 -55.78
N ILE C 494 3.50 17.37 -54.93
CA ILE C 494 4.74 16.93 -54.30
C ILE C 494 5.58 16.18 -55.32
N THR C 495 6.84 16.56 -55.45
CA THR C 495 7.76 15.93 -56.37
C THR C 495 8.71 15.00 -55.61
N LYS C 496 9.61 14.36 -56.35
CA LYS C 496 10.50 13.36 -55.78
C LYS C 496 11.94 13.84 -55.81
N PRO C 497 12.75 13.49 -54.80
CA PRO C 497 14.19 13.76 -54.86
C PRO C 497 14.88 12.82 -55.83
N SER C 498 16.18 13.04 -56.05
CA SER C 498 16.95 12.12 -56.89
C SER C 498 17.04 10.74 -56.25
N SER C 499 17.21 10.68 -54.93
CA SER C 499 17.37 9.43 -54.22
C SER C 499 17.18 9.70 -52.73
N TYR C 500 17.32 8.65 -51.93
CA TYR C 500 17.29 8.76 -50.48
C TYR C 500 18.72 8.77 -49.96
N SER C 501 19.02 9.72 -49.07
CA SER C 501 20.37 9.90 -48.57
C SER C 501 20.37 10.01 -47.05
N PHE C 502 21.44 9.54 -46.42
CA PHE C 502 21.60 9.71 -44.99
C PHE C 502 23.08 9.70 -44.63
N ILE C 503 23.38 10.19 -43.44
CA ILE C 503 24.74 10.24 -42.93
C ILE C 503 25.06 8.91 -42.24
N SER C 504 26.16 8.27 -42.67
CA SER C 504 26.56 6.99 -42.13
C SER C 504 27.74 7.10 -41.16
N LYS C 505 28.36 8.26 -41.05
CA LYS C 505 29.44 8.47 -40.10
C LYS C 505 29.58 9.96 -39.86
N CYS C 506 29.85 10.34 -38.61
CA CYS C 506 30.15 11.72 -38.26
C CYS C 506 31.15 11.65 -37.10
N SER C 507 32.35 12.19 -37.31
CA SER C 507 33.42 11.95 -36.37
C SER C 507 34.41 13.10 -36.34
N ARG C 508 35.10 13.24 -35.22
CA ARG C 508 36.16 14.21 -35.03
C ARG C 508 37.49 13.49 -34.92
N LEU C 509 38.49 13.96 -35.65
CA LEU C 509 39.83 13.37 -35.63
C LEU C 509 40.76 14.29 -34.84
N THR C 510 41.20 13.83 -33.68
CA THR C 510 42.09 14.60 -32.82
C THR C 510 43.39 13.82 -32.61
N GLY C 511 44.30 14.42 -31.85
CA GLY C 511 45.61 13.85 -31.61
C GLY C 511 46.70 14.62 -32.33
N ASP C 512 47.92 14.11 -32.18
CA ASP C 512 49.07 14.76 -32.82
C ASP C 512 48.95 14.70 -34.35
N ASN C 513 48.57 13.55 -34.88
CA ASN C 513 48.41 13.37 -36.33
C ASN C 513 46.99 12.99 -36.70
N SER C 514 46.00 13.43 -35.90
CA SER C 514 44.60 13.06 -36.09
C SER C 514 44.45 11.54 -36.19
N HIS C 515 45.07 10.85 -35.23
CA HIS C 515 45.16 9.39 -35.26
C HIS C 515 44.05 8.70 -34.48
N ILE C 516 43.23 9.43 -33.73
CA ILE C 516 42.13 8.85 -32.97
C ILE C 516 40.82 9.33 -33.58
N GLU C 517 39.78 8.51 -33.45
CA GLU C 517 38.51 8.72 -34.11
C GLU C 517 37.39 8.55 -33.08
N THR C 518 36.67 9.64 -32.81
CA THR C 518 35.53 9.59 -31.90
C THR C 518 34.27 10.02 -32.63
N PRO C 519 33.14 9.34 -32.39
CA PRO C 519 31.89 9.73 -33.04
C PRO C 519 31.26 10.95 -32.42
N ILE C 520 30.58 11.73 -33.26
CA ILE C 520 29.75 12.85 -32.82
C ILE C 520 28.30 12.47 -33.08
N VAL C 521 27.51 12.38 -32.02
CA VAL C 521 26.13 11.92 -32.12
C VAL C 521 25.20 13.08 -31.80
N ILE C 522 23.96 12.94 -32.28
CA ILE C 522 22.96 13.98 -32.12
C ILE C 522 22.19 13.75 -30.82
N ASN C 523 21.49 14.77 -30.39
CA ASN C 523 20.50 14.67 -29.33
C ASN C 523 19.11 14.49 -29.94
N PRO C 524 18.12 14.09 -29.15
CA PRO C 524 16.78 13.90 -29.71
C PRO C 524 16.19 15.20 -30.22
N GLY C 525 15.68 15.15 -31.45
CA GLY C 525 15.02 16.29 -32.07
C GLY C 525 15.92 17.34 -32.66
N GLU C 526 17.22 17.06 -32.79
CA GLU C 526 18.20 18.05 -33.20
C GLU C 526 18.89 17.63 -34.48
N TYR C 527 19.61 18.57 -35.08
CA TYR C 527 20.33 18.34 -36.31
C TYR C 527 21.77 17.91 -36.03
N SER C 528 22.38 17.27 -37.02
CA SER C 528 23.77 16.85 -36.95
C SER C 528 24.66 17.94 -37.51
N ILE C 529 25.85 18.08 -36.90
CA ILE C 529 26.83 19.03 -37.42
C ILE C 529 27.23 18.66 -38.83
N CYS C 530 27.12 17.37 -39.19
CA CYS C 530 27.56 16.88 -40.47
C CYS C 530 26.59 17.19 -41.61
N LYS C 531 25.42 17.76 -41.31
CA LYS C 531 24.45 18.05 -42.37
C LYS C 531 24.92 19.13 -43.32
N ASN C 532 25.84 20.00 -42.88
CA ASN C 532 26.28 21.11 -43.72
C ASN C 532 27.06 20.63 -44.94
N PHE C 533 27.64 19.45 -44.88
CA PHE C 533 28.23 18.80 -46.05
C PHE C 533 27.12 18.03 -46.77
N ALA C 534 26.81 18.46 -47.99
CA ALA C 534 25.69 17.94 -48.79
C ALA C 534 24.36 18.16 -48.09
N PRO C 535 23.90 19.41 -47.95
CA PRO C 535 22.61 19.66 -47.29
C PRO C 535 21.40 19.30 -48.13
N ASN C 536 21.58 18.94 -49.40
CA ASN C 536 20.47 18.56 -50.28
C ASN C 536 20.50 17.08 -50.63
N GLY C 537 21.25 16.28 -49.88
CA GLY C 537 21.40 14.88 -50.20
C GLY C 537 22.73 14.59 -50.85
N PHE C 538 23.34 13.47 -50.50
CA PHE C 538 24.62 13.11 -51.08
C PHE C 538 24.44 12.63 -52.51
N SER C 539 25.45 12.86 -53.34
CA SER C 539 25.36 12.51 -54.75
C SER C 539 25.74 11.05 -55.01
N GLN C 540 26.76 10.55 -54.33
CA GLN C 540 27.23 9.18 -54.52
C GLN C 540 27.26 8.48 -53.17
N ASP C 541 26.97 7.17 -53.20
CA ASP C 541 27.15 6.35 -52.03
C ASP C 541 28.63 6.17 -51.76
N GLY C 542 29.04 6.40 -50.51
CA GLY C 542 30.45 6.37 -50.17
C GLY C 542 31.15 7.69 -50.25
N ASP C 543 30.43 8.82 -50.23
CA ASP C 543 31.05 10.12 -50.43
C ASP C 543 31.84 10.55 -49.21
N TYR C 544 33.01 9.95 -49.01
CA TYR C 544 33.93 10.41 -47.97
C TYR C 544 34.42 11.80 -48.35
N PHE C 545 34.01 12.80 -47.58
CA PHE C 545 34.26 14.18 -47.97
C PHE C 545 35.72 14.53 -47.80
N THR C 546 36.48 14.42 -48.89
CA THR C 546 37.76 15.12 -49.00
C THR C 546 37.57 16.60 -48.76
N ARG C 547 36.38 17.13 -49.08
CA ARG C 547 36.00 18.48 -48.71
C ARG C 547 35.54 18.50 -47.27
N GLN C 548 36.36 17.94 -46.37
CA GLN C 548 36.03 17.92 -44.96
C GLN C 548 36.26 19.30 -44.35
N LEU C 549 35.97 19.42 -43.06
CA LEU C 549 35.84 20.74 -42.45
C LEU C 549 37.11 21.11 -41.70
N SER C 550 37.17 22.37 -41.28
CA SER C 550 38.39 22.99 -40.80
C SER C 550 38.87 22.35 -39.50
N GLN C 551 40.15 22.60 -39.19
CA GLN C 551 40.74 22.18 -37.93
C GLN C 551 40.22 22.95 -36.73
N LEU C 552 39.41 24.00 -36.95
CA LEU C 552 38.69 24.62 -35.83
C LEU C 552 37.71 23.62 -35.21
N GLU C 553 37.00 22.87 -36.05
CA GLU C 553 36.20 21.75 -35.58
C GLU C 553 37.05 20.55 -35.20
N GLY C 554 38.37 20.66 -35.28
CA GLY C 554 39.24 19.53 -35.02
C GLY C 554 39.19 18.46 -36.10
N GLY C 555 38.96 18.85 -37.35
CA GLY C 555 38.86 17.88 -38.42
C GLY C 555 37.54 17.13 -38.40
N GLY C 556 36.45 17.83 -38.66
CA GLY C 556 35.14 17.17 -38.76
C GLY C 556 35.09 16.28 -39.98
N ILE C 557 34.77 15.01 -39.79
CA ILE C 557 34.74 14.02 -40.86
C ILE C 557 33.38 13.35 -40.89
N LEU C 558 32.78 13.25 -42.07
CA LEU C 558 31.66 12.36 -42.29
C LEU C 558 31.89 11.55 -43.56
N VAL C 559 31.00 10.59 -43.79
CA VAL C 559 31.03 9.80 -45.02
C VAL C 559 29.59 9.52 -45.42
N GLY C 560 29.42 9.12 -46.66
CA GLY C 560 28.18 8.54 -47.13
C GLY C 560 28.34 7.07 -47.52
N VAL C 561 29.09 6.29 -46.75
CA VAL C 561 29.27 4.87 -47.08
C VAL C 561 27.92 4.18 -47.17
N GLY C 562 27.10 4.33 -46.14
CA GLY C 562 25.67 4.16 -46.34
C GLY C 562 25.07 5.54 -46.53
N SER C 563 24.92 5.98 -47.77
CA SER C 563 24.21 7.23 -48.05
C SER C 563 23.03 7.02 -48.98
N VAL C 564 23.26 6.52 -50.18
CA VAL C 564 22.32 6.68 -51.27
C VAL C 564 21.58 5.37 -51.49
N THR C 565 20.25 5.45 -51.46
CA THR C 565 19.33 4.39 -51.82
C THR C 565 18.57 4.83 -53.06
N PRO C 566 18.42 3.97 -54.06
CA PRO C 566 17.67 4.36 -55.26
C PRO C 566 16.24 4.76 -54.92
N MET C 567 15.75 5.80 -55.59
CA MET C 567 14.38 6.26 -55.37
C MET C 567 13.39 5.20 -55.79
N THR C 568 12.33 5.04 -55.00
CA THR C 568 11.28 4.09 -55.32
C THR C 568 10.32 4.67 -56.35
N ASP C 569 9.40 3.82 -56.82
CA ASP C 569 8.42 4.28 -57.81
C ASP C 569 7.54 5.37 -57.24
N THR C 570 7.09 5.21 -56.00
CA THR C 570 6.32 6.23 -55.30
C THR C 570 7.17 6.84 -54.20
N LEU C 571 6.99 8.13 -53.98
CA LEU C 571 7.75 8.82 -52.94
C LEU C 571 7.22 8.44 -51.56
N GLN C 572 8.14 8.11 -50.66
CA GLN C 572 7.81 7.73 -49.30
C GLN C 572 8.41 8.75 -48.34
N MET C 573 7.72 8.98 -47.22
CA MET C 573 8.07 10.09 -46.34
C MET C 573 7.91 9.68 -44.88
N GLY C 574 8.61 10.40 -44.02
CA GLY C 574 8.51 10.22 -42.58
C GLY C 574 7.93 11.47 -41.93
N PHE C 575 7.13 11.27 -40.89
CA PHE C 575 6.44 12.34 -40.19
C PHE C 575 6.57 12.11 -38.69
N ILE C 576 7.09 13.11 -37.97
CA ILE C 576 7.24 13.05 -36.53
C ILE C 576 6.35 14.14 -35.95
N ILE C 577 5.24 13.75 -35.35
CA ILE C 577 4.24 14.68 -34.84
C ILE C 577 4.41 14.81 -33.34
N SER C 578 4.06 15.98 -32.81
CA SER C 578 4.12 16.22 -31.38
C SER C 578 3.17 17.35 -31.03
N VAL C 579 2.44 17.21 -29.93
CA VAL C 579 1.47 18.19 -29.49
C VAL C 579 1.83 18.63 -28.07
N GLN C 580 1.38 19.83 -27.72
CA GLN C 580 1.62 20.42 -26.40
C GLN C 580 0.30 20.85 -25.81
N TYR C 581 0.12 20.61 -24.51
CA TYR C 581 -1.07 21.01 -23.77
C TYR C 581 -0.70 22.03 -22.70
N GLY C 582 -1.49 23.09 -22.59
CA GLY C 582 -1.38 24.02 -21.49
C GLY C 582 -0.24 25.00 -21.55
N THR C 583 0.66 24.88 -22.54
CA THR C 583 1.77 25.81 -22.69
C THR C 583 1.31 27.16 -23.22
N ASP C 584 0.05 27.25 -23.61
CA ASP C 584 -0.52 28.43 -24.25
C ASP C 584 -2.04 28.32 -24.11
N THR C 585 -2.77 29.15 -24.82
CA THR C 585 -4.18 28.88 -25.04
C THR C 585 -4.29 27.72 -26.03
N ASN C 586 -5.17 26.76 -25.73
CA ASN C 586 -5.23 25.54 -26.53
C ASN C 586 -5.85 25.85 -27.89
N SER C 587 -5.11 26.58 -28.73
CA SER C 587 -5.67 27.31 -29.85
C SER C 587 -5.44 26.62 -31.19
N VAL C 588 -5.11 25.34 -31.19
CA VAL C 588 -4.99 24.56 -32.42
C VAL C 588 -6.13 23.56 -32.40
N CYS C 589 -7.22 23.85 -33.12
CA CYS C 589 -8.45 23.09 -33.02
C CYS C 589 -8.90 22.65 -34.39
N PRO C 590 -9.67 21.56 -34.48
CA PRO C 590 -10.18 21.11 -35.78
C PRO C 590 -11.28 22.02 -36.30
N MET C 591 -11.52 21.91 -37.61
CA MET C 591 -12.63 22.61 -38.24
C MET C 591 -13.95 22.05 -37.75
N MET C 592 -14.72 22.86 -37.01
CA MET C 592 -16.06 22.48 -36.59
C MET C 592 -16.93 23.72 -36.50
N ASP C 593 -18.24 23.51 -36.61
CA ASP C 593 -19.25 24.52 -36.32
C ASP C 593 -20.07 24.02 -35.14
N LEU C 594 -20.22 24.86 -34.11
CA LEU C 594 -20.70 24.39 -32.81
C LEU C 594 -21.98 25.10 -32.36
N GLY C 595 -22.72 25.69 -33.30
CA GLY C 595 -24.04 26.19 -32.99
C GLY C 595 -24.11 27.54 -32.29
N ASN C 596 -25.03 27.66 -31.32
CA ASN C 596 -25.37 28.94 -30.73
C ASN C 596 -25.02 29.08 -29.25
N SER C 597 -24.81 27.99 -28.53
CA SER C 597 -24.56 28.07 -27.09
C SER C 597 -23.16 28.62 -26.84
N THR C 598 -23.03 29.95 -26.80
CA THR C 598 -21.72 30.59 -26.75
C THR C 598 -21.58 31.66 -25.68
N THR C 599 -22.52 31.78 -24.75
CA THR C 599 -22.39 32.77 -23.68
C THR C 599 -22.87 32.18 -22.37
N ILE C 600 -22.43 32.80 -21.27
CA ILE C 600 -22.69 32.35 -19.91
C ILE C 600 -23.46 33.39 -19.10
N THR C 601 -24.00 34.41 -19.77
CA THR C 601 -24.59 35.53 -19.04
C THR C 601 -25.73 35.09 -18.14
N ASP C 602 -26.66 34.29 -18.67
CA ASP C 602 -27.86 33.91 -17.92
C ASP C 602 -27.90 32.42 -17.64
N LYS C 603 -26.73 31.79 -17.49
CA LYS C 603 -26.61 30.41 -17.07
C LYS C 603 -25.61 30.27 -15.93
N LEU C 604 -25.53 31.29 -15.08
CA LEU C 604 -24.57 31.30 -13.99
C LEU C 604 -25.06 30.41 -12.85
N GLY C 605 -24.19 29.53 -12.37
CA GLY C 605 -24.46 28.67 -11.25
C GLY C 605 -24.76 27.22 -11.61
N VAL C 606 -25.03 26.93 -12.87
CA VAL C 606 -25.38 25.58 -13.29
C VAL C 606 -24.14 24.87 -13.82
N CYS C 607 -24.07 23.56 -13.55
CA CYS C 607 -23.00 22.73 -14.10
C CYS C 607 -23.09 22.71 -15.62
N VAL C 608 -22.04 23.17 -16.28
CA VAL C 608 -21.95 23.16 -17.73
C VAL C 608 -20.60 22.62 -18.16
N GLU C 609 -20.55 22.07 -19.36
CA GLU C 609 -19.30 21.73 -20.03
C GLU C 609 -18.78 22.97 -20.75
N TYR C 610 -17.47 22.98 -21.02
CA TYR C 610 -16.89 24.14 -21.66
C TYR C 610 -15.77 23.72 -22.61
N ASN C 611 -15.67 24.47 -23.71
CA ASN C 611 -14.55 24.41 -24.65
C ASN C 611 -14.18 25.86 -24.92
N LEU C 612 -13.23 26.37 -24.13
CA LEU C 612 -12.89 27.78 -24.11
C LEU C 612 -11.47 27.93 -24.67
N TYR C 613 -11.37 28.38 -25.92
CA TYR C 613 -10.10 28.42 -26.64
C TYR C 613 -9.35 27.10 -26.54
N GLY C 614 -10.09 25.99 -26.56
CA GLY C 614 -9.53 24.66 -26.63
C GLY C 614 -9.45 23.92 -25.32
N VAL C 615 -9.49 24.63 -24.19
CA VAL C 615 -9.49 23.95 -22.89
C VAL C 615 -10.87 23.32 -22.69
N SER C 616 -10.87 22.04 -22.36
CA SER C 616 -12.10 21.24 -22.35
C SER C 616 -12.35 20.70 -20.95
N GLY C 617 -13.55 20.95 -20.44
CA GLY C 617 -13.91 20.43 -19.14
C GLY C 617 -15.36 20.75 -18.81
N ARG C 618 -15.72 20.50 -17.56
CA ARG C 618 -17.03 20.82 -17.05
C ARG C 618 -16.89 21.48 -15.68
N GLY C 619 -17.86 22.31 -15.34
CA GLY C 619 -17.79 23.05 -14.09
C GLY C 619 -18.81 24.16 -14.03
N VAL C 620 -18.75 24.89 -12.92
CA VAL C 620 -19.72 25.94 -12.59
C VAL C 620 -19.05 27.29 -12.71
N PHE C 621 -19.73 28.24 -13.35
CA PHE C 621 -19.21 29.57 -13.62
C PHE C 621 -19.95 30.59 -12.77
N ILE C 622 -19.19 31.42 -12.05
CA ILE C 622 -19.74 32.41 -11.13
C ILE C 622 -18.99 33.71 -11.33
N ASN C 623 -19.73 34.81 -11.47
CA ASN C 623 -19.11 36.12 -11.66
C ASN C 623 -18.33 36.51 -10.42
N CYS C 624 -17.07 36.91 -10.62
CA CYS C 624 -16.15 37.16 -9.52
C CYS C 624 -15.36 38.43 -9.78
N THR C 625 -14.62 38.86 -8.76
CA THR C 625 -13.68 39.96 -8.93
C THR C 625 -12.44 39.45 -9.67
N ALA C 626 -11.94 40.27 -10.60
CA ALA C 626 -10.83 39.87 -11.45
C ALA C 626 -9.54 39.73 -10.64
N VAL C 627 -8.97 38.53 -10.65
CA VAL C 627 -7.67 38.28 -10.01
C VAL C 627 -6.71 37.78 -11.09
N GLY C 628 -5.45 37.59 -10.72
CA GLY C 628 -4.49 37.09 -11.68
C GLY C 628 -4.16 38.11 -12.77
N VAL C 629 -3.57 37.60 -13.84
CA VAL C 629 -3.23 38.42 -14.99
C VAL C 629 -4.29 38.19 -16.06
N LYS C 630 -4.93 39.29 -16.49
CA LYS C 630 -5.97 39.21 -17.51
C LYS C 630 -5.41 38.76 -18.86
N GLN C 631 -4.14 39.10 -19.12
CA GLN C 631 -3.52 38.75 -20.40
C GLN C 631 -3.44 37.23 -20.59
N GLN C 632 -3.18 36.50 -19.52
CA GLN C 632 -2.98 35.05 -19.61
C GLN C 632 -4.27 34.27 -19.80
N ARG C 633 -5.43 34.89 -19.56
CA ARG C 633 -6.75 34.39 -19.92
C ARG C 633 -7.21 33.22 -19.06
N PHE C 634 -6.31 32.64 -18.26
CA PHE C 634 -6.68 31.54 -17.38
C PHE C 634 -6.00 31.71 -16.04
N VAL C 635 -6.72 31.34 -14.98
CA VAL C 635 -6.17 31.28 -13.64
C VAL C 635 -6.27 29.83 -13.18
N TYR C 636 -5.14 29.26 -12.79
CA TYR C 636 -5.07 27.90 -12.27
C TYR C 636 -4.75 27.94 -10.78
N ASP C 637 -4.57 26.76 -10.22
CA ASP C 637 -4.14 26.61 -8.83
C ASP C 637 -2.80 25.88 -8.81
N GLY C 638 -2.34 25.53 -7.61
CA GLY C 638 -1.06 24.86 -7.47
C GLY C 638 -1.01 23.48 -8.07
N PHE C 639 -2.18 22.86 -8.31
CA PHE C 639 -2.27 21.54 -8.90
C PHE C 639 -2.63 21.58 -10.38
N ASP C 640 -2.60 22.76 -11.01
CA ASP C 640 -2.93 22.94 -12.42
C ASP C 640 -4.37 22.54 -12.74
N ASN C 641 -5.30 23.02 -11.92
CA ASN C 641 -6.73 22.92 -12.21
C ASN C 641 -7.28 24.31 -12.49
N LEU C 642 -8.14 24.42 -13.49
CA LEU C 642 -8.69 25.71 -13.85
C LEU C 642 -9.70 26.17 -12.81
N ILE C 643 -9.48 27.37 -12.27
CA ILE C 643 -10.35 27.91 -11.24
C ILE C 643 -10.74 29.34 -11.60
N GLY C 644 -10.43 29.76 -12.81
CA GLY C 644 -10.72 31.12 -13.25
C GLY C 644 -10.76 31.19 -14.76
N TYR C 645 -11.33 32.29 -15.25
CA TYR C 645 -11.40 32.52 -16.69
C TYR C 645 -11.78 33.96 -17.01
N TYR C 646 -11.01 34.61 -17.87
CA TYR C 646 -11.29 35.97 -18.32
C TYR C 646 -12.06 35.88 -19.64
N SER C 647 -13.33 36.25 -19.61
CA SER C 647 -14.22 35.98 -20.73
C SER C 647 -14.11 37.08 -21.79
N ASP C 648 -14.69 36.78 -22.96
CA ASP C 648 -14.72 37.76 -24.04
C ASP C 648 -15.71 38.88 -23.74
N ASP C 649 -16.76 38.60 -22.97
CA ASP C 649 -17.73 39.63 -22.62
C ASP C 649 -17.14 40.70 -21.73
N GLY C 650 -15.99 40.45 -21.11
CA GLY C 650 -15.37 41.40 -20.22
C GLY C 650 -15.47 41.06 -18.75
N ASN C 651 -15.96 39.87 -18.40
CA ASN C 651 -16.15 39.47 -17.02
C ASN C 651 -15.21 38.33 -16.67
N TYR C 652 -14.87 38.25 -15.37
CA TYR C 652 -14.05 37.18 -14.84
C TYR C 652 -14.91 36.25 -14.00
N TYR C 653 -14.82 34.95 -14.28
CA TYR C 653 -15.62 33.94 -13.59
C TYR C 653 -14.73 32.94 -12.87
N CYS C 654 -15.11 32.58 -11.66
CA CYS C 654 -14.41 31.51 -10.91
C CYS C 654 -15.07 30.21 -11.36
N VAL C 655 -14.31 29.20 -11.77
CA VAL C 655 -14.88 27.93 -12.30
C VAL C 655 -14.70 26.84 -11.25
N ARG C 656 -15.79 26.28 -10.76
CA ARG C 656 -15.75 25.22 -9.74
C ARG C 656 -16.07 23.87 -10.41
N PRO C 657 -15.96 22.70 -9.75
CA PRO C 657 -16.42 21.40 -10.34
C PRO C 657 -17.90 21.06 -10.08
N CYS C 658 -18.39 19.82 -10.38
CA CYS C 658 -19.84 19.53 -10.25
C CYS C 658 -20.30 18.05 -10.25
N VAL C 659 -21.63 17.80 -10.20
CA VAL C 659 -22.32 16.46 -10.26
C VAL C 659 -22.52 15.66 -8.95
N SER C 660 -22.39 16.26 -7.73
CA SER C 660 -22.70 15.51 -6.48
C SER C 660 -23.10 16.34 -5.24
N VAL C 661 -24.32 16.18 -4.71
CA VAL C 661 -24.75 16.82 -3.42
C VAL C 661 -24.78 15.74 -2.31
N PRO C 662 -24.38 15.99 -1.04
CA PRO C 662 -24.32 14.92 -0.02
C PRO C 662 -25.68 14.32 0.38
N LEU C 663 -25.76 12.99 0.57
CA LEU C 663 -27.05 12.32 0.85
C LEU C 663 -26.90 11.24 1.93
N SER C 664 -27.83 11.18 2.89
CA SER C 664 -27.82 10.13 3.89
C SER C 664 -29.21 9.54 4.03
N VAL C 665 -29.28 8.30 4.49
CA VAL C 665 -30.54 7.59 4.68
C VAL C 665 -30.65 7.17 6.14
N VAL C 666 -31.67 7.68 6.82
CA VAL C 666 -32.06 7.17 8.14
C VAL C 666 -32.95 5.95 7.94
N TYR C 667 -32.60 4.85 8.59
CA TYR C 667 -33.32 3.60 8.38
C TYR C 667 -33.74 2.99 9.71
N ASP C 668 -35.03 2.69 9.84
CA ASP C 668 -35.57 1.96 10.98
C ASP C 668 -36.02 0.59 10.50
N LYS C 669 -35.35 -0.47 10.97
CA LYS C 669 -35.59 -1.80 10.44
C LYS C 669 -36.88 -2.43 10.97
N THR C 670 -37.27 -2.13 12.21
CA THR C 670 -38.43 -2.78 12.79
C THR C 670 -39.72 -2.35 12.09
N THR C 671 -39.90 -1.05 11.90
CA THR C 671 -41.08 -0.52 11.22
C THR C 671 -40.89 -0.36 9.73
N ASN C 672 -39.70 -0.67 9.21
CA ASN C 672 -39.41 -0.60 7.78
C ASN C 672 -39.65 0.81 7.24
N SER C 673 -39.28 1.81 8.04
CA SER C 673 -39.45 3.21 7.68
C SER C 673 -38.08 3.85 7.45
N HIS C 674 -38.04 4.88 6.61
CA HIS C 674 -36.79 5.52 6.27
C HIS C 674 -37.02 6.98 5.89
N ALA C 675 -35.93 7.74 5.92
CA ALA C 675 -35.95 9.15 5.56
C ALA C 675 -34.58 9.52 5.00
N THR C 676 -34.53 10.64 4.29
CA THR C 676 -33.34 11.06 3.57
C THR C 676 -32.89 12.43 4.06
N ILE C 677 -31.60 12.54 4.40
CA ILE C 677 -30.99 13.80 4.83
C ILE C 677 -30.09 14.29 3.70
N PHE C 678 -30.29 15.54 3.31
CA PHE C 678 -29.40 16.23 2.37
C PHE C 678 -28.47 17.10 3.22
N GLY C 679 -27.37 16.51 3.65
CA GLY C 679 -26.53 17.14 4.68
C GLY C 679 -25.88 18.41 4.17
N SER C 680 -26.02 19.48 4.95
CA SER C 680 -25.41 20.79 4.70
C SER C 680 -26.03 21.51 3.52
N VAL C 681 -27.24 21.16 3.12
CA VAL C 681 -27.91 21.77 1.97
C VAL C 681 -29.22 22.36 2.45
N ALA C 682 -29.42 23.66 2.18
CA ALA C 682 -30.71 24.28 2.45
C ALA C 682 -31.76 23.73 1.50
N CYS C 683 -33.01 23.70 1.97
CA CYS C 683 -34.09 23.13 1.17
C CYS C 683 -34.34 23.89 -0.14
N GLU C 684 -33.89 25.15 -0.24
CA GLU C 684 -34.11 25.91 -1.46
C GLU C 684 -33.32 25.31 -2.63
N HIS C 685 -32.05 25.00 -2.42
CA HIS C 685 -31.26 24.36 -3.47
C HIS C 685 -31.87 23.02 -3.88
N ILE C 686 -32.31 22.24 -2.90
CA ILE C 686 -32.95 20.96 -3.19
C ILE C 686 -34.16 21.17 -4.08
N THR C 687 -35.08 22.05 -3.64
CA THR C 687 -36.32 22.26 -4.38
C THR C 687 -36.06 22.84 -5.76
N THR C 688 -34.95 23.56 -5.94
CA THR C 688 -34.62 24.05 -7.27
C THR C 688 -34.16 22.92 -8.18
N MET C 689 -33.12 22.19 -7.78
CA MET C 689 -32.49 21.27 -8.73
C MET C 689 -33.13 19.88 -8.77
N LEU C 690 -34.45 19.82 -8.93
CA LEU C 690 -35.11 18.59 -9.33
C LEU C 690 -36.35 18.98 -10.13
N HIS C 691 -36.96 17.99 -10.79
CA HIS C 691 -38.19 18.19 -11.52
C HIS C 691 -39.29 17.32 -10.90
N GLN C 692 -39.91 17.84 -9.84
CA GLN C 692 -41.06 17.21 -9.18
C GLN C 692 -40.77 15.73 -8.87
N PHE C 693 -39.89 15.54 -7.88
CA PHE C 693 -39.43 14.22 -7.42
C PHE C 693 -38.52 13.56 -8.45
N SER C 694 -37.47 14.29 -8.84
CA SER C 694 -36.40 13.68 -9.63
C SER C 694 -35.64 12.66 -8.77
N ARG C 695 -34.73 11.93 -9.43
CA ARG C 695 -34.03 10.80 -8.83
C ARG C 695 -35.01 9.75 -8.34
N THR C 696 -36.28 9.86 -8.76
CA THR C 696 -37.37 8.99 -8.33
C THR C 696 -37.47 8.99 -6.79
N THR C 697 -37.19 10.15 -6.19
CA THR C 697 -37.15 10.25 -4.73
C THR C 697 -38.54 10.07 -4.12
N GLN C 698 -38.58 10.12 -2.79
CA GLN C 698 -39.77 9.79 -2.03
C GLN C 698 -40.50 11.04 -1.56
N ASN C 708 -46.76 18.76 6.53
CA ASN C 708 -46.36 17.66 5.66
C ASN C 708 -44.94 17.24 6.00
N SER C 709 -44.58 16.00 5.61
CA SER C 709 -43.25 15.47 5.85
C SER C 709 -42.31 15.69 4.67
N GLY C 710 -42.51 16.77 3.92
CA GLY C 710 -41.67 17.09 2.79
C GLY C 710 -40.37 17.74 3.21
N PRO C 711 -39.86 18.65 2.39
CA PRO C 711 -38.58 19.31 2.71
C PRO C 711 -38.67 20.12 3.98
N LEU C 712 -37.89 19.72 4.98
CA LEU C 712 -37.84 20.36 6.29
C LEU C 712 -36.41 20.79 6.57
N GLN C 713 -36.24 22.03 7.02
CA GLN C 713 -34.92 22.57 7.33
C GLN C 713 -34.56 22.25 8.77
N THR C 714 -33.41 21.61 8.97
CA THR C 714 -32.91 21.26 10.29
C THR C 714 -31.51 21.83 10.45
N ALA C 715 -30.91 21.55 11.61
CA ALA C 715 -29.55 22.00 11.89
C ALA C 715 -28.49 21.19 11.17
N VAL C 716 -28.86 20.04 10.59
CA VAL C 716 -27.92 19.19 9.88
C VAL C 716 -28.17 19.20 8.38
N GLY C 717 -29.12 19.99 7.90
CA GLY C 717 -29.47 20.06 6.51
C GLY C 717 -30.92 19.69 6.27
N CYS C 718 -31.33 19.86 5.03
CA CYS C 718 -32.72 19.63 4.64
C CYS C 718 -33.02 18.14 4.65
N VAL C 719 -34.22 17.77 5.11
CA VAL C 719 -34.59 16.37 5.27
C VAL C 719 -35.93 16.09 4.60
N ILE C 720 -36.04 14.90 4.02
CA ILE C 720 -37.27 14.38 3.44
C ILE C 720 -37.64 13.11 4.19
N GLY C 721 -38.89 13.02 4.64
CA GLY C 721 -39.37 11.84 5.31
C GLY C 721 -39.51 11.96 6.81
N LEU C 722 -39.23 13.11 7.38
CA LEU C 722 -39.38 13.36 8.81
C LEU C 722 -40.50 14.37 9.03
N VAL C 723 -41.33 14.11 10.03
CA VAL C 723 -42.40 15.02 10.42
C VAL C 723 -42.00 15.71 11.71
N ASN C 724 -41.95 17.05 11.69
CA ASN C 724 -41.58 17.82 12.86
C ASN C 724 -42.73 17.85 13.85
N SER C 725 -42.44 17.50 15.10
CA SER C 725 -43.48 17.36 16.11
C SER C 725 -43.16 18.00 17.45
N SER C 726 -41.97 18.60 17.60
CA SER C 726 -41.58 19.28 18.83
C SER C 726 -41.70 18.36 20.05
N MET C 727 -41.21 17.14 19.90
CA MET C 727 -41.13 16.18 20.99
C MET C 727 -39.68 16.02 21.42
N VAL C 728 -39.48 15.39 22.58
CA VAL C 728 -38.15 15.19 23.14
C VAL C 728 -38.00 13.73 23.52
N VAL C 729 -36.74 13.29 23.56
CA VAL C 729 -36.38 11.95 24.00
C VAL C 729 -35.20 12.04 24.94
N ASP C 730 -34.99 10.98 25.72
CA ASP C 730 -33.80 10.83 26.53
C ASP C 730 -32.90 9.70 26.04
N ASN C 731 -33.45 8.73 25.33
CA ASN C 731 -32.67 7.71 24.63
C ASN C 731 -32.89 7.89 23.13
N CYS C 732 -31.79 7.85 22.37
CA CYS C 732 -31.84 8.07 20.93
C CYS C 732 -31.15 6.91 20.23
N GLN C 733 -31.91 6.12 19.49
CA GLN C 733 -31.36 5.02 18.72
C GLN C 733 -30.98 5.41 17.31
N LEU C 734 -31.44 6.57 16.82
CA LEU C 734 -31.13 7.04 15.46
C LEU C 734 -30.67 8.49 15.51
N PRO C 735 -29.52 8.76 16.12
CA PRO C 735 -29.07 10.15 16.23
C PRO C 735 -28.70 10.73 14.87
N LEU C 736 -29.03 12.00 14.69
CA LEU C 736 -28.78 12.70 13.45
C LEU C 736 -27.67 13.74 13.55
N GLY C 737 -27.24 14.09 14.74
CA GLY C 737 -26.26 15.14 14.93
C GLY C 737 -26.89 16.42 15.45
N GLN C 738 -26.08 17.22 16.14
CA GLN C 738 -26.54 18.48 16.74
C GLN C 738 -27.76 18.26 17.62
N SER C 739 -27.70 17.23 18.46
CA SER C 739 -28.75 16.88 19.43
C SER C 739 -30.09 16.57 18.77
N LEU C 740 -30.08 16.14 17.51
CA LEU C 740 -31.29 15.78 16.80
C LEU C 740 -31.42 14.27 16.73
N CYS C 741 -32.66 13.79 16.69
CA CYS C 741 -32.97 12.37 16.74
C CYS C 741 -34.03 12.05 15.70
N ALA C 742 -34.19 10.77 15.41
CA ALA C 742 -35.27 10.26 14.57
C ALA C 742 -35.93 9.11 15.31
N VAL C 743 -37.22 9.24 15.57
CA VAL C 743 -37.95 8.33 16.45
C VAL C 743 -38.97 7.56 15.61
N PRO C 744 -38.88 6.23 15.55
CA PRO C 744 -39.94 5.47 14.89
C PRO C 744 -41.28 5.65 15.61
N SER C 745 -42.35 5.70 14.81
CA SER C 745 -43.69 5.90 15.35
C SER C 745 -44.26 4.59 15.86
N THR C 746 -44.68 4.58 17.13
CA THR C 746 -45.24 3.37 17.72
C THR C 746 -46.54 2.96 17.04
N THR C 747 -47.38 3.94 16.72
CA THR C 747 -48.66 3.66 16.07
C THR C 747 -48.48 3.33 14.60
N SER C 750 -48.62 7.97 10.50
CA SER C 750 -48.56 6.52 10.36
C SER C 750 -47.23 5.98 10.88
N SER C 751 -46.48 5.33 10.01
CA SER C 751 -45.17 4.79 10.36
C SER C 751 -44.04 5.77 10.11
N GLN C 752 -44.35 7.00 9.68
CA GLN C 752 -43.32 7.98 9.40
C GLN C 752 -42.50 8.29 10.64
N LEU C 753 -41.19 8.41 10.46
CA LEU C 753 -40.31 8.78 11.55
C LEU C 753 -40.55 10.23 11.95
N GLN C 754 -40.28 10.53 13.21
CA GLN C 754 -40.47 11.87 13.76
C GLN C 754 -39.13 12.51 14.08
N LEU C 755 -39.07 13.83 13.92
CA LEU C 755 -37.87 14.61 14.25
C LEU C 755 -37.98 15.05 15.69
N ALA C 756 -37.25 14.38 16.58
CA ALA C 756 -37.23 14.71 17.99
C ALA C 756 -35.91 15.39 18.36
N THR C 757 -35.77 15.73 19.62
CA THR C 757 -34.56 16.34 20.15
C THR C 757 -34.13 15.57 21.39
N ILE C 758 -32.81 15.48 21.60
CA ILE C 758 -32.27 14.89 22.82
C ILE C 758 -32.39 15.91 23.93
N ASN C 759 -33.05 15.53 25.02
CA ASN C 759 -33.33 16.45 26.11
C ASN C 759 -32.26 16.37 27.18
N TYR C 760 -31.88 17.53 27.72
CA TYR C 760 -31.01 17.63 28.88
C TYR C 760 -31.88 17.80 30.12
N THR C 761 -31.94 16.78 30.96
CA THR C 761 -32.69 16.88 32.21
C THR C 761 -31.86 17.66 33.23
N GLN C 762 -32.50 18.67 33.82
CA GLN C 762 -31.82 19.50 34.81
C GLN C 762 -31.57 18.68 36.09
N PRO C 763 -30.46 18.95 36.77
CA PRO C 763 -30.24 18.33 38.08
C PRO C 763 -31.13 18.97 39.14
N GLN C 764 -31.62 18.15 40.06
CA GLN C 764 -32.48 18.65 41.12
C GLN C 764 -31.69 19.57 42.05
N LEU C 765 -32.37 20.57 42.59
CA LEU C 765 -31.75 21.62 43.37
C LEU C 765 -32.05 21.42 44.85
N LEU C 766 -31.00 21.46 45.67
CA LEU C 766 -31.13 21.43 47.12
C LEU C 766 -30.70 22.78 47.68
N SER C 767 -31.56 23.39 48.49
CA SER C 767 -31.34 24.75 48.95
C SER C 767 -30.55 24.74 50.26
N PRO C 768 -29.40 25.40 50.31
CA PRO C 768 -28.65 25.49 51.58
C PRO C 768 -29.42 26.27 52.63
N LEU C 769 -29.15 25.92 53.88
CA LEU C 769 -29.82 26.54 55.02
C LEU C 769 -29.33 27.96 55.26
N ASN C 770 -30.20 28.74 55.90
CA ASN C 770 -29.81 30.00 56.50
C ASN C 770 -29.52 29.85 57.99
N SER C 771 -29.54 28.61 58.50
CA SER C 771 -29.31 28.31 59.89
C SER C 771 -27.82 28.04 60.12
N SER C 772 -27.49 27.48 61.28
CA SER C 772 -26.10 27.29 61.65
C SER C 772 -25.44 26.18 60.83
N GLY C 773 -26.12 25.04 60.69
CA GLY C 773 -25.52 23.90 60.05
C GLY C 773 -25.69 23.83 58.55
N PHE C 774 -26.14 22.69 58.05
CA PHE C 774 -26.43 22.50 56.64
C PHE C 774 -27.44 21.38 56.48
N VAL C 775 -28.00 21.27 55.29
CA VAL C 775 -28.97 20.23 54.98
C VAL C 775 -28.28 19.13 54.17
N VAL C 776 -28.55 17.89 54.54
CA VAL C 776 -28.02 16.72 53.85
C VAL C 776 -29.17 15.76 53.60
N GLN C 777 -29.12 15.08 52.45
CA GLN C 777 -30.12 14.09 52.08
C GLN C 777 -29.53 12.71 52.30
N VAL C 778 -30.04 12.00 53.27
CA VAL C 778 -29.53 10.68 53.67
C VAL C 778 -30.53 9.63 53.20
N PRO C 779 -30.08 8.58 52.53
CA PRO C 779 -31.02 7.58 52.00
C PRO C 779 -31.79 6.87 53.09
N THR C 780 -33.06 6.58 52.82
CA THR C 780 -33.88 5.73 53.66
C THR C 780 -34.21 4.40 53.00
N ASN C 781 -33.75 4.19 51.77
CA ASN C 781 -34.04 2.98 51.01
C ASN C 781 -32.92 2.79 50.00
N PHE C 782 -32.80 1.57 49.50
CA PHE C 782 -31.70 1.26 48.58
C PHE C 782 -32.01 0.00 47.79
N SER C 783 -31.23 -0.21 46.74
CA SER C 783 -31.19 -1.47 46.02
C SER C 783 -29.73 -1.75 45.68
N PHE C 784 -29.50 -2.92 45.08
CA PHE C 784 -28.15 -3.31 44.64
C PHE C 784 -28.12 -3.29 43.12
N GLY C 785 -27.57 -2.22 42.56
CA GLY C 785 -27.35 -2.19 41.13
C GLY C 785 -26.17 -3.05 40.73
N ILE C 786 -26.20 -3.51 39.49
CA ILE C 786 -25.11 -4.32 38.93
C ILE C 786 -24.69 -3.71 37.61
N THR C 787 -23.42 -3.35 37.50
CA THR C 787 -22.83 -2.85 36.27
C THR C 787 -22.02 -3.98 35.64
N GLN C 788 -22.32 -4.28 34.38
CA GLN C 788 -21.62 -5.32 33.64
C GLN C 788 -20.56 -4.67 32.76
N GLU C 789 -19.38 -5.28 32.73
CA GLU C 789 -18.26 -4.74 31.98
C GLU C 789 -17.50 -5.88 31.31
N TYR C 790 -17.11 -5.65 30.05
CA TYR C 790 -16.29 -6.57 29.29
C TYR C 790 -14.92 -5.95 29.06
N ILE C 791 -13.87 -6.73 29.31
CA ILE C 791 -12.50 -6.32 29.03
C ILE C 791 -11.86 -7.39 28.17
N GLN C 792 -11.39 -7.00 26.99
CA GLN C 792 -10.75 -7.93 26.06
C GLN C 792 -9.29 -8.11 26.45
N THR C 793 -8.85 -9.37 26.52
CA THR C 793 -7.47 -9.66 26.88
C THR C 793 -6.66 -10.29 25.75
N THR C 794 -7.32 -10.85 24.74
CA THR C 794 -6.62 -11.51 23.64
C THR C 794 -7.34 -11.21 22.34
N ILE C 795 -6.64 -11.48 21.23
CA ILE C 795 -7.26 -11.58 19.92
C ILE C 795 -6.98 -12.99 19.39
N GLN C 796 -7.71 -13.36 18.35
CA GLN C 796 -7.47 -14.64 17.69
C GLN C 796 -6.07 -14.65 17.09
N LYS C 797 -5.34 -15.74 17.33
CA LYS C 797 -4.00 -15.91 16.79
C LYS C 797 -4.09 -16.52 15.41
N VAL C 798 -3.48 -15.87 14.43
CA VAL C 798 -3.54 -16.28 13.04
C VAL C 798 -2.14 -16.22 12.45
N THR C 799 -1.79 -17.23 11.65
CA THR C 799 -0.55 -17.25 10.90
C THR C 799 -0.89 -17.52 9.44
N VAL C 800 -0.04 -17.02 8.55
CA VAL C 800 -0.26 -17.10 7.11
C VAL C 800 0.89 -17.87 6.48
N ASP C 801 0.55 -18.85 5.65
CA ASP C 801 1.52 -19.50 4.77
C ASP C 801 1.70 -18.60 3.55
N CYS C 802 2.74 -17.76 3.59
CA CYS C 802 2.90 -16.68 2.62
C CYS C 802 3.06 -17.22 1.21
N LYS C 803 3.88 -18.25 1.02
CA LYS C 803 4.11 -18.79 -0.31
C LYS C 803 2.83 -19.37 -0.90
N GLN C 804 2.06 -20.10 -0.11
CA GLN C 804 0.81 -20.66 -0.59
C GLN C 804 -0.22 -19.58 -0.85
N TYR C 805 -0.28 -18.56 0.02
CA TYR C 805 -1.26 -17.49 -0.15
C TYR C 805 -0.99 -16.72 -1.43
N VAL C 806 0.27 -16.40 -1.72
CA VAL C 806 0.57 -15.56 -2.87
C VAL C 806 0.54 -16.37 -4.15
N CYS C 807 1.19 -17.54 -4.17
CA CYS C 807 1.41 -18.24 -5.42
C CYS C 807 0.49 -19.43 -5.63
N ASN C 808 -0.28 -19.82 -4.62
CA ASN C 808 -1.25 -20.92 -4.72
C ASN C 808 -0.63 -22.21 -5.27
N GLY C 809 0.68 -22.38 -5.12
CA GLY C 809 1.35 -23.60 -5.50
C GLY C 809 1.97 -23.59 -6.89
N PHE C 810 1.59 -22.65 -7.74
CA PHE C 810 2.11 -22.62 -9.10
C PHE C 810 3.60 -22.25 -9.11
N GLN C 811 4.36 -22.93 -9.97
CA GLN C 811 5.81 -22.83 -9.94
C GLN C 811 6.33 -21.54 -10.56
N LYS C 812 5.68 -21.05 -11.62
CA LYS C 812 6.14 -19.82 -12.27
C LYS C 812 6.01 -18.63 -11.33
N CYS C 813 4.89 -18.55 -10.60
CA CYS C 813 4.75 -17.51 -9.58
C CYS C 813 5.84 -17.66 -8.53
N GLU C 814 6.07 -18.89 -8.07
CA GLU C 814 7.08 -19.12 -7.04
C GLU C 814 8.45 -18.62 -7.50
N GLN C 815 8.79 -18.87 -8.76
CA GLN C 815 10.00 -18.29 -9.34
C GLN C 815 9.95 -16.76 -9.27
N LEU C 816 8.84 -16.16 -9.71
CA LEU C 816 8.77 -14.71 -9.81
C LEU C 816 8.69 -14.01 -8.46
N LEU C 817 8.44 -14.74 -7.38
CA LEU C 817 8.22 -14.15 -6.06
C LEU C 817 9.51 -13.70 -5.38
N ARG C 818 10.67 -14.10 -5.90
CA ARG C 818 11.94 -13.91 -5.21
C ARG C 818 12.61 -12.57 -5.53
N GLU C 819 11.97 -11.72 -6.32
CA GLU C 819 12.51 -10.39 -6.63
C GLU C 819 12.02 -9.33 -5.66
N TYR C 820 11.70 -9.72 -4.43
CA TYR C 820 11.09 -8.81 -3.46
C TYR C 820 11.72 -8.95 -2.08
N GLY C 821 12.84 -9.65 -1.96
CA GLY C 821 13.48 -9.87 -0.68
C GLY C 821 12.99 -11.13 -0.01
N GLN C 822 13.25 -11.20 1.29
CA GLN C 822 12.70 -12.27 2.13
C GLN C 822 11.35 -11.85 2.69
N PHE C 823 10.46 -11.45 1.78
CA PHE C 823 9.15 -10.92 2.18
C PHE C 823 8.36 -11.94 2.99
N CYS C 824 8.27 -13.18 2.48
CA CYS C 824 7.50 -14.20 3.15
C CYS C 824 8.09 -14.52 4.52
N ALA C 825 9.42 -14.55 4.60
CA ALA C 825 10.09 -14.74 5.88
C ALA C 825 9.74 -13.63 6.85
N LYS C 826 9.72 -12.38 6.38
CA LYS C 826 9.39 -11.25 7.25
C LYS C 826 7.95 -11.35 7.75
N ILE C 827 7.02 -11.71 6.87
CA ILE C 827 5.63 -11.87 7.27
C ILE C 827 5.51 -12.94 8.35
N ASN C 828 6.15 -14.09 8.12
CA ASN C 828 6.10 -15.18 9.09
C ASN C 828 6.71 -14.77 10.42
N GLN C 829 7.85 -14.07 10.38
CA GLN C 829 8.51 -13.67 11.62
C GLN C 829 7.68 -12.67 12.41
N ALA C 830 7.05 -11.71 11.73
CA ALA C 830 6.21 -10.74 12.42
C ALA C 830 5.00 -11.41 13.06
N LEU C 831 4.35 -12.33 12.33
CA LEU C 831 3.20 -13.03 12.91
C LEU C 831 3.63 -13.91 14.08
N HIS C 832 4.79 -14.56 13.96
CA HIS C 832 5.30 -15.38 15.06
C HIS C 832 5.55 -14.53 16.31
N GLY C 833 6.15 -13.36 16.13
CA GLY C 833 6.39 -12.48 17.27
C GLY C 833 5.09 -12.01 17.90
N ALA C 834 4.09 -11.68 17.08
CA ALA C 834 2.82 -11.25 17.64
C ALA C 834 2.16 -12.36 18.45
N ASN C 835 2.17 -13.59 17.93
CA ASN C 835 1.53 -14.68 18.66
C ASN C 835 2.31 -15.03 19.93
N LEU C 836 3.64 -14.93 19.89
CA LEU C 836 4.44 -15.18 21.08
C LEU C 836 4.16 -14.14 22.16
N MET C 837 4.04 -12.87 21.77
CA MET C 837 3.71 -11.83 22.74
C MET C 837 2.33 -12.07 23.32
N GLN C 838 1.37 -12.50 22.50
CA GLN C 838 0.04 -12.82 23.01
C GLN C 838 0.10 -13.94 24.05
N ASP C 839 0.86 -15.00 23.77
CA ASP C 839 0.95 -16.12 24.70
C ASP C 839 1.58 -15.68 26.02
N GLU C 840 2.64 -14.88 25.96
CA GLU C 840 3.27 -14.39 27.18
C GLU C 840 2.32 -13.50 27.97
N SER C 841 1.54 -12.66 27.28
CA SER C 841 0.55 -11.83 27.94
C SER C 841 -0.48 -12.67 28.68
N VAL C 842 -0.98 -13.73 28.04
CA VAL C 842 -1.97 -14.60 28.67
C VAL C 842 -1.38 -15.26 29.92
N ALA C 843 -0.15 -15.76 29.79
CA ALA C 843 0.48 -16.43 30.93
C ALA C 843 0.64 -15.47 32.10
N ASN C 844 1.09 -14.24 31.82
CA ASN C 844 1.25 -13.25 32.89
C ASN C 844 -0.09 -12.92 33.54
N LEU C 845 -1.15 -12.75 32.74
CA LEU C 845 -2.44 -12.41 33.29
C LEU C 845 -2.94 -13.49 34.25
N PHE C 846 -2.87 -14.75 33.81
CA PHE C 846 -3.41 -15.81 34.66
C PHE C 846 -2.52 -16.08 35.85
N SER C 847 -1.22 -15.80 35.75
CA SER C 847 -0.38 -15.84 36.94
C SER C 847 -0.71 -14.71 37.90
N ASP C 848 -1.13 -13.56 37.38
CA ASP C 848 -1.43 -12.42 38.23
C ASP C 848 -2.77 -12.57 38.96
N ILE C 849 -3.74 -13.26 38.36
CA ILE C 849 -5.05 -13.42 39.00
C ILE C 849 -5.14 -14.75 39.77
N LYS C 850 -4.00 -15.35 40.09
CA LYS C 850 -3.99 -16.65 40.76
C LYS C 850 -4.31 -16.49 42.24
N THR C 851 -5.07 -17.45 42.78
CA THR C 851 -5.42 -17.48 44.19
C THR C 851 -4.53 -18.50 44.90
N HIS C 852 -4.02 -18.10 46.07
CA HIS C 852 -3.12 -18.96 46.83
C HIS C 852 -3.76 -19.58 48.06
N LYS C 853 -4.92 -19.08 48.50
CA LYS C 853 -5.66 -19.68 49.60
C LYS C 853 -7.12 -19.31 49.46
N SER C 854 -8.00 -20.25 49.82
CA SER C 854 -9.43 -20.07 49.73
C SER C 854 -10.09 -20.72 50.92
N GLN C 855 -11.40 -20.59 51.01
CA GLN C 855 -12.21 -21.23 52.03
C GLN C 855 -13.34 -22.03 51.38
N PRO C 856 -13.84 -23.07 52.05
CA PRO C 856 -14.89 -23.89 51.46
C PRO C 856 -16.24 -23.19 51.53
N LEU C 857 -16.72 -22.74 50.37
CA LEU C 857 -18.04 -22.16 50.27
C LEU C 857 -19.10 -23.25 50.23
N ASN C 858 -20.34 -22.87 50.54
CA ASN C 858 -21.47 -23.78 50.41
C ASN C 858 -21.85 -23.91 48.94
N ALA C 859 -22.95 -24.63 48.68
CA ALA C 859 -23.41 -24.85 47.33
C ALA C 859 -24.63 -24.00 46.99
N GLY C 860 -25.67 -24.06 47.80
CA GLY C 860 -26.84 -23.26 47.54
C GLY C 860 -26.82 -21.89 48.19
N LEU C 861 -26.65 -21.86 49.51
CA LEU C 861 -26.78 -20.64 50.29
C LEU C 861 -25.58 -20.49 51.21
N ASN C 862 -24.99 -19.29 51.20
CA ASN C 862 -23.96 -18.90 52.15
C ASN C 862 -24.54 -17.76 52.98
N GLY C 863 -24.81 -18.03 54.24
CA GLY C 863 -25.67 -17.13 54.99
C GLY C 863 -27.04 -17.16 54.36
N ASP C 864 -27.53 -16.00 53.93
CA ASP C 864 -28.75 -15.92 53.14
C ASP C 864 -28.49 -15.43 51.73
N PHE C 865 -27.24 -15.48 51.28
CA PHE C 865 -26.86 -15.05 49.94
C PHE C 865 -26.80 -16.26 49.03
N ASN C 866 -27.56 -16.21 47.93
CA ASN C 866 -27.63 -17.31 46.97
C ASN C 866 -26.55 -17.11 45.92
N LEU C 867 -25.49 -17.92 46.01
CA LEU C 867 -24.35 -17.83 45.10
C LEU C 867 -24.39 -18.89 44.01
N THR C 868 -25.59 -19.33 43.62
CA THR C 868 -25.72 -20.47 42.72
C THR C 868 -25.22 -20.14 41.32
N LEU C 869 -25.66 -19.00 40.77
CA LEU C 869 -25.30 -18.64 39.41
C LEU C 869 -23.80 -18.42 39.24
N LEU C 870 -23.09 -18.11 40.32
CA LEU C 870 -21.66 -17.86 40.27
C LEU C 870 -20.84 -19.11 40.55
N GLN C 871 -21.48 -20.26 40.74
CA GLN C 871 -20.80 -21.49 41.11
C GLN C 871 -20.93 -22.54 40.02
N VAL C 872 -20.01 -23.50 40.05
CA VAL C 872 -20.03 -24.61 39.11
C VAL C 872 -21.10 -25.61 39.55
N PRO C 873 -22.00 -26.02 38.66
CA PRO C 873 -23.02 -26.99 39.06
C PRO C 873 -22.43 -28.39 39.23
N GLN C 874 -23.22 -29.26 39.88
CA GLN C 874 -22.79 -30.63 40.08
C GLN C 874 -22.86 -31.44 38.80
N VAL C 875 -23.94 -31.29 38.03
CA VAL C 875 -24.04 -32.00 36.75
C VAL C 875 -23.27 -31.29 35.65
N SER C 876 -23.01 -29.99 35.81
CA SER C 876 -22.11 -29.18 34.99
C SER C 876 -22.68 -28.88 33.60
N THR C 877 -23.77 -29.55 33.23
CA THR C 877 -24.62 -29.18 32.10
C THR C 877 -23.90 -29.01 30.77
N SER C 878 -22.62 -29.37 30.70
CA SER C 878 -21.82 -29.10 29.51
C SER C 878 -20.51 -29.88 29.60
N GLN C 879 -19.63 -29.64 28.63
CA GLN C 879 -18.37 -30.36 28.53
C GLN C 879 -17.28 -29.82 29.43
N TYR C 880 -17.44 -28.62 29.98
CA TYR C 880 -16.44 -27.99 30.82
C TYR C 880 -16.88 -28.10 32.28
N SER C 881 -16.03 -28.74 33.10
CA SER C 881 -16.36 -29.01 34.49
C SER C 881 -16.00 -27.87 35.43
N HIS C 882 -15.36 -26.82 34.93
CA HIS C 882 -14.98 -25.67 35.75
C HIS C 882 -15.70 -24.41 35.32
N ARG C 883 -16.70 -24.50 34.45
CA ARG C 883 -17.45 -23.35 33.98
C ARG C 883 -18.72 -23.19 34.81
N SER C 884 -18.96 -21.98 35.30
CA SER C 884 -20.09 -21.71 36.16
C SER C 884 -21.37 -21.55 35.33
N ALA C 885 -22.48 -21.35 36.01
CA ALA C 885 -23.77 -21.29 35.32
C ALA C 885 -23.91 -20.02 34.48
N ILE C 886 -23.58 -18.87 35.06
CA ILE C 886 -23.70 -17.62 34.31
C ILE C 886 -22.68 -17.56 33.18
N GLU C 887 -21.50 -18.16 33.39
CA GLU C 887 -20.52 -18.25 32.30
C GLU C 887 -21.07 -19.10 31.16
N ASP C 888 -21.72 -20.21 31.49
CA ASP C 888 -22.34 -21.05 30.47
C ASP C 888 -23.42 -20.29 29.72
N LEU C 889 -24.25 -19.53 30.44
CA LEU C 889 -25.30 -18.76 29.76
C LEU C 889 -24.69 -17.72 28.83
N LEU C 890 -23.64 -17.03 29.28
CA LEU C 890 -22.98 -16.04 28.44
C LEU C 890 -22.43 -16.67 27.17
N PHE C 891 -21.78 -17.83 27.30
CA PHE C 891 -21.23 -18.48 26.12
C PHE C 891 -22.33 -19.04 25.22
N ASN C 892 -23.48 -19.39 25.78
CA ASN C 892 -24.60 -19.85 24.95
C ASN C 892 -25.25 -18.70 24.19
N LYS C 893 -25.19 -17.48 24.73
CA LYS C 893 -25.81 -16.35 24.07
C LYS C 893 -24.94 -15.67 23.02
N VAL C 894 -23.67 -16.07 22.89
CA VAL C 894 -22.76 -15.52 21.88
C VAL C 894 -22.55 -16.59 20.81
N THR C 895 -22.48 -16.16 19.55
CA THR C 895 -22.33 -17.07 18.42
C THR C 895 -20.89 -16.97 17.89
N ILE C 896 -20.11 -18.02 18.14
CA ILE C 896 -18.74 -18.14 17.66
C ILE C 896 -18.68 -19.30 16.68
N ALA C 897 -17.95 -19.12 15.59
CA ALA C 897 -17.69 -20.22 14.67
C ALA C 897 -16.65 -21.16 15.27
N ASP C 898 -16.99 -22.43 15.36
CA ASP C 898 -16.10 -23.41 15.97
C ASP C 898 -14.85 -23.58 15.11
N PRO C 899 -13.65 -23.37 15.64
CA PRO C 899 -12.45 -23.42 14.79
C PRO C 899 -11.92 -24.83 14.54
N GLY C 900 -12.45 -25.84 15.22
CA GLY C 900 -12.02 -27.20 14.97
C GLY C 900 -10.55 -27.44 15.24
N TYR C 901 -10.08 -27.07 16.44
CA TYR C 901 -8.66 -27.14 16.74
C TYR C 901 -8.10 -28.55 16.64
N MET C 902 -8.95 -29.58 16.70
CA MET C 902 -8.50 -30.97 16.74
C MET C 902 -8.73 -31.71 15.43
N GLN C 903 -9.89 -31.55 14.80
CA GLN C 903 -10.20 -32.27 13.57
C GLN C 903 -10.93 -31.39 12.57
N GLY C 904 -10.67 -30.08 12.58
CA GLY C 904 -11.40 -29.18 11.71
C GLY C 904 -11.16 -29.44 10.23
N TYR C 905 -9.96 -29.87 9.88
CA TYR C 905 -9.64 -30.18 8.49
C TYR C 905 -10.49 -31.33 7.98
N ASP C 906 -10.61 -32.39 8.77
CA ASP C 906 -11.41 -33.54 8.36
C ASP C 906 -12.89 -33.19 8.27
N ASP C 907 -13.39 -32.38 9.19
CA ASP C 907 -14.79 -31.95 9.11
C ASP C 907 -15.03 -31.10 7.88
N CYS C 908 -14.11 -30.18 7.58
CA CYS C 908 -14.25 -29.35 6.39
C CYS C 908 -14.21 -30.17 5.12
N MET C 909 -13.43 -31.25 5.11
CA MET C 909 -13.41 -32.15 3.96
C MET C 909 -14.68 -32.99 3.87
N LYS C 910 -15.19 -33.48 5.00
CA LYS C 910 -16.31 -34.41 4.99
C LYS C 910 -17.64 -33.74 4.69
N GLN C 911 -17.88 -32.57 5.29
CA GLN C 911 -19.22 -32.01 5.28
C GLN C 911 -19.70 -31.67 3.87
N GLY C 912 -18.81 -31.11 3.05
CA GLY C 912 -19.18 -30.70 1.72
C GLY C 912 -19.57 -29.24 1.68
N PRO C 913 -20.87 -28.96 1.75
CA PRO C 913 -21.33 -27.60 2.02
C PRO C 913 -21.60 -27.38 3.50
N PRO C 914 -20.58 -27.20 4.33
CA PRO C 914 -20.84 -26.96 5.75
C PRO C 914 -21.39 -25.57 6.03
N SER C 915 -21.29 -24.66 5.05
CA SER C 915 -21.82 -23.31 5.12
C SER C 915 -21.64 -22.66 3.75
N ALA C 916 -22.08 -21.42 3.61
CA ALA C 916 -21.87 -20.64 2.38
C ALA C 916 -20.79 -19.62 2.66
N ARG C 917 -19.61 -19.81 2.04
CA ARG C 917 -18.45 -18.96 2.26
C ARG C 917 -18.06 -18.90 3.73
N ASP C 918 -17.70 -20.07 4.26
CA ASP C 918 -17.31 -20.20 5.66
C ASP C 918 -15.83 -19.89 5.81
N LEU C 919 -15.50 -19.13 6.85
CA LEU C 919 -14.14 -18.66 7.05
C LEU C 919 -13.24 -19.68 7.73
N ILE C 920 -13.80 -20.54 8.58
CA ILE C 920 -13.00 -21.57 9.22
C ILE C 920 -12.56 -22.62 8.20
N CYS C 921 -13.47 -23.02 7.32
CA CYS C 921 -13.09 -23.94 6.24
C CYS C 921 -12.20 -23.26 5.22
N ALA C 922 -12.30 -21.94 5.07
CA ALA C 922 -11.54 -21.23 4.06
C ALA C 922 -10.06 -21.15 4.38
N GLN C 923 -9.66 -21.42 5.62
CA GLN C 923 -8.25 -21.30 5.98
C GLN C 923 -7.38 -22.33 5.28
N TYR C 924 -7.97 -23.45 4.85
CA TYR C 924 -7.21 -24.48 4.16
C TYR C 924 -7.06 -24.19 2.68
N VAL C 925 -8.08 -23.62 2.05
CA VAL C 925 -7.96 -23.16 0.67
C VAL C 925 -7.04 -21.95 0.59
N ALA C 926 -7.26 -20.95 1.45
CA ALA C 926 -6.56 -19.68 1.32
C ALA C 926 -5.11 -19.79 1.76
N GLY C 927 -4.84 -20.51 2.84
CA GLY C 927 -3.48 -20.66 3.30
C GLY C 927 -3.14 -19.88 4.56
N TYR C 928 -4.14 -19.62 5.40
CA TYR C 928 -3.90 -19.07 6.73
C TYR C 928 -4.33 -20.09 7.76
N LYS C 929 -3.89 -19.88 9.01
CA LYS C 929 -4.16 -20.84 10.08
C LYS C 929 -4.57 -20.10 11.34
N VAL C 930 -5.65 -20.56 11.96
CA VAL C 930 -6.06 -20.07 13.27
C VAL C 930 -5.43 -20.97 14.32
N LEU C 931 -4.59 -20.38 15.18
CA LEU C 931 -3.88 -21.14 16.20
C LEU C 931 -4.72 -21.27 17.46
N PRO C 932 -4.58 -22.39 18.18
CA PRO C 932 -5.38 -22.59 19.39
C PRO C 932 -4.87 -21.72 20.52
N PRO C 933 -5.75 -21.33 21.45
CA PRO C 933 -5.32 -20.54 22.60
C PRO C 933 -4.38 -21.30 23.50
N LEU C 934 -3.64 -20.54 24.32
CA LEU C 934 -2.63 -21.14 25.20
C LEU C 934 -3.25 -22.10 26.20
N TYR C 935 -4.38 -21.71 26.80
CA TYR C 935 -5.10 -22.56 27.74
C TYR C 935 -6.46 -22.91 27.17
N ASP C 936 -6.91 -24.14 27.45
CA ASP C 936 -8.25 -24.56 27.09
C ASP C 936 -9.26 -23.98 28.08
N PRO C 937 -10.54 -23.90 27.71
CA PRO C 937 -11.51 -23.21 28.56
C PRO C 937 -11.66 -23.82 29.94
N ASN C 938 -11.28 -25.08 30.13
CA ASN C 938 -11.42 -25.71 31.44
C ASN C 938 -10.46 -25.10 32.45
N MET C 939 -9.22 -24.83 32.04
CA MET C 939 -8.24 -24.24 32.95
C MET C 939 -8.58 -22.79 33.27
N GLU C 940 -9.05 -22.03 32.28
CA GLU C 940 -9.49 -20.66 32.54
C GLU C 940 -10.70 -20.63 33.45
N GLY C 941 -11.62 -21.58 33.25
CA GLY C 941 -12.74 -21.71 34.18
C GLY C 941 -12.28 -22.00 35.59
N ALA C 942 -11.29 -22.88 35.74
CA ALA C 942 -10.73 -23.15 37.07
C ALA C 942 -10.13 -21.89 37.68
N TYR C 943 -9.38 -21.12 36.89
CA TYR C 943 -8.75 -19.90 37.40
C TYR C 943 -9.80 -18.90 37.89
N THR C 944 -10.84 -18.67 37.08
CA THR C 944 -11.84 -17.68 37.50
C THR C 944 -12.81 -18.20 38.54
N SER C 945 -12.95 -19.52 38.68
CA SER C 945 -13.82 -20.06 39.71
C SER C 945 -13.12 -20.20 41.05
N SER C 946 -11.78 -20.20 41.06
CA SER C 946 -11.07 -20.15 42.33
C SER C 946 -11.19 -18.78 42.99
N LEU C 947 -11.59 -17.76 42.25
CA LEU C 947 -11.63 -16.41 42.80
C LEU C 947 -12.81 -16.20 43.74
N LEU C 948 -13.92 -16.93 43.52
CA LEU C 948 -15.11 -16.71 44.32
C LEU C 948 -14.88 -17.05 45.79
N GLY C 949 -14.19 -18.15 46.06
CA GLY C 949 -13.92 -18.56 47.42
C GLY C 949 -12.61 -18.09 47.99
N SER C 950 -11.82 -17.36 47.22
CA SER C 950 -10.53 -16.87 47.72
C SER C 950 -10.71 -15.64 48.59
N ILE C 951 -11.33 -14.60 48.05
CA ILE C 951 -11.48 -13.34 48.75
C ILE C 951 -12.93 -13.28 49.24
N ALA C 952 -13.56 -14.46 49.37
CA ALA C 952 -14.88 -14.53 49.97
C ALA C 952 -14.85 -14.02 51.41
N GLY C 953 -13.69 -14.10 52.07
CA GLY C 953 -13.53 -13.58 53.41
C GLY C 953 -12.22 -12.86 53.62
N ALA C 954 -11.67 -12.28 52.56
CA ALA C 954 -10.46 -11.48 52.63
C ALA C 954 -10.75 -10.02 52.29
N GLY C 955 -11.91 -9.52 52.72
CA GLY C 955 -12.26 -8.14 52.45
C GLY C 955 -11.37 -7.16 53.19
N TRP C 956 -11.28 -7.29 54.51
CA TRP C 956 -10.40 -6.48 55.35
C TRP C 956 -9.48 -7.41 56.12
N THR C 957 -8.37 -7.79 55.49
CA THR C 957 -7.23 -8.36 56.20
C THR C 957 -6.17 -7.31 56.50
N ALA C 958 -6.46 -6.03 56.21
CA ALA C 958 -5.57 -4.90 56.49
C ALA C 958 -4.24 -5.04 55.73
N GLY C 959 -4.28 -5.61 54.54
CA GLY C 959 -3.09 -5.79 53.74
C GLY C 959 -3.21 -7.04 52.88
N LEU C 960 -2.06 -7.49 52.39
CA LEU C 960 -1.97 -8.68 51.55
C LEU C 960 -0.98 -9.68 52.15
N SER C 961 -0.90 -9.74 53.48
CA SER C 961 0.06 -10.61 54.14
C SER C 961 -0.57 -11.75 54.92
N SER C 962 -1.78 -11.58 55.45
CA SER C 962 -2.45 -12.61 56.21
C SER C 962 -3.67 -13.12 55.45
N PHE C 963 -4.21 -14.24 55.92
CA PHE C 963 -5.38 -14.87 55.33
C PHE C 963 -6.39 -15.14 56.43
N ALA C 964 -7.58 -14.56 56.30
CA ALA C 964 -8.63 -14.68 57.31
C ALA C 964 -9.79 -15.48 56.72
N ALA C 965 -10.17 -16.55 57.41
CA ALA C 965 -11.26 -17.43 56.95
C ALA C 965 -12.58 -16.87 57.48
N ILE C 966 -13.07 -15.86 56.79
CA ILE C 966 -14.30 -15.15 57.17
C ILE C 966 -15.38 -15.54 56.17
N PRO C 967 -16.60 -15.87 56.62
CA PRO C 967 -17.64 -16.27 55.67
C PRO C 967 -18.02 -15.15 54.72
N PHE C 968 -18.69 -15.54 53.63
CA PHE C 968 -19.06 -14.59 52.59
C PHE C 968 -20.02 -13.52 53.12
N ALA C 969 -21.00 -13.93 53.93
CA ALA C 969 -21.97 -12.99 54.47
C ALA C 969 -21.31 -11.95 55.36
N GLN C 970 -20.39 -12.38 56.22
CA GLN C 970 -19.70 -11.46 57.11
C GLN C 970 -18.85 -10.47 56.32
N SER C 971 -18.20 -10.95 55.25
CA SER C 971 -17.42 -10.06 54.41
C SER C 971 -18.30 -9.04 53.72
N ILE C 972 -19.48 -9.46 53.25
CA ILE C 972 -20.41 -8.51 52.63
C ILE C 972 -20.85 -7.47 53.65
N PHE C 973 -21.13 -7.90 54.88
CA PHE C 973 -21.58 -6.95 55.90
C PHE C 973 -20.47 -5.98 56.31
N TYR C 974 -19.22 -6.44 56.33
CA TYR C 974 -18.11 -5.51 56.56
C TYR C 974 -17.95 -4.54 55.40
N ARG C 975 -18.15 -5.00 54.17
CA ARG C 975 -18.07 -4.10 53.03
C ARG C 975 -19.18 -3.06 53.06
N MET C 976 -20.35 -3.42 53.60
CA MET C 976 -21.42 -2.45 53.77
C MET C 976 -21.19 -1.52 54.95
N ASN C 977 -20.52 -2.00 56.00
CA ASN C 977 -20.23 -1.13 57.14
C ASN C 977 -19.23 -0.04 56.79
N GLY C 978 -18.35 -0.29 55.82
CA GLY C 978 -17.33 0.68 55.47
C GLY C 978 -17.78 1.76 54.52
N ILE C 979 -18.99 1.65 53.95
CA ILE C 979 -19.52 2.68 53.07
C ILE C 979 -20.45 3.63 53.80
N GLY C 980 -20.66 3.44 55.11
CA GLY C 980 -21.46 4.36 55.89
C GLY C 980 -22.80 3.82 56.35
N ILE C 981 -22.88 2.52 56.57
CA ILE C 981 -24.08 1.88 57.11
C ILE C 981 -23.72 1.28 58.46
N THR C 982 -24.36 1.77 59.52
CA THR C 982 -23.99 1.37 60.86
C THR C 982 -24.37 -0.08 61.11
N GLN C 983 -23.82 -0.64 62.19
CA GLN C 983 -24.05 -2.04 62.52
C GLN C 983 -25.49 -2.30 62.93
N GLN C 984 -26.15 -1.33 63.55
CA GLN C 984 -27.55 -1.50 63.94
C GLN C 984 -28.44 -1.68 62.72
N VAL C 985 -28.21 -0.89 61.67
CA VAL C 985 -28.99 -1.02 60.44
C VAL C 985 -28.77 -2.38 59.81
N LEU C 986 -27.51 -2.83 59.75
CA LEU C 986 -27.21 -4.13 59.16
C LEU C 986 -27.85 -5.26 59.96
N SER C 987 -27.82 -5.17 61.28
CA SER C 987 -28.46 -6.18 62.11
C SER C 987 -29.96 -6.22 61.89
N GLU C 988 -30.61 -5.05 61.79
CA GLU C 988 -32.05 -5.02 61.59
C GLU C 988 -32.44 -5.55 60.22
N ASN C 989 -31.75 -5.13 59.18
CA ASN C 989 -32.13 -5.42 57.79
C ASN C 989 -31.32 -6.56 57.19
N GLN C 990 -30.99 -7.58 57.98
CA GLN C 990 -30.21 -8.70 57.45
C GLN C 990 -30.96 -9.42 56.33
N LYS C 991 -32.20 -9.82 56.59
CA LYS C 991 -32.97 -10.57 55.60
C LYS C 991 -33.27 -9.71 54.38
N LEU C 992 -33.62 -8.44 54.58
CA LEU C 992 -33.91 -7.56 53.46
C LEU C 992 -32.68 -7.36 52.58
N ILE C 993 -31.51 -7.16 53.19
CA ILE C 993 -30.28 -6.98 52.43
C ILE C 993 -29.97 -8.23 51.63
N ALA C 994 -30.09 -9.40 52.26
CA ALA C 994 -29.81 -10.65 51.54
C ALA C 994 -30.79 -10.84 50.39
N ASN C 995 -32.06 -10.53 50.60
CA ASN C 995 -33.05 -10.68 49.54
C ASN C 995 -32.77 -9.73 48.39
N LYS C 996 -32.36 -8.51 48.67
CA LYS C 996 -32.07 -7.56 47.59
C LYS C 996 -30.82 -7.97 46.83
N PHE C 997 -29.81 -8.49 47.53
CA PHE C 997 -28.63 -9.00 46.84
C PHE C 997 -28.99 -10.18 45.94
N ASN C 998 -29.85 -11.07 46.43
CA ASN C 998 -30.30 -12.20 45.63
C ASN C 998 -31.12 -11.76 44.42
N GLN C 999 -31.93 -10.71 44.58
CA GLN C 999 -32.64 -10.13 43.44
C GLN C 999 -31.66 -9.58 42.42
N ALA C 1000 -30.60 -8.92 42.88
CA ALA C 1000 -29.60 -8.37 41.97
C ALA C 1000 -28.90 -9.46 41.18
N LEU C 1001 -28.49 -10.55 41.86
CA LEU C 1001 -27.82 -11.63 41.14
C LEU C 1001 -28.77 -12.37 40.21
N GLY C 1002 -30.06 -12.41 40.55
CA GLY C 1002 -30.99 -13.18 39.76
C GLY C 1002 -31.33 -12.60 38.41
N ALA C 1003 -30.92 -11.35 38.14
CA ALA C 1003 -31.28 -10.68 36.90
C ALA C 1003 -30.09 -10.28 36.05
N MET C 1004 -28.86 -10.66 36.40
CA MET C 1004 -27.73 -10.26 35.58
C MET C 1004 -27.71 -10.98 34.24
N GLN C 1005 -28.39 -12.12 34.12
CA GLN C 1005 -28.48 -12.82 32.85
C GLN C 1005 -29.40 -12.10 31.87
N THR C 1006 -30.26 -11.20 32.34
CA THR C 1006 -31.12 -10.44 31.45
C THR C 1006 -30.36 -9.39 30.64
N GLY C 1007 -29.12 -9.11 31.02
CA GLY C 1007 -28.28 -8.16 30.31
C GLY C 1007 -27.49 -8.75 29.17
N PHE C 1008 -27.74 -9.99 28.80
CA PHE C 1008 -27.04 -10.64 27.68
C PHE C 1008 -27.76 -10.34 26.36
N THR C 1009 -27.80 -9.05 26.03
CA THR C 1009 -28.39 -8.58 24.78
C THR C 1009 -27.55 -7.43 24.25
N THR C 1010 -27.65 -7.19 22.94
CA THR C 1010 -26.91 -6.09 22.34
C THR C 1010 -27.43 -4.74 22.77
N THR C 1011 -28.60 -4.68 23.42
CA THR C 1011 -29.03 -3.45 24.08
C THR C 1011 -28.14 -3.11 25.27
N ASN C 1012 -27.44 -4.10 25.82
CA ASN C 1012 -26.46 -3.87 26.86
C ASN C 1012 -25.11 -3.54 26.24
N LEU C 1013 -24.37 -2.63 26.87
CA LEU C 1013 -23.10 -2.18 26.32
C LEU C 1013 -22.06 -3.30 26.29
N ALA C 1014 -21.87 -3.98 27.42
CA ALA C 1014 -20.75 -4.91 27.54
C ALA C 1014 -20.95 -6.15 26.68
N PHE C 1015 -22.18 -6.66 26.61
CA PHE C 1015 -22.44 -7.82 25.76
C PHE C 1015 -22.22 -7.47 24.30
N SER C 1016 -22.66 -6.28 23.89
CA SER C 1016 -22.39 -5.82 22.54
C SER C 1016 -20.90 -5.68 22.28
N LYS C 1017 -20.12 -5.30 23.30
CA LYS C 1017 -18.67 -5.22 23.13
C LYS C 1017 -18.06 -6.61 22.95
N VAL C 1018 -18.59 -7.61 23.66
CA VAL C 1018 -18.15 -8.99 23.45
C VAL C 1018 -18.38 -9.40 22.00
N GLN C 1019 -19.60 -9.17 21.51
CA GLN C 1019 -19.89 -9.52 20.12
C GLN C 1019 -19.06 -8.70 19.14
N ASP C 1020 -18.75 -7.46 19.48
CA ASP C 1020 -17.88 -6.63 18.65
C ASP C 1020 -16.49 -7.25 18.53
N ALA C 1021 -15.94 -7.75 19.65
CA ALA C 1021 -14.63 -8.40 19.59
C ALA C 1021 -14.68 -9.65 18.72
N VAL C 1022 -15.74 -10.45 18.87
CA VAL C 1022 -15.89 -11.63 18.03
C VAL C 1022 -15.95 -11.24 16.56
N ASN C 1023 -16.71 -10.20 16.24
CA ASN C 1023 -16.87 -9.76 14.86
C ASN C 1023 -15.57 -9.18 14.31
N ALA C 1024 -14.77 -8.52 15.13
CA ALA C 1024 -13.47 -8.05 14.66
C ALA C 1024 -12.54 -9.21 14.33
N ASN C 1025 -12.55 -10.25 15.18
CA ASN C 1025 -11.80 -11.46 14.87
C ASN C 1025 -12.24 -12.05 13.52
N ALA C 1026 -13.55 -12.17 13.31
CA ALA C 1026 -14.04 -12.70 12.03
C ALA C 1026 -13.70 -11.78 10.86
N GLN C 1027 -13.73 -10.46 11.10
CA GLN C 1027 -13.45 -9.49 10.05
C GLN C 1027 -12.02 -9.61 9.54
N ALA C 1028 -11.07 -9.86 10.45
CA ALA C 1028 -9.69 -10.02 10.00
C ALA C 1028 -9.56 -11.17 9.00
N LEU C 1029 -10.15 -12.32 9.34
CA LEU C 1029 -10.08 -13.48 8.44
C LEU C 1029 -10.84 -13.23 7.15
N SER C 1030 -11.97 -12.53 7.23
CA SER C 1030 -12.76 -12.27 6.02
C SER C 1030 -12.03 -11.34 5.08
N LYS C 1031 -11.32 -10.34 5.61
CA LYS C 1031 -10.52 -9.48 4.77
C LYS C 1031 -9.34 -10.22 4.18
N LEU C 1032 -8.76 -11.15 4.94
CA LEU C 1032 -7.67 -11.98 4.42
C LEU C 1032 -8.15 -12.82 3.23
N ALA C 1033 -9.28 -13.50 3.40
CA ALA C 1033 -9.74 -14.44 2.37
C ALA C 1033 -10.32 -13.74 1.14
N SER C 1034 -10.89 -12.54 1.31
CA SER C 1034 -11.54 -11.87 0.19
C SER C 1034 -10.52 -11.28 -0.78
N GLU C 1035 -9.33 -10.91 -0.29
CA GLU C 1035 -8.33 -10.29 -1.12
C GLU C 1035 -7.75 -11.22 -2.19
N LEU C 1036 -7.99 -12.52 -2.08
CA LEU C 1036 -7.47 -13.45 -3.07
C LEU C 1036 -8.24 -13.42 -4.38
N SER C 1037 -9.37 -12.72 -4.43
CA SER C 1037 -10.13 -12.54 -5.66
C SER C 1037 -9.90 -11.17 -6.30
N ASN C 1038 -9.16 -10.30 -5.64
CA ASN C 1038 -8.71 -9.05 -6.24
C ASN C 1038 -7.81 -9.36 -7.44
N THR C 1039 -8.20 -8.86 -8.62
CA THR C 1039 -7.38 -9.10 -9.80
C THR C 1039 -6.22 -8.11 -9.93
N PHE C 1040 -6.29 -6.97 -9.24
CA PHE C 1040 -5.24 -5.95 -9.23
C PHE C 1040 -4.93 -5.42 -10.63
N GLY C 1041 -5.88 -5.52 -11.56
CA GLY C 1041 -5.67 -5.08 -12.91
C GLY C 1041 -5.15 -6.12 -13.87
N ALA C 1042 -5.20 -7.40 -13.51
CA ALA C 1042 -4.85 -8.49 -14.41
C ALA C 1042 -6.12 -9.01 -15.09
N ILE C 1043 -5.93 -9.90 -16.07
CA ILE C 1043 -7.06 -10.46 -16.78
C ILE C 1043 -7.94 -11.26 -15.82
N SER C 1044 -7.33 -11.91 -14.83
CA SER C 1044 -8.06 -12.64 -13.82
C SER C 1044 -7.26 -12.61 -12.52
N SER C 1045 -7.88 -13.12 -11.46
CA SER C 1045 -7.21 -13.32 -10.19
C SER C 1045 -6.80 -14.77 -9.99
N SER C 1046 -6.95 -15.61 -11.01
CA SER C 1046 -6.54 -17.00 -10.97
C SER C 1046 -5.28 -17.17 -11.82
N ILE C 1047 -4.24 -17.76 -11.22
CA ILE C 1047 -3.00 -17.97 -11.96
C ILE C 1047 -3.21 -19.00 -13.07
N SER C 1048 -4.13 -19.94 -12.87
CA SER C 1048 -4.42 -20.94 -13.90
C SER C 1048 -4.95 -20.29 -15.17
N ASP C 1049 -5.84 -19.29 -15.04
CA ASP C 1049 -6.34 -18.59 -16.21
C ASP C 1049 -5.23 -17.84 -16.93
N ILE C 1050 -4.37 -17.16 -16.18
CA ILE C 1050 -3.27 -16.42 -16.79
C ILE C 1050 -2.34 -17.37 -17.53
N LEU C 1051 -2.12 -18.58 -16.97
CA LEU C 1051 -1.31 -19.57 -17.65
C LEU C 1051 -2.01 -20.15 -18.87
N LYS C 1052 -3.34 -20.21 -18.83
CA LYS C 1052 -4.10 -20.60 -20.02
C LYS C 1052 -3.87 -19.62 -21.15
N ARG C 1053 -4.24 -18.36 -20.93
CA ARG C 1053 -4.56 -17.45 -22.02
C ARG C 1053 -3.39 -16.65 -22.58
N LEU C 1054 -2.22 -16.66 -21.94
CA LEU C 1054 -1.17 -15.72 -22.31
C LEU C 1054 0.14 -16.45 -22.61
N ASP C 1055 1.08 -15.68 -23.13
CA ASP C 1055 2.42 -16.14 -23.45
C ASP C 1055 3.42 -15.65 -22.40
N ALA C 1056 4.69 -16.01 -22.61
CA ALA C 1056 5.67 -15.96 -21.53
C ALA C 1056 5.83 -14.56 -20.93
N VAL C 1057 6.07 -13.55 -21.76
CA VAL C 1057 6.31 -12.20 -21.26
C VAL C 1057 5.03 -11.62 -20.65
N GLU C 1058 3.92 -11.74 -21.36
CA GLU C 1058 2.63 -11.27 -20.87
C GLU C 1058 2.20 -12.02 -19.62
N GLN C 1059 2.43 -13.34 -19.59
CA GLN C 1059 2.18 -14.11 -18.39
C GLN C 1059 2.98 -13.58 -17.20
N GLU C 1060 4.26 -13.30 -17.43
CA GLU C 1060 5.10 -12.82 -16.34
C GLU C 1060 4.61 -11.49 -15.80
N ALA C 1061 4.24 -10.57 -16.69
CA ALA C 1061 3.73 -9.27 -16.23
C ALA C 1061 2.43 -9.42 -15.44
N GLN C 1062 1.52 -10.26 -15.94
CA GLN C 1062 0.23 -10.41 -15.29
C GLN C 1062 0.34 -11.14 -13.97
N ILE C 1063 1.29 -12.06 -13.85
CA ILE C 1063 1.53 -12.70 -12.56
C ILE C 1063 2.21 -11.74 -11.59
N ASP C 1064 3.09 -10.86 -12.09
CA ASP C 1064 3.71 -9.86 -11.23
C ASP C 1064 2.67 -8.93 -10.61
N ARG C 1065 1.63 -8.60 -11.38
CA ARG C 1065 0.53 -7.80 -10.81
C ARG C 1065 -0.04 -8.45 -9.55
N LEU C 1066 -0.43 -9.73 -9.65
CA LEU C 1066 -1.03 -10.43 -8.52
C LEU C 1066 -0.04 -10.59 -7.38
N ILE C 1067 1.21 -10.91 -7.70
CA ILE C 1067 2.25 -11.01 -6.68
C ILE C 1067 2.30 -9.74 -5.86
N ASN C 1068 2.53 -8.61 -6.53
CA ASN C 1068 2.72 -7.35 -5.80
C ASN C 1068 1.49 -6.98 -5.00
N GLY C 1069 0.29 -7.19 -5.57
CA GLY C 1069 -0.91 -6.87 -4.83
C GLY C 1069 -1.04 -7.70 -3.56
N ARG C 1070 -0.78 -9.01 -3.67
CA ARG C 1070 -0.90 -9.89 -2.52
C ARG C 1070 0.13 -9.56 -1.44
N LEU C 1071 1.36 -9.21 -1.85
CA LEU C 1071 2.35 -8.77 -0.86
C LEU C 1071 1.92 -7.49 -0.14
N THR C 1072 1.38 -6.51 -0.87
CA THR C 1072 0.94 -5.30 -0.18
C THR C 1072 -0.19 -5.59 0.80
N SER C 1073 -1.14 -6.44 0.39
CA SER C 1073 -2.24 -6.76 1.30
C SER C 1073 -1.77 -7.57 2.51
N LEU C 1074 -0.78 -8.45 2.32
CA LEU C 1074 -0.24 -9.19 3.45
C LEU C 1074 0.49 -8.26 4.42
N ASN C 1075 1.20 -7.26 3.90
CA ASN C 1075 1.83 -6.27 4.76
C ASN C 1075 0.79 -5.52 5.58
N ALA C 1076 -0.32 -5.14 4.94
CA ALA C 1076 -1.38 -4.44 5.67
C ALA C 1076 -1.97 -5.33 6.77
N PHE C 1077 -2.21 -6.61 6.45
CA PHE C 1077 -2.76 -7.53 7.45
C PHE C 1077 -1.81 -7.66 8.64
N VAL C 1078 -0.51 -7.81 8.38
CA VAL C 1078 0.44 -7.96 9.47
C VAL C 1078 0.46 -6.70 10.34
N ALA C 1079 0.46 -5.52 9.72
CA ALA C 1079 0.49 -4.29 10.50
C ALA C 1079 -0.73 -4.15 11.39
N GLN C 1080 -1.92 -4.43 10.86
CA GLN C 1080 -3.11 -4.29 11.69
C GLN C 1080 -3.17 -5.36 12.78
N GLN C 1081 -2.66 -6.57 12.51
CA GLN C 1081 -2.57 -7.58 13.57
C GLN C 1081 -1.65 -7.13 14.69
N LEU C 1082 -0.51 -6.52 14.34
CA LEU C 1082 0.39 -6.02 15.36
C LEU C 1082 -0.27 -4.97 16.23
N VAL C 1083 -1.00 -4.04 15.60
CA VAL C 1083 -1.69 -3.01 16.37
C VAL C 1083 -2.73 -3.63 17.30
N ARG C 1084 -3.51 -4.57 16.79
CA ARG C 1084 -4.55 -5.21 17.60
C ARG C 1084 -3.95 -5.98 18.76
N SER C 1085 -2.80 -6.63 18.55
CA SER C 1085 -2.19 -7.40 19.62
C SER C 1085 -1.60 -6.51 20.70
N GLU C 1086 -1.01 -5.38 20.31
CA GLU C 1086 -0.53 -4.41 21.31
C GLU C 1086 -1.69 -3.88 22.14
N THR C 1087 -2.79 -3.54 21.48
CA THR C 1087 -3.97 -3.07 22.20
C THR C 1087 -4.50 -4.13 23.16
N ALA C 1088 -4.57 -5.38 22.71
CA ALA C 1088 -5.06 -6.46 23.56
C ALA C 1088 -4.15 -6.70 24.76
N ALA C 1089 -2.83 -6.54 24.60
CA ALA C 1089 -1.94 -6.69 25.74
C ALA C 1089 -2.15 -5.59 26.77
N ARG C 1090 -2.30 -4.34 26.32
CA ARG C 1090 -2.58 -3.27 27.27
C ARG C 1090 -3.91 -3.50 27.98
N SER C 1091 -4.91 -3.96 27.24
CA SER C 1091 -6.21 -4.22 27.85
C SER C 1091 -6.16 -5.41 28.82
N ALA C 1092 -5.30 -6.38 28.57
CA ALA C 1092 -5.11 -7.48 29.52
C ALA C 1092 -4.49 -6.98 30.82
N GLN C 1093 -3.53 -6.06 30.72
CA GLN C 1093 -2.99 -5.45 31.93
C GLN C 1093 -4.07 -4.70 32.70
N LEU C 1094 -4.94 -3.99 31.98
CA LEU C 1094 -6.06 -3.32 32.62
C LEU C 1094 -7.00 -4.31 33.31
N ALA C 1095 -7.26 -5.46 32.67
CA ALA C 1095 -8.12 -6.47 33.27
C ALA C 1095 -7.51 -7.02 34.55
N SER C 1096 -6.19 -7.21 34.57
CA SER C 1096 -5.53 -7.63 35.80
C SER C 1096 -5.69 -6.58 36.91
N ASP C 1097 -5.51 -5.31 36.56
CA ASP C 1097 -5.68 -4.25 37.55
C ASP C 1097 -7.11 -4.22 38.09
N LYS C 1098 -8.09 -4.41 37.22
CA LYS C 1098 -9.49 -4.45 37.65
C LYS C 1098 -9.76 -5.64 38.56
N VAL C 1099 -9.19 -6.80 38.26
CA VAL C 1099 -9.40 -7.94 39.15
C VAL C 1099 -8.84 -7.64 40.53
N ASN C 1100 -7.61 -7.11 40.58
CA ASN C 1100 -6.97 -6.83 41.86
C ASN C 1100 -7.72 -5.76 42.65
N GLU C 1101 -8.31 -4.77 41.97
CA GLU C 1101 -8.95 -3.71 42.74
C GLU C 1101 -10.42 -3.99 43.08
N CYS C 1102 -11.18 -4.62 42.18
CA CYS C 1102 -12.60 -4.78 42.36
C CYS C 1102 -13.02 -6.17 42.79
N VAL C 1103 -12.30 -7.21 42.39
CA VAL C 1103 -12.70 -8.57 42.73
C VAL C 1103 -12.08 -9.01 44.05
N LYS C 1104 -10.78 -8.76 44.23
CA LYS C 1104 -10.07 -9.16 45.42
C LYS C 1104 -10.13 -8.12 46.53
N SER C 1105 -10.78 -6.98 46.31
CA SER C 1105 -10.82 -5.93 47.31
C SER C 1105 -12.03 -5.03 47.02
N GLN C 1106 -12.25 -4.07 47.92
CA GLN C 1106 -13.30 -3.08 47.77
C GLN C 1106 -12.68 -1.76 47.34
N SER C 1107 -13.26 -1.12 46.34
CA SER C 1107 -12.69 0.08 45.75
C SER C 1107 -13.34 1.32 46.33
N LYS C 1108 -12.51 2.33 46.64
CA LYS C 1108 -13.01 3.61 47.10
C LYS C 1108 -13.01 4.67 46.01
N ARG C 1109 -12.31 4.44 44.90
CA ARG C 1109 -12.46 5.30 43.75
C ARG C 1109 -13.87 5.13 43.18
N ASN C 1110 -14.36 6.20 42.56
CA ASN C 1110 -15.72 6.23 42.04
C ASN C 1110 -15.69 6.04 40.53
N GLY C 1111 -16.44 5.05 40.04
CA GLY C 1111 -16.53 4.77 38.63
C GLY C 1111 -15.55 3.73 38.11
N PHE C 1112 -14.56 3.32 38.90
CA PHE C 1112 -13.62 2.32 38.43
C PHE C 1112 -14.24 0.93 38.42
N CYS C 1113 -15.07 0.62 39.41
CA CYS C 1113 -15.71 -0.68 39.50
C CYS C 1113 -17.21 -0.51 39.33
N GLY C 1114 -17.61 0.28 38.33
CA GLY C 1114 -19.00 0.54 38.07
C GLY C 1114 -19.51 1.79 38.76
N SER C 1115 -20.72 2.18 38.40
CA SER C 1115 -21.35 3.36 38.97
C SER C 1115 -21.87 3.07 40.38
N GLY C 1116 -21.81 4.08 41.24
CA GLY C 1116 -22.30 3.94 42.59
C GLY C 1116 -21.20 3.62 43.57
N THR C 1117 -21.62 3.19 44.75
CA THR C 1117 -20.71 2.79 45.80
C THR C 1117 -20.41 1.31 45.66
N HIS C 1118 -19.14 0.99 45.39
CA HIS C 1118 -18.74 -0.39 45.15
C HIS C 1118 -18.89 -1.23 46.41
N ILE C 1119 -19.37 -2.47 46.23
CA ILE C 1119 -19.50 -3.42 47.33
C ILE C 1119 -18.62 -4.63 47.04
N VAL C 1120 -18.92 -5.33 45.95
CA VAL C 1120 -18.20 -6.55 45.60
C VAL C 1120 -18.36 -6.77 44.10
N SER C 1121 -17.30 -7.26 43.46
CA SER C 1121 -17.29 -7.54 42.04
C SER C 1121 -16.96 -9.01 41.79
N PHE C 1122 -17.50 -9.53 40.69
CA PHE C 1122 -17.26 -10.90 40.26
C PHE C 1122 -16.81 -10.89 38.81
N VAL C 1123 -15.91 -11.81 38.47
CA VAL C 1123 -15.39 -11.91 37.10
C VAL C 1123 -15.56 -13.34 36.62
N ILE C 1124 -15.99 -13.49 35.36
CA ILE C 1124 -16.07 -14.78 34.70
C ILE C 1124 -15.25 -14.69 33.40
N ASN C 1125 -15.24 -15.78 32.65
CA ASN C 1125 -14.58 -15.78 31.35
C ASN C 1125 -15.58 -15.42 30.26
N ALA C 1126 -15.10 -14.69 29.27
CA ALA C 1126 -15.87 -14.30 28.10
C ALA C 1126 -15.05 -14.62 26.86
N PRO C 1127 -15.68 -14.70 25.69
CA PRO C 1127 -14.90 -14.86 24.46
C PRO C 1127 -13.87 -13.74 24.29
N ASN C 1128 -12.58 -14.12 24.33
CA ASN C 1128 -11.45 -13.23 24.11
C ASN C 1128 -11.26 -12.23 25.25
N GLY C 1129 -11.62 -12.59 26.47
CA GLY C 1129 -11.39 -11.67 27.57
C GLY C 1129 -12.17 -12.07 28.81
N PHE C 1130 -12.46 -11.06 29.63
CA PHE C 1130 -13.09 -11.24 30.93
C PHE C 1130 -14.39 -10.46 30.99
N TYR C 1131 -15.32 -10.96 31.78
CA TYR C 1131 -16.60 -10.29 32.01
C TYR C 1131 -16.80 -10.06 33.50
N PHE C 1132 -17.09 -8.81 33.86
CA PHE C 1132 -17.16 -8.39 35.25
C PHE C 1132 -18.59 -8.06 35.64
N PHE C 1133 -18.97 -8.43 36.87
CA PHE C 1133 -20.25 -8.06 37.47
C PHE C 1133 -19.95 -7.22 38.70
N HIS C 1134 -20.12 -5.90 38.59
CA HIS C 1134 -19.85 -4.98 39.68
C HIS C 1134 -21.15 -4.71 40.44
N VAL C 1135 -21.21 -5.14 41.69
CA VAL C 1135 -22.38 -4.89 42.54
C VAL C 1135 -22.16 -3.58 43.28
N GLY C 1136 -23.09 -2.65 43.14
CA GLY C 1136 -22.98 -1.35 43.77
C GLY C 1136 -24.19 -1.05 44.62
N TYR C 1137 -23.98 -0.15 45.57
CA TYR C 1137 -25.04 0.31 46.47
C TYR C 1137 -25.71 1.52 45.82
N VAL C 1138 -26.97 1.36 45.44
CA VAL C 1138 -27.73 2.40 44.76
C VAL C 1138 -28.83 2.89 45.70
N PRO C 1139 -28.72 4.09 46.24
CA PRO C 1139 -29.72 4.57 47.20
C PRO C 1139 -30.95 5.16 46.52
N THR C 1140 -32.08 5.02 47.21
CA THR C 1140 -33.33 5.65 46.83
C THR C 1140 -33.97 6.27 48.06
N ASN C 1141 -34.96 7.13 47.84
CA ASN C 1141 -35.80 7.67 48.91
C ASN C 1141 -34.98 8.38 49.98
N HIS C 1142 -34.35 9.47 49.57
CA HIS C 1142 -33.59 10.27 50.53
C HIS C 1142 -34.55 11.03 51.46
N VAL C 1143 -33.98 11.76 52.40
CA VAL C 1143 -34.76 12.57 53.33
C VAL C 1143 -33.91 13.77 53.73
N ASN C 1144 -34.55 14.94 53.79
CA ASN C 1144 -33.86 16.16 54.20
C ASN C 1144 -33.80 16.22 55.72
N VAL C 1145 -32.59 16.38 56.25
CA VAL C 1145 -32.37 16.53 57.68
C VAL C 1145 -31.36 17.66 57.89
N THR C 1146 -31.36 18.19 59.11
CA THR C 1146 -30.42 19.24 59.49
C THR C 1146 -29.20 18.61 60.14
N ALA C 1147 -28.02 18.94 59.62
CA ALA C 1147 -26.77 18.38 60.10
C ALA C 1147 -25.90 19.49 60.70
N ALA C 1148 -25.05 19.09 61.63
CA ALA C 1148 -24.10 19.99 62.25
C ALA C 1148 -22.70 19.68 61.75
N TYR C 1149 -21.90 20.72 61.55
CA TYR C 1149 -20.50 20.51 61.20
C TYR C 1149 -19.76 19.85 62.35
N GLY C 1150 -20.06 20.27 63.57
CA GLY C 1150 -19.47 19.67 64.75
C GLY C 1150 -20.07 20.32 65.98
N LEU C 1151 -19.88 19.65 67.10
CA LEU C 1151 -20.38 20.11 68.39
C LEU C 1151 -19.22 20.50 69.28
N CYS C 1152 -19.44 21.51 70.12
CA CYS C 1152 -18.39 22.05 70.95
C CYS C 1152 -18.87 22.20 72.39
N ASN C 1153 -17.92 22.11 73.32
CA ASN C 1153 -18.17 22.27 74.74
C ASN C 1153 -18.16 23.74 75.13
N THR C 1154 -18.75 24.03 76.28
CA THR C 1154 -18.66 25.35 76.90
C THR C 1154 -17.62 25.28 78.02
N ASP C 1155 -16.35 25.30 77.60
CA ASP C 1155 -15.23 25.22 78.51
C ASP C 1155 -14.27 26.36 78.20
N THR C 1156 -13.41 26.68 79.18
CA THR C 1156 -12.43 27.74 78.94
C THR C 1156 -11.45 27.34 77.84
N PRO C 1157 -10.77 26.19 77.89
CA PRO C 1157 -10.38 25.54 76.63
C PRO C 1157 -11.51 24.64 76.14
N PRO C 1158 -12.21 25.04 75.09
CA PRO C 1158 -13.37 24.25 74.65
C PRO C 1158 -12.95 23.00 73.89
N ARG C 1159 -13.67 21.92 74.14
CA ARG C 1159 -13.48 20.66 73.44
C ARG C 1159 -14.57 20.49 72.39
N CYS C 1160 -14.19 19.95 71.24
CA CYS C 1160 -15.09 19.87 70.10
C CYS C 1160 -14.94 18.50 69.43
N ILE C 1161 -16.03 18.04 68.81
CA ILE C 1161 -16.05 16.74 68.16
C ILE C 1161 -16.63 16.88 66.76
N ALA C 1162 -16.30 15.91 65.91
CA ALA C 1162 -16.80 15.80 64.55
C ALA C 1162 -17.20 14.36 64.30
N PRO C 1163 -18.14 14.11 63.39
CA PRO C 1163 -18.59 12.74 63.15
C PRO C 1163 -17.58 11.93 62.34
N ILE C 1164 -17.66 10.62 62.51
CA ILE C 1164 -16.81 9.67 61.81
C ILE C 1164 -17.67 8.93 60.79
N ASP C 1165 -17.39 9.15 59.50
CA ASP C 1165 -18.08 8.46 58.42
C ASP C 1165 -19.60 8.61 58.53
N GLY C 1166 -20.04 9.82 58.83
CA GLY C 1166 -21.45 10.07 59.03
C GLY C 1166 -21.69 11.52 59.38
N TYR C 1167 -22.90 11.79 59.86
CA TYR C 1167 -23.33 13.15 60.17
C TYR C 1167 -23.88 13.23 61.57
N PHE C 1168 -23.74 14.39 62.19
CA PHE C 1168 -24.49 14.73 63.39
C PHE C 1168 -25.80 15.38 62.95
N VAL C 1169 -26.92 14.73 63.25
CA VAL C 1169 -28.20 15.11 62.67
C VAL C 1169 -29.25 15.30 63.76
N LEU C 1170 -30.29 16.05 63.42
CA LEU C 1170 -31.47 16.18 64.24
C LEU C 1170 -32.52 15.19 63.78
N ASN C 1171 -33.17 14.52 64.72
CA ASN C 1171 -34.18 13.53 64.38
C ASN C 1171 -35.43 14.22 63.84
N ASN C 1172 -35.77 13.93 62.59
CA ASN C 1172 -36.89 14.57 61.93
C ASN C 1172 -38.23 14.20 62.57
N VAL C 1179 -34.26 21.92 74.17
CA VAL C 1179 -33.28 22.36 73.20
C VAL C 1179 -33.06 21.30 72.13
N ASP C 1180 -31.95 21.41 71.41
CA ASP C 1180 -31.64 20.50 70.31
C ASP C 1180 -30.93 19.25 70.85
N GLN C 1181 -31.51 18.09 70.56
CA GLN C 1181 -30.86 16.81 70.83
C GLN C 1181 -30.25 16.30 69.52
N TRP C 1182 -28.94 16.08 69.54
CA TRP C 1182 -28.22 15.69 68.34
C TRP C 1182 -27.98 14.19 68.34
N TYR C 1183 -28.09 13.58 67.16
CA TYR C 1183 -27.82 12.16 66.99
C TYR C 1183 -26.81 11.98 65.87
N TYR C 1184 -26.23 10.79 65.82
CA TYR C 1184 -25.32 10.41 64.74
C TYR C 1184 -26.04 9.45 63.79
N THR C 1185 -25.84 9.64 62.50
CA THR C 1185 -26.33 8.73 61.49
C THR C 1185 -25.22 8.42 60.50
N GLY C 1186 -25.22 7.19 60.00
CA GLY C 1186 -24.32 6.87 58.91
C GLY C 1186 -24.70 7.61 57.65
N SER C 1187 -23.68 7.87 56.82
CA SER C 1187 -23.92 8.65 55.61
C SER C 1187 -24.72 7.91 54.55
N SER C 1188 -24.86 6.59 54.66
CA SER C 1188 -25.50 5.79 53.64
C SER C 1188 -26.90 5.33 54.00
N PHE C 1189 -27.31 5.46 55.25
CA PHE C 1189 -28.64 5.02 55.67
C PHE C 1189 -29.04 5.80 56.91
N PHE C 1190 -30.18 6.49 56.84
CA PHE C 1190 -30.62 7.31 57.96
C PHE C 1190 -31.08 6.44 59.13
N ASN C 1191 -30.39 6.56 60.25
CA ASN C 1191 -30.76 5.90 61.49
C ASN C 1191 -30.15 6.65 62.67
N PRO C 1192 -30.91 7.49 63.36
CA PRO C 1192 -30.33 8.25 64.47
C PRO C 1192 -29.86 7.35 65.61
N GLU C 1193 -28.61 7.54 66.03
CA GLU C 1193 -28.00 6.80 67.12
C GLU C 1193 -27.36 7.77 68.10
N PRO C 1194 -27.24 7.39 69.37
CA PRO C 1194 -26.54 8.25 70.33
C PRO C 1194 -25.10 8.48 69.93
N ILE C 1195 -24.62 9.69 70.22
CA ILE C 1195 -23.24 10.07 69.89
C ILE C 1195 -22.31 9.56 70.98
N THR C 1196 -21.36 8.71 70.59
CA THR C 1196 -20.33 8.22 71.51
C THR C 1196 -18.96 8.39 70.89
N MET C 1197 -17.92 7.89 71.55
CA MET C 1197 -16.58 7.92 70.97
C MET C 1197 -16.40 6.93 69.84
N ALA C 1198 -17.38 6.03 69.63
CA ALA C 1198 -17.32 5.10 68.52
C ALA C 1198 -17.61 5.76 67.18
N ASN C 1199 -18.30 6.90 67.18
CA ASN C 1199 -18.65 7.59 65.94
C ASN C 1199 -18.28 9.07 65.97
N ALA C 1200 -17.57 9.53 66.98
CA ALA C 1200 -17.12 10.91 67.07
C ALA C 1200 -15.61 10.95 67.27
N ARG C 1201 -15.01 12.02 66.76
CA ARG C 1201 -13.58 12.23 66.93
C ARG C 1201 -13.33 13.67 67.35
N TYR C 1202 -12.32 13.87 68.18
CA TYR C 1202 -12.00 15.20 68.69
C TYR C 1202 -11.33 16.03 67.62
N VAL C 1203 -11.77 17.28 67.49
CA VAL C 1203 -11.21 18.23 66.54
C VAL C 1203 -10.95 19.54 67.29
N SER C 1204 -10.49 20.54 66.54
CA SER C 1204 -10.15 21.83 67.10
C SER C 1204 -11.32 22.80 66.93
N GLN C 1205 -11.24 23.92 67.67
CA GLN C 1205 -12.33 24.89 67.69
C GLN C 1205 -12.61 25.45 66.29
N ASP C 1206 -13.89 25.62 66.00
CA ASP C 1206 -14.34 26.23 64.76
C ASP C 1206 -15.56 27.09 65.08
N VAL C 1207 -15.74 28.15 64.29
CA VAL C 1207 -16.83 29.10 64.56
C VAL C 1207 -18.16 28.65 63.98
N LYS C 1208 -18.16 27.72 63.04
CA LYS C 1208 -19.37 27.17 62.47
C LYS C 1208 -19.85 25.92 63.20
N PHE C 1209 -19.20 25.56 64.30
CA PHE C 1209 -19.62 24.44 65.12
C PHE C 1209 -20.70 24.89 66.10
N GLU C 1210 -21.60 23.98 66.45
CA GLU C 1210 -22.61 24.28 67.45
C GLU C 1210 -21.97 24.38 68.83
N ASN C 1211 -22.73 24.94 69.78
CA ASN C 1211 -22.19 25.24 71.14
C ASN C 1211 -22.75 24.32 72.23
N LEU C 1212 -24.01 23.91 72.18
CA LEU C 1212 -24.52 22.84 73.02
C LEU C 1212 -24.31 23.13 74.52
N THR C 1213 -25.01 24.15 75.00
CA THR C 1213 -25.00 24.41 76.44
C THR C 1213 -25.79 23.38 77.23
N ASN C 1214 -26.58 22.54 76.57
CA ASN C 1214 -27.43 21.58 77.25
C ASN C 1214 -27.40 20.24 76.52
N GLN C 1215 -27.75 19.18 77.25
CA GLN C 1215 -27.85 17.83 76.71
C GLN C 1215 -26.56 17.40 76.02
N LEU C 1216 -25.45 17.65 76.70
CA LEU C 1216 -24.15 17.35 76.13
C LEU C 1216 -23.99 15.83 75.95
N PRO C 1217 -23.45 15.39 74.82
CA PRO C 1217 -23.15 13.97 74.65
C PRO C 1217 -21.97 13.55 75.53
N PRO C 1218 -21.84 12.26 75.82
CA PRO C 1218 -20.77 11.80 76.72
C PRO C 1218 -19.38 12.24 76.28
N PRO C 1219 -19.07 12.27 74.97
CA PRO C 1219 -17.75 12.80 74.58
C PRO C 1219 -17.49 14.22 75.03
N LEU C 1220 -18.53 15.05 75.10
CA LEU C 1220 -18.37 16.44 75.51
C LEU C 1220 -18.59 16.65 77.01
N LEU C 1221 -18.79 15.58 77.77
CA LEU C 1221 -18.97 15.68 79.22
C LEU C 1221 -17.63 15.53 79.93
N ASN C 1222 -17.58 16.05 81.15
CA ASN C 1222 -16.38 15.97 81.97
C ASN C 1222 -16.56 14.98 83.12
C1 NAG D . 27.10 -34.64 8.35
C2 NAG D . 27.18 -35.81 9.32
C3 NAG D . 27.19 -35.33 10.76
C4 NAG D . 28.21 -34.23 11.02
C5 NAG D . 28.08 -33.12 9.97
C6 NAG D . 29.24 -32.14 10.03
C7 NAG D . 25.81 -37.78 8.85
C8 NAG D . 24.41 -38.19 8.55
N2 NAG D . 25.94 -36.52 9.23
O3 NAG D . 27.56 -36.45 11.56
O4 NAG D . 27.89 -33.67 12.30
O5 NAG D . 28.06 -33.63 8.66
O6 NAG D . 30.43 -32.85 9.73
O7 NAG D . 26.75 -38.53 8.75
C1 NAG D . 29.03 -33.68 13.17
C2 NAG D . 28.76 -32.75 14.33
C3 NAG D . 29.94 -32.75 15.29
C4 NAG D . 30.22 -34.18 15.72
C5 NAG D . 30.45 -35.06 14.50
C6 NAG D . 30.63 -36.51 14.91
C7 NAG D . 27.33 -30.87 13.78
C8 NAG D . 27.28 -29.39 13.62
N2 NAG D . 28.54 -31.41 13.86
O3 NAG D . 29.62 -31.97 16.44
O4 NAG D . 31.39 -34.20 16.56
O5 NAG D . 29.33 -35.00 13.63
O6 NAG D . 29.37 -37.01 15.40
O7 NAG D . 26.33 -31.56 13.84
C1 NAG E . 47.28 -38.15 -29.69
C2 NAG E . 48.28 -37.92 -30.81
C3 NAG E . 48.19 -36.48 -31.31
C4 NAG E . 46.75 -36.13 -31.67
C5 NAG E . 45.78 -36.51 -30.55
C6 NAG E . 44.33 -36.38 -30.96
C7 NAG E . 50.35 -39.25 -30.81
C8 NAG E . 51.73 -39.40 -30.24
N2 NAG E . 49.64 -38.21 -30.36
O3 NAG E . 49.02 -36.34 -32.46
O4 NAG E . 46.67 -34.73 -31.87
O5 NAG E . 45.98 -37.88 -30.16
O6 NAG E . 43.50 -36.05 -29.85
O7 NAG E . 49.89 -40.03 -31.64
C1 NAG E . 46.31 -34.39 -33.22
C2 NAG E . 46.27 -32.86 -33.27
C3 NAG E . 45.93 -32.39 -34.68
C4 NAG E . 46.88 -33.01 -35.69
C5 NAG E . 46.91 -34.53 -35.53
C6 NAG E . 47.93 -35.20 -36.43
C7 NAG E . 45.67 -31.47 -31.34
C8 NAG E . 44.56 -31.03 -30.43
N2 NAG E . 45.32 -32.33 -32.31
O3 NAG E . 46.02 -30.97 -34.74
O4 NAG E . 46.47 -32.68 -37.02
O5 NAG E . 47.24 -34.88 -34.19
O6 NAG E . 49.19 -34.55 -36.33
O7 NAG E . 46.82 -31.07 -31.21
C1 NAG F . -7.56 -32.48 -38.66
C2 NAG F . -7.91 -33.96 -38.81
C3 NAG F . -6.70 -34.74 -39.27
C4 NAG F . -6.15 -34.16 -40.56
C5 NAG F . -5.84 -32.68 -40.36
C6 NAG F . -5.50 -32.03 -41.68
C7 NAG F . -9.64 -34.79 -37.35
C8 NAG F . -9.90 -35.90 -36.39
N2 NAG F . -8.36 -34.51 -37.56
O3 NAG F . -7.11 -36.10 -39.50
O4 NAG F . -4.97 -34.87 -40.95
O5 NAG F . -7.01 -32.02 -39.89
O6 NAG F . -6.61 -32.23 -42.56
O7 NAG F . -10.53 -34.17 -37.92
C1 NAG F . -5.02 -35.85 -42.03
C2 NAG F . -3.64 -35.89 -42.68
C3 NAG F . -3.51 -37.05 -43.67
C4 NAG F . -3.86 -38.36 -42.98
C5 NAG F . -5.22 -38.26 -42.33
C6 NAG F . -5.57 -39.51 -41.54
C7 NAG F . -3.92 -34.05 -44.38
C8 NAG F . -3.39 -32.70 -44.74
N2 NAG F . -3.29 -34.63 -43.35
O3 NAG F . -2.17 -37.11 -44.19
O4 NAG F . -3.83 -39.44 -43.92
O5 NAG F . -5.28 -37.13 -41.46
O6 NAG F . -6.94 -39.44 -41.13
O7 NAG F . -4.86 -34.54 -44.99
C1 NAG G . 13.76 49.24 -44.28
C2 NAG G . 13.48 49.44 -45.76
C3 NAG G . 12.28 48.61 -46.19
C4 NAG G . 12.46 47.15 -45.80
C5 NAG G . 12.80 47.06 -44.32
C6 NAG G . 13.18 45.63 -43.94
C7 NAG G . 14.11 51.66 -46.51
C8 NAG G . 14.02 53.07 -46.00
N2 NAG G . 13.19 50.83 -46.06
O3 NAG G . 12.16 48.72 -47.61
O4 NAG G . 11.18 46.54 -45.98
O5 NAG G . 13.90 47.87 -43.95
O6 NAG G . 14.51 45.40 -44.41
O7 NAG G . 14.98 51.32 -47.30
C1 NAG G . 11.15 45.53 -46.99
C2 NAG G . 9.69 45.08 -47.10
C3 NAG G . 9.53 44.04 -48.20
C4 NAG G . 10.06 44.62 -49.50
C5 NAG G . 11.50 45.07 -49.32
C6 NAG G . 11.95 45.76 -50.59
C7 NAG G . 9.77 43.87 -44.92
C8 NAG G . 9.55 44.33 -43.52
N2 NAG G . 9.14 44.60 -45.85
O3 NAG G . 8.15 43.72 -48.35
O4 NAG G . 10.00 43.61 -50.51
O5 NAG G . 11.60 46.02 -48.26
O6 NAG G . 11.12 46.90 -50.79
O7 NAG G . 10.45 42.89 -45.19
C1 NAG H . 16.52 41.60 -1.75
C2 NAG H . 17.49 42.48 -0.95
C3 NAG H . 16.96 42.71 0.44
C4 NAG H . 15.50 43.11 0.50
C5 NAG H . 14.63 42.21 -0.36
C6 NAG H . 13.24 42.77 -0.60
C7 NAG H . 19.90 42.06 -1.10
C8 NAG H . 20.92 40.96 -0.96
N2 NAG H . 18.68 41.73 -0.71
O3 NAG H . 17.73 43.77 1.00
O4 NAG H . 15.12 42.96 1.86
O5 NAG H . 15.18 42.01 -1.64
O6 NAG H . 13.37 43.89 -1.48
O7 NAG H . 20.18 43.15 -1.52
C1 NAG H . 14.51 44.17 2.36
C2 NAG H . 13.69 43.81 3.60
C3 NAG H . 13.05 45.08 4.16
C4 NAG H . 14.15 46.10 4.44
C5 NAG H . 14.95 46.36 3.18
C6 NAG H . 16.11 47.29 3.47
C7 NAG H . 12.81 41.56 3.53
C8 NAG H . 11.56 40.73 3.44
N2 NAG H . 12.66 42.85 3.26
O3 NAG H . 12.37 44.76 5.36
O4 NAG H . 13.54 47.30 4.90
O5 NAG H . 15.50 45.15 2.68
O6 NAG H . 17.07 46.58 4.26
O7 NAG H . 13.89 41.08 3.81
C1 NAG I . 35.74 -1.55 -36.62
C2 NAG I . 37.19 -1.11 -36.71
C3 NAG I . 37.31 0.18 -37.49
C4 NAG I . 36.67 0.03 -38.87
C5 NAG I . 35.24 -0.44 -38.70
C6 NAG I . 34.65 -0.80 -40.05
C7 NAG I . 38.59 -1.79 -34.86
C8 NAG I . 39.57 -1.24 -33.87
N2 NAG I . 37.76 -0.91 -35.40
O3 NAG I . 38.70 0.48 -37.60
O4 NAG I . 36.62 1.29 -39.56
O5 NAG I . 35.19 -1.63 -37.93
O6 NAG I . 35.39 -1.92 -40.55
O7 NAG I . 38.54 -2.98 -35.15
C1 NAG I . 37.63 1.40 -40.55
C2 NAG I . 37.20 2.37 -41.65
C3 NAG I . 38.31 2.51 -42.67
C4 NAG I . 39.56 3.00 -41.97
C5 NAG I . 39.94 2.01 -40.87
C6 NAG I . 41.18 2.41 -40.09
C7 NAG I . 34.80 2.46 -42.08
C8 NAG I . 33.66 1.91 -42.86
N2 NAG I . 35.99 1.90 -42.30
O3 NAG I . 37.92 3.44 -43.68
O4 NAG I . 40.63 3.14 -42.91
O5 NAG I . 38.85 1.90 -39.97
O6 NAG I . 42.35 2.16 -40.87
O7 NAG I . 34.65 3.36 -41.28
C1 NAG J . -45.36 -24.76 -43.57
C2 NAG J . -45.28 -25.42 -44.95
C3 NAG J . -43.96 -26.13 -45.13
C4 NAG J . -42.79 -25.19 -44.88
C5 NAG J . -42.98 -24.55 -43.52
C6 NAG J . -41.90 -23.50 -43.24
C7 NAG J . -47.47 -26.15 -45.76
C8 NAG J . -48.70 -26.77 -45.16
N2 NAG J . -46.35 -26.40 -45.11
O3 NAG J . -43.92 -26.63 -46.47
O4 NAG J . -41.59 -25.97 -44.82
O5 NAG J . -44.24 -23.91 -43.37
O6 NAG J . -42.24 -22.31 -43.94
O7 NAG J . -47.52 -25.46 -46.76
C1 NAG J . -40.70 -25.76 -45.94
C2 NAG J . -39.46 -26.56 -45.60
C3 NAG J . -38.48 -26.56 -46.76
C4 NAG J . -39.16 -27.05 -48.01
C5 NAG J . -40.41 -26.24 -48.28
C6 NAG J . -41.16 -26.83 -49.46
C7 NAG J . -38.83 -26.58 -43.26
C8 NAG J . -38.96 -25.65 -42.09
N2 NAG J . -38.78 -26.00 -44.45
O3 NAG J . -37.39 -27.43 -46.44
O4 NAG J . -38.26 -26.99 -49.12
O5 NAG J . -41.28 -26.25 -47.15
O6 NAG J . -41.51 -28.18 -49.13
O7 NAG J . -38.75 -27.79 -43.12
C1 NAG K . -44.12 -6.49 -4.19
C2 NAG K . -45.45 -6.05 -3.60
C3 NAG K . -45.53 -6.28 -2.11
C4 NAG K . -45.07 -7.67 -1.69
C5 NAG K . -43.75 -8.05 -2.35
C6 NAG K . -43.46 -9.53 -2.20
C7 NAG K . -46.11 -3.90 -4.61
C8 NAG K . -45.47 -2.58 -4.88
N2 NAG K . -45.52 -4.61 -3.67
O3 NAG K . -46.90 -6.16 -1.75
O4 NAG K . -44.86 -7.59 -0.27
O5 NAG K . -43.74 -7.78 -3.74
O6 NAG K . -44.52 -10.24 -2.81
O7 NAG K . -47.10 -4.29 -5.18
C1 NAG K . -45.66 -8.55 0.42
C2 NAG K . -45.10 -8.71 1.83
C3 NAG K . -45.94 -9.69 2.62
C4 NAG K . -47.38 -9.24 2.60
C5 NAG K . -47.87 -9.07 1.18
C6 NAG K . -49.27 -8.49 1.15
C7 NAG K . -42.70 -8.34 1.90
C8 NAG K . -41.37 -8.98 2.14
N2 NAG K . -43.73 -9.17 1.77
O3 NAG K . -45.47 -9.74 3.97
O4 NAG K . -48.19 -10.21 3.28
O5 NAG K . -47.02 -8.16 0.47
O6 NAG K . -49.20 -7.13 1.57
O7 NAG K . -42.83 -7.13 1.84
C1 NAG L . -12.09 19.79 -45.19
C2 NAG L . -12.95 20.91 -45.75
C3 NAG L . -14.05 20.40 -46.64
C4 NAG L . -13.49 19.49 -47.72
C5 NAG L . -12.60 18.40 -47.12
C6 NAG L . -11.83 17.70 -48.20
C7 NAG L . -13.17 22.82 -44.27
C8 NAG L . -14.25 23.73 -43.75
N2 NAG L . -13.59 21.62 -44.66
O3 NAG L . -14.67 21.52 -47.25
O4 NAG L . -14.57 18.88 -48.44
O5 NAG L . -11.64 18.97 -46.26
O6 NAG L . -11.08 18.69 -48.90
O7 NAG L . -12.00 23.13 -44.33
C1 NAG L . -14.55 19.27 -49.82
C2 NAG L . -15.74 18.66 -50.54
C3 NAG L . -15.74 19.03 -52.01
C4 NAG L . -15.65 20.55 -52.15
C5 NAG L . -14.46 21.10 -51.38
C6 NAG L . -14.42 22.64 -51.40
C7 NAG L . -14.70 16.39 -50.46
C8 NAG L . -14.74 15.21 -49.54
N2 NAG L . -15.77 17.20 -50.40
O3 NAG L . -16.94 18.56 -52.61
O4 NAG L . -15.52 20.87 -53.54
O5 NAG L . -14.50 20.68 -50.02
O6 NAG L . -14.12 23.12 -52.71
O7 NAG L . -13.77 16.57 -51.22
C1 NAG M . 31.75 -12.94 10.60
C2 NAG M . 32.75 -12.05 11.33
C3 NAG M . 32.55 -12.15 12.83
C4 NAG M . 31.11 -11.85 13.21
C5 NAG M . 30.17 -12.75 12.41
C6 NAG M . 28.71 -12.42 12.64
C7 NAG M . 34.93 -11.56 10.31
C8 NAG M . 36.31 -12.07 10.01
N2 NAG M . 34.11 -12.40 10.96
O3 NAG M . 33.43 -11.24 13.49
O4 NAG M . 30.91 -12.07 14.60
O5 NAG M . 30.41 -12.60 11.01
O6 NAG M . 27.86 -13.29 11.93
O7 NAG M . 34.57 -10.44 9.97
C1 NAG N . 23.73 -39.04 -37.41
C2 NAG N . 23.04 -40.41 -37.55
C3 NAG N . 22.25 -40.49 -38.85
C4 NAG N . 21.33 -39.28 -39.00
C5 NAG N . 22.14 -38.00 -38.87
C6 NAG N . 21.30 -36.75 -38.94
C7 NAG N . 23.68 -42.78 -37.33
C8 NAG N . 24.82 -43.76 -37.30
N2 NAG N . 24.01 -41.49 -37.49
O3 NAG N . 21.47 -41.68 -38.88
O4 NAG N . 20.69 -39.30 -40.27
O5 NAG N . 22.77 -37.99 -37.59
O6 NAG N . 21.93 -35.65 -38.30
O7 NAG N . 22.52 -43.15 -37.21
C1 NAG O . 33.00 -36.12 -42.10
C2 NAG O . 31.89 -35.39 -42.86
C3 NAG O . 31.71 -36.02 -44.24
C4 NAG O . 33.04 -36.07 -44.98
C5 NAG O . 34.11 -36.75 -44.12
C6 NAG O . 35.47 -36.71 -44.75
C7 NAG O . 29.92 -34.34 -41.84
C8 NAG O . 28.66 -34.56 -41.07
N2 NAG O . 30.64 -35.43 -42.12
O3 NAG O . 30.76 -35.26 -44.98
O4 NAG O . 32.89 -36.80 -46.20
O5 NAG O . 34.20 -36.08 -42.86
O6 NAG O . 36.16 -35.51 -44.42
O7 NAG O . 30.27 -33.23 -42.21
C1 NAG P . 46.43 -39.59 0.67
C2 NAG P . 45.43 -38.44 0.92
C3 NAG P . 45.95 -37.13 0.34
C4 NAG P . 47.35 -36.85 0.87
C5 NAG P . 48.26 -38.02 0.57
C6 NAG P . 49.66 -37.85 1.14
C7 NAG P . 43.15 -39.37 1.03
C8 NAG P . 41.88 -39.62 0.28
N2 NAG P . 44.13 -38.77 0.34
O3 NAG P . 45.07 -36.08 0.70
O4 NAG P . 47.87 -35.67 0.25
O5 NAG P . 47.72 -39.21 1.18
O6 NAG P . 50.54 -38.85 0.64
O7 NAG P . 43.29 -39.69 2.21
C1 NAG Q . -1.47 -40.82 26.90
C2 NAG Q . -2.81 -40.59 26.21
C3 NAG Q . -3.94 -40.61 27.25
C4 NAG Q . -3.88 -41.89 28.06
C5 NAG Q . -2.50 -42.06 28.67
C6 NAG Q . -2.32 -43.38 29.41
C7 NAG Q . -2.98 -39.23 24.17
C8 NAG Q . -2.95 -37.86 23.60
N2 NAG Q . -2.81 -39.32 25.49
O3 NAG Q . -5.19 -40.53 26.56
O4 NAG Q . -4.85 -41.84 29.11
O5 NAG Q . -1.50 -42.05 27.63
O6 NAG Q . -2.40 -43.19 30.82
O7 NAG Q . -3.13 -40.22 23.47
C1 NAG R . 12.44 -17.97 56.83
C2 NAG R . 13.40 -18.93 57.53
C3 NAG R . 14.60 -19.24 56.64
C4 NAG R . 14.14 -19.74 55.29
C5 NAG R . 13.20 -18.71 54.66
C6 NAG R . 12.63 -19.16 53.33
C7 NAG R . 13.41 -18.84 59.99
C8 NAG R . 13.97 -18.16 61.20
N2 NAG R . 13.84 -18.39 58.81
O3 NAG R . 15.41 -20.23 57.28
O4 NAG R . 15.27 -19.94 54.43
O5 NAG R . 12.09 -18.49 55.54
O6 NAG R . 12.43 -20.57 53.30
O7 NAG R . 12.61 -19.76 60.08
C1 NAG S . 27.83 -3.72 50.06
C2 NAG S . 28.90 -4.48 50.86
C3 NAG S . 30.17 -4.63 50.03
C4 NAG S . 29.85 -5.25 48.68
C5 NAG S . 28.77 -4.44 47.98
C6 NAG S . 28.32 -5.06 46.67
C7 NAG S . 29.24 -4.43 53.30
C8 NAG S . 29.56 -3.58 54.48
N2 NAG S . 29.19 -3.80 52.11
O3 NAG S . 31.09 -5.46 50.74
O4 NAG S . 31.02 -5.28 47.86
O5 NAG S . 27.61 -4.38 48.82
O6 NAG S . 26.95 -4.78 46.41
O7 NAG S . 29.04 -5.64 53.39
C1 NAG T . -22.12 -12.10 72.97
C2 NAG T . -22.56 -13.50 72.52
C3 NAG T . -23.56 -13.42 71.36
C4 NAG T . -24.73 -12.57 71.80
C5 NAG T . -24.25 -11.21 72.26
C6 NAG T . -25.43 -10.45 72.84
C7 NAG T . -20.38 -14.18 71.47
C8 NAG T . -19.10 -14.52 72.16
N2 NAG T . -21.47 -14.41 72.19
O3 NAG T . -24.03 -14.73 71.04
O4 NAG T . -25.63 -12.42 70.71
O5 NAG T . -23.30 -11.37 73.29
O6 NAG T . -25.90 -11.18 73.97
O7 NAG T . -20.41 -13.77 70.32
C1 NAG U . -4.68 35.56 0.28
C2 NAG U . -6.01 36.20 0.67
C3 NAG U . -6.03 36.54 2.16
C4 NAG U . -5.67 35.30 2.99
C5 NAG U . -4.36 34.71 2.51
C6 NAG U . -4.00 33.42 3.22
C7 NAG U . -7.34 37.50 -0.93
C8 NAG U . -7.47 38.80 -1.67
N2 NAG U . -6.27 37.38 -0.12
O3 NAG U . -7.30 37.03 2.52
O4 NAG U . -5.57 35.65 4.37
O5 NAG U . -4.43 34.41 1.12
O6 NAG U . -2.95 32.75 2.55
O7 NAG U . -8.17 36.60 -1.04
C1 NAG V . 27.53 27.65 -43.84
C2 NAG V . 27.17 26.79 -45.05
C3 NAG V . 28.38 25.99 -45.50
C4 NAG V . 29.56 26.92 -45.77
C5 NAG V . 29.85 27.76 -44.53
C6 NAG V . 30.93 28.80 -44.75
C7 NAG V . 25.04 25.66 -45.56
C8 NAG V . 25.08 26.41 -46.87
N2 NAG V . 26.07 25.89 -44.73
O3 NAG V . 28.07 25.26 -46.69
O4 NAG V . 30.73 26.16 -46.07
O5 NAG V . 28.66 28.48 -44.16
O6 NAG V . 30.38 30.05 -45.13
O7 NAG V . 24.13 24.89 -45.27
C1 NAG W . 33.82 25.43 23.69
C2 NAG W . 34.71 24.23 23.35
C3 NAG W . 35.29 23.61 24.62
C4 NAG W . 35.98 24.66 25.46
C5 NAG W . 35.03 25.82 25.74
C6 NAG W . 35.69 26.96 26.49
C7 NAG W . 32.94 22.54 23.01
C8 NAG W . 32.35 21.55 22.04
N2 NAG W . 33.99 23.23 22.57
O3 NAG W . 36.21 22.59 24.27
O4 NAG W . 36.40 24.10 26.71
O5 NAG W . 34.56 26.36 24.51
O6 NAG W . 36.59 26.48 27.48
O7 NAG W . 32.47 22.69 24.14
C1 NAG X . 3.72 35.67 51.33
C2 NAG X . 4.80 36.09 52.30
C3 NAG X . 5.71 37.12 51.66
C4 NAG X . 6.24 36.63 50.31
C5 NAG X . 5.08 36.13 49.44
C6 NAG X . 5.54 35.47 48.17
C7 NAG X . 4.46 36.12 54.73
C8 NAG X . 3.77 36.79 55.88
N2 NAG X . 4.22 36.62 53.53
O3 NAG X . 6.80 37.41 52.53
O4 NAG X . 6.89 37.69 49.62
O5 NAG X . 4.32 35.15 50.16
O6 NAG X . 4.70 34.37 47.82
O7 NAG X . 5.21 35.15 54.90
C1 NAG Y . -14.59 39.04 39.58
C2 NAG Y . -14.55 40.52 40.00
C3 NAG Y . -14.92 41.40 38.81
C4 NAG Y . -14.05 41.08 37.60
C5 NAG Y . -14.14 39.60 37.28
C6 NAG Y . -13.22 39.17 36.17
C7 NAG Y . -15.03 41.31 42.27
C8 NAG Y . -16.07 41.49 43.32
N2 NAG Y . -15.44 40.76 41.12
O3 NAG Y . -14.75 42.78 39.18
O4 NAG Y . -14.48 41.84 36.47
O5 NAG Y . -13.76 38.84 38.44
O6 NAG Y . -13.13 37.76 36.08
O7 NAG Y . -13.86 41.64 42.45
C1 NAG Z . 6.81 30.37 68.92
C2 NAG Z . 5.61 30.69 69.82
C3 NAG Z . 5.01 32.04 69.45
C4 NAG Z . 6.08 33.13 69.46
C5 NAG Z . 7.25 32.71 68.56
C6 NAG Z . 8.40 33.69 68.61
C7 NAG Z . 3.95 29.16 70.81
C8 NAG Z . 4.32 29.76 72.13
N2 NAG Z . 4.61 29.65 69.74
O3 NAG Z . 3.97 32.37 70.36
O4 NAG Z . 5.54 34.35 68.99
O5 NAG Z . 7.76 31.45 68.99
O6 NAG Z . 8.74 34.03 69.95
O7 NAG Z . 3.10 28.29 70.70
C1 NAG AA . 13.82 7.32 75.99
C2 NAG AA . 15.04 7.38 75.07
C3 NAG AA . 15.42 5.98 74.61
C4 NAG AA . 15.63 5.03 75.77
C5 NAG AA . 14.40 5.07 76.65
C6 NAG AA . 14.59 4.23 77.91
C7 NAG AA . 15.34 9.33 73.66
C8 NAG AA . 15.44 9.74 72.22
N2 NAG AA . 14.76 8.17 73.90
O3 NAG AA . 16.62 6.11 73.85
O4 NAG AA . 15.72 3.69 75.29
O5 NAG AA . 14.07 6.40 77.04
O6 NAG AA . 13.33 3.79 78.38
O7 NAG AA . 15.78 10.01 74.56
C1 NAG BA . 20.39 32.72 -51.76
C2 NAG BA . 19.44 32.08 -52.76
C3 NAG BA . 20.15 31.79 -54.07
C4 NAG BA . 20.80 33.06 -54.58
C5 NAG BA . 21.71 33.67 -53.52
C6 NAG BA . 22.33 34.98 -53.96
C7 NAG BA . 19.53 29.91 -51.57
C8 NAG BA . 18.84 29.43 -50.31
N2 NAG BA . 18.86 30.85 -52.25
O3 NAG BA . 19.19 31.33 -55.01
O4 NAG BA . 21.59 32.73 -55.74
O5 NAG BA . 21.00 33.89 -52.30
O6 NAG BA . 23.47 35.27 -53.14
O7 NAG BA . 20.60 29.45 -51.92
C1 NAG CA . 13.97 56.06 -13.96
C2 NAG CA . 12.57 55.75 -14.46
C3 NAG CA . 12.00 54.62 -13.60
C4 NAG CA . 12.94 53.44 -13.70
C5 NAG CA . 14.32 53.86 -13.24
C6 NAG CA . 15.32 52.72 -13.21
C7 NAG CA . 11.44 57.70 -15.37
C8 NAG CA . 11.61 59.16 -15.14
N2 NAG CA . 11.72 56.91 -14.34
O3 NAG CA . 10.71 54.28 -14.10
O4 NAG CA . 12.48 52.34 -12.90
O5 NAG CA . 14.82 54.93 -14.05
O6 NAG CA . 16.37 53.04 -12.30
O7 NAG CA . 11.06 57.25 -16.44
C1 NAG DA . -32.43 -2.99 -48.18
C2 NAG DA . -32.06 -3.60 -49.54
C3 NAG DA . -31.86 -2.51 -50.60
C4 NAG DA . -33.08 -1.61 -50.66
C5 NAG DA . -33.35 -1.03 -49.28
C6 NAG DA . -34.60 -0.17 -49.23
C7 NAG DA . -29.66 -4.01 -49.12
C8 NAG DA . -28.57 -5.04 -49.08
N2 NAG DA . -30.87 -4.45 -49.45
O3 NAG DA . -31.65 -3.11 -51.87
O4 NAG DA . -32.86 -0.54 -51.59
O5 NAG DA . -33.54 -2.09 -48.34
O6 NAG DA . -35.65 -0.76 -49.98
O7 NAG DA . -29.43 -2.82 -48.86
C1 NAG EA . -40.64 22.47 14.28
C2 NAG EA . -39.99 23.70 13.65
C3 NAG EA . -39.88 24.85 14.66
C4 NAG EA . -41.25 25.14 15.28
C5 NAG EA . -41.84 23.86 15.86
C6 NAG EA . -43.25 24.04 16.38
C7 NAG EA . -37.62 23.00 13.81
C8 NAG EA . -36.36 22.73 13.03
N2 NAG EA . -38.68 23.39 13.09
O3 NAG EA . -39.39 26.01 14.01
O4 NAG EA . -41.13 26.10 16.31
O5 NAG EA . -41.91 22.84 14.85
O6 NAG EA . -43.27 24.88 17.53
O7 NAG EA . -37.66 22.86 15.03
C1 NAG FA . -38.02 0.52 49.44
C2 NAG FA . -39.13 0.42 50.48
C3 NAG FA . -39.90 -0.88 50.30
C4 NAG FA . -40.41 -1.00 48.86
C5 NAG FA . -39.26 -0.83 47.88
C6 NAG FA . -39.71 -0.80 46.45
C7 NAG FA . -38.66 1.65 52.55
C8 NAG FA . -38.06 1.58 53.93
N2 NAG FA . -38.61 0.53 51.83
O3 NAG FA . -41.00 -0.91 51.21
O4 NAG FA . -41.00 -2.28 48.67
O5 NAG FA . -38.57 0.42 48.12
O6 NAG FA . -40.03 0.52 46.03
O7 NAG FA . -39.16 2.68 52.12
C1 NAG GA . -30.79 -19.79 44.07
C2 NAG GA . -32.15 -20.36 44.50
C3 NAG GA . -32.62 -21.43 43.53
C4 NAG GA . -32.60 -20.90 42.10
C5 NAG GA . -31.23 -20.34 41.77
C6 NAG GA . -31.16 -19.70 40.40
C7 NAG GA . -32.92 -20.53 46.84
C8 NAG GA . -32.69 -21.19 48.16
N2 NAG GA . -32.07 -20.89 45.85
O3 NAG GA . -33.94 -21.84 43.88
O4 NAG GA . -32.92 -21.95 41.19
O5 NAG GA . -30.88 -19.33 42.71
O6 NAG GA . -30.67 -18.37 40.48
O7 NAG GA . -33.81 -19.72 46.65
C1 NAG HA . -36.83 9.73 65.93
C2 NAG HA . -36.86 8.77 67.13
C3 NAG HA . -37.77 7.58 66.82
C4 NAG HA . -39.14 8.05 66.38
C5 NAG HA . -39.01 9.02 65.22
C6 NAG HA . -40.33 9.62 64.78
C7 NAG HA . -34.76 8.88 68.40
C8 NAG HA . -33.40 8.27 68.60
N2 NAG HA . -35.52 8.31 67.45
O3 NAG HA . -37.89 6.77 67.99
O4 NAG HA . -39.94 6.94 65.98
O5 NAG HA . -38.17 10.12 65.60
O6 NAG HA . -40.24 10.19 63.48
O7 NAG HA . -35.15 9.82 69.06
C1 NAG IA . -20.52 29.01 68.96
C2 NAG IA . -21.16 29.75 67.80
C3 NAG IA . -20.13 30.60 67.08
C4 NAG IA . -19.43 31.52 68.05
C5 NAG IA . -18.84 30.72 69.20
C6 NAG IA . -18.25 31.66 70.24
C7 NAG IA . -22.66 29.00 66.00
C8 NAG IA . -22.70 28.08 64.82
N2 NAG IA . -21.72 28.76 66.91
O3 NAG IA . -20.75 31.43 66.10
O4 NAG IA . -18.39 32.22 67.38
O5 NAG IA . -19.84 29.93 69.82
O6 NAG IA . -19.33 32.36 70.86
O7 NAG IA . -23.45 29.91 66.13
C1 NAG JA . -28.88 -20.83 3.69
C2 NAG JA . -28.91 -22.09 4.54
C3 NAG JA . -29.36 -21.74 5.94
C4 NAG JA . -28.41 -20.69 6.51
C5 NAG JA . -28.40 -19.48 5.60
C6 NAG JA . -27.40 -18.44 6.08
C7 NAG JA . -29.29 -24.15 3.33
C8 NAG JA . -30.21 -25.32 3.18
N2 NAG JA . -29.79 -23.10 3.98
O3 NAG JA . -29.36 -22.90 6.77
O4 NAG JA . -28.82 -20.32 7.83
O5 NAG JA . -28.00 -19.88 4.29
O6 NAG JA . -27.42 -17.33 5.17
O7 NAG JA . -28.16 -24.15 2.91
C1 NAG KA . -33.19 -13.28 -53.59
C2 NAG KA . -31.81 -13.42 -54.21
C3 NAG KA . -31.87 -13.14 -55.70
C4 NAG KA . -32.93 -14.02 -56.35
C5 NAG KA . -34.27 -13.86 -55.65
C6 NAG KA . -35.20 -14.93 -56.19
C7 NAG KA . -30.09 -12.96 -52.60
C8 NAG KA . -29.72 -11.94 -51.55
N2 NAG KA . -30.87 -12.52 -53.59
O3 NAG KA . -30.59 -13.45 -56.27
O4 NAG KA . -33.10 -13.61 -57.72
O5 NAG KA . -34.14 -14.10 -54.27
O6 NAG KA . -34.59 -16.20 -55.96
O7 NAG KA . -29.70 -14.11 -52.55
C1 NAG LA . -55.67 -20.87 -14.99
C2 NAG LA . -54.35 -20.44 -14.38
C3 NAG LA . -53.28 -21.49 -14.59
C4 NAG LA . -53.75 -22.84 -14.07
C5 NAG LA . -55.08 -23.21 -14.70
C6 NAG LA . -55.66 -24.49 -14.10
C7 NAG LA . -53.78 -18.04 -14.46
C8 NAG LA . -54.16 -17.95 -13.00
N2 NAG LA . -53.88 -19.23 -15.03
O3 NAG LA . -52.10 -21.11 -13.88
O4 NAG LA . -52.75 -23.83 -14.36
O5 NAG LA . -56.03 -22.17 -14.49
O6 NAG LA . -54.79 -25.60 -14.32
O7 NAG LA . -53.36 -17.07 -15.06
#